data_4Z3X
#
_entry.id   4Z3X
#
_cell.length_a   125.767
_cell.length_b   116.256
_cell.length_c   143.973
_cell.angle_alpha   90.00
_cell.angle_beta   110.43
_cell.angle_gamma   90.00
#
_symmetry.space_group_name_H-M   'P 1 21 1'
#
loop_
_entity.id
_entity.type
_entity.pdbx_description
1 polymer 'Benzoyl-CoA reductase, putative'
2 polymer 'Iron-sulfur cluster-binding oxidoreductase, putative benzoyl-CoA reductase electron transfer protein'
3 non-polymer 'IRON/SULFUR CLUSTER'
4 non-polymer 'PHOSPHONIC ACIDMONO-(2-AMINO-5,6-DIMERCAPTO-4-OXO-3,7,8A,9,10,10A-HEXAHYDRO-4H-8-OXA-1,3,9,10-TETRAAZA-ANTHRACEN-7-YLMETHYL)ESTER'
5 non-polymer 'TUNGSTEN ION'
6 non-polymer 'MAGNESIUM ION'
7 non-polymer 'UNKNOWN LIGAND'
8 non-polymer 'TRIETHYLENE GLYCOL'
9 non-polymer '1,5 Dienoyl-CoA'
10 non-polymer 'TETRAETHYLENE GLYCOL'
11 water water
#
loop_
_entity_poly.entity_id
_entity_poly.type
_entity_poly.pdbx_seq_one_letter_code
_entity_poly.pdbx_strand_id
1 'polypeptide(L)'
;MRYAETGYVLEVDLTKGSIERVATDPRDTELYLGGLGTNAKILWDRVPPEVEPFSPENLLIFAAGLLCGTPATGCNRTIV
STVSPQTKLMAFSMMGGFWAPELKYAGYDKIIFRGKSPELVYLYINNDKVEIRDASHLKGKGAIETAEIIKKELNEPRAQ
VAAIGKAGENRVFYASIEQGRSSASRGGIGAVMGDKGLKAVVVRGTKDLCVAKPEEYIGLCNEVLDYIKHREENPIPDVM
PILAGLGSPQEMKVHDEKWHTENFNWGNARTRRKDFWTDEVSHAWEKTMDKARTRLISCYNCPMKCGATISMEGLPTYMM
KCFTKLTYTMAAYSDLDFGLRIAQKATEYGLDGFSAPQVMAFAFELLEKGILKDSDFPGLPEGNEERFFYLLDKIVNRDG
IGDILANGTYWAAQEIGNGAEDYAHNNIKKHEQLPLKLSMLNPIYYLMYCTGEKINITQIEGQFPQAPYPKLEQREAFVE
DWIQVPDEKFKKIFLEWEPRGEKSMPNFPTVDMCCDIVDWQEMMHYIDDALGQCAGLSSFPLKPPYHIHNYPKFIAAGAG
IEMDTEKLKKAAKRYRTLVRAFNIRRGMRRVDEQPPANHWKNRFPELEKELLDSYYKLKGWNDDGIPTKETLDDLGLGYV
GDEFIKRGILSAG
;
A,B,C,D
2 'polypeptide(L)'
;MNSETKKRIVKTINIDADKCNGCRACEVICSAFHAMPPYSSNNPARSRVRVVRDPLRDIYVPLYAGEYTESECIGRDKFI
IDGKEYDECGFCRASCPSRDLFREPDSGLPLKCDLCDGEPEPLCVKWCLVGALSVTEREVEEPDESVKRTEMEIGLESLI
SRFGADVVADTVEQLTKKR
;
E,F,G,H
#
loop_
_chem_comp.id
_chem_comp.type
_chem_comp.name
_chem_comp.formula
4KX non-polymer '1,5 Dienoyl-CoA' 'C28 H42 N7 O17 P3 S'
MG non-polymer 'MAGNESIUM ION' 'Mg 2'
MTE non-polymer 'PHOSPHONIC ACIDMONO-(2-AMINO-5,6-DIMERCAPTO-4-OXO-3,7,8A,9,10,10A-HEXAHYDRO-4H-8-OXA-1,3,9,10-TETRAAZA-ANTHRACEN-7-YLMETHYL)ESTER' 'C10 H14 N5 O6 P S2'
PG4 non-polymer 'TETRAETHYLENE GLYCOL' 'C8 H18 O5'
PGE non-polymer 'TRIETHYLENE GLYCOL' 'C6 H14 O4'
SF4 non-polymer 'IRON/SULFUR CLUSTER' 'Fe4 S4'
UNL non-polymer 'UNKNOWN LIGAND' ?
W non-polymer 'TUNGSTEN ION' 'W 6'
#
# COMPACT_ATOMS: atom_id res chain seq x y z
N MET A 1 -27.04 -70.69 35.68
CA MET A 1 -25.63 -70.35 35.77
C MET A 1 -25.22 -70.30 37.25
N ARG A 2 -23.91 -70.19 37.51
CA ARG A 2 -23.36 -69.82 38.83
C ARG A 2 -23.19 -68.29 38.95
N TYR A 3 -23.29 -67.78 40.16
CA TYR A 3 -23.18 -66.35 40.45
C TYR A 3 -22.12 -66.12 41.50
N ALA A 4 -21.46 -64.96 41.37
CA ALA A 4 -20.43 -64.46 42.28
C ALA A 4 -19.11 -65.21 42.15
N GLU A 5 -19.16 -66.54 42.30
CA GLU A 5 -18.02 -67.36 41.94
C GLU A 5 -18.07 -67.46 40.41
N THR A 6 -16.93 -67.65 39.76
CA THR A 6 -17.01 -67.88 38.31
C THR A 6 -17.27 -69.36 37.98
N GLY A 7 -17.01 -70.28 38.94
CA GLY A 7 -17.23 -71.69 38.67
C GLY A 7 -16.09 -72.44 37.97
N TYR A 8 -14.89 -71.85 37.97
CA TYR A 8 -13.79 -72.44 37.20
C TYR A 8 -12.50 -72.20 37.94
N VAL A 9 -11.57 -73.13 37.84
CA VAL A 9 -10.25 -72.91 38.36
C VAL A 9 -9.17 -73.23 37.30
N LEU A 10 -7.95 -72.76 37.50
CA LEU A 10 -6.85 -73.14 36.63
C LEU A 10 -5.97 -74.13 37.37
N GLU A 11 -5.68 -75.27 36.77
CA GLU A 11 -4.76 -76.26 37.36
C GLU A 11 -3.47 -76.25 36.56
N VAL A 12 -2.37 -75.87 37.20
CA VAL A 12 -1.09 -75.71 36.49
C VAL A 12 -0.05 -76.71 37.03
N ASP A 13 0.49 -77.55 36.15
CA ASP A 13 1.60 -78.44 36.50
C ASP A 13 2.88 -77.82 35.98
N LEU A 14 3.63 -77.20 36.88
CA LEU A 14 4.84 -76.48 36.50
C LEU A 14 5.95 -77.39 35.99
N THR A 15 5.96 -78.65 36.42
CA THR A 15 6.94 -79.62 35.92
C THR A 15 6.73 -79.90 34.45
N LYS A 16 5.47 -80.10 34.08
CA LYS A 16 5.13 -80.46 32.71
C LYS A 16 4.89 -79.20 31.84
N GLY A 17 4.57 -78.11 32.51
CA GLY A 17 4.10 -76.90 31.85
C GLY A 17 2.68 -77.03 31.32
N SER A 18 1.88 -77.91 31.91
CA SER A 18 0.50 -78.08 31.43
C SER A 18 -0.44 -77.12 32.15
N ILE A 19 -1.41 -76.63 31.43
CA ILE A 19 -2.41 -75.75 32.01
C ILE A 19 -3.82 -76.23 31.70
N GLU A 20 -4.69 -76.35 32.68
CA GLU A 20 -6.03 -76.88 32.43
C GLU A 20 -7.09 -76.06 33.17
N ARG A 21 -8.15 -75.64 32.47
CA ARG A 21 -9.31 -75.04 33.12
C ARG A 21 -10.29 -76.14 33.51
N VAL A 22 -10.77 -76.11 34.74
CA VAL A 22 -11.64 -77.16 35.27
C VAL A 22 -12.85 -76.54 35.98
N ALA A 23 -14.04 -77.02 35.68
CA ALA A 23 -15.24 -76.54 36.35
C ALA A 23 -15.24 -77.01 37.82
N THR A 24 -15.76 -76.21 38.74
CA THR A 24 -15.87 -76.64 40.13
C THR A 24 -17.23 -77.25 40.46
N ASP A 25 -17.24 -78.04 41.54
CA ASP A 25 -18.45 -78.62 42.08
C ASP A 25 -19.20 -77.56 42.90
N PRO A 26 -20.44 -77.24 42.49
CA PRO A 26 -21.23 -76.21 43.20
C PRO A 26 -21.60 -76.67 44.63
N ARG A 27 -21.61 -77.98 44.83
CA ARG A 27 -21.83 -78.53 46.16
C ARG A 27 -20.76 -78.07 47.15
N ASP A 28 -19.54 -77.88 46.67
CA ASP A 28 -18.47 -77.38 47.51
C ASP A 28 -18.73 -75.94 47.96
N THR A 29 -19.43 -75.16 47.15
CA THR A 29 -19.71 -73.79 47.55
C THR A 29 -20.71 -73.74 48.70
N GLU A 30 -21.78 -74.53 48.60
CA GLU A 30 -22.73 -74.66 49.70
C GLU A 30 -22.10 -75.10 51.01
N LEU A 31 -21.11 -75.98 50.94
CA LEU A 31 -20.51 -76.52 52.15
C LEU A 31 -19.43 -75.63 52.75
N TYR A 32 -18.54 -75.17 51.87
CA TYR A 32 -17.29 -74.55 52.29
C TYR A 32 -17.17 -73.09 51.83
N LEU A 33 -18.21 -72.59 51.14
CA LEU A 33 -18.32 -71.18 50.73
C LEU A 33 -17.36 -70.72 49.65
N GLY A 34 -16.07 -70.60 49.94
CA GLY A 34 -15.18 -70.10 48.88
C GLY A 34 -13.86 -69.78 49.57
N GLY A 35 -12.93 -69.18 48.85
CA GLY A 35 -11.68 -68.70 49.44
C GLY A 35 -11.01 -69.74 50.35
N LEU A 36 -10.78 -69.39 51.62
CA LEU A 36 -10.11 -70.30 52.55
C LEU A 36 -10.78 -71.66 52.68
N GLY A 37 -12.12 -71.66 52.69
CA GLY A 37 -12.84 -72.91 52.84
C GLY A 37 -12.61 -73.94 51.75
N THR A 38 -12.79 -73.51 50.50
CA THR A 38 -12.55 -74.41 49.39
C THR A 38 -11.06 -74.64 49.19
N ASN A 39 -10.18 -73.74 49.65
CA ASN A 39 -8.74 -74.07 49.67
C ASN A 39 -8.50 -75.28 50.60
N ALA A 40 -9.16 -75.24 51.76
CA ALA A 40 -8.94 -76.31 52.77
C ALA A 40 -9.44 -77.66 52.26
N LYS A 41 -10.62 -77.71 51.64
CA LYS A 41 -11.07 -78.90 50.96
C LYS A 41 -10.04 -79.46 49.94
N ILE A 42 -9.49 -78.59 49.10
CA ILE A 42 -8.50 -79.04 48.10
C ILE A 42 -7.25 -79.60 48.77
N LEU A 43 -6.74 -78.87 49.76
CA LEU A 43 -5.54 -79.34 50.46
C LEU A 43 -5.79 -80.68 51.19
N TRP A 44 -6.96 -80.81 51.84
CA TRP A 44 -7.22 -82.06 52.57
C TRP A 44 -7.17 -83.24 51.62
N ASP A 45 -7.87 -83.14 50.50
CA ASP A 45 -7.96 -84.41 49.86
C ASP A 45 -6.90 -84.56 48.73
N ARG A 46 -6.05 -83.56 48.53
CA ARG A 46 -4.92 -83.74 47.59
C ARG A 46 -3.51 -83.72 48.24
N VAL A 47 -3.38 -83.23 49.47
CA VAL A 47 -2.06 -83.17 50.11
C VAL A 47 -2.01 -84.00 51.43
N PRO A 48 -1.72 -85.31 51.32
CA PRO A 48 -1.57 -86.16 52.51
C PRO A 48 -0.35 -85.76 53.34
N PRO A 49 -0.22 -86.29 54.58
CA PRO A 49 0.81 -85.82 55.51
C PRO A 49 2.26 -86.21 55.18
N GLU A 50 2.46 -87.26 54.41
CA GLU A 50 3.82 -87.56 53.94
C GLU A 50 4.39 -86.53 52.92
N VAL A 51 3.57 -85.63 52.37
CA VAL A 51 4.07 -84.61 51.43
C VAL A 51 4.86 -83.54 52.20
N GLU A 52 6.10 -83.30 51.80
CA GLU A 52 6.94 -82.30 52.43
C GLU A 52 6.70 -80.92 51.78
N PRO A 53 7.01 -79.82 52.51
CA PRO A 53 6.77 -78.47 51.95
C PRO A 53 7.52 -78.18 50.62
N PHE A 54 8.75 -78.63 50.44
CA PHE A 54 9.47 -78.44 49.16
C PHE A 54 9.45 -79.68 48.25
N SER A 55 8.50 -80.59 48.45
CA SER A 55 8.27 -81.62 47.46
C SER A 55 7.33 -81.10 46.36
N PRO A 56 7.48 -81.61 45.11
CA PRO A 56 6.70 -81.18 43.95
C PRO A 56 5.19 -81.37 44.16
N GLU A 57 4.80 -82.28 45.06
CA GLU A 57 3.39 -82.59 45.38
C GLU A 57 2.73 -81.57 46.34
N ASN A 58 3.53 -80.73 46.99
CA ASN A 58 2.94 -79.64 47.75
C ASN A 58 2.25 -78.73 46.73
N LEU A 59 1.03 -78.30 47.07
CA LEU A 59 0.26 -77.35 46.28
C LEU A 59 0.40 -75.91 46.74
N LEU A 60 0.45 -74.97 45.78
CA LEU A 60 0.33 -73.56 46.09
C LEU A 60 -0.94 -73.01 45.45
N ILE A 61 -1.89 -72.57 46.28
CA ILE A 61 -3.18 -72.19 45.73
C ILE A 61 -3.39 -70.69 45.94
N PHE A 62 -3.70 -69.99 44.86
CA PHE A 62 -4.18 -68.59 44.90
C PHE A 62 -5.69 -68.58 44.76
N ALA A 63 -6.40 -68.10 45.77
CA ALA A 63 -7.87 -68.11 45.65
C ALA A 63 -8.44 -66.69 45.79
N ALA A 64 -9.38 -66.35 44.91
CA ALA A 64 -10.20 -65.16 45.14
C ALA A 64 -11.41 -65.49 46.01
N GLY A 65 -11.71 -64.65 47.00
CA GLY A 65 -12.92 -64.81 47.80
C GLY A 65 -14.20 -64.90 47.00
N LEU A 66 -15.20 -65.60 47.54
CA LEU A 66 -16.49 -65.79 46.85
C LEU A 66 -17.11 -64.49 46.27
N LEU A 67 -17.02 -63.38 47.02
CA LEU A 67 -17.71 -62.17 46.62
C LEU A 67 -16.73 -61.16 46.03
N CYS A 68 -15.47 -61.56 45.83
CA CYS A 68 -14.54 -60.70 45.15
C CYS A 68 -15.00 -60.49 43.72
N GLY A 69 -14.84 -59.25 43.25
CA GLY A 69 -15.26 -58.91 41.90
C GLY A 69 -16.72 -58.52 41.85
N THR A 70 -17.43 -58.55 42.98
CA THR A 70 -18.80 -58.05 43.03
C THR A 70 -18.74 -56.61 43.52
N PRO A 71 -19.87 -55.88 43.56
CA PRO A 71 -19.71 -54.49 44.03
C PRO A 71 -19.58 -54.32 45.56
N ALA A 72 -19.45 -55.41 46.33
CA ALA A 72 -19.34 -55.26 47.78
C ALA A 72 -18.07 -54.52 48.23
N THR A 73 -18.27 -53.42 48.96
CA THR A 73 -17.16 -52.58 49.44
C THR A 73 -16.07 -53.37 50.12
N GLY A 74 -14.82 -53.11 49.73
CA GLY A 74 -13.69 -53.74 50.37
C GLY A 74 -13.61 -55.28 50.23
N CYS A 75 -14.41 -55.91 49.36
CA CYS A 75 -14.30 -57.35 49.19
C CYS A 75 -13.31 -57.69 48.07
N ASN A 76 -12.05 -57.86 48.41
CA ASN A 76 -11.00 -57.89 47.41
C ASN A 76 -9.82 -58.80 47.78
N ARG A 77 -10.00 -59.70 48.75
CA ARG A 77 -8.83 -60.44 49.25
C ARG A 77 -8.53 -61.70 48.45
N THR A 78 -7.23 -61.89 48.22
CA THR A 78 -6.68 -63.15 47.77
C THR A 78 -6.33 -64.02 49.05
N ILE A 79 -6.60 -65.30 48.97
CA ILE A 79 -6.16 -66.24 50.02
C ILE A 79 -5.19 -67.24 49.38
N VAL A 80 -3.93 -67.15 49.80
CA VAL A 80 -2.90 -68.05 49.34
C VAL A 80 -2.82 -69.20 50.38
N SER A 81 -2.81 -70.45 49.91
CA SER A 81 -2.64 -71.63 50.84
C SER A 81 -1.64 -72.67 50.33
N THR A 82 -0.95 -73.30 51.27
CA THR A 82 0.09 -74.29 51.00
C THR A 82 0.45 -74.97 52.34
N VAL A 83 1.39 -75.91 52.35
CA VAL A 83 1.95 -76.43 53.59
C VAL A 83 3.19 -75.61 53.87
N SER A 84 3.31 -75.13 55.09
CA SER A 84 4.34 -74.18 55.48
C SER A 84 5.66 -74.86 55.72
N PRO A 85 6.74 -74.33 55.12
CA PRO A 85 8.10 -74.87 55.38
C PRO A 85 8.56 -74.61 56.83
N GLN A 86 8.08 -73.54 57.44
CA GLN A 86 8.43 -73.25 58.86
C GLN A 86 7.66 -74.09 59.86
N THR A 87 6.34 -74.09 59.78
CA THR A 87 5.55 -74.72 60.82
C THR A 87 5.21 -76.19 60.55
N LYS A 88 5.29 -76.56 59.27
CA LYS A 88 4.90 -77.87 58.72
C LYS A 88 3.41 -78.14 58.90
N LEU A 89 2.66 -77.09 59.17
CA LEU A 89 1.21 -77.12 59.22
C LEU A 89 0.65 -76.36 58.02
N MET A 90 -0.68 -76.31 57.88
CA MET A 90 -1.24 -75.48 56.83
C MET A 90 -0.84 -74.03 57.06
N ALA A 91 -0.50 -73.39 55.94
CA ALA A 91 -0.33 -71.95 55.88
C ALA A 91 -1.37 -71.37 54.96
N PHE A 92 -2.23 -70.51 55.49
CA PHE A 92 -3.04 -69.63 54.65
C PHE A 92 -2.67 -68.18 54.93
N SER A 93 -2.76 -67.33 53.89
CA SER A 93 -2.16 -66.02 53.94
C SER A 93 -2.95 -65.08 53.04
N MET A 94 -3.39 -63.95 53.60
CA MET A 94 -4.33 -63.08 52.91
C MET A 94 -3.62 -61.89 52.31
N MET A 95 -4.08 -61.49 51.12
CA MET A 95 -3.53 -60.34 50.38
C MET A 95 -4.67 -59.45 49.84
N GLY A 96 -4.65 -58.16 50.18
CA GLY A 96 -5.65 -57.23 49.71
C GLY A 96 -5.34 -56.64 48.32
N GLY A 97 -5.68 -55.39 48.10
CA GLY A 97 -5.35 -54.73 46.82
C GLY A 97 -6.34 -55.03 45.72
N PHE A 98 -5.84 -55.47 44.59
CA PHE A 98 -6.56 -55.44 43.32
C PHE A 98 -6.48 -56.79 42.57
N TRP A 99 -5.71 -57.72 43.13
CA TRP A 99 -5.37 -58.93 42.35
C TRP A 99 -6.54 -59.92 42.30
N ALA A 100 -7.14 -60.21 43.44
CA ALA A 100 -8.27 -61.17 43.43
C ALA A 100 -9.47 -60.70 42.61
N PRO A 101 -9.88 -59.43 42.71
CA PRO A 101 -10.91 -59.01 41.79
C PRO A 101 -10.51 -59.17 40.28
N GLU A 102 -9.24 -58.89 39.96
CA GLU A 102 -8.84 -59.08 38.56
C GLU A 102 -8.96 -60.54 38.12
N LEU A 103 -8.61 -61.50 39.00
CA LEU A 103 -8.69 -62.91 38.64
C LEU A 103 -10.14 -63.29 38.35
N LYS A 104 -11.08 -62.76 39.14
CA LYS A 104 -12.52 -62.97 38.92
C LYS A 104 -12.96 -62.41 37.56
N TYR A 105 -12.48 -61.22 37.21
CA TYR A 105 -12.87 -60.58 35.93
C TYR A 105 -12.21 -61.35 34.79
N ALA A 106 -11.17 -62.13 35.09
CA ALA A 106 -10.59 -62.92 34.03
C ALA A 106 -11.36 -64.24 33.81
N GLY A 107 -12.21 -64.63 34.78
CA GLY A 107 -13.00 -65.87 34.70
C GLY A 107 -12.65 -67.00 35.69
N TYR A 108 -11.77 -66.75 36.65
CA TYR A 108 -11.34 -67.83 37.58
C TYR A 108 -11.49 -67.50 39.08
N ASP A 109 -11.76 -68.55 39.87
CA ASP A 109 -11.83 -68.48 41.33
C ASP A 109 -10.50 -68.82 42.02
N LYS A 110 -9.72 -69.74 41.42
CA LYS A 110 -8.41 -70.15 41.98
C LYS A 110 -7.42 -70.46 40.88
N ILE A 111 -6.13 -70.36 41.18
CA ILE A 111 -5.11 -71.06 40.39
C ILE A 111 -4.48 -72.08 41.35
N ILE A 112 -4.36 -73.35 40.93
CA ILE A 112 -3.68 -74.36 41.76
C ILE A 112 -2.37 -74.85 41.11
N PHE A 113 -1.23 -74.48 41.69
CA PHE A 113 0.10 -74.87 41.21
C PHE A 113 0.60 -76.16 41.91
N ARG A 114 0.96 -77.16 41.11
CA ARG A 114 1.68 -78.35 41.58
C ARG A 114 2.95 -78.48 40.79
N GLY A 115 3.82 -79.38 41.24
CA GLY A 115 5.06 -79.64 40.50
C GLY A 115 6.10 -78.55 40.78
N LYS A 116 7.19 -78.55 40.01
CA LYS A 116 8.23 -77.50 40.07
C LYS A 116 8.75 -77.18 38.65
N SER A 117 8.84 -75.90 38.30
CA SER A 117 9.47 -75.54 37.05
C SER A 117 10.99 -75.62 37.15
N PRO A 118 11.64 -76.30 36.18
CA PRO A 118 13.10 -76.37 36.11
C PRO A 118 13.74 -74.98 36.00
N GLU A 119 13.05 -74.09 35.27
CA GLU A 119 13.54 -72.75 35.01
C GLU A 119 12.57 -71.74 35.67
N LEU A 120 13.10 -70.59 36.07
CA LEU A 120 12.26 -69.50 36.59
C LEU A 120 11.27 -69.06 35.52
N VAL A 121 9.98 -69.10 35.83
CA VAL A 121 8.93 -68.70 34.88
C VAL A 121 7.93 -67.77 35.56
N TYR A 122 7.04 -67.12 34.79
CA TYR A 122 5.88 -66.50 35.41
C TYR A 122 4.63 -66.92 34.66
N LEU A 123 3.48 -66.93 35.29
CA LEU A 123 2.22 -67.24 34.59
C LEU A 123 1.50 -65.97 34.21
N TYR A 124 1.05 -65.95 32.96
CA TYR A 124 0.39 -64.79 32.35
C TYR A 124 -1.05 -65.17 31.97
N ILE A 125 -2.01 -64.49 32.58
CA ILE A 125 -3.42 -64.77 32.32
C ILE A 125 -4.03 -63.49 31.77
N ASN A 126 -4.68 -63.62 30.62
CA ASN A 126 -5.52 -62.59 30.09
C ASN A 126 -6.84 -63.19 29.63
N ASN A 127 -7.88 -63.03 30.44
CA ASN A 127 -9.16 -63.73 30.20
C ASN A 127 -8.90 -65.23 29.92
N ASP A 128 -9.27 -65.69 28.73
CA ASP A 128 -9.13 -67.10 28.32
C ASP A 128 -7.71 -67.53 27.98
N LYS A 129 -6.82 -66.58 27.80
CA LYS A 129 -5.50 -66.88 27.31
C LYS A 129 -4.56 -67.03 28.49
N VAL A 130 -3.92 -68.18 28.60
CA VAL A 130 -3.10 -68.47 29.77
C VAL A 130 -1.79 -69.09 29.33
N GLU A 131 -0.66 -68.57 29.78
CA GLU A 131 0.56 -69.16 29.27
C GLU A 131 1.74 -68.95 30.22
N ILE A 132 2.68 -69.87 30.16
CA ILE A 132 3.86 -69.80 30.99
C ILE A 132 4.98 -69.10 30.26
N ARG A 133 5.58 -68.13 30.89
CA ARG A 133 6.60 -67.34 30.18
C ARG A 133 7.93 -67.46 30.88
N ASP A 134 9.02 -67.37 30.13
CA ASP A 134 10.34 -67.35 30.76
C ASP A 134 10.56 -66.09 31.62
N ALA A 135 11.13 -66.27 32.80
CA ALA A 135 11.37 -65.16 33.74
C ALA A 135 12.85 -65.07 34.12
N SER A 136 13.72 -65.73 33.36
CA SER A 136 15.13 -65.78 33.78
C SER A 136 15.74 -64.39 33.81
N HIS A 137 15.21 -63.49 32.98
CA HIS A 137 15.71 -62.13 32.94
C HIS A 137 15.32 -61.34 34.21
N LEU A 138 14.45 -61.93 35.04
CA LEU A 138 13.95 -61.26 36.24
C LEU A 138 14.61 -61.82 37.51
N LYS A 139 15.61 -62.69 37.34
CA LYS A 139 16.20 -63.39 38.46
C LYS A 139 16.78 -62.43 39.48
N GLY A 140 16.28 -62.47 40.72
CA GLY A 140 16.81 -61.64 41.79
C GLY A 140 16.09 -60.31 41.99
N LYS A 141 15.38 -59.83 40.98
CA LYS A 141 14.75 -58.52 41.05
C LYS A 141 13.73 -58.46 42.19
N GLY A 142 13.50 -57.27 42.74
CA GLY A 142 12.56 -57.10 43.85
C GLY A 142 11.15 -57.37 43.36
N ALA A 143 10.24 -57.68 44.27
CA ALA A 143 8.86 -58.00 43.89
C ALA A 143 8.14 -56.83 43.13
N ILE A 144 8.30 -55.59 43.56
CA ILE A 144 7.60 -54.50 42.86
C ILE A 144 8.29 -54.22 41.52
N GLU A 145 9.61 -54.12 41.56
CA GLU A 145 10.45 -53.94 40.40
C GLU A 145 10.08 -54.95 39.31
N THR A 146 9.84 -56.19 39.71
CA THR A 146 9.45 -57.25 38.81
C THR A 146 8.09 -57.02 38.15
N ALA A 147 7.13 -56.61 38.97
CA ALA A 147 5.82 -56.28 38.45
C ALA A 147 5.95 -55.22 37.33
N GLU A 148 6.77 -54.20 37.54
CA GLU A 148 6.81 -53.08 36.59
C GLU A 148 7.47 -53.50 35.29
N ILE A 149 8.55 -54.28 35.38
CA ILE A 149 9.16 -54.82 34.18
C ILE A 149 8.21 -55.71 33.35
N ILE A 150 7.58 -56.68 33.97
CA ILE A 150 6.58 -57.50 33.29
C ILE A 150 5.50 -56.66 32.59
N LYS A 151 4.90 -55.68 33.26
CA LYS A 151 3.78 -54.93 32.68
C LYS A 151 4.18 -54.20 31.39
N LYS A 152 5.41 -53.70 31.34
CA LYS A 152 6.01 -53.09 30.17
C LYS A 152 6.29 -54.10 29.05
N GLU A 153 7.02 -55.18 29.37
CA GLU A 153 7.18 -56.40 28.53
C GLU A 153 5.94 -56.79 27.76
N LEU A 154 4.87 -56.96 28.51
CA LEU A 154 3.64 -57.50 27.94
C LEU A 154 2.78 -56.41 27.30
N ASN A 155 3.14 -55.13 27.55
CA ASN A 155 2.26 -54.02 27.24
C ASN A 155 0.87 -54.18 27.90
N GLU A 156 0.85 -54.48 29.19
CA GLU A 156 -0.40 -54.63 29.92
C GLU A 156 -0.37 -53.72 31.12
N PRO A 157 -0.55 -52.41 30.91
CA PRO A 157 -0.45 -51.52 32.07
C PRO A 157 -1.52 -51.75 33.12
N ARG A 158 -2.66 -52.35 32.78
CA ARG A 158 -3.68 -52.53 33.78
C ARG A 158 -3.65 -53.94 34.38
N ALA A 159 -2.60 -54.70 34.11
CA ALA A 159 -2.50 -56.04 34.69
C ALA A 159 -2.13 -55.98 36.20
N GLN A 160 -2.58 -56.96 36.99
CA GLN A 160 -2.20 -57.06 38.42
C GLN A 160 -1.17 -58.18 38.65
N VAL A 161 -0.08 -57.86 39.35
CA VAL A 161 1.03 -58.80 39.46
C VAL A 161 1.27 -59.14 40.96
N ALA A 162 1.30 -60.44 41.23
CA ALA A 162 1.72 -60.97 42.54
C ALA A 162 3.12 -61.60 42.35
N ALA A 163 4.14 -61.11 43.05
CA ALA A 163 5.51 -61.59 42.75
C ALA A 163 6.28 -61.82 44.03
N ILE A 164 7.33 -62.64 43.92
CA ILE A 164 8.29 -62.82 45.00
C ILE A 164 9.57 -62.04 44.69
N GLY A 165 10.32 -61.72 45.75
CA GLY A 165 11.62 -61.08 45.67
C GLY A 165 12.72 -62.12 45.82
N LYS A 166 13.96 -61.71 46.06
CA LYS A 166 15.04 -62.67 46.12
C LYS A 166 14.82 -63.64 47.28
N ALA A 167 14.18 -63.16 48.36
CA ALA A 167 13.99 -64.01 49.52
C ALA A 167 13.14 -65.22 49.17
N GLY A 168 12.07 -64.99 48.42
CA GLY A 168 11.27 -66.12 47.97
C GLY A 168 12.05 -67.08 47.03
N GLU A 169 12.81 -66.51 46.08
CA GLU A 169 13.63 -67.35 45.18
C GLU A 169 14.62 -68.19 45.95
N ASN A 170 15.14 -67.67 47.06
CA ASN A 170 16.06 -68.47 47.85
C ASN A 170 15.39 -69.24 48.97
N ARG A 171 14.09 -69.44 48.83
CA ARG A 171 13.35 -70.21 49.82
C ARG A 171 13.50 -69.79 51.30
N VAL A 172 13.61 -68.49 51.60
CA VAL A 172 13.61 -68.04 52.99
C VAL A 172 12.28 -68.44 53.64
N PHE A 173 12.31 -69.06 54.84
CA PHE A 173 11.08 -69.61 55.41
C PHE A 173 9.99 -68.57 55.77
N TYR A 174 10.34 -67.29 55.86
CA TYR A 174 9.31 -66.25 56.03
C TYR A 174 9.26 -65.27 54.84
N ALA A 175 9.43 -65.80 53.62
CA ALA A 175 9.29 -64.99 52.40
C ALA A 175 7.82 -64.82 52.06
N SER A 176 7.51 -63.61 51.59
CA SER A 176 6.18 -63.19 51.27
C SER A 176 5.93 -63.14 49.74
N ILE A 177 4.69 -62.86 49.39
CA ILE A 177 4.32 -62.56 48.03
C ILE A 177 3.75 -61.10 48.02
N GLU A 178 4.22 -60.25 47.09
CA GLU A 178 3.88 -58.81 47.09
C GLU A 178 3.18 -58.36 45.83
N GLN A 179 2.17 -57.50 46.01
CA GLN A 179 1.33 -57.01 44.93
C GLN A 179 0.93 -55.55 45.21
N GLY A 180 1.62 -54.56 44.65
CA GLY A 180 1.24 -53.15 44.94
C GLY A 180 1.32 -52.81 46.43
N ARG A 181 0.24 -52.38 47.06
CA ARG A 181 0.21 -52.05 48.50
C ARG A 181 -0.31 -53.26 49.36
N SER A 182 -0.08 -54.47 48.85
CA SER A 182 -0.63 -55.66 49.46
C SER A 182 0.39 -56.79 49.55
N SER A 183 0.25 -57.63 50.59
CA SER A 183 1.18 -58.70 50.87
C SER A 183 0.52 -59.95 51.52
N ALA A 184 0.70 -61.13 50.88
CA ALA A 184 0.52 -62.43 51.52
C ALA A 184 1.81 -62.62 52.24
N SER A 185 1.79 -62.32 53.53
CA SER A 185 3.03 -62.12 54.26
C SER A 185 3.64 -63.33 54.96
N ARG A 186 2.81 -64.09 55.65
CA ARG A 186 3.34 -65.03 56.68
C ARG A 186 3.14 -66.51 56.42
N GLY A 187 4.04 -67.33 56.99
CA GLY A 187 4.00 -68.79 56.98
C GLY A 187 4.88 -69.43 55.88
N GLY A 188 5.50 -68.59 55.08
CA GLY A 188 6.51 -69.05 54.16
C GLY A 188 5.94 -69.29 52.79
N ILE A 189 4.77 -68.69 52.46
CA ILE A 189 4.15 -68.99 51.16
C ILE A 189 5.04 -68.52 49.98
N GLY A 190 5.84 -67.48 50.21
CA GLY A 190 6.74 -67.03 49.16
C GLY A 190 7.87 -68.02 48.95
N ALA A 191 8.18 -68.81 49.98
CA ALA A 191 9.26 -69.81 49.85
C ALA A 191 8.79 -70.94 48.98
N VAL A 192 7.53 -71.35 49.16
CA VAL A 192 6.99 -72.42 48.34
C VAL A 192 6.89 -71.97 46.88
N MET A 193 6.42 -70.73 46.68
CA MET A 193 6.38 -70.15 45.33
C MET A 193 7.76 -70.15 44.67
N GLY A 194 8.79 -69.67 45.37
CA GLY A 194 10.15 -69.76 44.86
C GLY A 194 10.64 -71.19 44.60
N ASP A 195 10.29 -72.13 45.49
CA ASP A 195 10.68 -73.52 45.31
C ASP A 195 10.16 -74.09 43.98
N LYS A 196 8.91 -73.76 43.65
CA LYS A 196 8.30 -74.21 42.42
C LYS A 196 8.84 -73.46 41.16
N GLY A 197 9.81 -72.56 41.36
CA GLY A 197 10.40 -71.83 40.26
C GLY A 197 9.45 -70.80 39.68
N LEU A 198 8.50 -70.34 40.50
CA LEU A 198 7.51 -69.40 40.02
C LEU A 198 7.78 -67.93 40.48
N LYS A 199 8.19 -67.08 39.54
CA LYS A 199 8.59 -65.69 39.85
C LYS A 199 7.40 -64.74 40.09
N ALA A 200 6.30 -64.92 39.36
CA ALA A 200 5.19 -63.99 39.43
C ALA A 200 3.95 -64.62 38.82
N VAL A 201 2.78 -64.11 39.20
CA VAL A 201 1.54 -64.44 38.50
C VAL A 201 0.92 -63.11 38.05
N VAL A 202 0.82 -62.93 36.74
CA VAL A 202 0.34 -61.70 36.11
C VAL A 202 -1.09 -61.95 35.63
N VAL A 203 -2.07 -61.16 36.06
CA VAL A 203 -3.43 -61.35 35.50
C VAL A 203 -4.13 -60.00 34.99
N ARG A 204 -4.86 -60.15 33.88
CA ARG A 204 -5.70 -59.13 33.29
C ARG A 204 -7.05 -59.77 33.00
N GLY A 205 -8.14 -59.18 33.48
CA GLY A 205 -9.49 -59.65 33.20
C GLY A 205 -10.43 -58.52 32.78
N THR A 206 -11.23 -58.76 31.76
CA THR A 206 -12.21 -57.79 31.29
C THR A 206 -13.56 -58.42 30.98
N LYS A 207 -13.89 -59.52 31.65
CA LYS A 207 -15.22 -60.14 31.52
C LYS A 207 -16.14 -59.67 32.60
N ASP A 208 -17.46 -59.91 32.45
CA ASP A 208 -18.45 -59.51 33.42
C ASP A 208 -18.44 -60.46 34.61
N LEU A 209 -18.73 -59.94 35.79
CA LEU A 209 -18.94 -60.83 36.96
C LEU A 209 -20.36 -60.63 37.48
N CYS A 210 -21.19 -61.68 37.44
CA CYS A 210 -22.63 -61.60 37.72
C CYS A 210 -23.00 -61.92 39.20
N VAL A 211 -24.05 -61.27 39.71
CA VAL A 211 -24.65 -61.66 40.99
C VAL A 211 -26.08 -62.17 40.73
N ALA A 212 -26.59 -62.93 41.71
CA ALA A 212 -27.87 -63.64 41.54
C ALA A 212 -29.11 -62.73 41.64
N LYS A 213 -29.15 -61.86 42.65
CA LYS A 213 -30.28 -60.97 42.86
C LYS A 213 -29.83 -59.51 42.83
N PRO A 214 -29.84 -58.90 41.65
CA PRO A 214 -29.15 -57.62 41.39
C PRO A 214 -29.59 -56.45 42.29
N GLU A 215 -30.88 -56.17 42.40
CA GLU A 215 -31.32 -55.05 43.24
C GLU A 215 -31.11 -55.32 44.73
N GLU A 216 -31.35 -56.57 45.17
CA GLU A 216 -31.15 -56.85 46.57
C GLU A 216 -29.65 -56.72 46.93
N TYR A 217 -28.78 -57.15 46.01
CA TYR A 217 -27.34 -57.08 46.29
C TYR A 217 -26.83 -55.64 46.38
N ILE A 218 -27.16 -54.81 45.41
CA ILE A 218 -26.68 -53.43 45.44
C ILE A 218 -27.31 -52.67 46.60
N GLY A 219 -28.55 -53.03 46.94
CA GLY A 219 -29.19 -52.54 48.16
C GLY A 219 -28.39 -52.77 49.45
N LEU A 220 -27.92 -53.99 49.63
CA LEU A 220 -27.08 -54.33 50.78
C LEU A 220 -25.76 -53.52 50.74
N CYS A 221 -25.24 -53.28 49.54
CA CYS A 221 -23.94 -52.61 49.39
C CYS A 221 -24.08 -51.16 49.87
N ASN A 222 -25.21 -50.56 49.52
CA ASN A 222 -25.48 -49.15 49.83
C ASN A 222 -25.70 -48.98 51.33
N GLU A 223 -26.34 -49.97 51.91
CA GLU A 223 -26.49 -50.02 53.37
C GLU A 223 -25.13 -50.08 54.05
N VAL A 224 -24.17 -50.80 53.46
CA VAL A 224 -22.84 -50.85 54.01
C VAL A 224 -22.18 -49.45 53.95
N LEU A 225 -22.21 -48.81 52.77
CA LEU A 225 -21.68 -47.46 52.61
C LEU A 225 -22.32 -46.44 53.57
N ASP A 226 -23.63 -46.48 53.75
CA ASP A 226 -24.24 -45.63 54.75
C ASP A 226 -23.71 -45.93 56.17
N TYR A 227 -23.41 -47.19 56.44
CA TYR A 227 -23.01 -47.53 57.80
C TYR A 227 -21.57 -47.05 57.96
N ILE A 228 -20.77 -47.18 56.91
CA ILE A 228 -19.40 -46.68 56.99
C ILE A 228 -19.38 -45.16 57.33
N LYS A 229 -20.27 -44.39 56.71
CA LYS A 229 -20.27 -42.92 56.88
C LYS A 229 -20.57 -42.62 58.33
N HIS A 230 -21.61 -43.28 58.80
CA HIS A 230 -22.09 -43.04 60.15
C HIS A 230 -21.09 -43.49 61.20
N ARG A 231 -20.46 -44.63 60.96
CA ARG A 231 -19.52 -45.21 61.91
C ARG A 231 -18.28 -44.33 62.05
N GLU A 232 -17.87 -43.72 60.94
CA GLU A 232 -16.68 -42.87 60.96
C GLU A 232 -16.99 -41.50 61.60
N GLU A 233 -18.26 -41.14 61.70
CA GLU A 233 -18.70 -39.97 62.46
C GLU A 233 -18.81 -40.29 63.96
N ASN A 234 -18.61 -41.56 64.31
CA ASN A 234 -18.80 -42.01 65.70
C ASN A 234 -17.77 -43.04 66.09
N PRO A 235 -16.53 -42.60 66.25
CA PRO A 235 -15.46 -43.47 66.68
C PRO A 235 -15.81 -44.05 68.06
N ILE A 236 -15.31 -45.24 68.39
CA ILE A 236 -15.56 -45.79 69.72
C ILE A 236 -14.97 -44.89 70.80
N PRO A 237 -15.80 -44.42 71.76
CA PRO A 237 -15.32 -43.46 72.78
C PRO A 237 -14.15 -43.97 73.62
N ASP A 238 -13.14 -43.12 73.80
CA ASP A 238 -11.97 -43.44 74.64
C ASP A 238 -11.02 -44.52 74.11
N VAL A 239 -11.14 -44.86 72.84
CA VAL A 239 -10.19 -45.77 72.20
C VAL A 239 -9.20 -44.96 71.37
N MET A 240 -7.93 -45.32 71.44
CA MET A 240 -6.93 -44.69 70.59
C MET A 240 -7.32 -44.62 69.09
N PRO A 241 -6.90 -43.54 68.41
CA PRO A 241 -7.29 -43.35 67.02
C PRO A 241 -6.92 -44.55 66.11
N ILE A 242 -5.74 -45.15 66.27
CA ILE A 242 -5.36 -46.23 65.35
C ILE A 242 -6.38 -47.38 65.36
N LEU A 243 -7.14 -47.55 66.45
CA LEU A 243 -8.15 -48.61 66.54
C LEU A 243 -9.60 -48.17 66.75
N ALA A 244 -9.90 -46.86 66.79
CA ALA A 244 -11.25 -46.38 67.15
C ALA A 244 -12.27 -46.47 66.01
N GLY A 245 -11.78 -46.55 64.77
CA GLY A 245 -12.68 -46.58 63.61
C GLY A 245 -12.59 -47.89 62.82
N LEU A 246 -13.05 -47.83 61.57
CA LEU A 246 -12.95 -48.95 60.62
C LEU A 246 -11.57 -49.04 59.94
N GLY A 247 -11.30 -50.15 59.30
CA GLY A 247 -10.09 -50.34 58.53
C GLY A 247 -9.07 -51.21 59.24
N SER A 248 -7.98 -51.58 58.56
CA SER A 248 -6.78 -52.11 59.25
C SER A 248 -6.30 -51.05 60.23
N PRO A 249 -5.46 -51.41 61.23
CA PRO A 249 -4.95 -50.36 62.15
C PRO A 249 -4.44 -49.11 61.39
N GLN A 250 -5.02 -47.98 61.73
CA GLN A 250 -4.81 -46.78 60.93
C GLN A 250 -3.47 -46.09 61.27
N GLU A 251 -2.40 -46.87 61.25
CA GLU A 251 -1.04 -46.41 61.56
C GLU A 251 -0.40 -45.46 60.52
N MET A 252 -0.88 -45.53 59.31
CA MET A 252 -0.35 -44.63 58.28
C MET A 252 -0.92 -43.20 58.45
N LYS A 253 -2.11 -43.06 59.06
CA LYS A 253 -2.74 -41.74 59.28
C LYS A 253 -2.42 -41.12 60.63
N VAL A 254 -2.17 -41.94 61.64
CA VAL A 254 -1.95 -41.45 62.99
C VAL A 254 -0.45 -41.35 63.30
N HIS A 255 -0.03 -40.24 63.89
CA HIS A 255 1.38 -40.10 64.24
C HIS A 255 1.66 -40.53 65.70
N ASP A 256 0.65 -40.50 66.56
CA ASP A 256 0.84 -40.86 67.95
C ASP A 256 0.97 -42.40 68.12
N GLU A 257 2.15 -42.84 68.53
CA GLU A 257 2.40 -44.29 68.70
C GLU A 257 2.76 -44.65 70.17
N LYS A 258 2.14 -43.96 71.12
CA LYS A 258 2.45 -44.18 72.53
C LYS A 258 2.07 -45.59 73.01
N TRP A 259 0.89 -46.05 72.59
CA TRP A 259 0.38 -47.33 73.02
C TRP A 259 1.32 -48.45 72.58
N HIS A 260 1.69 -48.46 71.28
CA HIS A 260 2.64 -49.43 70.77
C HIS A 260 4.01 -49.39 71.42
N THR A 261 4.64 -48.22 71.40
CA THR A 261 6.04 -48.07 71.87
C THR A 261 6.19 -48.31 73.39
N GLU A 262 5.14 -48.07 74.16
CA GLU A 262 5.25 -48.20 75.63
C GLU A 262 4.69 -49.51 76.19
N ASN A 263 3.91 -50.23 75.38
CA ASN A 263 3.30 -51.47 75.83
C ASN A 263 3.87 -52.70 75.12
N PHE A 264 4.43 -52.53 73.90
CA PHE A 264 5.05 -53.63 73.18
C PHE A 264 6.56 -53.73 73.47
N ASN A 265 7.11 -54.93 73.37
CA ASN A 265 8.51 -55.11 73.70
C ASN A 265 9.44 -54.85 72.50
N TRP A 266 10.49 -54.07 72.77
CA TRP A 266 11.57 -53.83 71.82
C TRP A 266 12.60 -54.98 71.75
N GLY A 267 13.46 -54.95 70.74
CA GLY A 267 14.49 -55.98 70.62
C GLY A 267 13.89 -57.31 70.20
N ASN A 268 14.42 -58.40 70.74
CA ASN A 268 13.92 -59.73 70.42
C ASN A 268 12.74 -60.03 71.33
N ALA A 269 11.64 -59.32 71.08
CA ALA A 269 10.46 -59.30 71.98
C ALA A 269 10.89 -59.22 73.44
N ARG A 270 11.92 -58.40 73.69
CA ARG A 270 12.66 -58.50 74.92
C ARG A 270 12.39 -57.38 75.97
N THR A 271 12.29 -56.13 75.52
CA THR A 271 12.40 -54.97 76.41
C THR A 271 11.17 -54.03 76.50
N ARG A 272 10.53 -53.89 77.67
CA ARG A 272 9.50 -52.83 77.83
C ARG A 272 10.13 -51.49 78.15
N ARG A 273 9.76 -50.48 77.37
CA ARG A 273 10.21 -49.10 77.57
C ARG A 273 9.00 -48.23 77.92
N LYS A 274 8.73 -48.19 79.23
CA LYS A 274 7.49 -47.70 79.83
C LYS A 274 7.19 -46.26 79.45
N ASP A 275 8.26 -45.50 79.33
CA ASP A 275 8.11 -44.07 79.15
C ASP A 275 8.83 -43.58 77.92
N PHE A 276 8.84 -44.40 76.87
CA PHE A 276 9.55 -44.09 75.63
C PHE A 276 9.02 -42.82 74.97
N TRP A 277 7.69 -42.63 74.99
CA TRP A 277 7.00 -41.66 74.15
C TRP A 277 7.02 -40.23 74.70
N THR A 278 8.16 -39.58 74.53
CA THR A 278 8.38 -38.23 74.99
C THR A 278 7.94 -37.22 73.94
N ASP A 279 8.03 -35.94 74.31
CA ASP A 279 7.72 -34.85 73.41
C ASP A 279 8.67 -34.84 72.23
N GLU A 280 9.96 -35.00 72.51
CA GLU A 280 10.97 -35.04 71.45
C GLU A 280 10.73 -36.17 70.46
N VAL A 281 10.41 -37.36 70.97
CA VAL A 281 10.14 -38.50 70.11
C VAL A 281 8.93 -38.23 69.24
N SER A 282 7.84 -37.73 69.85
CA SER A 282 6.59 -37.48 69.15
C SER A 282 6.83 -36.51 67.98
N HIS A 283 7.48 -35.38 68.29
CA HIS A 283 7.76 -34.42 67.24
C HIS A 283 8.72 -34.96 66.16
N ALA A 284 9.71 -35.76 66.55
CA ALA A 284 10.69 -36.28 65.59
C ALA A 284 10.10 -37.31 64.62
N TRP A 285 9.23 -38.17 65.13
CA TRP A 285 8.62 -39.22 64.30
C TRP A 285 7.54 -38.64 63.43
N GLU A 286 6.95 -37.54 63.89
CA GLU A 286 5.92 -36.87 63.12
C GLU A 286 6.54 -36.18 61.92
N LYS A 287 7.73 -35.64 62.12
CA LYS A 287 8.48 -35.01 61.07
C LYS A 287 8.87 -36.05 59.99
N THR A 288 9.33 -37.22 60.42
CA THR A 288 9.72 -38.28 59.53
C THR A 288 8.49 -38.72 58.75
N MET A 289 7.38 -38.93 59.46
CA MET A 289 6.18 -39.47 58.82
C MET A 289 5.59 -38.48 57.82
N ASP A 290 5.53 -37.20 58.19
CA ASP A 290 5.01 -36.18 57.29
C ASP A 290 5.77 -36.07 55.95
N LYS A 291 7.11 -36.11 56.02
CA LYS A 291 7.98 -36.12 54.85
C LYS A 291 7.88 -37.41 54.00
N ALA A 292 7.80 -38.57 54.64
CA ALA A 292 7.83 -39.85 53.96
C ALA A 292 6.52 -40.21 53.31
N ARG A 293 5.40 -39.75 53.88
CA ARG A 293 4.09 -40.23 53.40
C ARG A 293 3.63 -39.46 52.16
N THR A 294 3.60 -40.11 51.00
CA THR A 294 3.20 -39.43 49.77
C THR A 294 1.69 -39.30 49.65
N ARG A 295 0.97 -40.40 49.82
CA ARG A 295 -0.50 -40.41 49.69
C ARG A 295 -1.10 -41.58 50.49
N LEU A 296 -2.26 -41.36 51.12
CA LEU A 296 -3.01 -42.49 51.69
C LEU A 296 -3.82 -43.14 50.58
N ILE A 297 -3.69 -44.46 50.38
CA ILE A 297 -4.35 -45.13 49.25
C ILE A 297 -5.17 -46.35 49.64
N SER A 298 -6.23 -46.63 48.90
CA SER A 298 -7.10 -47.72 49.26
C SER A 298 -6.78 -49.05 48.51
N CYS A 299 -7.26 -50.17 49.04
CA CYS A 299 -7.48 -51.35 48.17
C CYS A 299 -8.67 -51.12 47.22
N TYR A 300 -8.99 -52.14 46.43
CA TYR A 300 -10.09 -52.10 45.45
C TYR A 300 -11.41 -51.87 46.08
N ASN A 301 -12.16 -50.90 45.54
CA ASN A 301 -13.52 -50.58 45.96
C ASN A 301 -13.66 -50.38 47.51
N CYS A 302 -12.77 -49.57 48.07
CA CYS A 302 -12.87 -49.17 49.45
C CYS A 302 -12.49 -47.71 49.76
N PRO A 303 -13.26 -47.04 50.64
CA PRO A 303 -12.92 -45.64 50.94
C PRO A 303 -11.95 -45.42 52.11
N MET A 304 -11.60 -46.48 52.85
CA MET A 304 -10.84 -46.31 54.05
C MET A 304 -9.34 -45.89 53.92
N LYS A 305 -8.72 -46.14 52.76
CA LYS A 305 -7.30 -45.74 52.50
C LYS A 305 -6.34 -45.90 53.70
N CYS A 306 -6.26 -47.17 54.19
CA CYS A 306 -5.41 -47.56 55.30
C CYS A 306 -3.92 -47.52 54.96
N GLY A 307 -3.59 -47.71 53.69
CA GLY A 307 -2.20 -47.82 53.29
C GLY A 307 -1.60 -46.53 52.79
N ALA A 308 -0.29 -46.54 52.55
CA ALA A 308 0.36 -45.31 52.11
C ALA A 308 1.54 -45.61 51.16
N THR A 309 1.74 -44.73 50.18
CA THR A 309 2.99 -44.74 49.46
C THR A 309 4.02 -44.05 50.35
N ILE A 310 5.23 -44.59 50.37
CA ILE A 310 6.26 -44.12 51.26
C ILE A 310 7.50 -43.85 50.45
N SER A 311 7.99 -42.64 50.59
CA SER A 311 9.10 -42.22 49.79
C SER A 311 10.24 -41.70 50.65
N MET A 312 11.30 -42.48 50.78
CA MET A 312 12.48 -42.10 51.55
C MET A 312 13.53 -41.56 50.59
N GLU A 313 14.23 -40.50 51.00
CA GLU A 313 15.24 -39.89 50.13
C GLU A 313 16.25 -40.92 49.66
N GLY A 314 16.45 -40.95 48.36
CA GLY A 314 17.42 -41.85 47.76
C GLY A 314 16.96 -43.28 47.60
N LEU A 315 15.68 -43.56 47.87
CA LEU A 315 15.19 -44.93 47.81
C LEU A 315 13.97 -44.99 46.92
N PRO A 316 13.72 -46.14 46.29
CA PRO A 316 12.54 -46.24 45.44
C PRO A 316 11.30 -46.13 46.30
N THR A 317 10.20 -45.67 45.72
CA THR A 317 8.94 -45.64 46.44
C THR A 317 8.46 -47.06 46.79
N TYR A 318 7.91 -47.26 47.98
CA TYR A 318 7.17 -48.50 48.25
C TYR A 318 5.86 -48.21 49.01
N MET A 319 5.12 -49.27 49.31
CA MET A 319 3.82 -49.14 49.94
C MET A 319 3.76 -49.88 51.27
N MET A 320 3.09 -49.26 52.26
CA MET A 320 3.07 -49.80 53.63
C MET A 320 1.67 -49.64 54.28
N LYS A 321 1.25 -50.58 55.12
CA LYS A 321 0.14 -50.33 56.05
C LYS A 321 0.40 -51.05 57.39
N CYS A 322 -0.37 -50.72 58.42
CA CYS A 322 -0.34 -51.43 59.71
C CYS A 322 1.06 -51.55 60.34
N PHE A 323 1.30 -52.68 61.04
CA PHE A 323 2.31 -52.64 62.09
C PHE A 323 3.77 -52.76 61.59
N THR A 324 4.03 -53.03 60.30
CA THR A 324 5.45 -53.16 59.94
C THR A 324 6.08 -51.77 59.96
N LYS A 325 5.25 -50.74 60.02
CA LYS A 325 5.72 -49.39 60.38
C LYS A 325 6.67 -49.40 61.56
N LEU A 326 6.45 -50.27 62.55
CA LEU A 326 7.20 -50.19 63.79
C LEU A 326 8.07 -51.41 64.07
N THR A 327 7.80 -52.56 63.44
CA THR A 327 8.46 -53.81 63.86
C THR A 327 9.99 -53.73 63.72
N TYR A 328 10.48 -53.20 62.59
CA TYR A 328 11.93 -53.07 62.36
C TYR A 328 12.55 -52.07 63.30
N THR A 329 11.90 -50.91 63.45
CA THR A 329 12.31 -49.87 64.39
C THR A 329 12.48 -50.47 65.76
N MET A 330 11.48 -51.22 66.18
CA MET A 330 11.51 -51.69 67.56
C MET A 330 12.49 -52.85 67.77
N ALA A 331 12.62 -53.75 66.79
CA ALA A 331 13.51 -54.90 66.96
C ALA A 331 14.96 -54.43 67.05
N ALA A 332 15.22 -53.27 66.46
CA ALA A 332 16.56 -52.74 66.38
C ALA A 332 16.84 -51.59 67.35
N TYR A 333 15.94 -51.38 68.32
CA TYR A 333 16.04 -50.24 69.25
C TYR A 333 16.38 -48.93 68.55
N SER A 334 15.64 -48.57 67.52
CA SER A 334 16.07 -47.44 66.70
C SER A 334 14.95 -46.41 66.56
N ASP A 335 14.86 -45.76 65.40
CA ASP A 335 13.81 -44.75 65.21
C ASP A 335 12.94 -45.04 63.97
N LEU A 336 11.94 -44.19 63.74
CA LEU A 336 10.99 -44.42 62.66
C LEU A 336 11.66 -44.23 61.29
N ASP A 337 12.59 -43.29 61.22
CA ASP A 337 13.33 -43.11 59.97
C ASP A 337 14.08 -44.39 59.55
N PHE A 338 14.70 -45.10 60.50
CA PHE A 338 15.36 -46.38 60.20
C PHE A 338 14.35 -47.44 59.77
N GLY A 339 13.25 -47.56 60.51
CA GLY A 339 12.14 -48.44 60.12
C GLY A 339 11.69 -48.33 58.68
N LEU A 340 11.42 -47.12 58.22
CA LEU A 340 10.90 -46.93 56.88
C LEU A 340 11.93 -47.22 55.77
N ARG A 341 13.20 -46.95 56.05
CA ARG A 341 14.27 -47.26 55.12
C ARG A 341 14.51 -48.77 54.98
N ILE A 342 14.66 -49.49 56.09
CA ILE A 342 14.93 -50.93 55.97
C ILE A 342 13.68 -51.64 55.47
N ALA A 343 12.51 -51.15 55.84
CA ALA A 343 11.30 -51.78 55.35
C ALA A 343 11.20 -51.72 53.82
N GLN A 344 11.76 -50.67 53.21
CA GLN A 344 11.78 -50.61 51.74
C GLN A 344 12.56 -51.81 51.18
N LYS A 345 13.80 -51.97 51.63
CA LYS A 345 14.62 -53.13 51.27
C LYS A 345 13.93 -54.49 51.46
N ALA A 346 13.34 -54.68 52.64
CA ALA A 346 12.72 -55.95 53.02
C ALA A 346 11.46 -56.22 52.22
N THR A 347 10.75 -55.17 51.86
CA THR A 347 9.54 -55.32 51.04
C THR A 347 9.88 -55.77 49.61
N GLU A 348 10.96 -55.19 49.07
CA GLU A 348 11.40 -55.61 47.72
C GLU A 348 11.96 -57.06 47.75
N TYR A 349 12.67 -57.43 48.81
CA TYR A 349 13.14 -58.83 48.98
C TYR A 349 11.99 -59.80 49.19
N GLY A 350 10.89 -59.28 49.74
CA GLY A 350 9.68 -60.04 49.96
C GLY A 350 9.89 -60.89 51.20
N LEU A 351 9.98 -60.20 52.33
CA LEU A 351 10.06 -60.84 53.66
C LEU A 351 8.93 -60.44 54.57
N ASP A 352 8.43 -61.40 55.35
CA ASP A 352 7.50 -61.12 56.45
C ASP A 352 8.04 -60.10 57.45
N GLY A 353 7.45 -58.92 57.53
CA GLY A 353 7.87 -57.91 58.49
C GLY A 353 7.55 -58.18 59.98
N PHE A 354 6.80 -59.24 60.26
CA PHE A 354 6.70 -59.69 61.65
C PHE A 354 7.87 -60.62 62.04
N SER A 355 8.07 -61.73 61.34
CA SER A 355 9.13 -62.66 61.79
C SER A 355 10.52 -62.12 61.51
N ALA A 356 10.75 -61.43 60.38
CA ALA A 356 12.13 -61.10 60.01
C ALA A 356 12.84 -60.19 61.03
N PRO A 357 12.20 -59.10 61.50
CA PRO A 357 12.85 -58.29 62.53
C PRO A 357 13.17 -59.10 63.79
N GLN A 358 12.27 -60.00 64.17
CA GLN A 358 12.60 -60.81 65.38
C GLN A 358 13.71 -61.80 65.12
N VAL A 359 13.82 -62.35 63.89
CA VAL A 359 14.92 -63.28 63.63
C VAL A 359 16.28 -62.53 63.74
N MET A 360 16.36 -61.32 63.21
CA MET A 360 17.60 -60.54 63.31
C MET A 360 17.92 -60.10 64.75
N ALA A 361 16.91 -59.72 65.53
CA ALA A 361 17.14 -59.36 66.93
C ALA A 361 17.54 -60.59 67.74
N PHE A 362 16.94 -61.74 67.42
CA PHE A 362 17.33 -63.02 68.02
C PHE A 362 18.82 -63.29 67.75
N ALA A 363 19.24 -63.09 66.50
CA ALA A 363 20.63 -63.26 66.09
C ALA A 363 21.59 -62.47 66.97
N PHE A 364 21.32 -61.19 67.15
CA PHE A 364 22.24 -60.32 67.87
C PHE A 364 22.25 -60.58 69.37
N GLU A 365 21.21 -61.24 69.88
CA GLU A 365 21.22 -61.66 71.29
C GLU A 365 22.14 -62.85 71.47
N LEU A 366 22.25 -63.69 70.43
CA LEU A 366 23.19 -64.80 70.39
C LEU A 366 24.63 -64.30 70.30
N LEU A 367 24.89 -63.39 69.36
CA LEU A 367 26.19 -62.76 69.21
C LEU A 367 26.57 -62.09 70.52
N GLU A 368 25.58 -61.43 71.11
CA GLU A 368 25.74 -60.77 72.41
C GLU A 368 26.17 -61.78 73.47
N LYS A 369 25.36 -62.81 73.67
CA LYS A 369 25.60 -63.82 74.71
C LYS A 369 26.88 -64.65 74.44
N GLY A 370 27.40 -64.53 73.22
CA GLY A 370 28.57 -65.29 72.83
C GLY A 370 28.26 -66.67 72.27
N ILE A 371 26.97 -67.03 72.27
CA ILE A 371 26.54 -68.32 71.71
C ILE A 371 26.87 -68.39 70.23
N LEU A 372 26.93 -67.23 69.60
CA LEU A 372 27.43 -67.10 68.24
C LEU A 372 28.69 -66.26 68.31
N LYS A 373 29.65 -66.55 67.45
CA LYS A 373 30.91 -65.82 67.50
C LYS A 373 30.94 -64.71 66.44
N ASP A 374 31.81 -63.72 66.62
CA ASP A 374 31.97 -62.64 65.66
C ASP A 374 32.46 -63.17 64.32
N SER A 375 33.10 -64.34 64.36
CA SER A 375 33.60 -65.00 63.15
C SER A 375 32.47 -65.59 62.29
N ASP A 376 31.28 -65.72 62.89
CA ASP A 376 30.10 -66.14 62.15
C ASP A 376 29.49 -64.96 61.39
N PHE A 377 29.97 -63.75 61.71
CA PHE A 377 29.50 -62.53 61.07
C PHE A 377 30.64 -61.78 60.35
N PRO A 378 31.16 -62.34 59.25
CA PRO A 378 32.27 -61.75 58.48
C PRO A 378 32.02 -60.31 58.01
N GLY A 379 32.77 -59.36 58.53
CA GLY A 379 32.70 -57.99 58.06
C GLY A 379 31.61 -57.20 58.74
N LEU A 380 31.11 -57.77 59.85
CA LEU A 380 30.03 -57.16 60.61
C LEU A 380 30.35 -55.73 61.06
N PRO A 381 29.68 -54.72 60.44
CA PRO A 381 29.90 -53.30 60.75
C PRO A 381 29.74 -52.97 62.24
N GLU A 382 30.22 -51.80 62.64
CA GLU A 382 30.15 -51.38 64.03
C GLU A 382 28.76 -50.90 64.39
N GLY A 383 28.25 -49.97 63.59
CA GLY A 383 26.95 -49.37 63.82
C GLY A 383 25.84 -50.40 63.93
N ASN A 384 24.93 -50.15 64.85
CA ASN A 384 23.75 -50.99 65.02
C ASN A 384 22.80 -51.04 63.81
N GLU A 385 22.49 -49.88 63.25
CA GLU A 385 21.63 -49.82 62.08
C GLU A 385 22.25 -50.61 60.94
N GLU A 386 23.52 -50.34 60.71
CA GLU A 386 24.24 -50.91 59.59
C GLU A 386 24.34 -52.43 59.76
N ARG A 387 24.24 -52.90 61.00
CA ARG A 387 24.26 -54.33 61.30
C ARG A 387 22.98 -55.01 60.87
N PHE A 388 21.87 -54.31 61.02
CA PHE A 388 20.60 -54.87 60.59
C PHE A 388 20.58 -55.00 59.08
N PHE A 389 21.12 -53.98 58.40
CA PHE A 389 21.12 -53.96 56.95
C PHE A 389 22.00 -55.09 56.44
N TYR A 390 23.17 -55.23 57.08
CA TYR A 390 24.13 -56.31 56.78
C TYR A 390 23.48 -57.67 56.88
N LEU A 391 22.85 -57.92 58.02
CA LEU A 391 22.24 -59.21 58.30
C LEU A 391 21.03 -59.51 57.40
N LEU A 392 20.31 -58.46 57.02
CA LEU A 392 19.20 -58.62 56.08
C LEU A 392 19.69 -59.23 54.77
N ASP A 393 20.83 -58.74 54.29
CA ASP A 393 21.37 -59.18 53.01
C ASP A 393 21.93 -60.61 53.10
N LYS A 394 22.41 -61.01 54.28
CA LYS A 394 22.98 -62.33 54.44
C LYS A 394 21.86 -63.36 54.46
N ILE A 395 20.72 -62.94 55.02
CA ILE A 395 19.57 -63.81 55.15
C ILE A 395 18.89 -64.10 53.81
N VAL A 396 18.67 -63.06 52.99
CA VAL A 396 17.92 -63.25 51.76
C VAL A 396 18.78 -63.99 50.74
N ASN A 397 20.08 -64.01 50.95
CA ASN A 397 20.95 -64.84 50.11
C ASN A 397 21.31 -66.22 50.67
N ARG A 398 20.77 -66.56 51.85
CA ARG A 398 21.16 -67.77 52.62
C ARG A 398 22.66 -67.92 52.62
N ASP A 399 23.31 -66.82 52.96
CA ASP A 399 24.77 -66.78 52.93
C ASP A 399 25.37 -66.98 54.30
N GLY A 400 26.12 -68.07 54.46
CA GLY A 400 26.77 -68.41 55.71
C GLY A 400 25.76 -68.51 56.81
N ILE A 401 25.97 -67.72 57.87
CA ILE A 401 25.06 -67.59 59.00
C ILE A 401 23.61 -67.25 58.55
N GLY A 402 23.47 -66.39 57.53
CA GLY A 402 22.17 -66.10 56.95
C GLY A 402 21.42 -67.35 56.54
N ASP A 403 22.16 -68.41 56.19
CA ASP A 403 21.53 -69.62 55.70
C ASP A 403 20.77 -70.31 56.82
N ILE A 404 21.31 -70.23 58.02
CA ILE A 404 20.64 -70.78 59.20
C ILE A 404 19.49 -69.87 59.66
N LEU A 405 19.77 -68.58 59.74
CA LEU A 405 18.76 -67.61 60.19
C LEU A 405 17.54 -67.55 59.26
N ALA A 406 17.75 -67.81 57.97
CA ALA A 406 16.68 -67.88 56.97
C ALA A 406 15.63 -68.93 57.28
N ASN A 407 15.92 -69.85 58.19
CA ASN A 407 14.94 -70.87 58.57
C ASN A 407 13.99 -70.44 59.73
N GLY A 408 14.20 -69.23 60.27
CA GLY A 408 13.40 -68.73 61.40
C GLY A 408 14.02 -69.05 62.78
N THR A 409 13.50 -68.44 63.86
CA THR A 409 14.14 -68.58 65.15
C THR A 409 14.06 -70.03 65.65
N TYR A 410 12.95 -70.72 65.41
CA TYR A 410 12.80 -72.08 65.94
C TYR A 410 13.87 -73.03 65.36
N TRP A 411 13.95 -73.11 64.04
CA TRP A 411 14.89 -74.01 63.37
C TRP A 411 16.35 -73.58 63.52
N ALA A 412 16.57 -72.27 63.49
CA ALA A 412 17.90 -71.69 63.63
C ALA A 412 18.50 -72.02 65.00
N ALA A 413 17.69 -71.89 66.05
CA ALA A 413 18.19 -72.18 67.38
C ALA A 413 18.46 -73.66 67.51
N GLN A 414 17.51 -74.46 67.02
CA GLN A 414 17.64 -75.89 67.08
C GLN A 414 18.93 -76.33 66.38
N GLU A 415 19.22 -75.73 65.23
CA GLU A 415 20.46 -76.04 64.53
C GLU A 415 21.68 -75.57 65.31
N ILE A 416 21.63 -74.32 65.78
CA ILE A 416 22.77 -73.70 66.48
C ILE A 416 23.11 -74.40 67.81
N GLY A 417 22.09 -74.86 68.52
CA GLY A 417 22.26 -75.39 69.87
C GLY A 417 22.98 -74.47 70.84
N ASN A 418 23.66 -75.07 71.83
CA ASN A 418 24.38 -74.29 72.84
C ASN A 418 23.51 -73.33 73.62
N GLY A 419 22.34 -73.79 74.06
CA GLY A 419 21.38 -72.90 74.69
C GLY A 419 20.81 -71.80 73.81
N ALA A 420 20.92 -71.91 72.47
CA ALA A 420 20.29 -70.91 71.59
C ALA A 420 18.77 -70.99 71.69
N GLU A 421 18.27 -72.20 71.99
CA GLU A 421 16.83 -72.44 72.09
C GLU A 421 16.18 -71.55 73.15
N ASP A 422 16.93 -71.22 74.20
CA ASP A 422 16.41 -70.36 75.25
C ASP A 422 16.00 -68.98 74.71
N TYR A 423 16.64 -68.56 73.62
CA TYR A 423 16.43 -67.22 73.09
C TYR A 423 15.36 -67.17 71.99
N ALA A 424 14.93 -68.35 71.55
CA ALA A 424 13.77 -68.45 70.68
C ALA A 424 12.52 -68.55 71.55
N HIS A 425 12.31 -67.51 72.37
CA HIS A 425 11.31 -67.50 73.43
C HIS A 425 9.94 -66.95 73.04
N ASN A 426 9.66 -66.71 71.76
CA ASN A 426 8.42 -66.06 71.39
C ASN A 426 7.69 -66.78 70.26
N ASN A 427 7.78 -68.11 70.22
CA ASN A 427 7.13 -68.87 69.14
C ASN A 427 5.90 -69.60 69.61
N ILE A 428 4.91 -69.79 68.77
CA ILE A 428 3.89 -70.81 68.97
C ILE A 428 3.87 -71.65 67.72
N LYS A 429 3.89 -72.97 67.86
CA LYS A 429 3.91 -73.87 66.69
C LYS A 429 5.02 -73.48 65.74
N LYS A 430 6.18 -73.11 66.28
CA LYS A 430 7.36 -72.75 65.50
C LYS A 430 7.26 -71.36 64.82
N HIS A 431 6.18 -70.62 65.11
CA HIS A 431 5.86 -69.34 64.41
C HIS A 431 5.94 -68.14 65.38
N GLU A 432 6.72 -67.13 65.00
CA GLU A 432 6.90 -65.94 65.82
C GLU A 432 5.59 -65.21 66.08
N GLN A 433 5.41 -64.81 67.35
CA GLN A 433 4.25 -64.05 67.74
C GLN A 433 4.51 -62.55 67.79
N LEU A 434 3.46 -61.76 67.95
CA LEU A 434 3.65 -60.34 68.35
C LEU A 434 4.57 -60.17 69.57
N PRO A 435 5.39 -59.12 69.56
CA PRO A 435 6.31 -58.84 70.66
C PRO A 435 5.57 -58.21 71.86
N LEU A 436 4.78 -59.04 72.54
CA LEU A 436 3.93 -58.64 73.67
C LEU A 436 4.16 -59.56 74.85
N LYS A 437 4.64 -59.01 75.97
CA LYS A 437 4.89 -59.77 77.21
C LYS A 437 4.23 -59.06 78.40
N LEU A 438 3.00 -59.48 78.69
CA LEU A 438 2.13 -58.75 79.61
C LEU A 438 2.15 -59.34 81.02
N SER A 439 1.51 -58.67 81.97
CA SER A 439 1.63 -59.05 83.38
C SER A 439 0.59 -60.08 83.78
N MET A 440 -0.68 -59.81 83.52
CA MET A 440 -1.75 -60.68 84.01
C MET A 440 -2.32 -61.57 82.90
N LEU A 441 -2.39 -62.88 83.15
CA LEU A 441 -3.09 -63.81 82.26
C LEU A 441 -4.42 -63.26 81.77
N ASN A 442 -4.60 -63.22 80.45
CA ASN A 442 -5.86 -62.78 79.85
C ASN A 442 -6.47 -64.07 79.29
N PRO A 443 -7.62 -64.48 79.82
CA PRO A 443 -8.22 -65.79 79.49
C PRO A 443 -8.78 -65.91 78.05
N ILE A 444 -9.32 -64.82 77.51
CA ILE A 444 -9.72 -64.72 76.10
C ILE A 444 -8.52 -64.83 75.18
N TYR A 445 -7.46 -64.05 75.46
CA TYR A 445 -6.25 -64.11 74.65
C TYR A 445 -5.54 -65.46 74.73
N TYR A 446 -5.51 -66.05 75.93
CA TYR A 446 -4.92 -67.37 76.10
C TYR A 446 -5.51 -68.36 75.13
N LEU A 447 -6.83 -68.42 75.04
CA LEU A 447 -7.47 -69.33 74.11
C LEU A 447 -7.10 -69.05 72.62
N MET A 448 -7.05 -67.76 72.26
CA MET A 448 -6.75 -67.41 70.87
C MET A 448 -5.31 -67.73 70.50
N TYR A 449 -4.37 -67.41 71.38
CA TYR A 449 -3.01 -67.84 71.15
C TYR A 449 -2.89 -69.39 71.01
N CYS A 450 -3.54 -70.15 71.88
CA CYS A 450 -3.36 -71.63 71.83
C CYS A 450 -3.89 -72.28 70.55
N THR A 451 -5.03 -71.81 70.04
CA THR A 451 -5.79 -72.61 69.09
C THR A 451 -5.87 -71.97 67.65
N GLY A 452 -5.41 -70.74 67.50
CA GLY A 452 -5.61 -70.02 66.24
C GLY A 452 -4.85 -70.64 65.07
N GLU A 453 -5.55 -71.12 64.05
CA GLU A 453 -4.87 -71.79 62.92
C GLU A 453 -3.96 -70.81 62.09
N LYS A 454 -4.22 -69.47 62.11
CA LYS A 454 -3.28 -68.53 61.45
C LYS A 454 -2.03 -68.33 62.31
N ILE A 455 -2.15 -68.71 63.60
CA ILE A 455 -1.08 -68.58 64.60
C ILE A 455 -0.60 -67.13 64.71
N ASN A 456 -1.55 -66.22 64.52
CA ASN A 456 -1.29 -64.78 64.62
C ASN A 456 -2.46 -64.11 65.35
N ILE A 457 -2.16 -63.55 66.50
CA ILE A 457 -3.19 -62.89 67.32
C ILE A 457 -3.93 -61.73 66.62
N THR A 458 -3.29 -61.00 65.70
CA THR A 458 -3.99 -59.88 65.11
C THR A 458 -4.98 -60.38 64.05
N GLN A 459 -4.95 -61.68 63.80
CA GLN A 459 -5.84 -62.22 62.79
C GLN A 459 -6.88 -63.23 63.37
N ILE A 460 -7.17 -63.11 64.66
CA ILE A 460 -8.27 -63.86 65.27
C ILE A 460 -9.11 -62.92 66.21
N GLU A 461 -8.50 -61.87 66.71
CA GLU A 461 -9.24 -60.93 67.57
C GLU A 461 -10.17 -59.95 66.80
N GLY A 462 -10.89 -59.14 67.57
CA GLY A 462 -11.52 -57.96 67.07
C GLY A 462 -12.93 -57.66 67.47
N GLN A 463 -13.87 -58.59 67.29
CA GLN A 463 -15.26 -58.20 67.53
C GLN A 463 -15.65 -57.86 69.01
N PHE A 464 -14.93 -58.40 70.01
CA PHE A 464 -15.19 -58.07 71.40
C PHE A 464 -14.10 -57.15 71.93
N PRO A 465 -14.49 -56.08 72.64
CA PRO A 465 -13.48 -55.10 73.09
C PRO A 465 -12.28 -55.71 73.82
N GLN A 466 -11.08 -55.14 73.53
CA GLN A 466 -9.85 -55.64 74.19
C GLN A 466 -9.75 -55.42 75.72
N ALA A 467 -10.56 -54.48 76.24
CA ALA A 467 -10.55 -54.09 77.65
C ALA A 467 -11.89 -53.52 77.99
N PRO A 468 -12.26 -53.58 79.28
CA PRO A 468 -13.51 -53.08 79.81
C PRO A 468 -13.46 -51.56 80.06
N TYR A 469 -14.59 -50.88 79.97
CA TYR A 469 -14.70 -49.47 80.44
C TYR A 469 -14.74 -49.43 81.98
N PRO A 470 -14.11 -48.41 82.59
CA PRO A 470 -14.22 -48.25 84.04
C PRO A 470 -15.65 -48.00 84.48
N LYS A 471 -16.40 -47.17 83.77
CA LYS A 471 -17.70 -46.71 84.31
C LYS A 471 -18.85 -47.46 83.66
N LEU A 472 -19.82 -47.90 84.46
CA LEU A 472 -20.99 -48.56 83.92
C LEU A 472 -21.66 -47.78 82.76
N GLU A 473 -21.75 -46.46 82.88
CA GLU A 473 -22.47 -45.66 81.89
C GLU A 473 -21.77 -45.70 80.52
N GLN A 474 -20.45 -45.81 80.51
CA GLN A 474 -19.77 -46.01 79.23
C GLN A 474 -20.14 -47.38 78.65
N ARG A 475 -20.33 -48.39 79.49
CA ARG A 475 -20.65 -49.73 78.99
C ARG A 475 -22.06 -49.79 78.43
N GLU A 476 -22.95 -49.06 79.08
CA GLU A 476 -24.34 -48.97 78.66
C GLU A 476 -24.43 -48.25 77.31
N ALA A 477 -23.60 -47.24 77.12
CA ALA A 477 -23.65 -46.49 75.87
C ALA A 477 -23.15 -47.35 74.73
N PHE A 478 -22.12 -48.15 75.01
CA PHE A 478 -21.52 -49.00 73.99
C PHE A 478 -22.47 -50.09 73.50
N VAL A 479 -23.16 -50.79 74.40
CA VAL A 479 -23.96 -51.97 74.00
C VAL A 479 -25.29 -51.53 73.39
N GLU A 480 -25.62 -50.26 73.61
CA GLU A 480 -26.85 -49.67 73.10
C GLU A 480 -27.10 -49.98 71.60
N ASP A 481 -26.21 -49.55 70.72
CA ASP A 481 -26.40 -49.80 69.29
C ASP A 481 -25.50 -50.94 68.75
N TRP A 482 -25.19 -51.92 69.59
CA TRP A 482 -24.28 -53.00 69.21
C TRP A 482 -25.00 -54.15 68.47
N ILE A 483 -25.46 -53.84 67.27
CA ILE A 483 -26.27 -54.72 66.44
C ILE A 483 -25.53 -55.97 65.95
N GLN A 484 -24.20 -55.95 65.99
CA GLN A 484 -23.42 -57.04 65.42
C GLN A 484 -23.31 -58.26 66.30
N VAL A 485 -23.72 -58.18 67.57
CA VAL A 485 -23.60 -59.40 68.39
C VAL A 485 -24.55 -60.50 67.87
N PRO A 486 -24.09 -61.76 67.89
CA PRO A 486 -24.97 -62.90 67.56
C PRO A 486 -26.10 -63.09 68.57
N ASP A 487 -25.86 -62.69 69.81
CA ASP A 487 -26.75 -62.96 70.92
C ASP A 487 -26.65 -61.84 71.96
N GLU A 488 -27.77 -61.53 72.61
CA GLU A 488 -27.77 -60.53 73.69
C GLU A 488 -26.74 -60.78 74.79
N LYS A 489 -26.28 -62.02 74.97
CA LYS A 489 -25.46 -62.36 76.16
C LYS A 489 -24.11 -61.66 76.09
N PHE A 490 -23.68 -61.34 74.87
CA PHE A 490 -22.45 -60.63 74.65
C PHE A 490 -22.51 -59.20 75.19
N LYS A 491 -23.69 -58.56 75.11
CA LYS A 491 -23.90 -57.25 75.74
C LYS A 491 -23.75 -57.36 77.26
N LYS A 492 -24.41 -58.36 77.82
CA LYS A 492 -24.42 -58.54 79.26
C LYS A 492 -23.04 -58.86 79.80
N ILE A 493 -22.27 -59.67 79.07
CA ILE A 493 -20.90 -59.91 79.47
C ILE A 493 -20.11 -58.60 79.57
N PHE A 494 -20.16 -57.77 78.51
CA PHE A 494 -19.43 -56.51 78.52
C PHE A 494 -19.91 -55.50 79.59
N LEU A 495 -21.20 -55.52 79.91
CA LEU A 495 -21.73 -54.66 80.95
C LEU A 495 -21.18 -54.99 82.37
N GLU A 496 -20.96 -56.27 82.65
CA GLU A 496 -20.43 -56.68 83.98
C GLU A 496 -18.92 -56.65 84.11
N TRP A 497 -18.24 -56.66 82.97
CA TRP A 497 -16.78 -56.69 82.91
C TRP A 497 -16.17 -55.38 83.39
N GLU A 498 -15.25 -55.48 84.34
CA GLU A 498 -14.61 -54.28 84.91
C GLU A 498 -13.09 -54.42 84.91
N PRO A 499 -12.38 -53.29 84.84
CA PRO A 499 -10.91 -53.25 84.88
C PRO A 499 -10.34 -53.81 86.17
N ARG A 500 -10.98 -53.51 87.31
CA ARG A 500 -10.54 -53.96 88.64
C ARG A 500 -11.69 -54.48 89.48
N GLY A 501 -11.39 -55.46 90.32
CA GLY A 501 -12.33 -55.97 91.32
C GLY A 501 -12.79 -57.38 90.98
N GLU A 502 -13.86 -57.83 91.62
CA GLU A 502 -14.34 -59.21 91.49
C GLU A 502 -14.84 -59.56 90.09
N LYS A 503 -15.08 -58.55 89.25
CA LYS A 503 -15.44 -58.82 87.84
C LYS A 503 -14.32 -58.51 86.89
N SER A 504 -13.09 -58.65 87.36
CA SER A 504 -11.94 -58.38 86.50
C SER A 504 -11.22 -59.69 86.07
N MET A 505 -10.40 -59.64 85.02
CA MET A 505 -9.58 -60.83 84.67
C MET A 505 -8.53 -61.15 85.78
N PRO A 506 -8.08 -62.41 85.89
CA PRO A 506 -8.33 -63.49 84.92
C PRO A 506 -9.61 -64.27 85.24
N ASN A 507 -10.23 -63.94 86.38
CA ASN A 507 -11.39 -64.69 86.85
C ASN A 507 -12.73 -64.35 86.18
N PHE A 508 -12.86 -63.15 85.64
CA PHE A 508 -14.05 -62.79 84.89
C PHE A 508 -13.59 -62.11 83.58
N PRO A 509 -14.35 -62.27 82.48
CA PRO A 509 -15.47 -63.17 82.17
C PRO A 509 -15.18 -64.63 82.58
N THR A 510 -16.23 -65.39 82.85
CA THR A 510 -16.11 -66.81 83.21
C THR A 510 -15.58 -67.65 82.06
N VAL A 511 -15.23 -68.88 82.37
CA VAL A 511 -14.73 -69.79 81.34
C VAL A 511 -15.73 -69.97 80.22
N ASP A 512 -16.99 -70.20 80.56
CA ASP A 512 -17.98 -70.26 79.45
C ASP A 512 -18.12 -68.95 78.64
N MET A 513 -17.99 -67.80 79.29
CA MET A 513 -18.12 -66.55 78.52
C MET A 513 -16.93 -66.37 77.58
N CYS A 514 -15.74 -66.69 78.08
CA CYS A 514 -14.54 -66.61 77.27
C CYS A 514 -14.58 -67.53 76.03
N CYS A 515 -14.97 -68.79 76.19
CA CYS A 515 -15.14 -69.68 75.02
C CYS A 515 -16.11 -69.12 73.95
N ASP A 516 -17.25 -68.58 74.39
CA ASP A 516 -18.23 -67.97 73.46
C ASP A 516 -17.64 -66.78 72.69
N ILE A 517 -16.89 -65.95 73.40
CA ILE A 517 -16.30 -64.73 72.81
C ILE A 517 -15.31 -65.14 71.73
N VAL A 518 -14.48 -66.15 72.04
CA VAL A 518 -13.39 -66.53 71.16
C VAL A 518 -13.99 -67.20 69.95
N ASP A 519 -14.93 -68.09 70.20
CA ASP A 519 -15.68 -68.66 69.09
C ASP A 519 -16.30 -67.60 68.11
N TRP A 520 -16.97 -66.58 68.63
CA TRP A 520 -17.59 -65.54 67.79
C TRP A 520 -16.52 -64.74 67.02
N GLN A 521 -15.44 -64.33 67.71
CA GLN A 521 -14.38 -63.55 67.09
C GLN A 521 -13.73 -64.29 65.94
N GLU A 522 -13.39 -65.56 66.20
CA GLU A 522 -12.80 -66.43 65.20
C GLU A 522 -13.73 -66.66 64.05
N MET A 523 -14.99 -66.99 64.35
CA MET A 523 -15.95 -67.25 63.28
C MET A 523 -15.98 -66.13 62.24
N MET A 524 -15.96 -64.88 62.70
CA MET A 524 -16.06 -63.75 61.78
C MET A 524 -14.82 -63.73 60.89
N HIS A 525 -13.65 -64.04 61.41
CA HIS A 525 -12.46 -64.13 60.59
C HIS A 525 -12.59 -65.22 59.51
N TYR A 526 -13.11 -66.37 59.88
CA TYR A 526 -13.27 -67.46 58.87
C TYR A 526 -14.28 -67.04 57.79
N ILE A 527 -15.29 -66.26 58.17
CA ILE A 527 -16.28 -65.89 57.17
C ILE A 527 -15.62 -64.89 56.18
N ASP A 528 -14.87 -63.93 56.71
CA ASP A 528 -14.15 -62.99 55.85
C ASP A 528 -13.21 -63.68 54.85
N ASP A 529 -12.45 -64.63 55.36
CA ASP A 529 -11.45 -65.36 54.60
C ASP A 529 -12.06 -66.33 53.58
N ALA A 530 -13.35 -66.64 53.73
CA ALA A 530 -14.01 -67.42 52.67
C ALA A 530 -14.59 -66.48 51.60
N LEU A 531 -15.16 -65.35 52.03
CA LEU A 531 -15.80 -64.40 51.10
C LEU A 531 -14.82 -63.48 50.37
N GLY A 532 -13.62 -63.31 50.92
CA GLY A 532 -12.74 -62.31 50.35
C GLY A 532 -12.89 -60.94 50.95
N GLN A 533 -13.68 -60.84 52.03
CA GLN A 533 -14.00 -59.51 52.60
C GLN A 533 -12.82 -58.99 53.40
N CYS A 534 -12.41 -57.74 53.21
CA CYS A 534 -11.37 -57.20 54.10
C CYS A 534 -11.87 -57.23 55.55
N ALA A 535 -11.05 -57.76 56.42
CA ALA A 535 -11.32 -57.78 57.88
C ALA A 535 -11.42 -56.33 58.43
N GLY A 536 -10.84 -55.37 57.71
CA GLY A 536 -10.95 -53.94 58.01
C GLY A 536 -12.35 -53.36 58.11
N LEU A 537 -13.30 -54.03 57.46
CA LEU A 537 -14.69 -53.69 57.51
C LEU A 537 -15.55 -54.77 58.14
N SER A 538 -14.92 -55.77 58.77
CA SER A 538 -15.70 -56.89 59.28
C SER A 538 -15.12 -57.35 60.61
N SER A 539 -14.28 -58.37 60.53
CA SER A 539 -13.92 -59.09 61.75
C SER A 539 -12.89 -58.33 62.57
N PHE A 540 -12.26 -57.29 62.01
CA PHE A 540 -11.18 -56.71 62.82
C PHE A 540 -11.63 -55.54 63.76
N PRO A 541 -12.35 -54.53 63.24
CA PRO A 541 -12.70 -53.40 64.13
C PRO A 541 -13.97 -53.65 64.94
N LEU A 542 -14.13 -52.92 66.03
CA LEU A 542 -15.42 -52.86 66.73
C LEU A 542 -16.56 -52.33 65.85
N LYS A 543 -17.73 -52.96 65.93
CA LYS A 543 -18.94 -52.48 65.28
C LYS A 543 -18.76 -52.24 63.78
N PRO A 544 -18.52 -53.31 63.02
CA PRO A 544 -18.32 -53.24 61.56
C PRO A 544 -19.61 -53.16 60.75
N PRO A 545 -19.56 -52.65 59.47
CA PRO A 545 -20.71 -52.68 58.56
C PRO A 545 -21.13 -54.13 58.14
N TYR A 546 -20.16 -55.03 58.02
CA TYR A 546 -20.49 -56.43 57.76
C TYR A 546 -20.51 -57.22 59.06
N HIS A 547 -21.54 -58.06 59.26
CA HIS A 547 -21.68 -58.86 60.50
C HIS A 547 -22.56 -60.09 60.27
N ILE A 548 -22.78 -60.88 61.33
CA ILE A 548 -23.42 -62.17 61.17
C ILE A 548 -24.88 -62.06 60.73
N HIS A 549 -25.50 -60.91 60.93
CA HIS A 549 -26.89 -60.74 60.51
C HIS A 549 -27.06 -60.36 59.01
N ASN A 550 -26.15 -59.60 58.43
CA ASN A 550 -26.36 -59.24 57.00
C ASN A 550 -25.47 -60.07 56.07
N TYR A 551 -24.40 -60.66 56.56
CA TYR A 551 -23.62 -61.56 55.71
C TYR A 551 -24.46 -62.66 55.00
N PRO A 552 -25.41 -63.28 55.71
CA PRO A 552 -26.19 -64.30 55.00
C PRO A 552 -26.95 -63.70 53.80
N LYS A 553 -27.39 -62.45 53.94
CA LYS A 553 -28.10 -61.79 52.84
C LYS A 553 -27.20 -61.48 51.65
N PHE A 554 -25.95 -61.07 51.91
CA PHE A 554 -24.96 -60.88 50.86
C PHE A 554 -24.69 -62.20 50.11
N ILE A 555 -24.62 -63.30 50.84
CA ILE A 555 -24.29 -64.59 50.25
C ILE A 555 -25.44 -65.09 49.38
N ALA A 556 -26.66 -64.93 49.87
CA ALA A 556 -27.85 -65.35 49.11
C ALA A 556 -28.06 -64.45 47.91
N ALA A 557 -28.00 -63.12 48.07
CA ALA A 557 -28.17 -62.20 46.92
C ALA A 557 -27.03 -62.32 45.92
N GLY A 558 -25.82 -62.57 46.41
CA GLY A 558 -24.67 -62.58 45.52
C GLY A 558 -24.55 -63.89 44.76
N ALA A 559 -24.46 -64.98 45.53
CA ALA A 559 -24.08 -66.26 44.97
C ALA A 559 -25.29 -67.10 44.62
N GLY A 560 -26.48 -66.64 45.01
CA GLY A 560 -27.69 -67.36 44.64
C GLY A 560 -27.86 -68.70 45.34
N ILE A 561 -27.25 -68.88 46.51
CA ILE A 561 -27.48 -70.09 47.29
C ILE A 561 -28.30 -69.76 48.54
N GLU A 562 -28.86 -70.79 49.14
CA GLU A 562 -29.66 -70.58 50.34
C GLU A 562 -28.73 -70.28 51.50
N MET A 563 -29.05 -69.26 52.29
CA MET A 563 -28.22 -68.90 53.42
C MET A 563 -29.02 -68.14 54.46
N ASP A 564 -28.79 -68.47 55.72
CA ASP A 564 -29.31 -67.69 56.84
C ASP A 564 -28.27 -67.73 57.94
N THR A 565 -28.59 -67.12 59.08
CA THR A 565 -27.59 -66.90 60.11
C THR A 565 -27.10 -68.25 60.66
N GLU A 566 -28.00 -69.21 60.84
CA GLU A 566 -27.60 -70.51 61.41
C GLU A 566 -26.81 -71.33 60.41
N LYS A 567 -27.27 -71.38 59.17
CA LYS A 567 -26.53 -72.10 58.13
C LYS A 567 -25.12 -71.53 57.93
N LEU A 568 -24.97 -70.22 58.09
CA LEU A 568 -23.65 -69.57 57.95
C LEU A 568 -22.73 -69.89 59.12
N LYS A 569 -23.28 -69.87 60.33
CA LYS A 569 -22.49 -70.24 61.49
C LYS A 569 -22.01 -71.68 61.28
N LYS A 570 -22.89 -72.54 60.78
CA LYS A 570 -22.51 -73.94 60.59
C LYS A 570 -21.47 -74.12 59.45
N ALA A 571 -21.59 -73.34 58.38
CA ALA A 571 -20.61 -73.43 57.33
C ALA A 571 -19.25 -72.99 57.88
N ALA A 572 -19.23 -71.91 58.65
CA ALA A 572 -17.95 -71.43 59.17
C ALA A 572 -17.36 -72.47 60.12
N LYS A 573 -18.24 -73.13 60.86
CA LYS A 573 -17.75 -74.16 61.80
C LYS A 573 -17.19 -75.32 60.97
N ARG A 574 -17.87 -75.63 59.86
CA ARG A 574 -17.46 -76.76 59.01
C ARG A 574 -16.03 -76.62 58.48
N TYR A 575 -15.68 -75.51 57.81
CA TYR A 575 -14.33 -75.49 57.23
C TYR A 575 -13.31 -75.03 58.26
N ARG A 576 -13.72 -74.33 59.32
CA ARG A 576 -12.78 -74.13 60.42
C ARG A 576 -12.42 -75.51 61.04
N THR A 577 -13.39 -76.41 61.11
CA THR A 577 -13.08 -77.75 61.65
C THR A 577 -12.22 -78.53 60.67
N LEU A 578 -12.40 -78.29 59.36
CA LEU A 578 -11.65 -79.04 58.34
C LEU A 578 -10.19 -78.56 58.37
N VAL A 579 -9.99 -77.25 58.60
CA VAL A 579 -8.62 -76.74 58.74
C VAL A 579 -7.96 -77.39 59.95
N ARG A 580 -8.70 -77.49 61.06
CA ARG A 580 -8.19 -78.18 62.25
C ARG A 580 -7.78 -79.63 61.90
N ALA A 581 -8.68 -80.36 61.23
CA ALA A 581 -8.39 -81.77 60.85
C ALA A 581 -7.12 -81.93 60.02
N PHE A 582 -6.87 -81.00 59.09
CA PHE A 582 -5.71 -81.05 58.24
C PHE A 582 -4.44 -80.96 59.10
N ASN A 583 -4.45 -80.10 60.11
CA ASN A 583 -3.29 -79.92 60.94
C ASN A 583 -3.14 -81.11 61.92
N ILE A 584 -4.26 -81.67 62.34
CA ILE A 584 -4.23 -82.90 63.17
C ILE A 584 -3.55 -84.01 62.35
N ARG A 585 -3.92 -84.10 61.07
CA ARG A 585 -3.38 -85.16 60.21
C ARG A 585 -1.89 -84.95 60.02
N ARG A 586 -1.43 -83.72 60.19
CA ARG A 586 0.02 -83.46 60.08
C ARG A 586 0.76 -83.56 61.40
N GLY A 587 0.08 -84.01 62.46
CA GLY A 587 0.79 -84.31 63.70
C GLY A 587 0.53 -83.38 64.88
N MET A 588 -0.21 -82.29 64.66
CA MET A 588 -0.50 -81.35 65.74
C MET A 588 -1.42 -81.93 66.84
N ARG A 589 -1.11 -81.64 68.08
CA ARG A 589 -1.91 -82.10 69.22
C ARG A 589 -2.02 -81.06 70.34
N ARG A 590 -2.83 -81.35 71.40
CA ARG A 590 -2.98 -80.44 72.52
C ARG A 590 -1.65 -79.87 72.98
N VAL A 591 -0.65 -80.73 73.04
CA VAL A 591 0.69 -80.33 73.48
C VAL A 591 1.26 -79.12 72.73
N ASP A 592 0.89 -78.97 71.45
CA ASP A 592 1.43 -77.85 70.66
C ASP A 592 0.71 -76.54 70.92
N GLU A 593 -0.39 -76.61 71.67
CA GLU A 593 -1.31 -75.48 71.80
C GLU A 593 -1.12 -74.78 73.13
N GLN A 594 0.02 -74.09 73.27
CA GLN A 594 0.41 -73.42 74.49
C GLN A 594 1.18 -72.20 74.06
N PRO A 595 0.93 -71.06 74.72
CA PRO A 595 1.65 -69.83 74.37
C PRO A 595 3.10 -69.92 74.85
N PRO A 596 3.92 -68.95 74.47
CA PRO A 596 5.28 -68.94 75.04
C PRO A 596 5.27 -68.98 76.57
N ALA A 597 6.27 -69.66 77.16
CA ALA A 597 6.35 -69.83 78.62
C ALA A 597 6.32 -68.49 79.35
N ASN A 598 6.97 -67.46 78.77
CA ASN A 598 7.11 -66.14 79.41
C ASN A 598 6.13 -65.08 78.92
N HIS A 599 5.01 -65.49 78.33
CA HIS A 599 4.08 -64.54 77.73
C HIS A 599 3.32 -63.66 78.73
N TRP A 600 3.09 -64.18 79.93
CA TRP A 600 2.53 -63.39 81.03
C TRP A 600 3.32 -63.59 82.31
N LYS A 601 3.44 -62.56 83.14
CA LYS A 601 4.17 -62.70 84.37
C LYS A 601 3.41 -63.59 85.42
N ASN A 602 2.09 -63.57 85.36
CA ASN A 602 1.22 -64.24 86.32
C ASN A 602 0.47 -65.30 85.58
N ARG A 603 0.70 -66.57 85.90
CA ARG A 603 0.03 -67.68 85.25
C ARG A 603 -0.86 -68.49 86.22
N PHE A 604 -1.89 -69.15 85.68
CA PHE A 604 -2.89 -69.84 86.48
C PHE A 604 -3.18 -71.19 85.82
N PRO A 605 -2.37 -72.22 86.16
CA PRO A 605 -2.41 -73.48 85.40
C PRO A 605 -3.74 -74.22 85.52
N GLU A 606 -4.44 -74.15 86.64
CA GLU A 606 -5.75 -74.83 86.72
CA GLU A 606 -5.73 -74.85 86.68
C GLU A 606 -6.85 -74.11 85.92
N LEU A 607 -6.84 -72.78 85.98
CA LEU A 607 -7.74 -71.98 85.14
C LEU A 607 -7.41 -72.19 83.67
N GLU A 608 -6.12 -72.17 83.31
CA GLU A 608 -5.75 -72.39 81.88
C GLU A 608 -6.16 -73.78 81.38
N LYS A 609 -6.01 -74.80 82.24
CA LYS A 609 -6.48 -76.12 81.86
C LYS A 609 -8.00 -76.16 81.64
N GLU A 610 -8.75 -75.50 82.51
CA GLU A 610 -10.20 -75.50 82.40
C GLU A 610 -10.67 -74.70 81.16
N LEU A 611 -9.95 -73.64 80.84
CA LEU A 611 -10.30 -72.88 79.64
C LEU A 611 -10.18 -73.74 78.35
N LEU A 612 -9.01 -74.35 78.16
CA LEU A 612 -8.77 -75.17 76.98
C LEU A 612 -9.71 -76.37 76.94
N ASP A 613 -9.96 -76.99 78.12
CA ASP A 613 -10.89 -78.13 78.23
C ASP A 613 -12.29 -77.73 77.71
N SER A 614 -12.83 -76.67 78.31
CA SER A 614 -14.13 -76.12 77.92
C SER A 614 -14.16 -75.63 76.45
N TYR A 615 -13.09 -74.98 76.00
CA TYR A 615 -13.07 -74.50 74.60
C TYR A 615 -13.11 -75.70 73.61
N TYR A 616 -12.29 -76.74 73.83
CA TYR A 616 -12.36 -77.96 73.02
C TYR A 616 -13.77 -78.51 73.01
N LYS A 617 -14.39 -78.60 74.17
CA LYS A 617 -15.78 -79.06 74.29
C LYS A 617 -16.72 -78.25 73.39
N LEU A 618 -16.67 -76.93 73.51
CA LEU A 618 -17.43 -76.04 72.60
C LEU A 618 -17.22 -76.38 71.10
N LYS A 619 -15.97 -76.44 70.68
CA LYS A 619 -15.63 -76.82 69.30
C LYS A 619 -16.16 -78.19 68.91
N GLY A 620 -16.32 -79.08 69.89
CA GLY A 620 -16.70 -80.46 69.62
C GLY A 620 -15.50 -81.34 69.32
N TRP A 621 -14.35 -80.95 69.88
CA TRP A 621 -13.10 -81.72 69.83
C TRP A 621 -12.83 -82.64 71.07
N ASN A 622 -11.90 -83.59 70.92
CA ASN A 622 -11.20 -84.37 72.00
C ASN A 622 -10.55 -83.50 73.01
N ASP A 623 -10.18 -84.09 74.15
CA ASP A 623 -9.33 -83.37 75.10
C ASP A 623 -7.88 -83.37 74.63
N ASP A 624 -7.60 -84.04 73.52
CA ASP A 624 -6.34 -83.85 72.81
C ASP A 624 -6.46 -82.83 71.65
N GLY A 625 -7.61 -82.19 71.52
CA GLY A 625 -7.85 -81.17 70.49
C GLY A 625 -8.21 -81.70 69.11
N ILE A 626 -8.64 -82.96 69.07
CA ILE A 626 -9.01 -83.61 67.80
C ILE A 626 -10.53 -83.55 67.61
N PRO A 627 -10.99 -83.19 66.41
CA PRO A 627 -12.46 -83.24 66.22
C PRO A 627 -13.04 -84.66 66.32
N THR A 628 -14.11 -84.83 67.08
CA THR A 628 -14.68 -86.18 67.34
C THR A 628 -15.48 -86.70 66.15
N LYS A 629 -15.64 -88.01 66.11
CA LYS A 629 -16.38 -88.65 65.03
C LYS A 629 -17.81 -88.10 64.99
N GLU A 630 -18.37 -87.85 66.17
CA GLU A 630 -19.74 -87.32 66.26
C GLU A 630 -19.88 -85.92 65.62
N THR A 631 -18.96 -85.03 65.96
CA THR A 631 -19.07 -83.66 65.47
C THR A 631 -18.70 -83.63 63.98
N LEU A 632 -17.76 -84.47 63.55
CA LEU A 632 -17.42 -84.56 62.13
C LEU A 632 -18.62 -84.99 61.29
N ASP A 633 -19.30 -86.04 61.71
CA ASP A 633 -20.51 -86.50 61.04
C ASP A 633 -21.58 -85.41 60.96
N ASP A 634 -21.88 -84.77 62.09
CA ASP A 634 -22.86 -83.69 62.07
C ASP A 634 -22.52 -82.54 61.09
N LEU A 635 -21.25 -82.37 60.77
CA LEU A 635 -20.85 -81.27 59.90
C LEU A 635 -20.78 -81.67 58.43
N GLY A 636 -21.14 -82.91 58.14
CA GLY A 636 -20.97 -83.48 56.81
C GLY A 636 -19.52 -83.77 56.51
N LEU A 637 -18.72 -83.96 57.55
CA LEU A 637 -17.31 -84.29 57.40
C LEU A 637 -17.04 -85.75 57.79
N GLY A 638 -17.98 -86.63 57.47
CA GLY A 638 -17.84 -88.05 57.74
C GLY A 638 -16.58 -88.65 57.13
N TYR A 639 -16.20 -88.22 55.92
CA TYR A 639 -14.99 -88.75 55.28
C TYR A 639 -13.71 -88.45 56.06
N VAL A 640 -13.74 -87.35 56.82
CA VAL A 640 -12.65 -87.00 57.68
C VAL A 640 -12.62 -87.98 58.87
N GLY A 641 -13.77 -88.23 59.47
CA GLY A 641 -13.87 -89.12 60.61
C GLY A 641 -13.44 -90.52 60.19
N ASP A 642 -13.93 -90.97 59.04
CA ASP A 642 -13.49 -92.28 58.50
C ASP A 642 -11.97 -92.36 58.35
N GLU A 643 -11.33 -91.30 57.85
CA GLU A 643 -9.90 -91.35 57.63
C GLU A 643 -9.14 -91.28 58.96
N PHE A 644 -9.67 -90.50 59.91
CA PHE A 644 -9.03 -90.42 61.23
C PHE A 644 -8.97 -91.79 61.86
N ILE A 645 -10.09 -92.50 61.79
CA ILE A 645 -10.18 -93.85 62.35
C ILE A 645 -9.18 -94.80 61.69
N LYS A 646 -9.14 -94.75 60.36
CA LYS A 646 -8.29 -95.62 59.55
C LYS A 646 -6.82 -95.36 59.82
N ARG A 647 -6.49 -94.13 60.23
CA ARG A 647 -5.12 -93.71 60.50
C ARG A 647 -4.75 -93.85 61.99
N GLY A 648 -5.68 -94.34 62.81
CA GLY A 648 -5.45 -94.43 64.24
C GLY A 648 -5.50 -93.11 65.03
N ILE A 649 -5.90 -92.01 64.39
CA ILE A 649 -6.04 -90.71 65.04
C ILE A 649 -7.25 -90.71 65.96
N LEU A 650 -8.36 -91.27 65.50
CA LEU A 650 -9.49 -91.51 66.40
C LEU A 650 -9.60 -93.02 66.68
N SER A 651 -10.07 -93.38 67.88
CA SER A 651 -10.36 -94.80 68.17
C SER A 651 -11.83 -95.10 67.97
N ALA A 652 -12.13 -96.01 67.06
CA ALA A 652 -13.51 -96.38 66.77
C ALA A 652 -14.27 -96.71 68.06
N GLY A 653 -15.23 -95.86 68.41
CA GLY A 653 -16.00 -96.02 69.64
C GLY A 653 -15.12 -96.04 70.88
N MET B 1 -2.09 -2.71 -0.15
CA MET B 1 -2.36 -2.65 1.27
C MET B 1 -1.11 -2.12 2.00
N ARG B 2 -1.23 -1.83 3.30
CA ARG B 2 -0.10 -1.62 4.21
C ARG B 2 0.31 -2.93 4.90
N TYR B 3 1.59 -3.05 5.23
CA TYR B 3 2.16 -4.24 5.86
C TYR B 3 2.85 -3.87 7.14
N ALA B 4 2.81 -4.80 8.10
CA ALA B 4 3.46 -4.74 9.40
C ALA B 4 2.76 -3.75 10.35
N GLU B 5 2.59 -2.51 9.91
CA GLU B 5 1.72 -1.58 10.61
C GLU B 5 0.30 -1.98 10.20
N THR B 6 -0.70 -1.74 11.03
CA THR B 6 -2.06 -2.00 10.56
C THR B 6 -2.63 -0.81 9.77
N GLY B 7 -2.05 0.38 9.92
CA GLY B 7 -2.57 1.55 9.22
C GLY B 7 -3.73 2.30 9.87
N TYR B 8 -3.97 2.03 11.15
CA TYR B 8 -5.14 2.60 11.82
C TYR B 8 -4.80 2.94 13.25
N VAL B 9 -5.40 4.01 13.77
CA VAL B 9 -5.26 4.29 15.18
C VAL B 9 -6.65 4.52 15.83
N LEU B 10 -6.73 4.42 17.15
CA LEU B 10 -7.96 4.77 17.85
C LEU B 10 -7.77 6.13 18.50
N GLU B 11 -8.68 7.07 18.27
CA GLU B 11 -8.64 8.38 18.94
C GLU B 11 -9.77 8.43 19.94
N VAL B 12 -9.44 8.55 21.22
CA VAL B 12 -10.44 8.50 22.29
C VAL B 12 -10.49 9.85 23.05
N ASP B 13 -11.68 10.47 23.07
CA ASP B 13 -11.90 11.66 23.90
C ASP B 13 -12.63 11.26 25.16
N LEU B 14 -11.88 11.16 26.24
CA LEU B 14 -12.41 10.65 27.50
C LEU B 14 -13.45 11.61 28.13
N THR B 15 -13.35 12.90 27.81
CA THR B 15 -14.32 13.88 28.29
C THR B 15 -15.69 13.63 27.68
N LYS B 16 -15.70 13.37 26.38
CA LYS B 16 -16.94 13.19 25.64
C LYS B 16 -17.37 11.71 25.62
N GLY B 17 -16.41 10.84 25.84
CA GLY B 17 -16.59 9.40 25.65
C GLY B 17 -16.67 9.02 24.19
N SER B 18 -16.09 9.80 23.29
CA SER B 18 -16.15 9.49 21.86
C SER B 18 -14.97 8.60 21.47
N ILE B 19 -15.23 7.68 20.56
CA ILE B 19 -14.17 6.81 20.06
C ILE B 19 -14.16 6.81 18.54
N GLU B 20 -13.00 7.00 17.93
CA GLU B 20 -12.95 7.09 16.46
C GLU B 20 -11.75 6.30 15.92
N ARG B 21 -11.99 5.44 14.92
CA ARG B 21 -10.89 4.81 14.19
C ARG B 21 -10.48 5.70 13.02
N VAL B 22 -9.19 5.94 12.86
CA VAL B 22 -8.68 6.86 11.86
C VAL B 22 -7.52 6.21 11.10
N ALA B 23 -7.54 6.28 9.77
CA ALA B 23 -6.44 5.75 8.96
C ALA B 23 -5.21 6.64 9.15
N THR B 24 -4.01 6.07 9.13
CA THR B 24 -2.80 6.89 9.20
C THR B 24 -2.20 7.21 7.82
N ASP B 25 -1.39 8.25 7.80
CA ASP B 25 -0.66 8.68 6.63
C ASP B 25 0.58 7.78 6.45
N PRO B 26 0.65 7.06 5.33
CA PRO B 26 1.78 6.14 5.08
C PRO B 26 3.10 6.92 4.92
N ARG B 27 3.00 8.18 4.52
CA ARG B 27 4.15 9.05 4.44
C ARG B 27 4.85 9.20 5.81
N ASP B 28 4.08 9.15 6.89
CA ASP B 28 4.65 9.24 8.22
C ASP B 28 5.48 7.99 8.54
N THR B 29 5.13 6.86 7.96
CA THR B 29 5.90 5.66 8.24
C THR B 29 7.29 5.73 7.58
N GLU B 30 7.33 6.17 6.32
CA GLU B 30 8.61 6.39 5.65
C GLU B 30 9.51 7.36 6.39
N LEU B 31 8.94 8.38 7.00
CA LEU B 31 9.76 9.41 7.64
C LEU B 31 10.18 9.05 9.07
N TYR B 32 9.21 8.57 9.83
CA TYR B 32 9.36 8.44 11.27
C TYR B 32 9.25 6.98 11.75
N LEU B 33 9.03 6.05 10.80
CA LEU B 33 9.04 4.59 11.06
C LEU B 33 7.84 4.07 11.86
N GLY B 34 7.74 4.38 13.15
CA GLY B 34 6.62 3.81 13.90
C GLY B 34 6.92 4.04 15.36
N GLY B 35 6.11 3.49 16.25
CA GLY B 35 6.41 3.54 17.68
C GLY B 35 6.78 4.94 18.18
N LEU B 36 7.95 5.07 18.79
CA LEU B 36 8.41 6.37 19.31
C LEU B 36 8.41 7.50 18.27
N GLY B 37 8.83 7.18 17.05
CA GLY B 37 8.89 8.21 16.02
C GLY B 37 7.57 8.84 15.67
N THR B 38 6.59 8.01 15.36
CA THR B 38 5.26 8.55 15.03
C THR B 38 4.57 9.07 16.28
N ASN B 39 4.94 8.60 17.48
CA ASN B 39 4.45 9.28 18.70
C ASN B 39 4.95 10.73 18.74
N ALA B 40 6.23 10.89 18.41
CA ALA B 40 6.83 12.23 18.51
C ALA B 40 6.21 13.21 17.49
N LYS B 41 5.98 12.75 16.25
CA LYS B 41 5.20 13.52 15.29
C LYS B 41 3.83 13.97 15.85
N ILE B 42 3.08 13.05 16.45
CA ILE B 42 1.76 13.37 17.00
C ILE B 42 1.86 14.42 18.11
N LEU B 43 2.79 14.20 19.03
CA LEU B 43 2.96 15.14 20.14
C LEU B 43 3.40 16.52 19.64
N TRP B 44 4.31 16.58 18.67
CA TRP B 44 4.78 17.87 18.19
C TRP B 44 3.62 18.68 17.64
N ASP B 45 2.81 18.07 16.78
CA ASP B 45 1.96 19.00 16.14
C ASP B 45 0.56 19.04 16.82
N ARG B 46 0.35 18.26 17.88
CA ARG B 46 -0.91 18.41 18.65
C ARG B 46 -0.73 18.94 20.10
N VAL B 47 0.48 18.92 20.65
CA VAL B 47 0.68 19.39 22.03
C VAL B 47 1.69 20.57 22.11
N PRO B 48 1.18 21.81 21.93
CA PRO B 48 2.04 23.00 22.05
C PRO B 48 2.52 23.21 23.49
N PRO B 49 3.51 24.10 23.72
CA PRO B 49 4.17 24.21 25.02
C PRO B 49 3.33 24.82 26.15
N GLU B 50 2.30 25.59 25.83
CA GLU B 50 1.38 26.06 26.87
C GLU B 50 0.51 24.93 27.51
N VAL B 51 0.47 23.74 26.92
CA VAL B 51 -0.30 22.62 27.49
C VAL B 51 0.40 22.07 28.74
N GLU B 52 -0.30 22.03 29.87
CA GLU B 52 0.27 21.51 31.11
C GLU B 52 0.08 20.00 31.18
N PRO B 53 0.91 19.29 31.99
CA PRO B 53 0.78 17.81 32.08
C PRO B 53 -0.60 17.31 32.56
N PHE B 54 -1.25 17.99 33.51
CA PHE B 54 -2.60 17.57 33.95
C PHE B 54 -3.74 18.41 33.32
N SER B 55 -3.47 19.08 32.21
CA SER B 55 -4.56 19.66 31.44
C SER B 55 -5.17 18.61 30.50
N PRO B 56 -6.49 18.74 30.19
CA PRO B 56 -7.21 17.77 29.36
C PRO B 56 -6.60 17.63 27.96
N GLU B 57 -5.87 18.67 27.50
CA GLU B 57 -5.22 18.70 26.19
C GLU B 57 -3.91 17.90 26.11
N ASN B 58 -3.34 17.53 27.26
CA ASN B 58 -2.20 16.63 27.24
C ASN B 58 -2.73 15.31 26.66
N LEU B 59 -1.93 14.73 25.76
CA LEU B 59 -2.20 13.41 25.18
C LEU B 59 -1.48 12.28 25.88
N LEU B 60 -2.16 11.13 26.01
CA LEU B 60 -1.51 9.90 26.43
C LEU B 60 -1.58 8.89 25.29
N ILE B 61 -0.43 8.51 24.74
CA ILE B 61 -0.45 7.66 23.55
C ILE B 61 0.16 6.32 23.89
N PHE B 62 -0.59 5.25 23.60
CA PHE B 62 -0.07 3.85 23.61
C PHE B 62 0.27 3.42 22.19
N ALA B 63 1.53 3.14 21.89
CA ALA B 63 1.87 2.74 20.55
C ALA B 63 2.50 1.34 20.51
N ALA B 64 2.06 0.52 19.56
CA ALA B 64 2.80 -0.69 19.23
C ALA B 64 3.90 -0.41 18.21
N GLY B 65 5.10 -0.95 18.43
CA GLY B 65 6.16 -0.83 17.44
C GLY B 65 5.80 -1.32 16.04
N LEU B 66 6.43 -0.75 15.01
CA LEU B 66 6.14 -1.11 13.62
C LEU B 66 6.11 -2.64 13.34
N LEU B 67 7.04 -3.38 13.94
CA LEU B 67 7.16 -4.80 13.61
C LEU B 67 6.55 -5.68 14.71
N CYS B 68 5.88 -5.07 15.68
CA CYS B 68 5.17 -5.85 16.67
C CYS B 68 4.05 -6.59 16.01
N GLY B 69 3.85 -7.85 16.45
CA GLY B 69 2.82 -8.69 15.87
C GLY B 69 3.31 -9.43 14.64
N THR B 70 4.56 -9.20 14.24
CA THR B 70 5.14 -9.98 13.13
C THR B 70 5.92 -11.14 13.77
N PRO B 71 6.46 -12.07 12.97
CA PRO B 71 7.19 -13.16 13.66
C PRO B 71 8.59 -12.79 14.18
N ALA B 72 9.00 -11.52 14.12
CA ALA B 72 10.35 -11.17 14.60
C ALA B 72 10.56 -11.41 16.11
N THR B 73 11.54 -12.23 16.44
CA THR B 73 11.84 -12.60 17.83
C THR B 73 11.96 -11.38 18.75
N GLY B 74 11.27 -11.44 19.89
CA GLY B 74 11.37 -10.37 20.86
C GLY B 74 10.86 -8.98 20.42
N CYS B 75 10.15 -8.88 19.29
CA CYS B 75 9.62 -7.57 18.87
C CYS B 75 8.20 -7.39 19.42
N ASN B 76 8.09 -6.80 20.60
CA ASN B 76 6.84 -6.83 21.34
C ASN B 76 6.61 -5.60 22.20
N ARG B 77 7.36 -4.51 21.97
CA ARG B 77 7.28 -3.39 22.92
C ARG B 77 6.15 -2.42 22.62
N THR B 78 5.50 -2.00 23.70
CA THR B 78 4.64 -0.83 23.70
C THR B 78 5.48 0.42 24.03
N ILE B 79 5.21 1.54 23.35
CA ILE B 79 5.81 2.82 23.69
C ILE B 79 4.70 3.77 24.12
N VAL B 80 4.72 4.14 25.39
CA VAL B 80 3.77 5.08 25.95
C VAL B 80 4.43 6.47 25.89
N SER B 81 3.70 7.48 25.39
CA SER B 81 4.22 8.87 25.37
C SER B 81 3.21 9.93 25.84
N THR B 82 3.73 10.97 26.48
CA THR B 82 2.93 12.05 27.06
C THR B 82 3.90 13.18 27.47
N VAL B 83 3.39 14.27 28.03
CA VAL B 83 4.24 15.27 28.66
C VAL B 83 4.31 14.91 30.14
N SER B 84 5.52 14.88 30.67
CA SER B 84 5.79 14.38 31.99
C SER B 84 5.45 15.42 33.06
N PRO B 85 4.69 15.01 34.09
CA PRO B 85 4.39 15.90 35.23
C PRO B 85 5.64 16.24 36.05
N GLN B 86 6.60 15.34 36.09
CA GLN B 86 7.86 15.60 36.82
C GLN B 86 8.84 16.50 36.07
N THR B 87 9.16 16.16 34.83
CA THR B 87 10.22 16.87 34.13
C THR B 87 9.72 18.04 33.29
N LYS B 88 8.43 17.99 32.96
CA LYS B 88 7.74 18.94 32.05
C LYS B 88 8.30 18.88 30.63
N LEU B 89 9.02 17.80 30.35
CA LEU B 89 9.51 17.50 29.01
C LEU B 89 8.74 16.28 28.47
N MET B 90 9.04 15.87 27.24
CA MET B 90 8.44 14.64 26.76
C MET B 90 8.86 13.49 27.64
N ALA B 91 7.88 12.64 27.92
CA ALA B 91 8.10 11.33 28.52
C ALA B 91 7.71 10.25 27.55
N PHE B 92 8.67 9.42 27.14
CA PHE B 92 8.34 8.14 26.49
C PHE B 92 8.82 7.00 27.37
N SER B 93 8.10 5.89 27.32
CA SER B 93 8.27 4.83 28.32
C SER B 93 7.90 3.49 27.68
N MET B 94 8.81 2.52 27.77
CA MET B 94 8.67 1.28 27.03
C MET B 94 8.17 0.17 27.93
N MET B 95 7.31 -0.67 27.38
CA MET B 95 6.73 -1.83 28.08
C MET B 95 6.79 -3.10 27.20
N GLY B 96 7.38 -4.17 27.73
CA GLY B 96 7.48 -5.43 27.00
C GLY B 96 6.25 -6.31 27.15
N GLY B 97 6.44 -7.63 27.20
CA GLY B 97 5.32 -8.54 27.42
C GLY B 97 4.53 -8.85 26.16
N PHE B 98 3.21 -8.69 26.26
CA PHE B 98 2.29 -9.29 25.30
C PHE B 98 1.25 -8.25 24.77
N TRP B 99 1.30 -7.04 25.31
CA TRP B 99 0.21 -6.10 25.05
C TRP B 99 0.29 -5.48 23.65
N ALA B 100 1.46 -5.01 23.26
CA ALA B 100 1.58 -4.41 21.91
C ALA B 100 1.29 -5.39 20.76
N PRO B 101 1.80 -6.63 20.83
CA PRO B 101 1.36 -7.56 19.80
C PRO B 101 -0.19 -7.80 19.79
N GLU B 102 -0.81 -7.85 20.97
CA GLU B 102 -2.26 -8.01 20.97
C GLU B 102 -2.98 -6.83 20.29
N LEU B 103 -2.50 -5.60 20.51
CA LEU B 103 -3.13 -4.41 19.90
C LEU B 103 -3.05 -4.52 18.36
N LYS B 104 -1.91 -4.98 17.85
CA LYS B 104 -1.73 -5.21 16.42
C LYS B 104 -2.71 -6.28 15.89
N TYR B 105 -2.90 -7.36 16.62
CA TYR B 105 -3.81 -8.43 16.18
C TYR B 105 -5.25 -7.94 16.31
N ALA B 106 -5.48 -6.88 17.08
CA ALA B 106 -6.81 -6.33 17.12
C ALA B 106 -7.08 -5.38 15.91
N GLY B 107 -6.03 -4.93 15.24
CA GLY B 107 -6.15 -4.00 14.10
C GLY B 107 -5.62 -2.58 14.28
N TYR B 108 -4.92 -2.28 15.38
CA TYR B 108 -4.46 -0.89 15.64
C TYR B 108 -2.95 -0.76 15.94
N ASP B 109 -2.38 0.37 15.52
CA ASP B 109 -1.01 0.75 15.82
C ASP B 109 -0.86 1.60 17.09
N LYS B 110 -1.86 2.45 17.39
CA LYS B 110 -1.84 3.34 18.56
C LYS B 110 -3.23 3.51 19.13
N ILE B 111 -3.33 3.84 20.42
CA ILE B 111 -4.52 4.48 20.95
C ILE B 111 -4.08 5.87 21.41
N ILE B 112 -4.79 6.93 21.03
CA ILE B 112 -4.48 8.29 21.51
C ILE B 112 -5.59 8.84 22.42
N PHE B 113 -5.31 8.97 23.71
CA PHE B 113 -6.25 9.50 24.70
C PHE B 113 -6.06 11.02 24.90
N ARG B 114 -7.14 11.78 24.74
CA ARG B 114 -7.21 13.20 25.12
C ARG B 114 -8.36 13.39 26.08
N GLY B 115 -8.43 14.56 26.69
CA GLY B 115 -9.54 14.87 27.58
C GLY B 115 -9.34 14.20 28.94
N LYS B 116 -10.39 14.23 29.77
CA LYS B 116 -10.40 13.55 31.08
C LYS B 116 -11.78 12.93 31.36
N SER B 117 -11.84 11.68 31.77
CA SER B 117 -13.12 11.10 32.19
C SER B 117 -13.50 11.57 33.59
N PRO B 118 -14.75 12.06 33.76
CA PRO B 118 -15.28 12.47 35.05
C PRO B 118 -15.25 11.31 36.05
N GLU B 119 -15.51 10.10 35.55
CA GLU B 119 -15.57 8.90 36.38
C GLU B 119 -14.44 7.96 35.96
N LEU B 120 -13.97 7.14 36.90
CA LEU B 120 -12.97 6.11 36.59
C LEU B 120 -13.56 5.12 35.58
N VAL B 121 -12.87 4.93 34.46
CA VAL B 121 -13.35 4.02 33.41
C VAL B 121 -12.20 3.13 32.93
N TYR B 122 -12.48 2.09 32.15
CA TYR B 122 -11.40 1.43 31.42
C TYR B 122 -11.83 1.25 29.98
N LEU B 123 -10.88 1.18 29.05
CA LEU B 123 -11.21 0.94 27.64
C LEU B 123 -11.06 -0.53 27.29
N TYR B 124 -12.06 -1.05 26.60
CA TYR B 124 -12.17 -2.44 26.25
C TYR B 124 -12.16 -2.57 24.71
N ILE B 125 -11.14 -3.25 24.18
CA ILE B 125 -11.00 -3.42 22.75
C ILE B 125 -11.03 -4.92 22.46
N ASN B 126 -11.93 -5.31 21.58
CA ASN B 126 -11.91 -6.63 21.02
C ASN B 126 -12.09 -6.56 19.50
N ASN B 127 -10.98 -6.71 18.76
CA ASN B 127 -10.97 -6.44 17.32
C ASN B 127 -11.67 -5.09 17.02
N ASP B 128 -12.76 -5.14 16.25
CA ASP B 128 -13.51 -3.93 15.84
C ASP B 128 -14.35 -3.30 16.94
N LYS B 129 -14.57 -4.02 18.02
CA LYS B 129 -15.49 -3.57 19.04
C LYS B 129 -14.72 -2.83 20.12
N VAL B 130 -15.09 -1.58 20.36
CA VAL B 130 -14.33 -0.74 21.27
C VAL B 130 -15.29 0.01 22.18
N GLU B 131 -15.10 -0.05 23.48
CA GLU B 131 -16.08 0.63 24.31
C GLU B 131 -15.50 1.02 25.67
N ILE B 132 -16.06 2.08 26.23
CA ILE B 132 -15.64 2.58 27.52
C ILE B 132 -16.50 1.97 28.61
N ARG B 133 -15.88 1.41 29.63
CA ARG B 133 -16.64 0.72 30.66
C ARG B 133 -16.44 1.37 32.00
N ASP B 134 -17.45 1.31 32.86
CA ASP B 134 -17.25 1.83 34.22
C ASP B 134 -16.24 0.99 35.02
N ALA B 135 -15.36 1.67 35.75
CA ALA B 135 -14.32 1.01 36.54
C ALA B 135 -14.40 1.42 38.01
N SER B 136 -15.51 1.99 38.43
CA SER B 136 -15.57 2.51 39.80
C SER B 136 -15.40 1.39 40.83
N HIS B 137 -15.79 0.19 40.45
CA HIS B 137 -15.66 -0.96 41.33
C HIS B 137 -14.19 -1.38 41.51
N LEU B 138 -13.31 -0.79 40.71
CA LEU B 138 -11.88 -1.14 40.72
C LEU B 138 -11.04 -0.07 41.44
N LYS B 139 -11.71 0.91 42.03
CA LYS B 139 -11.00 2.06 42.60
C LYS B 139 -10.02 1.64 43.67
N GLY B 140 -8.74 1.95 43.48
CA GLY B 140 -7.72 1.65 44.47
C GLY B 140 -7.00 0.31 44.28
N LYS B 141 -7.61 -0.62 43.56
CA LYS B 141 -7.04 -1.96 43.42
C LYS B 141 -5.67 -1.90 42.75
N GLY B 142 -4.80 -2.88 43.04
CA GLY B 142 -3.46 -2.92 42.49
C GLY B 142 -3.54 -3.17 40.99
N ALA B 143 -2.48 -2.81 40.25
CA ALA B 143 -2.50 -2.99 38.79
C ALA B 143 -2.71 -4.46 38.34
N ILE B 144 -2.06 -5.44 38.99
CA ILE B 144 -2.24 -6.83 38.53
C ILE B 144 -3.62 -7.35 38.96
N GLU B 145 -3.96 -7.09 40.22
CA GLU B 145 -5.25 -7.41 40.78
C GLU B 145 -6.38 -6.93 39.87
N THR B 146 -6.23 -5.72 39.34
CA THR B 146 -7.20 -5.11 38.45
C THR B 146 -7.32 -5.88 37.12
N ALA B 147 -6.19 -6.22 36.56
CA ALA B 147 -6.19 -7.02 35.35
C ALA B 147 -7.00 -8.30 35.54
N GLU B 148 -6.82 -8.98 36.68
CA GLU B 148 -7.45 -10.29 36.87
C GLU B 148 -8.96 -10.15 37.04
N ILE B 149 -9.39 -9.15 37.80
CA ILE B 149 -10.81 -8.89 37.94
C ILE B 149 -11.49 -8.56 36.59
N ILE B 150 -10.95 -7.62 35.84
CA ILE B 150 -11.47 -7.32 34.50
C ILE B 150 -11.60 -8.59 33.61
N LYS B 151 -10.56 -9.42 33.54
CA LYS B 151 -10.57 -10.56 32.61
C LYS B 151 -11.71 -11.54 32.93
N LYS B 152 -12.02 -11.70 34.21
CA LYS B 152 -13.15 -12.49 34.69
C LYS B 152 -14.50 -11.84 34.37
N GLU B 153 -14.68 -10.58 34.78
CA GLU B 153 -15.78 -9.68 34.35
C GLU B 153 -16.21 -9.87 32.90
N LEU B 154 -15.24 -9.74 32.03
CA LEU B 154 -15.50 -9.72 30.59
C LEU B 154 -15.57 -11.14 30.02
N ASN B 155 -15.17 -12.14 30.82
CA ASN B 155 -14.92 -13.49 30.30
C ASN B 155 -13.93 -13.47 29.09
N GLU B 156 -12.80 -12.80 29.28
CA GLU B 156 -11.77 -12.72 28.25
C GLU B 156 -10.45 -13.18 28.84
N PRO B 157 -10.29 -14.50 29.04
CA PRO B 157 -9.05 -14.94 29.67
C PRO B 157 -7.81 -14.65 28.85
N ARG B 158 -7.92 -14.47 27.54
CA ARG B 158 -6.72 -14.24 26.77
C ARG B 158 -6.51 -12.76 26.46
N ALA B 159 -7.24 -11.87 27.12
CA ALA B 159 -7.05 -10.45 26.93
C ALA B 159 -5.77 -9.94 27.61
N GLN B 160 -5.13 -8.90 27.06
CA GLN B 160 -3.95 -8.27 27.70
C GLN B 160 -4.33 -6.93 28.34
N VAL B 161 -3.94 -6.72 29.60
CA VAL B 161 -4.37 -5.56 30.34
C VAL B 161 -3.16 -4.73 30.79
N ALA B 162 -3.22 -3.43 30.46
CA ALA B 162 -2.26 -2.43 30.97
C ALA B 162 -3.01 -1.57 32.01
N ALA B 163 -2.56 -1.55 33.27
CA ALA B 163 -3.36 -0.86 34.30
C ALA B 163 -2.47 -0.06 35.22
N ILE B 164 -3.09 0.92 35.89
CA ILE B 164 -2.43 1.65 36.96
C ILE B 164 -2.92 1.16 38.33
N GLY B 165 -2.10 1.38 39.36
CA GLY B 165 -2.42 1.08 40.74
C GLY B 165 -2.87 2.36 41.44
N LYS B 166 -2.92 2.34 42.78
CA LYS B 166 -3.41 3.52 43.48
C LYS B 166 -2.51 4.72 43.22
N ALA B 167 -1.21 4.46 43.02
CA ALA B 167 -0.28 5.56 42.83
C ALA B 167 -0.62 6.34 41.58
N GLY B 168 -0.94 5.64 40.51
CA GLY B 168 -1.37 6.34 39.30
C GLY B 168 -2.70 7.10 39.51
N GLU B 169 -3.67 6.50 40.19
CA GLU B 169 -4.95 7.16 40.45
C GLU B 169 -4.74 8.42 41.28
N ASN B 170 -3.75 8.42 42.16
CA ASN B 170 -3.49 9.62 42.94
C ASN B 170 -2.44 10.52 42.31
N ARG B 171 -2.21 10.35 41.02
CA ARG B 171 -1.25 11.17 40.31
C ARG B 171 0.16 11.30 40.92
N VAL B 172 0.70 10.22 41.50
CA VAL B 172 2.09 10.25 41.97
C VAL B 172 3.01 10.50 40.75
N PHE B 173 3.96 11.43 40.84
CA PHE B 173 4.74 11.83 39.66
C PHE B 173 5.64 10.72 39.07
N TYR B 174 5.91 9.67 39.83
CA TYR B 174 6.63 8.50 39.27
C TYR B 174 5.78 7.23 39.25
N ALA B 175 4.48 7.37 38.98
CA ALA B 175 3.59 6.21 38.84
C ALA B 175 3.76 5.59 37.47
N SER B 176 3.70 4.27 37.46
CA SER B 176 3.91 3.45 36.29
C SER B 176 2.59 2.85 35.75
N ILE B 177 2.72 2.18 34.61
CA ILE B 177 1.65 1.40 34.07
C ILE B 177 2.15 -0.09 34.01
N GLU B 178 1.35 -1.05 34.51
CA GLU B 178 1.79 -2.45 34.67
C GLU B 178 0.94 -3.42 33.87
N GLN B 179 1.62 -4.41 33.27
CA GLN B 179 0.99 -5.41 32.42
C GLN B 179 1.72 -6.75 32.58
N GLY B 180 1.23 -7.67 33.42
CA GLY B 180 1.93 -8.97 33.58
C GLY B 180 3.36 -8.78 34.10
N ARG B 181 4.39 -9.27 33.37
CA ARG B 181 5.80 -9.10 33.77
C ARG B 181 6.46 -7.87 33.10
N SER B 182 5.64 -6.84 32.81
CA SER B 182 6.09 -5.70 32.05
C SER B 182 5.59 -4.39 32.65
N SER B 183 6.40 -3.34 32.48
CA SER B 183 6.12 -2.03 33.07
C SER B 183 6.62 -0.85 32.19
N ALA B 184 5.71 0.08 31.83
CA ALA B 184 6.05 1.43 31.39
C ALA B 184 6.28 2.18 32.67
N SER B 185 7.55 2.30 33.04
CA SER B 185 7.90 2.63 34.40
C SER B 185 8.07 4.10 34.74
N ARG B 186 8.77 4.84 33.88
CA ARG B 186 9.35 6.12 34.30
C ARG B 186 8.83 7.36 33.58
N GLY B 187 8.89 8.50 34.28
CA GLY B 187 8.52 9.84 33.76
C GLY B 187 7.11 10.29 34.12
N GLY B 188 6.37 9.42 34.79
CA GLY B 188 5.10 9.80 35.36
C GLY B 188 3.96 9.45 34.44
N ILE B 189 4.15 8.52 33.50
CA ILE B 189 3.07 8.22 32.55
C ILE B 189 1.83 7.65 33.25
N GLY B 190 2.03 6.96 34.36
CA GLY B 190 0.90 6.43 35.11
C GLY B 190 0.12 7.56 35.78
N ALA B 191 0.79 8.69 36.05
CA ALA B 191 0.12 9.83 36.69
C ALA B 191 -0.81 10.48 35.69
N VAL B 192 -0.37 10.59 34.45
CA VAL B 192 -1.20 11.19 33.42
C VAL B 192 -2.41 10.29 33.14
N MET B 193 -2.16 8.97 33.07
CA MET B 193 -3.25 8.01 32.92
C MET B 193 -4.29 8.14 34.05
N GLY B 194 -3.85 8.17 35.30
CA GLY B 194 -4.76 8.42 36.41
C GLY B 194 -5.48 9.78 36.35
N ASP B 195 -4.78 10.83 35.93
CA ASP B 195 -5.38 12.14 35.80
C ASP B 195 -6.59 12.12 34.83
N LYS B 196 -6.44 11.41 33.71
CA LYS B 196 -7.49 11.29 32.74
C LYS B 196 -8.62 10.34 33.20
N GLY B 197 -8.53 9.81 34.43
CA GLY B 197 -9.57 8.94 34.96
C GLY B 197 -9.56 7.58 34.28
N LEU B 198 -8.41 7.19 33.74
CA LEU B 198 -8.33 5.92 33.02
C LEU B 198 -7.65 4.80 33.84
N LYS B 199 -8.45 3.83 34.28
CA LYS B 199 -7.95 2.74 35.18
C LYS B 199 -7.13 1.64 34.44
N ALA B 200 -7.52 1.31 33.21
CA ALA B 200 -6.90 0.20 32.50
C ALA B 200 -7.23 0.30 31.01
N VAL B 201 -6.40 -0.36 30.19
CA VAL B 201 -6.74 -0.57 28.78
C VAL B 201 -6.66 -2.08 28.55
N VAL B 202 -7.79 -2.68 28.21
CA VAL B 202 -7.95 -4.11 28.02
C VAL B 202 -8.02 -4.40 26.53
N VAL B 203 -7.13 -5.24 25.98
CA VAL B 203 -7.27 -5.57 24.55
C VAL B 203 -7.21 -7.12 24.21
N ARG B 204 -8.05 -7.51 23.25
CA ARG B 204 -8.10 -8.84 22.67
C ARG B 204 -8.11 -8.68 21.16
N GLY B 205 -7.19 -9.35 20.46
CA GLY B 205 -7.14 -9.32 18.99
C GLY B 205 -6.97 -10.72 18.40
N THR B 206 -7.75 -11.02 17.38
CA THR B 206 -7.64 -12.30 16.67
C THR B 206 -7.66 -12.14 15.15
N LYS B 207 -7.20 -11.00 14.64
CA LYS B 207 -7.05 -10.81 13.18
C LYS B 207 -5.68 -11.11 12.73
N ASP B 208 -5.48 -11.28 11.41
CA ASP B 208 -4.18 -11.57 10.84
C ASP B 208 -3.31 -10.33 10.82
N LEU B 209 -2.00 -10.50 10.98
CA LEU B 209 -1.07 -9.37 10.78
C LEU B 209 -0.11 -9.74 9.64
N CYS B 210 -0.14 -9.01 8.53
CA CYS B 210 0.59 -9.33 7.28
C CYS B 210 1.98 -8.66 7.16
N VAL B 211 2.93 -9.35 6.54
CA VAL B 211 4.20 -8.73 6.15
C VAL B 211 4.28 -8.70 4.61
N ALA B 212 5.15 -7.83 4.10
CA ALA B 212 5.23 -7.53 2.66
C ALA B 212 5.92 -8.64 1.84
N LYS B 213 7.07 -9.12 2.29
CA LYS B 213 7.82 -10.15 1.57
C LYS B 213 7.97 -11.41 2.48
N PRO B 214 7.04 -12.33 2.39
CA PRO B 214 6.89 -13.42 3.39
C PRO B 214 8.13 -14.30 3.56
N GLU B 215 8.69 -14.86 2.48
CA GLU B 215 9.86 -15.72 2.64
C GLU B 215 11.10 -14.95 3.06
N GLU B 216 11.28 -13.74 2.55
CA GLU B 216 12.47 -12.98 2.95
C GLU B 216 12.37 -12.62 4.44
N TYR B 217 11.16 -12.31 4.90
CA TYR B 217 10.99 -11.93 6.32
C TYR B 217 11.26 -13.10 7.28
N ILE B 218 10.64 -14.24 7.01
CA ILE B 218 10.84 -15.39 7.92
C ILE B 218 12.29 -15.86 7.82
N GLY B 219 12.91 -15.72 6.64
CA GLY B 219 14.35 -15.95 6.49
C GLY B 219 15.24 -15.16 7.44
N LEU B 220 14.97 -13.85 7.52
CA LEU B 220 15.69 -12.99 8.44
C LEU B 220 15.45 -13.42 9.90
N CYS B 221 14.24 -13.88 10.19
CA CYS B 221 13.87 -14.23 11.57
C CYS B 221 14.68 -15.44 12.02
N ASN B 222 14.84 -16.38 11.09
CA ASN B 222 15.55 -17.64 11.36
C ASN B 222 17.04 -17.38 11.56
N GLU B 223 17.54 -16.44 10.77
CA GLU B 223 18.92 -15.98 10.95
C GLU B 223 19.11 -15.38 12.33
N VAL B 224 18.10 -14.68 12.86
CA VAL B 224 18.21 -14.12 14.17
C VAL B 224 18.28 -15.26 15.21
N LEU B 225 17.35 -16.23 15.14
CA LEU B 225 17.35 -17.40 16.04
C LEU B 225 18.67 -18.17 15.98
N ASP B 226 19.22 -18.41 14.81
CA ASP B 226 20.54 -19.01 14.75
C ASP B 226 21.61 -18.17 15.44
N TYR B 227 21.49 -16.86 15.36
CA TYR B 227 22.53 -16.03 15.94
C TYR B 227 22.35 -16.06 17.45
N ILE B 228 21.11 -16.07 17.90
CA ILE B 228 20.88 -16.17 19.35
C ILE B 228 21.54 -17.46 19.94
N LYS B 229 21.41 -18.59 19.24
CA LYS B 229 21.92 -19.87 19.74
C LYS B 229 23.42 -19.77 19.87
N HIS B 230 24.03 -19.25 18.82
CA HIS B 230 25.46 -19.18 18.75
C HIS B 230 26.04 -18.19 19.76
N ARG B 231 25.35 -17.06 19.93
CA ARG B 231 25.81 -16.00 20.81
C ARG B 231 25.76 -16.46 22.26
N GLU B 232 24.76 -17.28 22.59
CA GLU B 232 24.61 -17.76 23.96
C GLU B 232 25.61 -18.89 24.27
N GLU B 233 26.18 -19.49 23.23
CA GLU B 233 27.29 -20.43 23.38
C GLU B 233 28.62 -19.70 23.51
N ASN B 234 28.59 -18.38 23.35
CA ASN B 234 29.82 -17.57 23.34
C ASN B 234 29.63 -16.25 24.04
N PRO B 235 29.50 -16.31 25.37
CA PRO B 235 29.37 -15.10 26.17
C PRO B 235 30.62 -14.22 25.97
N ILE B 236 30.49 -12.91 26.12
CA ILE B 236 31.66 -12.04 26.00
C ILE B 236 32.69 -12.40 27.08
N PRO B 237 33.94 -12.72 26.68
CA PRO B 237 34.96 -13.16 27.65
C PRO B 237 35.26 -12.14 28.76
N ASP B 238 35.31 -12.62 30.00
CA ASP B 238 35.65 -11.78 31.16
C ASP B 238 34.62 -10.73 31.57
N VAL B 239 33.41 -10.83 31.06
CA VAL B 239 32.32 -9.97 31.50
C VAL B 239 31.43 -10.74 32.49
N MET B 240 31.03 -10.07 33.55
CA MET B 240 30.09 -10.68 34.50
C MET B 240 28.85 -11.31 33.82
N PRO B 241 28.34 -12.40 34.41
CA PRO B 241 27.21 -13.11 33.80
C PRO B 241 25.99 -12.21 33.55
N ILE B 242 25.63 -11.31 34.47
CA ILE B 242 24.40 -10.52 34.27
C ILE B 242 24.46 -9.72 32.95
N LEU B 243 25.67 -9.40 32.47
CA LEU B 243 25.81 -8.64 31.21
C LEU B 243 26.55 -9.34 30.05
N ALA B 244 26.98 -10.60 30.22
CA ALA B 244 27.83 -11.26 29.20
C ALA B 244 27.07 -11.78 27.98
N GLY B 245 25.77 -11.99 28.12
CA GLY B 245 24.97 -12.53 27.03
C GLY B 245 23.91 -11.57 26.52
N LEU B 246 22.89 -12.12 25.85
CA LEU B 246 21.73 -11.36 25.36
C LEU B 246 20.66 -11.17 26.46
N GLY B 247 19.73 -10.27 26.20
CA GLY B 247 18.59 -10.05 27.08
C GLY B 247 18.74 -8.78 27.91
N SER B 248 17.69 -8.37 28.63
CA SER B 248 17.84 -7.39 29.72
C SER B 248 18.84 -7.94 30.72
N PRO B 249 19.42 -7.09 31.60
CA PRO B 249 20.35 -7.64 32.61
C PRO B 249 19.81 -8.89 33.31
N GLN B 250 20.55 -9.97 33.22
CA GLN B 250 20.04 -11.27 33.61
C GLN B 250 20.10 -11.48 35.15
N GLU B 251 19.57 -10.50 35.88
CA GLU B 251 19.56 -10.48 37.35
C GLU B 251 18.63 -11.53 38.01
N MET B 252 17.62 -11.96 37.28
CA MET B 252 16.73 -12.98 37.82
C MET B 252 17.40 -14.38 37.80
N LYS B 253 18.36 -14.61 36.88
CA LYS B 253 19.07 -15.91 36.79
C LYS B 253 20.35 -15.97 37.58
N VAL B 254 21.02 -14.83 37.76
CA VAL B 254 22.31 -14.80 38.42
C VAL B 254 22.17 -14.44 39.90
N HIS B 255 22.84 -15.17 40.78
CA HIS B 255 22.77 -14.84 42.20
C HIS B 255 23.92 -13.92 42.66
N ASP B 256 25.03 -13.94 41.91
CA ASP B 256 26.18 -13.11 42.29
C ASP B 256 25.94 -11.62 41.96
N GLU B 257 25.85 -10.78 42.99
CA GLU B 257 25.60 -9.35 42.79
C GLU B 257 26.75 -8.47 43.33
N LYS B 258 27.98 -8.95 43.19
CA LYS B 258 29.13 -8.24 43.72
C LYS B 258 29.37 -6.89 43.02
N TRP B 259 29.23 -6.88 41.70
CA TRP B 259 29.47 -5.69 40.90
C TRP B 259 28.52 -4.58 41.32
N HIS B 260 27.22 -4.89 41.36
CA HIS B 260 26.22 -3.93 41.80
C HIS B 260 26.41 -3.43 43.23
N THR B 261 26.48 -4.35 44.19
CA THR B 261 26.52 -3.99 45.62
C THR B 261 27.81 -3.26 46.03
N GLU B 262 28.91 -3.49 45.32
CA GLU B 262 30.19 -2.88 45.70
C GLU B 262 30.57 -1.65 44.88
N ASN B 263 29.91 -1.44 43.75
CA ASN B 263 30.20 -0.30 42.89
C ASN B 263 29.09 0.74 42.87
N PHE B 264 27.85 0.34 43.16
CA PHE B 264 26.73 1.28 43.21
C PHE B 264 26.50 1.83 44.63
N ASN B 265 25.96 3.03 44.73
CA ASN B 265 25.79 3.66 46.03
C ASN B 265 24.47 3.26 46.71
N TRP B 266 24.59 2.89 47.99
CA TRP B 266 23.44 2.63 48.85
C TRP B 266 22.80 3.92 49.42
N GLY B 267 21.60 3.79 49.99
CA GLY B 267 20.92 4.93 50.57
C GLY B 267 20.41 5.88 49.50
N ASN B 268 20.48 7.18 49.77
CA ASN B 268 20.04 8.18 48.80
C ASN B 268 21.17 8.45 47.83
N ALA B 269 21.45 7.45 46.99
CA ALA B 269 22.62 7.42 46.11
C ALA B 269 23.88 7.91 46.86
N ARG B 270 23.98 7.50 48.11
CA ARG B 270 24.87 8.15 49.05
C ARG B 270 26.17 7.39 49.38
N THR B 271 26.08 6.08 49.59
CA THR B 271 27.15 5.31 50.26
C THR B 271 27.82 4.19 49.46
N ARG B 272 29.13 4.26 49.19
CA ARG B 272 29.83 3.10 48.60
C ARG B 272 30.26 2.12 49.68
N ARG B 273 29.90 0.85 49.49
CA ARG B 273 30.26 -0.24 50.40
C ARG B 273 31.16 -1.22 49.64
N LYS B 274 32.46 -0.91 49.69
CA LYS B 274 33.51 -1.47 48.84
C LYS B 274 33.59 -2.98 48.95
N ASP B 275 33.33 -3.47 50.15
CA ASP B 275 33.54 -4.86 50.43
C ASP B 275 32.29 -5.53 50.98
N PHE B 276 31.14 -5.10 50.49
CA PHE B 276 29.86 -5.61 50.97
C PHE B 276 29.70 -7.11 50.74
N TRP B 277 30.17 -7.59 49.59
CA TRP B 277 29.83 -8.92 49.08
C TRP B 277 30.68 -10.06 49.68
N THR B 278 30.32 -10.43 50.90
CA THR B 278 30.99 -11.47 51.63
C THR B 278 30.39 -12.84 51.32
N ASP B 279 31.00 -13.87 51.91
CA ASP B 279 30.53 -15.23 51.77
C ASP B 279 29.15 -15.38 52.39
N GLU B 280 28.97 -14.82 53.57
CA GLU B 280 27.68 -14.87 54.26
C GLU B 280 26.57 -14.20 53.47
N VAL B 281 26.86 -13.03 52.90
CA VAL B 281 25.88 -12.32 52.09
C VAL B 281 25.52 -13.14 50.86
N SER B 282 26.53 -13.67 50.16
CA SER B 282 26.32 -14.43 48.93
C SER B 282 25.39 -15.62 49.21
N HIS B 283 25.75 -16.40 50.23
CA HIS B 283 24.92 -17.55 50.56
C HIS B 283 23.51 -17.15 51.04
N ALA B 284 23.37 -16.06 51.78
CA ALA B 284 22.07 -15.64 52.31
C ALA B 284 21.11 -15.14 51.21
N TRP B 285 21.65 -14.41 50.23
CA TRP B 285 20.82 -13.85 49.16
C TRP B 285 20.48 -14.93 48.16
N GLU B 286 21.34 -15.93 48.07
CA GLU B 286 21.11 -17.05 47.17
C GLU B 286 19.96 -17.90 47.69
N LYS B 287 19.92 -18.04 49.01
CA LYS B 287 18.86 -18.77 49.66
C LYS B 287 17.50 -18.07 49.46
N THR B 288 17.50 -16.73 49.60
CA THR B 288 16.30 -15.95 49.41
C THR B 288 15.85 -16.09 47.97
N MET B 289 16.79 -15.94 47.04
CA MET B 289 16.45 -15.95 45.61
C MET B 289 15.95 -17.31 45.16
N ASP B 290 16.60 -18.38 45.61
CA ASP B 290 16.16 -19.74 45.26
C ASP B 290 14.73 -20.07 45.69
N LYS B 291 14.36 -19.68 46.92
CA LYS B 291 13.01 -19.83 47.47
C LYS B 291 11.95 -18.94 46.76
N ALA B 292 12.32 -17.69 46.47
CA ALA B 292 11.37 -16.72 45.93
C ALA B 292 11.09 -16.93 44.46
N ARG B 293 12.06 -17.44 43.71
CA ARG B 293 11.89 -17.47 42.24
C ARG B 293 11.08 -18.68 41.78
N THR B 294 9.87 -18.45 41.30
CA THR B 294 9.01 -19.55 40.87
C THR B 294 9.40 -20.08 39.49
N ARG B 295 9.51 -19.19 38.51
CA ARG B 295 9.84 -19.58 37.12
C ARG B 295 10.49 -18.41 36.37
N LEU B 296 11.47 -18.70 35.53
CA LEU B 296 11.96 -17.68 34.60
C LEU B 296 11.01 -17.61 33.40
N ILE B 297 10.50 -16.44 33.05
CA ILE B 297 9.50 -16.35 31.98
C ILE B 297 9.83 -15.29 30.91
N SER B 298 9.40 -15.52 29.68
CA SER B 298 9.75 -14.62 28.61
C SER B 298 8.64 -13.58 28.31
N CYS B 299 9.01 -12.49 27.62
CA CYS B 299 8.01 -11.73 26.85
C CYS B 299 7.54 -12.54 25.63
N TYR B 300 6.68 -11.93 24.82
CA TYR B 300 6.11 -12.54 23.61
C TYR B 300 7.16 -12.89 22.59
N ASN B 301 7.12 -14.11 22.10
CA ASN B 301 7.99 -14.61 21.04
C ASN B 301 9.50 -14.36 21.33
N CYS B 302 9.94 -14.73 22.52
CA CYS B 302 11.35 -14.65 22.87
C CYS B 302 11.86 -15.80 23.78
N PRO B 303 13.07 -16.33 23.48
CA PRO B 303 13.56 -17.44 24.30
C PRO B 303 14.39 -17.03 25.52
N MET B 304 14.71 -15.75 25.65
CA MET B 304 15.64 -15.33 26.69
C MET B 304 15.15 -15.38 28.17
N LYS B 305 13.83 -15.37 28.40
CA LYS B 305 13.26 -15.49 29.79
C LYS B 305 14.03 -14.71 30.89
N CYS B 306 14.16 -13.39 30.67
CA CYS B 306 14.84 -12.47 31.56
C CYS B 306 14.08 -12.25 32.88
N GLY B 307 12.76 -12.41 32.84
CA GLY B 307 11.94 -12.07 33.99
C GLY B 307 11.60 -13.27 34.83
N ALA B 308 10.98 -13.02 35.98
CA ALA B 308 10.66 -14.12 36.88
C ALA B 308 9.36 -13.86 37.67
N THR B 309 8.59 -14.91 37.90
CA THR B 309 7.54 -14.84 38.90
C THR B 309 8.21 -14.94 40.27
N ILE B 310 7.74 -14.14 41.21
CA ILE B 310 8.35 -14.03 42.52
C ILE B 310 7.29 -14.23 43.56
N SER B 311 7.54 -15.19 44.42
CA SER B 311 6.56 -15.54 45.41
C SER B 311 7.15 -15.47 46.81
N MET B 312 6.76 -14.45 47.56
CA MET B 312 7.19 -14.29 48.95
C MET B 312 6.12 -14.81 49.88
N GLU B 313 6.53 -15.50 50.95
CA GLU B 313 5.57 -16.07 51.88
C GLU B 313 4.58 -15.03 52.38
N GLY B 314 3.30 -15.36 52.25
CA GLY B 314 2.25 -14.49 52.73
C GLY B 314 1.91 -13.34 51.81
N LEU B 315 2.48 -13.31 50.61
CA LEU B 315 2.26 -12.19 49.70
C LEU B 315 1.80 -12.71 48.35
N PRO B 316 1.01 -11.91 47.62
CA PRO B 316 0.57 -12.39 46.31
C PRO B 316 1.77 -12.52 45.38
N THR B 317 1.68 -13.40 44.40
CA THR B 317 2.74 -13.49 43.42
C THR B 317 2.86 -12.20 42.59
N TYR B 318 4.09 -11.78 42.28
CA TYR B 318 4.27 -10.74 41.27
C TYR B 318 5.44 -11.09 40.32
N MET B 319 5.69 -10.20 39.37
CA MET B 319 6.70 -10.44 38.35
C MET B 319 7.79 -9.36 38.36
N MET B 320 9.03 -9.77 38.16
CA MET B 320 10.18 -8.86 38.28
C MET B 320 11.24 -9.14 37.18
N LYS B 321 11.94 -8.13 36.68
CA LYS B 321 13.18 -8.33 35.94
C LYS B 321 14.16 -7.19 36.26
N CYS B 322 15.44 -7.36 35.88
CA CYS B 322 16.45 -6.30 35.96
C CYS B 322 16.59 -5.65 37.36
N PHE B 323 16.89 -4.33 37.37
CA PHE B 323 17.55 -3.77 38.55
C PHE B 323 16.62 -3.46 39.73
N THR B 324 15.30 -3.56 39.60
CA THR B 324 14.49 -3.21 40.79
C THR B 324 14.64 -4.33 41.83
N LYS B 325 15.21 -5.45 41.41
CA LYS B 325 15.70 -6.47 42.35
C LYS B 325 16.50 -5.86 43.49
N LEU B 326 17.27 -4.81 43.21
CA LEU B 326 18.21 -4.29 44.21
C LEU B 326 17.92 -2.88 44.68
N THR B 327 17.15 -2.09 43.91
CA THR B 327 17.04 -0.66 44.22
C THR B 327 16.46 -0.40 45.61
N TYR B 328 15.39 -1.11 45.99
CA TYR B 328 14.77 -0.96 47.32
C TYR B 328 15.69 -1.43 48.43
N THR B 329 16.29 -2.60 48.21
CA THR B 329 17.28 -3.16 49.14
C THR B 329 18.36 -2.13 49.42
N MET B 330 18.87 -1.56 48.35
CA MET B 330 20.01 -0.69 48.53
C MET B 330 19.64 0.69 49.12
N ALA B 331 18.49 1.23 48.73
CA ALA B 331 18.10 2.57 49.20
C ALA B 331 17.86 2.51 50.71
N ALA B 332 17.51 1.31 51.19
CA ALA B 332 17.14 1.14 52.59
C ALA B 332 18.22 0.45 53.43
N TYR B 333 19.44 0.35 52.89
CA TYR B 333 20.54 -0.37 53.54
C TYR B 333 20.09 -1.71 54.13
N SER B 334 19.44 -2.56 53.33
CA SER B 334 18.82 -3.74 53.90
C SER B 334 19.29 -5.01 53.19
N ASP B 335 18.40 -5.99 53.04
CA ASP B 335 18.78 -7.23 52.36
C ASP B 335 17.84 -7.56 51.19
N LEU B 336 18.12 -8.66 50.49
CA LEU B 336 17.35 -9.01 49.30
C LEU B 336 15.94 -9.45 49.68
N ASP B 337 15.81 -10.12 50.81
CA ASP B 337 14.49 -10.50 51.28
C ASP B 337 13.55 -9.28 51.47
N PHE B 338 14.07 -8.17 52.01
CA PHE B 338 13.30 -6.94 52.15
C PHE B 338 12.95 -6.33 50.78
N GLY B 339 13.94 -6.26 49.90
CA GLY B 339 13.73 -5.85 48.51
C GLY B 339 12.56 -6.51 47.79
N LEU B 340 12.50 -7.84 47.84
CA LEU B 340 11.45 -8.56 47.13
C LEU B 340 10.06 -8.39 47.73
N ARG B 341 9.99 -8.23 49.05
CA ARG B 341 8.74 -7.98 49.73
C ARG B 341 8.18 -6.58 49.43
N ILE B 342 8.99 -5.53 49.59
CA ILE B 342 8.45 -4.19 49.36
C ILE B 342 8.21 -4.00 47.85
N ALA B 343 9.02 -4.62 47.01
CA ALA B 343 8.79 -4.49 45.59
C ALA B 343 7.42 -5.05 45.17
N GLN B 344 6.93 -6.06 45.90
CA GLN B 344 5.59 -6.57 45.62
C GLN B 344 4.56 -5.46 45.81
N LYS B 345 4.56 -4.85 46.99
CA LYS B 345 3.70 -3.72 47.31
C LYS B 345 3.77 -2.58 46.29
N ALA B 346 4.99 -2.17 45.94
CA ALA B 346 5.23 -1.05 45.03
C ALA B 346 4.81 -1.36 43.61
N THR B 347 4.94 -2.62 43.21
CA THR B 347 4.52 -3.04 41.88
C THR B 347 3.00 -2.99 41.74
N GLU B 348 2.29 -3.41 42.78
CA GLU B 348 0.83 -3.33 42.76
C GLU B 348 0.34 -1.88 42.80
N TYR B 349 1.01 -1.02 43.58
CA TYR B 349 0.70 0.42 43.60
C TYR B 349 1.01 1.10 42.27
N GLY B 350 1.97 0.53 41.56
CA GLY B 350 2.36 1.01 40.25
C GLY B 350 3.26 2.22 40.44
N LEU B 351 4.44 1.97 41.00
CA LEU B 351 5.48 2.99 41.16
C LEU B 351 6.78 2.63 40.46
N ASP B 352 7.41 3.64 39.86
CA ASP B 352 8.77 3.50 39.33
C ASP B 352 9.77 3.01 40.39
N GLY B 353 10.32 1.80 40.23
CA GLY B 353 11.31 1.28 41.17
C GLY B 353 12.70 1.91 41.11
N PHE B 354 12.95 2.79 40.14
CA PHE B 354 14.17 3.62 40.21
C PHE B 354 13.95 4.87 41.08
N SER B 355 12.97 5.73 40.75
CA SER B 355 12.84 6.98 41.53
C SER B 355 12.28 6.74 42.92
N ALA B 356 11.35 5.81 43.10
CA ALA B 356 10.65 5.70 44.40
C ALA B 356 11.59 5.39 45.57
N PRO B 357 12.48 4.37 45.42
CA PRO B 357 13.42 4.13 46.52
C PRO B 357 14.30 5.34 46.84
N GLN B 358 14.72 6.07 45.81
CA GLN B 358 15.54 7.26 46.12
C GLN B 358 14.72 8.36 46.77
N VAL B 359 13.44 8.51 46.42
CA VAL B 359 12.63 9.56 47.07
C VAL B 359 12.50 9.23 48.58
N MET B 360 12.26 7.96 48.93
CA MET B 360 12.16 7.58 50.34
C MET B 360 13.49 7.71 51.10
N ALA B 361 14.61 7.35 50.47
CA ALA B 361 15.92 7.53 51.11
C ALA B 361 16.25 9.01 51.27
N PHE B 362 15.87 9.82 50.27
CA PHE B 362 16.00 11.27 50.33
C PHE B 362 15.23 11.80 51.56
N ALA B 363 14.01 11.33 51.74
CA ALA B 363 13.17 11.69 52.87
C ALA B 363 13.87 11.49 54.21
N PHE B 364 14.42 10.29 54.42
CA PHE B 364 15.01 9.96 55.71
C PHE B 364 16.33 10.67 55.96
N GLU B 365 16.97 11.17 54.91
CA GLU B 365 18.16 12.01 55.10
C GLU B 365 17.77 13.39 55.59
N LEU B 366 16.57 13.85 55.19
CA LEU B 366 15.99 15.09 55.69
C LEU B 366 15.59 14.94 57.16
N LEU B 367 14.85 13.88 57.47
CA LEU B 367 14.47 13.57 58.84
C LEU B 367 15.71 13.46 59.70
N GLU B 368 16.73 12.81 59.14
CA GLU B 368 18.02 12.65 59.78
C GLU B 368 18.64 14.02 60.09
N LYS B 369 18.82 14.83 59.06
CA LYS B 369 19.46 16.13 59.20
C LYS B 369 18.64 17.12 60.04
N GLY B 370 17.38 16.76 60.28
CA GLY B 370 16.48 17.63 61.03
C GLY B 370 15.75 18.63 60.16
N ILE B 371 16.05 18.65 58.88
CA ILE B 371 15.36 19.54 57.94
C ILE B 371 13.87 19.22 57.89
N LEU B 372 13.55 17.97 58.17
CA LEU B 372 12.17 17.55 58.37
C LEU B 372 12.06 17.12 59.82
N LYS B 373 10.90 17.35 60.42
CA LYS B 373 10.73 17.00 61.82
C LYS B 373 10.00 15.66 61.97
N ASP B 374 10.13 15.02 63.14
CA ASP B 374 9.44 13.77 63.42
C ASP B 374 7.94 13.97 63.39
N SER B 375 7.50 15.20 63.62
CA SER B 375 6.09 15.54 63.60
C SER B 375 5.50 15.53 62.17
N ASP B 376 6.38 15.55 61.17
CA ASP B 376 5.96 15.42 59.78
C ASP B 376 5.73 13.94 59.44
N PHE B 377 6.16 13.06 60.34
CA PHE B 377 5.98 11.62 60.15
C PHE B 377 5.17 10.99 61.29
N PRO B 378 3.86 11.29 61.34
CA PRO B 378 2.94 10.77 62.37
C PRO B 378 2.92 9.24 62.50
N GLY B 379 3.40 8.71 63.62
CA GLY B 379 3.30 7.29 63.89
C GLY B 379 4.46 6.52 63.29
N LEU B 380 5.49 7.26 62.91
CA LEU B 380 6.66 6.67 62.27
C LEU B 380 7.32 5.59 63.13
N PRO B 381 7.20 4.31 62.69
CA PRO B 381 7.74 3.16 63.42
C PRO B 381 9.24 3.28 63.71
N GLU B 382 9.75 2.45 64.63
CA GLU B 382 11.14 2.48 65.00
C GLU B 382 12.02 1.81 63.96
N GLY B 383 11.65 0.59 63.61
CA GLY B 383 12.40 -0.21 62.66
C GLY B 383 12.60 0.48 61.33
N ASN B 384 13.78 0.34 60.77
CA ASN B 384 14.10 0.88 59.46
C ASN B 384 13.27 0.31 58.30
N GLU B 385 13.12 -1.01 58.26
CA GLU B 385 12.32 -1.65 57.22
C GLU B 385 10.89 -1.13 57.29
N GLU B 386 10.34 -1.14 58.50
CA GLU B 386 8.96 -0.79 58.73
C GLU B 386 8.73 0.68 58.36
N ARG B 387 9.80 1.47 58.40
CA ARG B 387 9.72 2.89 58.03
C ARG B 387 9.56 3.07 56.53
N PHE B 388 10.21 2.19 55.76
CA PHE B 388 10.07 2.27 54.32
C PHE B 388 8.65 1.90 53.92
N PHE B 389 8.10 0.89 54.60
CA PHE B 389 6.76 0.42 54.28
C PHE B 389 5.75 1.51 54.62
N TYR B 390 5.95 2.12 55.79
CA TYR B 390 5.14 3.24 56.26
C TYR B 390 5.11 4.38 55.24
N LEU B 391 6.29 4.81 54.84
CA LEU B 391 6.43 5.95 53.93
C LEU B 391 5.91 5.62 52.52
N LEU B 392 6.01 4.36 52.10
CA LEU B 392 5.45 3.94 50.83
C LEU B 392 3.95 4.21 50.79
N ASP B 393 3.27 3.89 51.88
CA ASP B 393 1.82 4.03 51.96
C ASP B 393 1.40 5.51 52.03
N LYS B 394 2.25 6.36 52.60
CA LYS B 394 1.91 7.76 52.74
C LYS B 394 2.03 8.43 51.39
N ILE B 395 2.99 7.95 50.60
CA ILE B 395 3.26 8.51 49.28
C ILE B 395 2.17 8.19 48.26
N VAL B 396 1.72 6.93 48.22
CA VAL B 396 0.77 6.51 47.19
C VAL B 396 -0.60 7.09 47.51
N ASN B 397 -0.82 7.50 48.76
CA ASN B 397 -2.05 8.21 49.11
C ASN B 397 -1.96 9.74 49.11
N ARG B 398 -0.79 10.29 48.77
CA ARG B 398 -0.49 11.73 48.90
C ARG B 398 -0.97 12.24 50.24
N ASP B 399 -0.61 11.50 51.28
CA ASP B 399 -1.07 11.81 52.61
C ASP B 399 -0.03 12.56 53.42
N GLY B 400 -0.37 13.80 53.79
CA GLY B 400 0.50 14.66 54.56
C GLY B 400 1.81 14.85 53.84
N ILE B 401 2.90 14.51 54.53
CA ILE B 401 4.25 14.53 53.97
C ILE B 401 4.36 13.71 52.66
N GLY B 402 3.66 12.58 52.59
CA GLY B 402 3.59 11.81 51.36
C GLY B 402 3.15 12.65 50.16
N ASP B 403 2.36 13.68 50.42
CA ASP B 403 1.80 14.48 49.34
C ASP B 403 2.91 15.28 48.67
N ILE B 404 3.89 15.71 49.46
CA ILE B 404 5.03 16.43 48.92
C ILE B 404 6.03 15.47 48.27
N LEU B 405 6.32 14.37 48.95
CA LEU B 405 7.27 13.38 48.44
C LEU B 405 6.80 12.74 47.13
N ALA B 406 5.48 12.62 46.96
CA ALA B 406 4.87 12.10 45.73
C ALA B 406 5.23 12.90 44.48
N ASN B 407 5.78 14.10 44.66
CA ASN B 407 6.18 14.92 43.51
C ASN B 407 7.63 14.66 43.04
N GLY B 408 8.36 13.77 43.73
CA GLY B 408 9.77 13.48 43.42
C GLY B 408 10.77 14.35 44.18
N THR B 409 12.06 14.00 44.14
CA THR B 409 13.03 14.69 44.98
C THR B 409 13.17 16.17 44.56
N TYR B 410 13.13 16.44 43.25
CA TYR B 410 13.34 17.83 42.80
C TYR B 410 12.26 18.78 43.35
N TRP B 411 11.00 18.45 43.10
CA TRP B 411 9.89 19.30 43.53
C TRP B 411 9.69 19.30 45.04
N ALA B 412 9.88 18.14 45.67
CA ALA B 412 9.75 17.99 47.10
C ALA B 412 10.75 18.86 47.86
N ALA B 413 12.00 18.88 47.39
CA ALA B 413 13.01 19.68 48.05
C ALA B 413 12.70 21.16 47.84
N GLN B 414 12.35 21.49 46.61
CA GLN B 414 12.02 22.86 46.27
C GLN B 414 10.89 23.36 47.16
N GLU B 415 9.87 22.52 47.37
CA GLU B 415 8.78 22.88 48.26
C GLU B 415 9.24 22.99 49.71
N ILE B 416 9.98 22.00 50.17
CA ILE B 416 10.43 21.92 51.56
C ILE B 416 11.38 23.06 51.96
N GLY B 417 12.24 23.46 51.03
CA GLY B 417 13.31 24.42 51.31
C GLY B 417 14.20 24.04 52.49
N ASN B 418 14.77 25.06 53.14
CA ASN B 418 15.66 24.86 54.28
C ASN B 418 16.87 24.00 53.96
N GLY B 419 17.52 24.27 52.83
CA GLY B 419 18.61 23.42 52.39
C GLY B 419 18.23 21.99 52.00
N ALA B 420 16.94 21.70 51.78
CA ALA B 420 16.55 20.37 51.32
C ALA B 420 17.08 20.10 49.92
N GLU B 421 17.22 21.17 49.13
CA GLU B 421 17.71 21.07 47.76
C GLU B 421 19.10 20.43 47.68
N ASP B 422 19.92 20.64 48.72
CA ASP B 422 21.26 20.05 48.75
C ASP B 422 21.19 18.51 48.70
N TYR B 423 20.10 17.95 49.17
CA TYR B 423 19.98 16.50 49.29
C TYR B 423 19.30 15.85 48.08
N ALA B 424 18.75 16.68 47.20
CA ALA B 424 18.28 16.22 45.91
C ALA B 424 19.45 16.28 44.92
N HIS B 425 20.50 15.53 45.25
CA HIS B 425 21.79 15.61 44.57
C HIS B 425 21.99 14.63 43.39
N ASN B 426 20.94 13.95 42.95
CA ASN B 426 21.13 12.93 41.93
C ASN B 426 20.14 13.07 40.77
N ASN B 427 19.76 14.29 40.41
CA ASN B 427 18.79 14.49 39.33
C ASN B 427 19.43 15.01 38.06
N ILE B 428 18.90 14.67 36.90
CA ILE B 428 19.16 15.43 35.67
C ILE B 428 17.81 15.80 35.12
N LYS B 429 17.63 17.07 34.75
CA LYS B 429 16.35 17.53 34.21
C LYS B 429 15.21 17.13 35.15
N LYS B 430 15.46 17.24 36.46
CA LYS B 430 14.45 16.96 37.49
C LYS B 430 14.18 15.45 37.67
N HIS B 431 14.94 14.60 37.00
CA HIS B 431 14.70 13.13 36.95
C HIS B 431 15.85 12.36 37.63
N GLU B 432 15.49 11.51 38.59
CA GLU B 432 16.47 10.70 39.32
C GLU B 432 17.30 9.79 38.42
N GLN B 433 18.61 9.79 38.65
CA GLN B 433 19.51 8.93 37.91
C GLN B 433 19.82 7.63 38.65
N LEU B 434 20.49 6.69 37.97
CA LEU B 434 21.11 5.57 38.70
C LEU B 434 22.01 6.03 39.87
N PRO B 435 21.99 5.26 40.96
CA PRO B 435 22.79 5.57 42.14
C PRO B 435 24.26 5.19 41.92
N LEU B 436 24.95 5.97 41.08
CA LEU B 436 26.34 5.75 40.68
C LEU B 436 27.14 7.03 40.86
N LYS B 437 28.16 6.99 41.72
CA LYS B 437 29.06 8.13 41.99
C LYS B 437 30.51 7.68 41.87
N LEU B 438 31.07 7.87 40.68
CA LEU B 438 32.35 7.28 40.32
C LEU B 438 33.50 8.27 40.46
N SER B 439 34.74 7.80 40.30
CA SER B 439 35.91 8.61 40.60
C SER B 439 36.35 9.43 39.39
N MET B 440 36.57 8.78 38.26
CA MET B 440 37.14 9.47 37.10
C MET B 440 36.08 9.81 36.04
N LEU B 441 36.04 11.07 35.61
CA LEU B 441 35.20 11.47 34.47
C LEU B 441 35.29 10.49 33.32
N ASN B 442 34.13 9.99 32.87
CA ASN B 442 34.06 9.10 31.72
C ASN B 442 33.44 9.95 30.61
N PRO B 443 34.19 10.22 29.54
CA PRO B 443 33.75 11.17 28.49
C PRO B 443 32.56 10.69 27.61
N ILE B 444 32.48 9.38 27.36
CA ILE B 444 31.33 8.74 26.71
C ILE B 444 30.09 8.86 27.58
N TYR B 445 30.20 8.48 28.84
CA TYR B 445 29.07 8.58 29.76
C TYR B 445 28.61 10.02 30.01
N TYR B 446 29.57 10.94 30.12
CA TYR B 446 29.25 12.35 30.28
C TYR B 446 28.28 12.82 29.20
N LEU B 447 28.60 12.52 27.94
CA LEU B 447 27.72 12.91 26.85
C LEU B 447 26.30 12.27 26.94
N MET B 448 26.25 10.99 27.33
CA MET B 448 24.97 10.30 27.41
C MET B 448 24.10 10.84 28.54
N TYR B 449 24.71 11.05 29.71
CA TYR B 449 23.98 11.71 30.78
C TYR B 449 23.45 13.11 30.35
N CYS B 450 24.27 13.92 29.70
CA CYS B 450 23.83 15.29 29.39
C CYS B 450 22.65 15.37 28.40
N THR B 451 22.64 14.50 27.39
CA THR B 451 21.80 14.74 26.22
C THR B 451 20.67 13.69 26.03
N GLY B 452 20.66 12.62 26.82
CA GLY B 452 19.73 11.52 26.59
C GLY B 452 18.27 11.92 26.82
N GLU B 453 17.42 11.86 25.80
CA GLU B 453 16.03 12.28 25.97
C GLU B 453 15.21 11.34 26.92
N LYS B 454 15.62 10.07 27.12
CA LYS B 454 14.94 9.22 28.15
C LYS B 454 15.42 9.61 29.55
N ILE B 455 16.55 10.33 29.61
CA ILE B 455 17.17 10.79 30.86
C ILE B 455 17.47 9.61 31.79
N ASN B 456 17.78 8.48 31.17
CA ASN B 456 18.15 7.27 31.89
C ASN B 456 19.33 6.60 31.19
N ILE B 457 20.44 6.51 31.90
CA ILE B 457 21.65 5.91 31.35
C ILE B 457 21.53 4.44 30.88
N THR B 458 20.65 3.64 31.50
CA THR B 458 20.58 2.25 31.08
C THR B 458 19.79 2.14 29.78
N GLN B 459 19.24 3.26 29.33
CA GLN B 459 18.46 3.24 28.11
C GLN B 459 19.07 4.09 26.97
N ILE B 460 20.37 4.31 27.03
CA ILE B 460 21.09 4.91 25.90
C ILE B 460 22.42 4.15 25.64
N GLU B 461 22.97 3.49 26.66
CA GLU B 461 24.20 2.71 26.47
C GLU B 461 24.01 1.34 25.76
N GLY B 462 25.13 0.67 25.52
CA GLY B 462 25.12 -0.73 25.22
C GLY B 462 26.01 -1.22 24.10
N GLN B 463 25.91 -0.66 22.91
CA GLN B 463 26.64 -1.27 21.79
C GLN B 463 28.21 -1.21 21.88
N PHE B 464 28.77 -0.23 22.59
CA PHE B 464 30.22 -0.16 22.76
C PHE B 464 30.59 -0.58 24.18
N PRO B 465 31.62 -1.42 24.33
CA PRO B 465 31.96 -1.94 25.67
C PRO B 465 32.12 -0.85 26.75
N GLN B 466 31.63 -1.16 27.95
CA GLN B 466 31.73 -0.21 29.09
C GLN B 466 33.17 0.08 29.59
N ALA B 467 34.11 -0.80 29.27
CA ALA B 467 35.50 -0.70 29.72
C ALA B 467 36.37 -1.47 28.73
N PRO B 468 37.65 -1.09 28.67
CA PRO B 468 38.65 -1.70 27.79
C PRO B 468 39.21 -2.99 28.39
N TYR B 469 39.64 -3.92 27.54
CA TYR B 469 40.43 -5.09 28.00
C TYR B 469 41.86 -4.65 28.32
N PRO B 470 42.48 -5.25 29.36
CA PRO B 470 43.90 -4.96 29.63
C PRO B 470 44.81 -5.41 28.49
N LYS B 471 44.57 -6.59 27.92
CA LYS B 471 45.56 -7.15 26.99
C LYS B 471 45.14 -6.95 25.54
N LEU B 472 46.07 -6.53 24.69
CA LEU B 472 45.78 -6.38 23.26
C LEU B 472 45.10 -7.62 22.65
N GLU B 473 45.55 -8.82 23.02
CA GLU B 473 45.04 -10.03 22.40
C GLU B 473 43.55 -10.26 22.72
N GLN B 474 43.11 -9.83 23.90
CA GLN B 474 41.67 -9.89 24.17
C GLN B 474 40.93 -8.91 23.26
N ARG B 475 41.53 -7.76 22.96
CA ARG B 475 40.85 -6.76 22.11
C ARG B 475 40.74 -7.24 20.68
N GLU B 476 41.79 -7.92 20.24
CA GLU B 476 41.83 -8.47 18.89
C GLU B 476 40.79 -9.58 18.73
N ALA B 477 40.62 -10.37 19.78
CA ALA B 477 39.65 -11.47 19.71
C ALA B 477 38.24 -10.91 19.63
N PHE B 478 38.00 -9.82 20.38
CA PHE B 478 36.67 -9.23 20.44
C PHE B 478 36.25 -8.62 19.10
N VAL B 479 37.13 -7.84 18.44
CA VAL B 479 36.73 -7.10 17.24
C VAL B 479 36.67 -8.01 16.02
N GLU B 480 37.28 -9.19 16.17
CA GLU B 480 37.32 -10.20 15.12
C GLU B 480 35.94 -10.44 14.46
N ASP B 481 34.95 -10.89 15.21
CA ASP B 481 33.63 -11.16 14.64
C ASP B 481 32.59 -10.06 14.97
N TRP B 482 33.05 -8.83 15.14
CA TRP B 482 32.16 -7.73 15.55
C TRP B 482 31.44 -7.08 14.34
N ILE B 483 30.54 -7.86 13.76
CA ILE B 483 29.82 -7.51 12.55
C ILE B 483 28.84 -6.35 12.71
N GLN B 484 28.48 -6.01 13.95
CA GLN B 484 27.46 -5.01 14.20
C GLN B 484 27.95 -3.58 14.10
N VAL B 485 29.27 -3.34 14.03
CA VAL B 485 29.71 -1.96 13.92
C VAL B 485 29.26 -1.33 12.58
N PRO B 486 28.84 -0.06 12.60
CA PRO B 486 28.54 0.66 11.35
C PRO B 486 29.77 0.88 10.48
N ASP B 487 30.93 0.96 11.11
CA ASP B 487 32.16 1.34 10.45
C ASP B 487 33.36 0.66 11.12
N GLU B 488 34.37 0.31 10.34
CA GLU B 488 35.60 -0.26 10.90
C GLU B 488 36.25 0.56 12.03
N LYS B 489 35.99 1.86 12.08
CA LYS B 489 36.74 2.74 12.99
C LYS B 489 36.43 2.42 14.45
N PHE B 490 35.25 1.85 14.66
CA PHE B 490 34.83 1.44 15.99
C PHE B 490 35.69 0.27 16.50
N LYS B 491 36.13 -0.63 15.61
CA LYS B 491 37.07 -1.69 15.98
C LYS B 491 38.41 -1.09 16.42
N LYS B 492 38.89 -0.14 15.62
CA LYS B 492 40.19 0.48 15.87
C LYS B 492 40.19 1.27 17.17
N ILE B 493 39.08 1.97 17.44
CA ILE B 493 38.97 2.66 18.71
C ILE B 493 39.14 1.67 19.89
N PHE B 494 38.37 0.58 19.87
CA PHE B 494 38.45 -0.40 20.96
C PHE B 494 39.82 -1.11 21.09
N LEU B 495 40.51 -1.30 19.96
CA LEU B 495 41.84 -1.89 19.97
C LEU B 495 42.90 -1.01 20.68
N GLU B 496 42.80 0.31 20.54
CA GLU B 496 43.75 1.23 21.18
C GLU B 496 43.42 1.60 22.62
N TRP B 497 42.16 1.43 22.99
CA TRP B 497 41.65 1.80 24.31
C TRP B 497 42.22 0.88 25.39
N GLU B 498 42.79 1.50 26.43
CA GLU B 498 43.40 0.75 27.53
C GLU B 498 42.90 1.24 28.88
N PRO B 499 42.89 0.35 29.89
CA PRO B 499 42.49 0.70 31.26
C PRO B 499 43.37 1.76 31.89
N ARG B 500 44.68 1.68 31.65
CA ARG B 500 45.66 2.63 32.20
C ARG B 500 46.69 3.07 31.17
N GLY B 501 47.13 4.31 31.32
CA GLY B 501 48.21 4.87 30.51
C GLY B 501 47.71 5.94 29.56
N GLU B 502 48.54 6.29 28.57
CA GLU B 502 48.24 7.39 27.65
C GLU B 502 47.02 7.15 26.77
N LYS B 503 46.54 5.91 26.68
CA LYS B 503 45.30 5.62 25.95
C LYS B 503 44.14 5.31 26.87
N SER B 504 44.17 5.89 28.07
CA SER B 504 43.09 5.66 29.01
C SER B 504 42.16 6.90 29.17
N MET B 505 40.95 6.73 29.70
CA MET B 505 40.11 7.91 30.00
C MET B 505 40.74 8.80 31.10
N PRO B 506 40.40 10.10 31.13
CA PRO B 506 39.34 10.73 30.35
C PRO B 506 39.83 11.24 28.99
N ASN B 507 41.15 11.13 28.76
CA ASN B 507 41.76 11.69 27.57
C ASN B 507 41.63 10.84 26.29
N PHE B 508 41.46 9.54 26.44
CA PHE B 508 41.21 8.67 25.29
C PHE B 508 40.02 7.77 25.65
N PRO B 509 39.20 7.38 24.66
CA PRO B 509 39.05 7.83 23.26
C PRO B 509 38.99 9.35 23.16
N THR B 510 39.39 9.89 22.01
CA THR B 510 39.36 11.32 21.74
C THR B 510 37.93 11.86 21.70
N VAL B 511 37.81 13.19 21.69
CA VAL B 511 36.51 13.82 21.63
C VAL B 511 35.74 13.38 20.40
N ASP B 512 36.37 13.38 19.24
CA ASP B 512 35.65 12.86 18.07
C ASP B 512 35.24 11.38 18.17
N MET B 513 36.07 10.54 18.81
CA MET B 513 35.69 9.13 18.93
C MET B 513 34.50 8.97 19.87
N CYS B 514 34.53 9.71 20.97
CA CYS B 514 33.43 9.67 21.93
C CYS B 514 32.09 10.11 21.31
N CYS B 515 32.05 11.23 20.59
CA CYS B 515 30.82 11.64 19.88
C CYS B 515 30.26 10.55 18.93
N ASP B 516 31.14 9.92 18.15
CA ASP B 516 30.73 8.82 17.23
C ASP B 516 30.12 7.62 17.98
N ILE B 517 30.75 7.28 19.12
CA ILE B 517 30.30 6.11 19.91
C ILE B 517 28.91 6.39 20.47
N VAL B 518 28.71 7.62 20.96
CA VAL B 518 27.46 7.96 21.64
C VAL B 518 26.38 8.03 20.61
N ASP B 519 26.68 8.71 19.51
CA ASP B 519 25.74 8.70 18.39
C ASP B 519 25.29 7.28 17.94
N TRP B 520 26.22 6.34 17.77
CA TRP B 520 25.87 4.97 17.36
C TRP B 520 25.02 4.26 18.43
N GLN B 521 25.43 4.35 19.70
CA GLN B 521 24.71 3.70 20.79
C GLN B 521 23.28 4.18 20.90
N GLU B 522 23.11 5.51 20.85
CA GLU B 522 21.81 6.14 20.90
C GLU B 522 20.97 5.76 19.71
N MET B 523 21.56 5.85 18.52
CA MET B 523 20.80 5.52 17.31
C MET B 523 20.12 4.16 17.41
N MET B 524 20.85 3.16 17.92
CA MET B 524 20.28 1.82 18.00
C MET B 524 19.08 1.80 18.94
N HIS B 525 19.13 2.55 20.04
CA HIS B 525 17.97 2.67 20.92
C HIS B 525 16.77 3.28 20.21
N TYR B 526 16.99 4.35 19.44
CA TYR B 526 15.87 4.98 18.72
C TYR B 526 15.28 4.01 17.68
N ILE B 527 16.11 3.18 17.08
CA ILE B 527 15.59 2.27 16.09
C ILE B 527 14.70 1.21 16.79
N ASP B 528 15.19 0.68 17.91
CA ASP B 528 14.40 -0.28 18.69
C ASP B 528 13.03 0.26 19.09
N ASP B 529 13.04 1.49 19.60
CA ASP B 529 11.86 2.17 20.12
C ASP B 529 10.89 2.59 19.02
N ALA B 530 11.34 2.60 17.75
CA ALA B 530 10.38 2.81 16.68
C ALA B 530 9.79 1.48 16.20
N LEU B 531 10.62 0.44 16.15
CA LEU B 531 10.19 -0.88 15.65
C LEU B 531 9.43 -1.71 16.68
N GLY B 532 9.61 -1.41 17.96
CA GLY B 532 9.05 -2.28 18.98
C GLY B 532 9.98 -3.39 19.41
N GLN B 533 11.22 -3.35 18.96
CA GLN B 533 12.16 -4.46 19.22
C GLN B 533 12.67 -4.40 20.63
N CYS B 534 12.66 -5.51 21.38
CA CYS B 534 13.30 -5.46 22.71
C CYS B 534 14.78 -5.11 22.57
N ALA B 535 15.22 -4.14 23.35
CA ALA B 535 16.62 -3.75 23.41
C ALA B 535 17.51 -4.90 23.90
N GLY B 536 16.89 -5.89 24.59
CA GLY B 536 17.55 -7.12 25.02
C GLY B 536 18.20 -7.96 23.93
N LEU B 537 17.71 -7.78 22.71
CA LEU B 537 18.27 -8.44 21.54
C LEU B 537 18.88 -7.45 20.55
N SER B 538 19.02 -6.18 20.94
CA SER B 538 19.48 -5.17 19.98
C SER B 538 20.40 -4.20 20.65
N SER B 539 19.85 -3.08 21.08
CA SER B 539 20.68 -1.96 21.45
C SER B 539 21.31 -2.13 22.84
N PHE B 540 20.84 -3.10 23.63
CA PHE B 540 21.41 -3.13 24.98
C PHE B 540 22.68 -4.02 25.15
N PRO B 541 22.66 -5.28 24.69
CA PRO B 541 23.85 -6.12 24.93
C PRO B 541 24.93 -5.96 23.87
N LEU B 542 26.16 -6.32 24.21
CA LEU B 542 27.19 -6.47 23.20
C LEU B 542 26.85 -7.52 22.12
N LYS B 543 27.16 -7.20 20.86
CA LYS B 543 27.03 -8.14 19.74
C LYS B 543 25.65 -8.79 19.66
N PRO B 544 24.62 -7.97 19.37
CA PRO B 544 23.23 -8.46 19.25
C PRO B 544 22.89 -9.10 17.90
N PRO B 545 21.83 -9.95 17.83
CA PRO B 545 21.32 -10.49 16.56
C PRO B 545 20.72 -9.41 15.62
N TYR B 546 20.12 -8.38 16.19
CA TYR B 546 19.64 -7.26 15.38
C TYR B 546 20.66 -6.13 15.40
N HIS B 547 20.96 -5.54 14.22
CA HIS B 547 21.96 -4.45 14.13
C HIS B 547 21.73 -3.60 12.85
N ILE B 548 22.58 -2.62 12.64
CA ILE B 548 22.34 -1.62 11.60
C ILE B 548 22.39 -2.23 10.19
N HIS B 549 23.05 -3.38 10.03
CA HIS B 549 23.11 -4.01 8.71
C HIS B 549 21.89 -4.86 8.34
N ASN B 550 21.23 -5.52 9.30
CA ASN B 550 20.07 -6.35 8.91
C ASN B 550 18.73 -5.66 9.26
N TYR B 551 18.73 -4.70 10.15
CA TYR B 551 17.49 -3.96 10.39
C TYR B 551 16.84 -3.38 9.12
N PRO B 552 17.63 -2.82 8.19
CA PRO B 552 16.98 -2.30 6.98
C PRO B 552 16.25 -3.40 6.21
N LYS B 553 16.80 -4.62 6.25
CA LYS B 553 16.16 -5.75 5.56
C LYS B 553 14.87 -6.17 6.21
N PHE B 554 14.82 -6.16 7.56
CA PHE B 554 13.58 -6.43 8.30
C PHE B 554 12.50 -5.39 7.94
N ILE B 555 12.90 -4.13 7.83
CA ILE B 555 11.95 -3.05 7.58
C ILE B 555 11.39 -3.16 6.18
N ALA B 556 12.25 -3.43 5.21
CA ALA B 556 11.81 -3.58 3.82
C ALA B 556 10.98 -4.85 3.64
N ALA B 557 11.42 -6.00 4.16
CA ALA B 557 10.62 -7.25 4.04
C ALA B 557 9.31 -7.18 4.83
N GLY B 558 9.35 -6.49 5.97
CA GLY B 558 8.17 -6.46 6.82
C GLY B 558 7.12 -5.47 6.35
N ALA B 559 7.55 -4.23 6.26
CA ALA B 559 6.62 -3.13 6.06
C ALA B 559 6.47 -2.77 4.60
N GLY B 560 7.31 -3.34 3.75
CA GLY B 560 7.17 -3.10 2.31
C GLY B 560 7.54 -1.69 1.88
N ILE B 561 8.39 -1.03 2.64
CA ILE B 561 8.91 0.27 2.22
C ILE B 561 10.38 0.16 1.85
N GLU B 562 10.88 1.16 1.13
CA GLU B 562 12.26 1.16 0.73
C GLU B 562 13.12 1.47 1.95
N MET B 563 14.18 0.69 2.15
CA MET B 563 15.06 0.93 3.29
C MET B 563 16.45 0.37 3.03
N ASP B 564 17.47 1.12 3.41
CA ASP B 564 18.84 0.63 3.44
C ASP B 564 19.53 1.26 4.63
N THR B 565 20.81 0.98 4.79
CA THR B 565 21.52 1.35 6.00
C THR B 565 21.55 2.89 6.14
N GLU B 566 21.78 3.60 5.03
CA GLU B 566 21.87 5.06 5.10
C GLU B 566 20.52 5.70 5.36
N LYS B 567 19.49 5.25 4.65
CA LYS B 567 18.15 5.76 4.85
C LYS B 567 17.67 5.52 6.29
N LEU B 568 18.08 4.40 6.90
CA LEU B 568 17.70 4.09 8.28
C LEU B 568 18.41 4.97 9.28
N LYS B 569 19.71 5.20 9.06
CA LYS B 569 20.46 6.11 9.92
C LYS B 569 19.77 7.47 9.86
N LYS B 570 19.37 7.89 8.65
CA LYS B 570 18.75 9.21 8.52
C LYS B 570 17.35 9.26 9.16
N ALA B 571 16.58 8.18 9.06
CA ALA B 571 15.28 8.17 9.70
C ALA B 571 15.47 8.28 11.21
N ALA B 572 16.44 7.53 11.75
CA ALA B 572 16.65 7.57 13.20
C ALA B 572 17.10 8.97 13.62
N LYS B 573 17.90 9.59 12.76
CA LYS B 573 18.36 10.95 13.10
C LYS B 573 17.15 11.90 13.05
N ARG B 574 16.26 11.66 12.09
CA ARG B 574 15.09 12.52 11.90
C ARG B 574 14.20 12.57 13.15
N TYR B 575 13.74 11.45 13.68
CA TYR B 575 12.80 11.58 14.79
C TYR B 575 13.54 11.73 16.12
N ARG B 576 14.81 11.33 16.19
CA ARG B 576 15.59 11.72 17.37
C ARG B 576 15.72 13.26 17.40
N THR B 577 15.86 13.87 16.23
CA THR B 577 15.95 15.35 16.20
C THR B 577 14.61 15.96 16.53
N LEU B 578 13.52 15.30 16.14
CA LEU B 578 12.17 15.83 16.37
C LEU B 578 11.86 15.75 17.87
N VAL B 579 12.32 14.69 18.53
CA VAL B 579 12.15 14.58 19.98
C VAL B 579 12.91 15.72 20.66
N ARG B 580 14.14 16.00 20.18
CA ARG B 580 14.91 17.13 20.70
C ARG B 580 14.13 18.45 20.53
N ALA B 581 13.61 18.68 19.32
CA ALA B 581 12.85 19.92 19.04
C ALA B 581 11.66 20.12 19.99
N PHE B 582 10.95 19.03 20.30
CA PHE B 582 9.78 19.10 21.17
C PHE B 582 10.21 19.59 22.56
N ASN B 583 11.35 19.11 23.04
CA ASN B 583 11.82 19.51 24.35
C ASN B 583 12.38 20.94 24.34
N ILE B 584 12.99 21.32 23.20
CA ILE B 584 13.45 22.70 23.02
C ILE B 584 12.23 23.63 23.11
N ARG B 585 11.14 23.23 22.46
CA ARG B 585 9.94 24.06 22.42
C ARG B 585 9.35 24.17 23.82
N ARG B 586 9.65 23.21 24.68
CA ARG B 586 9.17 23.29 26.06
C ARG B 586 10.15 23.98 27.02
N GLY B 587 11.23 24.56 26.48
CA GLY B 587 12.08 25.39 27.31
C GLY B 587 13.47 24.85 27.63
N MET B 588 13.75 23.60 27.26
CA MET B 588 15.05 23.00 27.53
C MET B 588 16.21 23.65 26.74
N ARG B 589 17.34 23.85 27.40
CA ARG B 589 18.52 24.44 26.75
C ARG B 589 19.84 23.81 27.25
N ARG B 590 20.98 24.21 26.65
CA ARG B 590 22.29 23.70 27.06
C ARG B 590 22.43 23.64 28.57
N VAL B 591 21.98 24.69 29.22
CA VAL B 591 22.07 24.79 30.68
C VAL B 591 21.49 23.59 31.41
N ASP B 592 20.45 22.96 30.86
CA ASP B 592 19.82 21.81 31.52
C ASP B 592 20.59 20.51 31.34
N GLU B 593 21.60 20.55 30.48
CA GLU B 593 22.27 19.32 30.03
C GLU B 593 23.61 19.15 30.73
N GLN B 594 23.53 18.84 32.02
CA GLN B 594 24.71 18.71 32.88
C GLN B 594 24.37 17.64 33.87
N PRO B 595 25.32 16.74 34.15
CA PRO B 595 25.07 15.68 35.14
C PRO B 595 25.04 16.27 36.55
N PRO B 596 24.67 15.45 37.53
CA PRO B 596 24.79 15.95 38.91
C PRO B 596 26.20 16.48 39.23
N ALA B 597 26.27 17.53 40.06
CA ALA B 597 27.55 18.16 40.41
C ALA B 597 28.55 17.14 40.98
N ASN B 598 28.05 16.18 41.76
CA ASN B 598 28.91 15.22 42.48
C ASN B 598 29.00 13.84 41.80
N HIS B 599 28.70 13.76 40.50
CA HIS B 599 28.66 12.46 39.82
C HIS B 599 30.03 11.79 39.63
N TRP B 600 31.08 12.60 39.52
CA TRP B 600 32.46 12.07 39.50
C TRP B 600 33.34 12.87 40.45
N LYS B 601 34.31 12.20 41.08
CA LYS B 601 35.20 12.91 41.99
C LYS B 601 36.19 13.84 41.23
N ASN B 602 36.54 13.48 40.00
CA ASN B 602 37.53 14.20 39.20
C ASN B 602 36.83 14.76 38.01
N ARG B 603 36.76 16.07 37.89
CA ARG B 603 36.10 16.72 36.76
C ARG B 603 37.08 17.55 35.89
N PHE B 604 36.74 17.73 34.62
CA PHE B 604 37.62 18.39 33.66
C PHE B 604 36.79 19.34 32.80
N PRO B 605 36.60 20.59 33.29
CA PRO B 605 35.62 21.49 32.69
C PRO B 605 35.97 21.88 31.25
N GLU B 606 37.23 22.00 30.87
CA GLU B 606 37.59 22.33 29.49
C GLU B 606 37.32 21.15 28.51
N LEU B 607 37.67 19.95 28.96
CA LEU B 607 37.37 18.74 28.20
C LEU B 607 35.85 18.55 28.11
N GLU B 608 35.14 18.73 29.22
CA GLU B 608 33.66 18.58 29.18
C GLU B 608 33.00 19.60 28.24
N LYS B 609 33.50 20.83 28.24
CA LYS B 609 32.99 21.81 27.30
C LYS B 609 33.23 21.42 25.84
N GLU B 610 34.42 20.89 25.55
CA GLU B 610 34.77 20.49 24.20
C GLU B 610 33.94 19.26 23.74
N LEU B 611 33.67 18.36 24.67
CA LEU B 611 32.85 17.20 24.33
C LEU B 611 31.44 17.62 23.88
N LEU B 612 30.76 18.40 24.72
CA LEU B 612 29.40 18.85 24.41
C LEU B 612 29.37 19.71 23.15
N ASP B 613 30.38 20.58 22.98
CA ASP B 613 30.51 21.43 21.78
C ASP B 613 30.56 20.56 20.52
N SER B 614 31.51 19.64 20.49
CA SER B 614 31.67 18.69 19.39
C SER B 614 30.45 17.78 19.18
N TYR B 615 29.85 17.30 20.27
CA TYR B 615 28.67 16.43 20.14
C TYR B 615 27.50 17.22 19.49
N TYR B 616 27.22 18.44 19.96
CA TYR B 616 26.19 19.29 19.33
C TYR B 616 26.46 19.44 17.84
N LYS B 617 27.72 19.74 17.50
CA LYS B 617 28.15 19.86 16.11
C LYS B 617 27.79 18.60 15.30
N LEU B 618 28.19 17.43 15.79
CA LEU B 618 27.79 16.15 15.19
C LEU B 618 26.27 16.03 14.93
N LYS B 619 25.48 16.28 15.97
CA LYS B 619 24.02 16.26 15.86
C LYS B 619 23.50 17.28 14.84
N GLY B 620 24.25 18.35 14.62
CA GLY B 620 23.78 19.43 13.77
C GLY B 620 22.93 20.45 14.52
N TRP B 621 23.19 20.56 15.83
CA TRP B 621 22.58 21.55 16.73
C TRP B 621 23.43 22.84 16.95
N ASN B 622 22.79 23.90 17.47
CA ASN B 622 23.37 25.12 18.12
C ASN B 622 24.33 24.80 19.21
N ASP B 623 25.13 25.79 19.61
CA ASP B 623 25.92 25.64 20.84
C ASP B 623 25.04 25.86 22.07
N ASP B 624 23.76 26.17 21.85
CA ASP B 624 22.77 26.09 22.92
C ASP B 624 21.98 24.77 22.89
N GLY B 625 22.37 23.85 22.01
CA GLY B 625 21.72 22.54 21.89
C GLY B 625 20.43 22.51 21.07
N ILE B 626 20.22 23.54 20.26
CA ILE B 626 19.02 23.64 19.42
C ILE B 626 19.32 23.16 18.01
N PRO B 627 18.43 22.34 17.43
CA PRO B 627 18.70 21.95 16.03
C PRO B 627 18.64 23.16 15.05
N THR B 628 19.63 23.30 14.18
CA THR B 628 19.72 24.46 13.28
C THR B 628 18.75 24.36 12.12
N LYS B 629 18.46 25.52 11.54
CA LYS B 629 17.53 25.60 10.42
C LYS B 629 18.07 24.73 9.26
N GLU B 630 19.38 24.73 9.08
CA GLU B 630 20.01 23.93 8.02
C GLU B 630 19.78 22.41 8.20
N THR B 631 20.03 21.92 9.41
CA THR B 631 19.93 20.50 9.64
C THR B 631 18.45 20.08 9.65
N LEU B 632 17.57 20.96 10.15
CA LEU B 632 16.13 20.67 10.13
C LEU B 632 15.62 20.51 8.69
N ASP B 633 15.97 21.45 7.83
CA ASP B 633 15.62 21.35 6.41
C ASP B 633 16.13 20.07 5.76
N ASP B 634 17.40 19.77 5.93
CA ASP B 634 17.95 18.53 5.39
C ASP B 634 17.20 17.25 5.84
N LEU B 635 16.56 17.31 7.01
CA LEU B 635 15.89 16.12 7.53
C LEU B 635 14.42 16.05 7.14
N GLY B 636 13.98 17.01 6.34
CA GLY B 636 12.57 17.14 6.02
C GLY B 636 11.77 17.67 7.20
N LEU B 637 12.44 18.37 8.10
CA LEU B 637 11.79 18.97 9.26
C LEU B 637 11.73 20.50 9.12
N GLY B 638 11.52 20.97 7.90
CA GLY B 638 11.38 22.40 7.64
C GLY B 638 10.30 23.07 8.47
N TYR B 639 9.18 22.39 8.69
CA TYR B 639 8.08 22.96 9.48
C TYR B 639 8.49 23.25 10.93
N VAL B 640 9.45 22.47 11.42
CA VAL B 640 10.00 22.69 12.74
C VAL B 640 10.86 23.97 12.72
N GLY B 641 11.71 24.10 11.71
CA GLY B 641 12.57 25.26 11.58
C GLY B 641 11.73 26.51 11.42
N ASP B 642 10.71 26.44 10.59
CA ASP B 642 9.77 27.57 10.45
C ASP B 642 9.16 27.98 11.79
N GLU B 643 8.75 27.01 12.61
CA GLU B 643 8.08 27.34 13.86
C GLU B 643 9.11 27.87 14.86
N PHE B 644 10.33 27.34 14.84
CA PHE B 644 11.36 27.82 15.75
C PHE B 644 11.60 29.29 15.51
N ILE B 645 11.72 29.65 14.23
CA ILE B 645 11.95 31.04 13.84
C ILE B 645 10.80 31.94 14.32
N LYS B 646 9.58 31.49 14.07
CA LYS B 646 8.37 32.24 14.39
C LYS B 646 8.24 32.46 15.89
N ARG B 647 8.79 31.54 16.67
CA ARG B 647 8.73 31.58 18.13
C ARG B 647 9.95 32.26 18.76
N GLY B 648 10.87 32.73 17.93
CA GLY B 648 12.11 33.31 18.42
C GLY B 648 13.16 32.35 18.99
N ILE B 649 12.94 31.03 18.83
CA ILE B 649 13.90 30.01 19.26
C ILE B 649 15.12 30.01 18.36
N LEU B 650 14.91 30.11 17.05
CA LEU B 650 16.02 30.33 16.13
C LEU B 650 15.96 31.78 15.61
N SER B 651 17.12 32.37 15.32
CA SER B 651 17.15 33.69 14.67
C SER B 651 17.35 33.54 13.18
N ALA B 652 16.38 34.02 12.40
CA ALA B 652 16.45 33.94 10.95
C ALA B 652 17.80 34.46 10.43
N GLY B 653 18.61 33.55 9.90
CA GLY B 653 19.94 33.90 9.42
C GLY B 653 20.82 34.51 10.49
N MET C 1 0.83 0.03 -1.49
CA MET C 1 0.53 1.41 -1.84
C MET C 1 -0.94 1.53 -2.28
N ARG C 2 -1.44 2.76 -2.28
CA ARG C 2 -2.67 3.11 -2.96
C ARG C 2 -2.35 3.23 -4.49
N TYR C 3 -3.32 2.88 -5.34
CA TYR C 3 -3.21 2.99 -6.81
C TYR C 3 -4.37 3.77 -7.37
N ALA C 4 -4.12 4.55 -8.43
CA ALA C 4 -5.16 5.20 -9.21
C ALA C 4 -5.67 6.43 -8.44
N GLU C 5 -6.14 6.20 -7.21
CA GLU C 5 -6.28 7.29 -6.27
C GLU C 5 -4.90 7.69 -5.73
N THR C 6 -4.80 8.93 -5.24
CA THR C 6 -3.58 9.43 -4.61
C THR C 6 -3.56 9.04 -3.12
N GLY C 7 -4.73 8.87 -2.54
CA GLY C 7 -4.83 8.53 -1.12
C GLY C 7 -4.78 9.74 -0.18
N TYR C 8 -4.84 10.96 -0.73
CA TYR C 8 -4.94 12.20 0.06
C TYR C 8 -6.04 13.15 -0.33
N VAL C 9 -6.52 13.90 0.69
CA VAL C 9 -7.34 15.08 0.47
C VAL C 9 -6.77 16.34 1.12
N LEU C 10 -7.19 17.51 0.62
CA LEU C 10 -6.89 18.81 1.22
C LEU C 10 -8.11 19.24 2.01
N GLU C 11 -7.89 19.53 3.29
CA GLU C 11 -8.95 20.09 4.15
C GLU C 11 -8.68 21.54 4.29
N VAL C 12 -9.54 22.39 3.75
CA VAL C 12 -9.34 23.85 3.90
C VAL C 12 -10.43 24.58 4.73
N ASP C 13 -10.00 25.33 5.75
CA ASP C 13 -10.94 26.07 6.61
C ASP C 13 -10.72 27.51 6.25
N LEU C 14 -11.64 28.00 5.42
CA LEU C 14 -11.61 29.36 4.85
C LEU C 14 -11.84 30.43 5.90
N THR C 15 -12.54 30.05 6.97
CA THR C 15 -12.83 30.98 8.06
C THR C 15 -11.51 31.30 8.72
N LYS C 16 -10.72 30.27 8.96
CA LYS C 16 -9.44 30.46 9.65
C LYS C 16 -8.24 30.52 8.68
N GLY C 17 -8.40 30.07 7.44
CA GLY C 17 -7.27 30.06 6.53
C GLY C 17 -6.34 28.87 6.69
N SER C 18 -6.72 27.95 7.56
CA SER C 18 -5.96 26.70 7.72
C SER C 18 -6.05 25.75 6.50
N ILE C 19 -4.92 25.11 6.17
CA ILE C 19 -4.85 24.13 5.07
C ILE C 19 -4.17 22.85 5.59
N GLU C 20 -4.83 21.71 5.44
CA GLU C 20 -4.26 20.45 5.91
C GLU C 20 -4.39 19.33 4.89
N ARG C 21 -3.31 18.64 4.59
CA ARG C 21 -3.42 17.40 3.82
C ARG C 21 -3.75 16.19 4.73
N VAL C 22 -4.82 15.45 4.44
CA VAL C 22 -5.24 14.33 5.26
C VAL C 22 -5.23 13.01 4.44
N ALA C 23 -4.61 11.97 4.97
CA ALA C 23 -4.63 10.65 4.32
C ALA C 23 -6.04 10.07 4.37
N THR C 24 -6.50 9.46 3.29
CA THR C 24 -7.81 8.83 3.33
C THR C 24 -7.75 7.37 3.81
N ASP C 25 -8.94 6.82 3.99
CA ASP C 25 -9.14 5.47 4.47
C ASP C 25 -9.50 4.53 3.33
N PRO C 26 -8.60 3.56 3.03
CA PRO C 26 -8.79 2.61 1.92
C PRO C 26 -10.10 1.78 2.02
N ARG C 27 -10.73 1.65 3.20
CA ARG C 27 -12.05 0.99 3.20
C ARG C 27 -13.15 1.82 2.53
N ASP C 28 -13.08 3.16 2.60
CA ASP C 28 -14.03 3.99 1.86
C ASP C 28 -13.94 3.79 0.35
N THR C 29 -12.75 3.46 -0.14
CA THR C 29 -12.64 3.15 -1.56
C THR C 29 -13.27 1.81 -1.95
N GLU C 30 -13.08 0.80 -1.11
CA GLU C 30 -13.79 -0.45 -1.35
C GLU C 30 -15.28 -0.29 -1.24
N LEU C 31 -15.76 0.57 -0.37
CA LEU C 31 -17.22 0.59 -0.26
C LEU C 31 -17.86 1.53 -1.29
N TYR C 32 -17.24 2.69 -1.55
CA TYR C 32 -17.92 3.79 -2.25
C TYR C 32 -17.12 4.24 -3.49
N LEU C 33 -15.99 3.58 -3.72
CA LEU C 33 -15.19 3.66 -4.97
C LEU C 33 -14.40 4.97 -5.12
N GLY C 34 -15.08 6.12 -5.21
CA GLY C 34 -14.42 7.39 -5.42
C GLY C 34 -15.41 8.42 -5.88
N GLY C 35 -14.94 9.61 -6.27
CA GLY C 35 -15.73 10.60 -6.98
C GLY C 35 -16.99 10.95 -6.20
N LEU C 36 -18.16 10.69 -6.78
CA LEU C 36 -19.44 11.01 -6.19
C LEU C 36 -19.72 10.14 -4.92
N GLY C 37 -19.28 8.88 -5.00
CA GLY C 37 -19.50 7.95 -3.90
C GLY C 37 -18.80 8.37 -2.63
N THR C 38 -17.50 8.61 -2.67
CA THR C 38 -16.88 9.10 -1.45
C THR C 38 -17.31 10.56 -1.06
N ASN C 39 -17.71 11.41 -2.04
CA ASN C 39 -18.23 12.71 -1.68
C ASN C 39 -19.42 12.56 -0.75
N ALA C 40 -20.27 11.56 -1.04
CA ALA C 40 -21.55 11.41 -0.42
C ALA C 40 -21.28 10.89 1.00
N LYS C 41 -20.23 10.08 1.13
CA LYS C 41 -19.87 9.52 2.46
C LYS C 41 -19.42 10.70 3.32
N ILE C 42 -18.73 11.66 2.68
CA ILE C 42 -18.18 12.80 3.42
C ILE C 42 -19.32 13.67 3.91
N LEU C 43 -20.24 13.99 3.01
CA LEU C 43 -21.45 14.78 3.34
C LEU C 43 -22.34 14.11 4.41
N TRP C 44 -22.50 12.78 4.32
CA TRP C 44 -23.33 12.07 5.24
C TRP C 44 -22.83 12.31 6.65
N ASP C 45 -21.54 12.10 6.92
CA ASP C 45 -21.18 12.25 8.35
C ASP C 45 -20.73 13.63 8.79
N ARG C 46 -20.63 14.58 7.87
CA ARG C 46 -20.21 15.90 8.30
C ARG C 46 -21.22 17.02 8.07
N VAL C 47 -22.33 16.74 7.40
CA VAL C 47 -23.32 17.80 7.18
C VAL C 47 -24.70 17.34 7.56
N PRO C 48 -25.02 17.48 8.86
CA PRO C 48 -26.33 17.00 9.34
C PRO C 48 -27.39 17.95 8.81
N PRO C 49 -28.68 17.59 8.94
CA PRO C 49 -29.78 18.29 8.29
C PRO C 49 -30.01 19.68 8.90
N GLU C 50 -29.50 19.94 10.11
CA GLU C 50 -29.68 21.28 10.70
C GLU C 50 -28.85 22.33 9.99
N VAL C 51 -27.87 21.90 9.19
CA VAL C 51 -27.04 22.82 8.43
C VAL C 51 -27.68 23.35 7.16
N GLU C 52 -27.57 24.66 6.99
CA GLU C 52 -28.08 25.38 5.82
C GLU C 52 -27.06 25.54 4.72
N PRO C 53 -27.53 25.61 3.47
CA PRO C 53 -26.68 25.84 2.30
C PRO C 53 -25.71 27.02 2.51
N PHE C 54 -26.17 28.09 3.15
CA PHE C 54 -25.26 29.22 3.36
C PHE C 54 -24.78 29.33 4.81
N SER C 55 -24.93 28.26 5.59
CA SER C 55 -24.27 28.12 6.86
C SER C 55 -22.75 27.95 6.60
N PRO C 56 -21.90 28.49 7.46
CA PRO C 56 -20.46 28.26 7.25
C PRO C 56 -20.08 26.77 7.27
N GLU C 57 -20.94 25.95 7.88
CA GLU C 57 -20.64 24.55 8.08
C GLU C 57 -21.01 23.70 6.87
N ASN C 58 -21.61 24.33 5.88
CA ASN C 58 -21.86 23.62 4.67
C ASN C 58 -20.48 23.31 4.06
N LEU C 59 -20.36 22.17 3.38
CA LEU C 59 -19.11 21.80 2.75
C LEU C 59 -19.17 22.01 1.27
N LEU C 60 -18.06 22.48 0.71
CA LEU C 60 -17.92 22.48 -0.78
C LEU C 60 -16.78 21.57 -1.21
N ILE C 61 -17.13 20.46 -1.87
CA ILE C 61 -16.12 19.47 -2.21
C ILE C 61 -15.89 19.44 -3.71
N PHE C 62 -14.61 19.54 -4.09
CA PHE C 62 -14.19 19.21 -5.43
C PHE C 62 -13.51 17.84 -5.45
N ALA C 63 -14.04 16.91 -6.23
CA ALA C 63 -13.39 15.59 -6.29
C ALA C 63 -13.00 15.17 -7.72
N ALA C 64 -11.75 14.73 -7.87
CA ALA C 64 -11.29 13.91 -9.02
C ALA C 64 -11.76 12.47 -8.95
N GLY C 65 -12.26 11.88 -10.05
CA GLY C 65 -12.73 10.48 -9.90
C GLY C 65 -11.56 9.52 -9.71
N LEU C 66 -11.87 8.31 -9.21
CA LEU C 66 -10.90 7.22 -9.02
C LEU C 66 -9.93 7.05 -10.15
N LEU C 67 -10.41 6.93 -11.38
CA LEU C 67 -9.45 6.77 -12.49
C LEU C 67 -8.98 8.06 -13.32
N CYS C 68 -9.19 9.31 -12.83
CA CYS C 68 -8.69 10.48 -13.48
C CYS C 68 -7.21 10.48 -13.27
N GLY C 69 -6.47 10.89 -14.29
CA GLY C 69 -5.03 10.91 -14.17
C GLY C 69 -4.40 9.62 -14.66
N THR C 70 -5.22 8.59 -14.91
CA THR C 70 -4.71 7.33 -15.50
C THR C 70 -4.89 7.40 -17.03
N PRO C 71 -4.30 6.46 -17.79
CA PRO C 71 -4.41 6.56 -19.24
C PRO C 71 -5.80 6.22 -19.84
N ALA C 72 -6.82 5.93 -19.04
CA ALA C 72 -8.17 5.68 -19.59
C ALA C 72 -8.80 6.84 -20.34
N THR C 73 -9.08 6.59 -21.60
CA THR C 73 -9.65 7.62 -22.51
C THR C 73 -10.87 8.30 -21.90
N GLY C 74 -10.87 9.64 -21.85
CA GLY C 74 -12.04 10.36 -21.44
C GLY C 74 -12.31 10.36 -19.97
N CYS C 75 -11.43 9.75 -19.17
CA CYS C 75 -11.65 9.72 -17.70
C CYS C 75 -11.00 10.95 -17.03
N ASN C 76 -11.77 12.05 -17.00
CA ASN C 76 -11.27 13.38 -16.67
C ASN C 76 -12.24 14.21 -15.78
N ARG C 77 -13.31 13.60 -15.24
CA ARG C 77 -14.36 14.44 -14.65
C ARG C 77 -14.08 14.82 -13.22
N THR C 78 -14.40 16.09 -12.89
CA THR C 78 -14.50 16.60 -11.51
C THR C 78 -15.96 16.42 -11.05
N ILE C 79 -16.15 16.00 -9.79
CA ILE C 79 -17.47 16.01 -9.16
C ILE C 79 -17.48 17.04 -7.99
N VAL C 80 -18.31 18.06 -8.12
CA VAL C 80 -18.46 19.09 -7.09
C VAL C 80 -19.68 18.71 -6.27
N SER C 81 -19.58 18.72 -4.94
CA SER C 81 -20.73 18.32 -4.12
C SER C 81 -20.92 19.28 -2.93
N THR C 82 -22.17 19.53 -2.64
CA THR C 82 -22.55 20.46 -1.59
C THR C 82 -24.08 20.32 -1.37
N VAL C 83 -24.64 21.08 -0.43
CA VAL C 83 -26.12 21.18 -0.28
C VAL C 83 -26.57 22.32 -1.16
N SER C 84 -27.64 22.09 -1.91
CA SER C 84 -28.07 23.07 -2.90
C SER C 84 -28.87 24.20 -2.27
N PRO C 85 -28.57 25.45 -2.67
CA PRO C 85 -29.36 26.53 -2.06
C PRO C 85 -30.76 26.63 -2.67
N GLN C 86 -30.93 26.02 -3.84
CA GLN C 86 -32.20 26.07 -4.54
C GLN C 86 -33.10 24.89 -4.14
N THR C 87 -32.59 23.63 -4.15
CA THR C 87 -33.37 22.45 -3.77
C THR C 87 -33.36 22.12 -2.27
N LYS C 88 -32.29 22.55 -1.58
CA LYS C 88 -32.10 22.19 -0.18
C LYS C 88 -31.77 20.68 -0.04
N LEU C 89 -31.54 20.00 -1.16
CA LEU C 89 -31.10 18.61 -1.15
C LEU C 89 -29.61 18.55 -1.47
N MET C 90 -29.09 17.36 -1.71
CA MET C 90 -27.71 17.26 -2.13
C MET C 90 -27.60 17.77 -3.59
N ALA C 91 -26.52 18.51 -3.85
CA ALA C 91 -26.19 18.87 -5.21
C ALA C 91 -24.87 18.21 -5.57
N PHE C 92 -24.87 17.43 -6.65
CA PHE C 92 -23.60 17.04 -7.18
C PHE C 92 -23.61 17.54 -8.64
N SER C 93 -22.45 17.86 -9.17
CA SER C 93 -22.34 18.51 -10.49
C SER C 93 -21.05 18.08 -11.14
N MET C 94 -21.11 17.61 -12.39
CA MET C 94 -19.92 17.16 -13.10
C MET C 94 -19.29 18.23 -14.03
N MET C 95 -17.96 18.34 -14.00
CA MET C 95 -17.21 19.20 -14.95
C MET C 95 -16.12 18.38 -15.68
N GLY C 96 -16.04 18.48 -17.02
CA GLY C 96 -15.04 17.78 -17.77
C GLY C 96 -13.74 18.51 -17.88
N GLY C 97 -13.10 18.42 -19.05
CA GLY C 97 -11.96 19.28 -19.27
C GLY C 97 -10.66 18.71 -18.77
N PHE C 98 -9.90 19.52 -18.03
CA PHE C 98 -8.55 19.16 -17.66
C PHE C 98 -8.23 19.29 -16.18
N TRP C 99 -9.21 19.74 -15.40
CA TRP C 99 -8.92 20.16 -14.01
C TRP C 99 -8.73 18.87 -13.11
N ALA C 100 -9.63 17.90 -13.22
CA ALA C 100 -9.52 16.70 -12.32
C ALA C 100 -8.20 15.94 -12.51
N PRO C 101 -7.76 15.71 -13.77
CA PRO C 101 -6.45 15.07 -13.92
C PRO C 101 -5.33 15.88 -13.33
N GLU C 102 -5.33 17.21 -13.50
CA GLU C 102 -4.26 18.03 -12.93
C GLU C 102 -4.20 17.89 -11.37
N LEU C 103 -5.35 17.88 -10.72
CA LEU C 103 -5.39 17.67 -9.24
C LEU C 103 -4.71 16.32 -8.86
N LYS C 104 -5.06 15.21 -9.54
CA LYS C 104 -4.36 13.90 -9.33
C LYS C 104 -2.83 14.04 -9.54
N TYR C 105 -2.41 14.74 -10.61
CA TYR C 105 -0.99 14.93 -10.91
C TYR C 105 -0.37 15.79 -9.85
N ALA C 106 -1.17 16.58 -9.12
CA ALA C 106 -0.64 17.42 -8.05
C ALA C 106 -0.51 16.65 -6.73
N GLY C 107 -1.15 15.47 -6.62
CA GLY C 107 -1.18 14.66 -5.41
C GLY C 107 -2.47 14.54 -4.64
N TYR C 108 -3.63 14.87 -5.22
CA TYR C 108 -4.84 14.97 -4.39
C TYR C 108 -6.04 14.33 -5.03
N ASP C 109 -6.89 13.71 -4.20
CA ASP C 109 -8.13 13.16 -4.72
C ASP C 109 -9.29 14.14 -4.57
N LYS C 110 -9.21 15.03 -3.60
CA LYS C 110 -10.31 15.93 -3.25
C LYS C 110 -9.78 17.19 -2.60
N ILE C 111 -10.53 18.29 -2.68
CA ILE C 111 -10.33 19.50 -1.84
C ILE C 111 -11.63 19.66 -1.09
N ILE C 112 -11.59 19.80 0.24
CA ILE C 112 -12.80 20.01 1.02
C ILE C 112 -12.76 21.40 1.68
N PHE C 113 -13.62 22.33 1.19
CA PHE C 113 -13.72 23.66 1.80
C PHE C 113 -14.87 23.71 2.79
N ARG C 114 -14.56 24.21 3.98
CA ARG C 114 -15.52 24.52 5.05
C ARG C 114 -15.29 25.93 5.50
N GLY C 115 -16.25 26.49 6.24
CA GLY C 115 -16.15 27.85 6.73
C GLY C 115 -16.43 28.90 5.62
N LYS C 116 -16.18 30.18 5.92
CA LYS C 116 -16.33 31.32 4.98
C LYS C 116 -15.14 32.27 5.04
N SER C 117 -14.62 32.70 3.89
CA SER C 117 -13.49 33.64 3.90
C SER C 117 -14.11 35.04 3.99
N PRO C 118 -13.59 35.86 4.89
CA PRO C 118 -14.30 37.13 5.11
C PRO C 118 -14.01 38.06 3.94
N GLU C 119 -12.88 37.80 3.26
CA GLU C 119 -12.42 38.51 2.09
C GLU C 119 -12.35 37.57 0.87
N LEU C 120 -12.44 38.13 -0.34
CA LEU C 120 -12.42 37.32 -1.57
C LEU C 120 -11.02 36.75 -1.78
N VAL C 121 -10.94 35.43 -1.88
CA VAL C 121 -9.66 34.73 -2.03
C VAL C 121 -9.68 33.74 -3.16
N TYR C 122 -8.48 33.31 -3.58
CA TYR C 122 -8.41 32.04 -4.34
C TYR C 122 -7.37 31.01 -3.81
N LEU C 123 -7.60 29.73 -4.06
CA LEU C 123 -6.69 28.64 -3.59
C LEU C 123 -5.71 28.29 -4.67
N TYR C 124 -4.43 28.39 -4.37
CA TYR C 124 -3.39 28.05 -5.33
C TYR C 124 -2.63 26.74 -4.90
N ILE C 125 -2.65 25.73 -5.76
CA ILE C 125 -1.99 24.43 -5.53
C ILE C 125 -0.90 24.15 -6.58
N ASN C 126 0.36 24.08 -6.16
CA ASN C 126 1.37 23.55 -7.06
C ASN C 126 2.07 22.37 -6.45
N ASN C 127 1.69 21.18 -6.85
CA ASN C 127 2.17 19.97 -6.16
C ASN C 127 1.96 20.14 -4.65
N ASP C 128 3.05 20.27 -3.87
CA ASP C 128 2.95 20.25 -2.39
C ASP C 128 2.72 21.65 -1.77
N LYS C 129 2.90 22.67 -2.61
CA LYS C 129 2.76 24.08 -2.27
C LYS C 129 1.28 24.37 -2.29
N VAL C 130 0.68 24.71 -1.15
CA VAL C 130 -0.72 25.09 -1.17
C VAL C 130 -0.95 26.39 -0.41
N GLU C 131 -1.49 27.42 -1.06
CA GLU C 131 -1.70 28.65 -0.29
C GLU C 131 -2.94 29.40 -0.71
N ILE C 132 -3.44 30.19 0.21
CA ILE C 132 -4.59 31.03 -0.03
C ILE C 132 -4.12 32.43 -0.47
N ARG C 133 -4.53 32.87 -1.66
CA ARG C 133 -4.22 34.24 -2.15
C ARG C 133 -5.40 35.19 -2.10
N ASP C 134 -5.13 36.46 -1.78
CA ASP C 134 -6.09 37.54 -2.02
C ASP C 134 -6.54 37.66 -3.49
N ALA C 135 -7.87 37.63 -3.67
CA ALA C 135 -8.48 37.72 -4.97
C ALA C 135 -9.31 39.01 -5.17
N SER C 136 -9.04 40.02 -4.33
CA SER C 136 -9.92 41.17 -4.29
C SER C 136 -9.79 42.04 -5.56
N HIS C 137 -8.68 41.91 -6.28
CA HIS C 137 -8.50 42.61 -7.57
C HIS C 137 -9.32 41.93 -8.68
N LEU C 138 -9.87 40.75 -8.38
CA LEU C 138 -10.61 39.95 -9.36
C LEU C 138 -12.13 40.11 -9.18
N LYS C 139 -12.56 40.89 -8.19
CA LYS C 139 -13.99 41.02 -7.86
C LYS C 139 -14.82 41.40 -9.05
N GLY C 140 -15.89 40.64 -9.29
CA GLY C 140 -16.69 40.90 -10.47
C GLY C 140 -16.21 40.41 -11.86
N LYS C 141 -14.93 40.14 -12.09
CA LYS C 141 -14.52 39.52 -13.36
C LYS C 141 -15.17 38.23 -13.74
N GLY C 142 -15.29 38.07 -15.05
CA GLY C 142 -15.78 36.83 -15.65
C GLY C 142 -14.97 35.58 -15.30
N ALA C 143 -15.60 34.40 -15.32
CA ALA C 143 -14.90 33.15 -14.92
C ALA C 143 -13.67 32.79 -15.82
N ILE C 144 -13.75 32.96 -17.13
CA ILE C 144 -12.55 32.73 -17.97
C ILE C 144 -11.55 33.86 -17.87
N GLU C 145 -12.04 35.10 -17.95
CA GLU C 145 -11.22 36.27 -17.75
C GLU C 145 -10.38 36.18 -16.43
N THR C 146 -11.04 35.77 -15.35
CA THR C 146 -10.33 35.47 -14.06
C THR C 146 -9.15 34.43 -14.17
N ALA C 147 -9.40 33.37 -14.90
CA ALA C 147 -8.40 32.34 -15.15
C ALA C 147 -7.19 32.91 -15.83
N GLU C 148 -7.40 33.67 -16.92
CA GLU C 148 -6.23 34.18 -17.63
C GLU C 148 -5.44 35.18 -16.78
N ILE C 149 -6.15 35.98 -16.00
CA ILE C 149 -5.43 36.93 -15.18
C ILE C 149 -4.57 36.23 -14.10
N ILE C 150 -5.22 35.29 -13.40
CA ILE C 150 -4.52 34.50 -12.37
C ILE C 150 -3.29 33.82 -12.98
N LYS C 151 -3.47 33.12 -14.09
CA LYS C 151 -2.31 32.37 -14.61
C LYS C 151 -1.14 33.28 -14.93
N LYS C 152 -1.40 34.50 -15.48
CA LYS C 152 -0.33 35.46 -15.70
C LYS C 152 0.25 36.06 -14.42
N GLU C 153 -0.59 36.42 -13.43
CA GLU C 153 -0.12 36.80 -12.04
C GLU C 153 0.91 35.85 -11.44
N LEU C 154 0.65 34.56 -11.65
CA LEU C 154 1.44 33.50 -11.03
C LEU C 154 2.56 32.99 -11.91
N ASN C 155 2.53 33.40 -13.17
CA ASN C 155 3.42 32.82 -14.15
C ASN C 155 3.28 31.27 -14.17
N GLU C 156 2.04 30.85 -14.35
CA GLU C 156 1.72 29.43 -14.45
C GLU C 156 0.82 29.20 -15.64
N PRO C 157 1.38 29.28 -16.85
CA PRO C 157 0.59 29.12 -18.08
C PRO C 157 -0.05 27.72 -18.29
N ARG C 158 0.40 26.71 -17.54
CA ARG C 158 -0.14 25.35 -17.66
C ARG C 158 -1.06 24.96 -16.48
N ALA C 159 -1.30 25.90 -15.57
CA ALA C 159 -2.26 25.63 -14.50
C ALA C 159 -3.69 25.49 -15.08
N GLN C 160 -4.56 24.80 -14.36
CA GLN C 160 -5.99 24.64 -14.69
C GLN C 160 -6.73 25.47 -13.64
N VAL C 161 -7.73 26.25 -14.04
CA VAL C 161 -8.48 27.12 -13.14
C VAL C 161 -9.97 26.81 -13.17
N ALA C 162 -10.59 26.62 -12.00
CA ALA C 162 -12.05 26.56 -11.95
C ALA C 162 -12.46 27.84 -11.19
N ALA C 163 -13.34 28.63 -11.77
CA ALA C 163 -13.64 29.96 -11.25
C ALA C 163 -15.15 30.25 -11.35
N ILE C 164 -15.64 31.11 -10.45
CA ILE C 164 -17.02 31.60 -10.53
C ILE C 164 -16.97 32.98 -11.19
N GLY C 165 -18.12 33.38 -11.74
CA GLY C 165 -18.26 34.67 -12.36
C GLY C 165 -18.99 35.54 -11.33
N LYS C 166 -19.48 36.68 -11.78
CA LYS C 166 -20.22 37.54 -10.89
C LYS C 166 -21.46 36.87 -10.28
N ALA C 167 -22.14 36.02 -11.04
CA ALA C 167 -23.36 35.36 -10.55
C ALA C 167 -23.07 34.52 -9.33
N GLY C 168 -21.92 33.86 -9.39
CA GLY C 168 -21.39 33.19 -8.21
C GLY C 168 -21.12 34.09 -7.01
N GLU C 169 -20.50 35.22 -7.25
CA GLU C 169 -20.12 36.07 -6.14
C GLU C 169 -21.40 36.61 -5.51
N ASN C 170 -22.43 36.80 -6.34
CA ASN C 170 -23.72 37.23 -5.81
C ASN C 170 -24.72 36.13 -5.41
N ARG C 171 -24.27 34.87 -5.34
CA ARG C 171 -25.09 33.79 -4.82
C ARG C 171 -26.34 33.56 -5.58
N VAL C 172 -26.33 33.89 -6.87
CA VAL C 172 -27.43 33.44 -7.71
C VAL C 172 -27.60 31.91 -7.54
N PHE C 173 -28.84 31.42 -7.43
CA PHE C 173 -29.06 30.08 -6.93
C PHE C 173 -28.71 29.09 -8.04
N TYR C 174 -28.48 29.60 -9.24
CA TYR C 174 -28.10 28.69 -10.32
C TYR C 174 -26.80 29.14 -10.93
N ALA C 175 -25.92 29.62 -10.08
CA ALA C 175 -24.60 30.02 -10.49
C ALA C 175 -23.75 28.77 -10.73
N SER C 176 -22.90 28.82 -11.75
CA SER C 176 -22.11 27.68 -12.12
C SER C 176 -20.69 27.95 -11.68
N ILE C 177 -19.82 27.02 -12.04
CA ILE C 177 -18.36 27.10 -11.87
C ILE C 177 -17.74 26.72 -13.24
N GLU C 178 -16.79 27.49 -13.73
CA GLU C 178 -16.31 27.36 -15.14
C GLU C 178 -14.79 27.15 -15.21
N GLN C 179 -14.35 26.31 -16.15
CA GLN C 179 -12.95 25.89 -16.32
C GLN C 179 -12.74 25.61 -17.83
N GLY C 180 -12.24 26.60 -18.59
CA GLY C 180 -12.01 26.44 -20.04
C GLY C 180 -13.28 26.02 -20.76
N ARG C 181 -13.25 24.88 -21.43
CA ARG C 181 -14.49 24.40 -22.07
C ARG C 181 -15.31 23.48 -21.19
N SER C 182 -15.28 23.67 -19.85
CA SER C 182 -15.97 22.75 -18.93
C SER C 182 -16.73 23.54 -17.89
N SER C 183 -17.91 23.03 -17.54
CA SER C 183 -18.73 23.70 -16.50
C SER C 183 -19.33 22.73 -15.50
N ALA C 184 -19.21 23.04 -14.23
CA ALA C 184 -20.02 22.45 -13.22
C ALA C 184 -21.29 23.27 -13.13
N SER C 185 -22.42 22.82 -13.68
CA SER C 185 -23.40 23.84 -14.07
C SER C 185 -24.56 24.07 -13.13
N ARG C 186 -25.13 22.97 -12.61
CA ARG C 186 -26.46 22.95 -11.99
C ARG C 186 -26.44 22.70 -10.51
N GLY C 187 -27.43 23.25 -9.81
CA GLY C 187 -27.67 22.94 -8.40
C GLY C 187 -27.24 24.08 -7.48
N GLY C 188 -26.54 25.09 -7.98
CA GLY C 188 -26.18 26.21 -7.15
C GLY C 188 -24.81 26.14 -6.53
N ILE C 189 -23.97 25.26 -7.06
CA ILE C 189 -22.67 25.03 -6.48
C ILE C 189 -21.80 26.24 -6.62
N GLY C 190 -22.02 27.07 -7.63
CA GLY C 190 -21.25 28.28 -7.66
C GLY C 190 -21.72 29.32 -6.62
N ALA C 191 -23.00 29.28 -6.24
CA ALA C 191 -23.46 30.16 -5.14
C ALA C 191 -22.81 29.80 -3.78
N VAL C 192 -22.62 28.51 -3.51
CA VAL C 192 -21.96 28.11 -2.30
C VAL C 192 -20.48 28.58 -2.36
N MET C 193 -19.81 28.35 -3.47
CA MET C 193 -18.42 28.89 -3.62
C MET C 193 -18.28 30.40 -3.44
N GLY C 194 -19.23 31.16 -4.00
CA GLY C 194 -19.21 32.61 -3.82
C GLY C 194 -19.49 33.02 -2.37
N ASP C 195 -20.52 32.41 -1.78
CA ASP C 195 -20.83 32.53 -0.34
C ASP C 195 -19.60 32.35 0.54
N LYS C 196 -18.78 31.34 0.25
CA LYS C 196 -17.61 31.10 1.06
C LYS C 196 -16.49 32.11 0.76
N GLY C 197 -16.74 33.03 -0.16
CA GLY C 197 -15.73 34.02 -0.61
C GLY C 197 -14.56 33.46 -1.40
N LEU C 198 -14.78 32.32 -2.05
CA LEU C 198 -13.73 31.67 -2.85
C LEU C 198 -13.93 31.98 -4.34
N LYS C 199 -13.02 32.73 -4.92
CA LYS C 199 -13.22 33.15 -6.31
C LYS C 199 -12.72 32.12 -7.34
N ALA C 200 -11.70 31.34 -6.95
CA ALA C 200 -11.19 30.31 -7.87
C ALA C 200 -10.30 29.24 -7.17
N VAL C 201 -10.11 28.10 -7.86
CA VAL C 201 -9.12 27.14 -7.39
C VAL C 201 -8.14 26.86 -8.54
N VAL C 202 -6.87 27.21 -8.33
CA VAL C 202 -5.86 27.05 -9.38
C VAL C 202 -5.01 25.85 -9.07
N VAL C 203 -4.84 24.94 -10.02
CA VAL C 203 -4.03 23.76 -9.73
C VAL C 203 -2.99 23.52 -10.82
N ARG C 204 -1.71 23.50 -10.41
CA ARG C 204 -0.65 22.95 -11.25
C ARG C 204 -0.15 21.60 -10.68
N GLY C 205 -0.09 20.55 -11.49
CA GLY C 205 0.46 19.29 -10.96
C GLY C 205 1.40 18.56 -11.91
N THR C 206 2.59 18.23 -11.41
CA THR C 206 3.57 17.50 -12.21
C THR C 206 4.17 16.21 -11.55
N LYS C 207 3.42 15.50 -10.71
CA LYS C 207 3.86 14.18 -10.19
C LYS C 207 3.29 12.99 -10.93
N ASP C 208 3.92 11.82 -10.78
CA ASP C 208 3.41 10.58 -11.38
C ASP C 208 2.11 10.13 -10.75
N LEU C 209 1.23 9.62 -11.57
CA LEU C 209 0.11 8.88 -11.06
C LEU C 209 0.17 7.39 -11.52
N CYS C 210 0.20 6.47 -10.53
CA CYS C 210 0.39 5.00 -10.78
C CYS C 210 -0.86 4.11 -10.87
N VAL C 211 -0.80 3.04 -11.66
CA VAL C 211 -1.84 2.00 -11.72
C VAL C 211 -1.24 0.68 -11.19
N ALA C 212 -2.11 -0.25 -10.77
CA ALA C 212 -1.64 -1.40 -10.01
C ALA C 212 -1.04 -2.43 -10.95
N LYS C 213 -1.75 -2.69 -12.04
CA LYS C 213 -1.36 -3.75 -13.02
C LYS C 213 -1.10 -3.13 -14.42
N PRO C 214 0.12 -2.66 -14.70
CA PRO C 214 0.37 -1.74 -15.85
C PRO C 214 -0.05 -2.34 -17.21
N GLU C 215 0.44 -3.58 -17.43
CA GLU C 215 0.23 -4.43 -18.59
C GLU C 215 -1.25 -4.60 -18.92
N GLU C 216 -2.01 -5.08 -17.93
CA GLU C 216 -3.46 -5.28 -18.02
C GLU C 216 -4.22 -3.96 -18.26
N TYR C 217 -3.80 -2.90 -17.60
CA TYR C 217 -4.54 -1.65 -17.68
C TYR C 217 -4.35 -1.05 -19.06
N ILE C 218 -3.10 -0.93 -19.49
CA ILE C 218 -2.93 -0.36 -20.86
C ILE C 218 -3.66 -1.26 -21.87
N GLY C 219 -3.62 -2.60 -21.69
CA GLY C 219 -4.40 -3.50 -22.55
C GLY C 219 -5.90 -3.17 -22.69
N LEU C 220 -6.57 -3.00 -21.57
CA LEU C 220 -7.98 -2.52 -21.56
C LEU C 220 -8.15 -1.15 -22.23
N CYS C 221 -7.21 -0.22 -22.01
CA CYS C 221 -7.30 1.11 -22.66
C CYS C 221 -7.18 0.94 -24.18
N ASN C 222 -6.34 -0.01 -24.64
CA ASN C 222 -6.15 -0.21 -26.06
C ASN C 222 -7.43 -0.75 -26.68
N GLU C 223 -8.13 -1.60 -25.92
CA GLU C 223 -9.41 -2.11 -26.36
C GLU C 223 -10.51 -1.00 -26.49
N VAL C 224 -10.54 -0.04 -25.57
CA VAL C 224 -11.51 1.06 -25.65
C VAL C 224 -11.17 1.89 -26.95
N LEU C 225 -9.89 2.16 -27.20
CA LEU C 225 -9.56 2.93 -28.41
C LEU C 225 -9.99 2.18 -29.68
N ASP C 226 -9.75 0.84 -29.74
CA ASP C 226 -10.22 0.01 -30.83
C ASP C 226 -11.74 0.11 -31.02
N TYR C 227 -12.50 0.14 -29.92
CA TYR C 227 -13.96 0.06 -29.99
C TYR C 227 -14.51 1.44 -30.45
N ILE C 228 -13.92 2.50 -29.90
CA ILE C 228 -14.19 3.85 -30.36
C ILE C 228 -14.00 3.97 -31.90
N LYS C 229 -12.89 3.49 -32.46
CA LYS C 229 -12.76 3.43 -33.93
C LYS C 229 -13.92 2.64 -34.56
N HIS C 230 -14.27 1.49 -34.01
CA HIS C 230 -15.34 0.73 -34.64
C HIS C 230 -16.72 1.37 -34.55
N ARG C 231 -17.09 1.84 -33.37
CA ARG C 231 -18.36 2.51 -33.17
C ARG C 231 -18.56 3.78 -34.03
N GLU C 232 -17.51 4.53 -34.28
CA GLU C 232 -17.68 5.73 -35.10
C GLU C 232 -17.81 5.38 -36.58
N GLU C 233 -17.30 4.24 -37.01
CA GLU C 233 -17.58 3.76 -38.36
C GLU C 233 -18.98 3.17 -38.45
N ASN C 234 -19.71 3.13 -37.34
CA ASN C 234 -21.05 2.55 -37.36
C ASN C 234 -22.08 3.28 -36.50
N PRO C 235 -22.51 4.50 -36.92
CA PRO C 235 -23.60 5.20 -36.20
C PRO C 235 -24.84 4.31 -36.09
N ILE C 236 -25.68 4.55 -35.10
CA ILE C 236 -26.79 3.65 -34.84
C ILE C 236 -27.78 3.93 -35.96
N PRO C 237 -28.22 2.90 -36.70
CA PRO C 237 -29.10 3.08 -37.84
C PRO C 237 -30.37 3.91 -37.54
N ASP C 238 -30.65 4.91 -38.38
CA ASP C 238 -31.91 5.66 -38.32
C ASP C 238 -32.06 6.58 -37.08
N VAL C 239 -30.96 6.87 -36.43
CA VAL C 239 -30.94 7.86 -35.38
C VAL C 239 -30.26 9.13 -35.95
N MET C 240 -30.72 10.32 -35.54
CA MET C 240 -30.08 11.57 -35.97
C MET C 240 -28.60 11.63 -35.53
N PRO C 241 -27.74 12.26 -36.36
CA PRO C 241 -26.29 12.32 -36.06
C PRO C 241 -25.92 12.80 -34.64
N ILE C 242 -26.68 13.74 -34.05
CA ILE C 242 -26.20 14.30 -32.78
C ILE C 242 -26.24 13.23 -31.68
N LEU C 243 -27.07 12.22 -31.89
CA LEU C 243 -27.20 11.16 -30.88
C LEU C 243 -26.85 9.78 -31.40
N ALA C 244 -26.53 9.66 -32.69
CA ALA C 244 -26.25 8.34 -33.29
C ALA C 244 -24.87 7.78 -32.93
N GLY C 245 -24.00 8.64 -32.43
CA GLY C 245 -22.61 8.28 -32.16
C GLY C 245 -22.24 8.36 -30.70
N LEU C 246 -20.92 8.31 -30.46
CA LEU C 246 -20.33 8.53 -29.14
C LEU C 246 -20.15 10.05 -28.79
N GLY C 247 -19.94 10.34 -27.50
CA GLY C 247 -19.70 11.71 -27.01
C GLY C 247 -20.94 12.35 -26.38
N SER C 248 -20.82 13.59 -25.87
CA SER C 248 -22.02 14.32 -25.49
C SER C 248 -22.80 14.61 -26.78
N PRO C 249 -24.11 14.93 -26.69
CA PRO C 249 -24.84 15.34 -27.90
C PRO C 249 -24.00 16.26 -28.79
N GLN C 250 -23.81 15.88 -30.05
CA GLN C 250 -22.81 16.44 -30.93
C GLN C 250 -23.35 17.70 -31.64
N GLU C 251 -23.94 18.58 -30.85
CA GLU C 251 -24.56 19.76 -31.43
C GLU C 251 -23.59 20.79 -32.01
N MET C 252 -22.33 20.77 -31.59
CA MET C 252 -21.34 21.64 -32.20
C MET C 252 -20.92 21.19 -33.62
N LYS C 253 -21.00 19.88 -33.90
CA LYS C 253 -20.64 19.32 -35.21
C LYS C 253 -21.81 19.36 -36.19
N VAL C 254 -23.01 19.02 -35.70
CA VAL C 254 -24.22 18.88 -36.53
C VAL C 254 -24.99 20.18 -36.62
N HIS C 255 -25.25 20.68 -37.83
CA HIS C 255 -26.02 21.94 -37.96
C HIS C 255 -27.52 21.68 -38.04
N ASP C 256 -27.92 20.44 -38.32
CA ASP C 256 -29.32 20.10 -38.43
C ASP C 256 -29.99 19.91 -37.06
N GLU C 257 -30.83 20.87 -36.71
CA GLU C 257 -31.45 20.95 -35.41
C GLU C 257 -32.98 20.80 -35.49
N LYS C 258 -33.47 20.11 -36.51
CA LYS C 258 -34.91 19.87 -36.68
C LYS C 258 -35.55 19.20 -35.46
N TRP C 259 -34.95 18.11 -34.98
CA TRP C 259 -35.48 17.37 -33.87
C TRP C 259 -35.77 18.27 -32.65
N HIS C 260 -34.79 19.04 -32.23
CA HIS C 260 -34.96 19.91 -31.06
C HIS C 260 -35.99 21.02 -31.25
N THR C 261 -35.90 21.71 -32.38
CA THR C 261 -36.69 22.92 -32.57
C THR C 261 -38.15 22.56 -32.78
N GLU C 262 -38.42 21.33 -33.21
CA GLU C 262 -39.78 20.92 -33.54
C GLU C 262 -40.41 19.97 -32.52
N ASN C 263 -39.63 19.52 -31.55
CA ASN C 263 -40.17 18.67 -30.50
C ASN C 263 -40.14 19.28 -29.10
N PHE C 264 -39.18 20.18 -28.86
CA PHE C 264 -39.04 20.84 -27.56
C PHE C 264 -39.83 22.14 -27.53
N ASN C 265 -40.19 22.58 -26.32
CA ASN C 265 -41.02 23.78 -26.17
C ASN C 265 -40.20 25.04 -26.11
N TRP C 266 -40.61 25.99 -26.95
CA TRP C 266 -40.01 27.30 -26.93
C TRP C 266 -40.53 28.12 -25.73
N GLY C 267 -39.94 29.27 -25.50
CA GLY C 267 -40.34 30.12 -24.40
C GLY C 267 -40.21 29.43 -23.04
N ASN C 268 -41.20 29.63 -22.19
CA ASN C 268 -41.10 29.08 -20.85
C ASN C 268 -41.61 27.62 -20.82
N ALA C 269 -40.84 26.74 -21.43
CA ALA C 269 -41.25 25.37 -21.77
C ALA C 269 -42.71 25.38 -22.25
N ARG C 270 -43.04 26.42 -23.02
CA ARG C 270 -44.42 26.79 -23.34
C ARG C 270 -44.97 26.43 -24.73
N THR C 271 -44.20 26.65 -25.79
CA THR C 271 -44.74 26.57 -27.16
C THR C 271 -44.10 25.49 -28.04
N ARG C 272 -44.86 24.49 -28.50
CA ARG C 272 -44.34 23.59 -29.54
C ARG C 272 -44.47 24.35 -30.87
N ARG C 273 -43.49 24.19 -31.76
CA ARG C 273 -43.55 24.76 -33.11
C ARG C 273 -43.28 23.63 -34.12
N LYS C 274 -44.30 22.76 -34.31
CA LYS C 274 -44.24 21.49 -35.06
C LYS C 274 -43.50 21.56 -36.40
N ASP C 275 -43.46 22.76 -37.00
CA ASP C 275 -42.89 22.95 -38.33
C ASP C 275 -41.94 24.13 -38.39
N PHE C 276 -41.06 24.25 -37.40
CA PHE C 276 -40.16 25.39 -37.32
C PHE C 276 -39.06 25.35 -38.38
N TRP C 277 -38.55 24.14 -38.62
CA TRP C 277 -37.30 23.95 -39.35
C TRP C 277 -37.49 24.03 -40.84
N THR C 278 -37.54 25.25 -41.38
CA THR C 278 -37.72 25.48 -42.81
C THR C 278 -36.34 25.50 -43.45
N ASP C 279 -36.30 25.53 -44.79
CA ASP C 279 -35.06 25.67 -45.56
C ASP C 279 -34.37 26.98 -45.24
N GLU C 280 -35.18 28.03 -45.17
CA GLU C 280 -34.74 29.36 -44.71
C GLU C 280 -34.00 29.38 -43.38
N VAL C 281 -34.66 28.94 -42.31
CA VAL C 281 -34.00 28.77 -40.99
C VAL C 281 -32.68 27.96 -41.09
N SER C 282 -32.74 26.77 -41.69
CA SER C 282 -31.58 25.90 -41.82
C SER C 282 -30.36 26.59 -42.44
N HIS C 283 -30.52 27.20 -43.62
CA HIS C 283 -29.41 27.97 -44.21
C HIS C 283 -28.94 29.09 -43.27
N ALA C 284 -29.88 29.84 -42.70
CA ALA C 284 -29.48 30.91 -41.78
C ALA C 284 -28.64 30.38 -40.62
N TRP C 285 -29.11 29.33 -39.95
CA TRP C 285 -28.36 28.85 -38.78
C TRP C 285 -27.04 28.18 -39.19
N GLU C 286 -27.02 27.61 -40.39
CA GLU C 286 -25.84 26.89 -40.80
C GLU C 286 -24.72 27.90 -41.03
N LYS C 287 -25.08 29.03 -41.64
CA LYS C 287 -24.19 30.14 -41.85
C LYS C 287 -23.66 30.82 -40.54
N THR C 288 -24.51 31.04 -39.56
CA THR C 288 -24.08 31.47 -38.23
C THR C 288 -23.06 30.53 -37.60
N MET C 289 -23.40 29.24 -37.54
CA MET C 289 -22.51 28.25 -36.92
C MET C 289 -21.16 28.10 -37.65
N ASP C 290 -21.16 28.01 -38.99
CA ASP C 290 -19.89 27.87 -39.67
C ASP C 290 -18.96 29.11 -39.43
N LYS C 291 -19.56 30.30 -39.36
CA LYS C 291 -18.82 31.52 -39.01
C LYS C 291 -18.29 31.50 -37.57
N ALA C 292 -19.17 31.14 -36.65
CA ALA C 292 -18.90 31.21 -35.19
C ALA C 292 -17.91 30.17 -34.70
N ARG C 293 -17.97 28.97 -35.28
CA ARG C 293 -17.22 27.81 -34.76
C ARG C 293 -15.73 27.92 -35.15
N THR C 294 -14.87 28.22 -34.20
CA THR C 294 -13.46 28.31 -34.52
C THR C 294 -12.77 26.94 -34.62
N ARG C 295 -12.98 26.07 -33.61
CA ARG C 295 -12.41 24.73 -33.65
C ARG C 295 -13.24 23.76 -32.79
N LEU C 296 -13.31 22.49 -33.18
CA LEU C 296 -13.93 21.46 -32.29
C LEU C 296 -12.81 20.94 -31.38
N ILE C 297 -13.04 20.88 -30.05
CA ILE C 297 -11.93 20.68 -29.16
C ILE C 297 -12.32 19.66 -28.07
N SER C 298 -11.32 18.91 -27.64
CA SER C 298 -11.59 17.78 -26.72
C SER C 298 -11.31 18.16 -25.28
N CYS C 299 -11.92 17.42 -24.38
CA CYS C 299 -11.44 17.29 -22.98
C CYS C 299 -10.14 16.46 -22.97
N TYR C 300 -9.57 16.26 -21.78
CA TYR C 300 -8.29 15.54 -21.60
C TYR C 300 -8.42 14.11 -22.08
N ASN C 301 -7.46 13.67 -22.93
CA ASN C 301 -7.35 12.26 -23.35
C ASN C 301 -8.62 11.68 -23.98
N CYS C 302 -9.27 12.46 -24.83
CA CYS C 302 -10.42 11.95 -25.58
C CYS C 302 -10.33 12.52 -27.01
N PRO C 303 -10.57 11.69 -28.05
CA PRO C 303 -10.66 12.05 -29.48
C PRO C 303 -12.02 12.63 -29.89
N MET C 304 -13.05 12.66 -29.03
CA MET C 304 -14.39 12.96 -29.53
C MET C 304 -14.65 14.44 -29.84
N LYS C 305 -13.80 15.36 -29.35
CA LYS C 305 -13.96 16.83 -29.57
C LYS C 305 -15.42 17.35 -29.68
N CYS C 306 -16.20 17.08 -28.63
CA CYS C 306 -17.61 17.43 -28.56
C CYS C 306 -17.81 18.95 -28.48
N GLY C 307 -16.77 19.64 -28.01
CA GLY C 307 -16.91 21.04 -27.64
C GLY C 307 -16.42 21.95 -28.78
N ALA C 308 -16.73 23.24 -28.71
CA ALA C 308 -16.28 24.20 -29.71
C ALA C 308 -15.86 25.55 -29.11
N THR C 309 -14.82 26.17 -29.68
CA THR C 309 -14.57 27.56 -29.42
C THR C 309 -15.51 28.36 -30.31
N ILE C 310 -16.13 29.40 -29.71
CA ILE C 310 -17.19 30.18 -30.35
C ILE C 310 -16.72 31.62 -30.36
N SER C 311 -16.64 32.20 -31.56
CA SER C 311 -16.19 33.56 -31.68
C SER C 311 -17.23 34.47 -32.38
N MET C 312 -17.93 35.29 -31.61
CA MET C 312 -18.92 36.21 -32.18
C MET C 312 -18.31 37.57 -32.42
N GLU C 313 -18.66 38.21 -33.54
CA GLU C 313 -18.07 39.51 -33.84
C GLU C 313 -18.16 40.54 -32.70
N GLY C 314 -17.02 41.07 -32.29
CA GLY C 314 -17.00 42.00 -31.19
C GLY C 314 -17.10 41.40 -29.78
N LEU C 315 -17.07 40.08 -29.67
CA LEU C 315 -17.12 39.44 -28.34
C LEU C 315 -15.85 38.63 -27.98
N PRO C 316 -15.51 38.57 -26.70
CA PRO C 316 -14.49 37.58 -26.30
C PRO C 316 -14.87 36.16 -26.79
N THR C 317 -13.86 35.35 -27.13
CA THR C 317 -14.08 33.94 -27.45
C THR C 317 -14.48 33.20 -26.15
N TYR C 318 -15.35 32.19 -26.29
CA TYR C 318 -15.66 31.27 -25.19
C TYR C 318 -15.89 29.87 -25.78
N MET C 319 -16.23 28.91 -24.92
CA MET C 319 -16.41 27.53 -25.33
C MET C 319 -17.77 27.01 -24.93
N MET C 320 -18.33 26.18 -25.80
CA MET C 320 -19.70 25.63 -25.67
C MET C 320 -19.73 24.13 -26.03
N LYS C 321 -20.71 23.40 -25.50
CA LYS C 321 -20.97 22.02 -25.95
C LYS C 321 -22.44 21.76 -25.64
N CYS C 322 -23.04 20.78 -26.28
CA CYS C 322 -24.40 20.32 -25.97
C CYS C 322 -25.46 21.47 -26.09
N PHE C 323 -26.50 21.37 -25.26
CA PHE C 323 -27.79 21.94 -25.53
C PHE C 323 -27.91 23.47 -25.18
N THR C 324 -26.89 24.09 -24.58
CA THR C 324 -26.95 25.52 -24.33
C THR C 324 -26.80 26.25 -25.68
N LYS C 325 -26.37 25.52 -26.71
CA LYS C 325 -26.47 25.95 -28.08
C LYS C 325 -27.85 26.51 -28.40
N LEU C 326 -28.87 25.87 -27.85
CA LEU C 326 -30.25 26.19 -28.12
C LEU C 326 -31.09 26.78 -27.01
N THR C 327 -30.75 26.60 -25.73
CA THR C 327 -31.73 26.92 -24.68
C THR C 327 -32.08 28.46 -24.66
N TYR C 328 -31.08 29.31 -24.69
CA TYR C 328 -31.35 30.77 -24.83
C TYR C 328 -32.15 31.13 -26.08
N THR C 329 -31.70 30.63 -27.22
CA THR C 329 -32.38 30.85 -28.50
C THR C 329 -33.86 30.49 -28.41
N MET C 330 -34.15 29.34 -27.81
CA MET C 330 -35.54 28.89 -27.73
C MET C 330 -36.35 29.61 -26.64
N ALA C 331 -35.79 29.80 -25.45
CA ALA C 331 -36.49 30.55 -24.39
C ALA C 331 -36.92 31.93 -24.91
N ALA C 332 -36.16 32.50 -25.84
CA ALA C 332 -36.47 33.86 -26.32
C ALA C 332 -37.20 33.93 -27.63
N TYR C 333 -37.67 32.81 -28.18
CA TYR C 333 -38.24 32.81 -29.54
C TYR C 333 -37.38 33.50 -30.62
N SER C 334 -36.07 33.35 -30.57
CA SER C 334 -35.20 34.16 -31.42
C SER C 334 -34.40 33.24 -32.36
N ASP C 335 -33.16 33.62 -32.69
CA ASP C 335 -32.37 32.78 -33.61
C ASP C 335 -31.05 32.33 -32.98
N LEU C 336 -30.24 31.60 -33.76
CA LEU C 336 -29.03 30.96 -33.24
C LEU C 336 -28.03 32.02 -32.95
N ASP C 337 -27.98 33.00 -33.83
CA ASP C 337 -27.02 34.07 -33.64
C ASP C 337 -27.23 34.81 -32.28
N PHE C 338 -28.47 35.02 -31.87
CA PHE C 338 -28.75 35.62 -30.53
C PHE C 338 -28.32 34.66 -29.41
N GLY C 339 -28.70 33.38 -29.52
CA GLY C 339 -28.34 32.41 -28.48
C GLY C 339 -26.85 32.44 -28.23
N LEU C 340 -26.05 32.40 -29.31
CA LEU C 340 -24.61 32.40 -29.16
C LEU C 340 -24.07 33.68 -28.56
N ARG C 341 -24.73 34.82 -28.79
CA ARG C 341 -24.16 36.04 -28.20
C ARG C 341 -24.48 36.09 -26.70
N ILE C 342 -25.72 35.84 -26.32
CA ILE C 342 -26.07 36.00 -24.91
C ILE C 342 -25.45 34.83 -24.10
N ALA C 343 -25.22 33.68 -24.75
CA ALA C 343 -24.55 32.59 -24.06
C ALA C 343 -23.09 32.94 -23.76
N GLN C 344 -22.43 33.75 -24.59
CA GLN C 344 -21.09 34.23 -24.18
C GLN C 344 -21.17 35.01 -22.81
N LYS C 345 -22.14 35.91 -22.67
CA LYS C 345 -22.26 36.74 -21.46
C LYS C 345 -22.55 35.89 -20.21
N ALA C 346 -23.47 34.95 -20.39
CA ALA C 346 -23.95 34.06 -19.35
C ALA C 346 -22.84 33.15 -18.86
N THR C 347 -22.04 32.64 -19.80
CA THR C 347 -20.91 31.81 -19.45
C THR C 347 -19.93 32.58 -18.63
N GLU C 348 -19.59 33.77 -19.06
CA GLU C 348 -18.67 34.60 -18.27
C GLU C 348 -19.19 35.00 -16.87
N TYR C 349 -20.48 35.29 -16.77
CA TYR C 349 -21.07 35.54 -15.45
C TYR C 349 -21.13 34.22 -14.60
N GLY C 350 -21.18 33.08 -15.28
CA GLY C 350 -21.27 31.80 -14.62
C GLY C 350 -22.67 31.40 -14.19
N LEU C 351 -23.53 31.27 -15.17
CA LEU C 351 -24.92 30.82 -15.00
C LEU C 351 -25.19 29.52 -15.65
N ASP C 352 -26.08 28.73 -15.03
CA ASP C 352 -26.58 27.51 -15.60
C ASP C 352 -27.49 27.76 -16.79
N GLY C 353 -27.14 27.16 -17.96
CA GLY C 353 -27.78 27.38 -19.27
C GLY C 353 -29.13 26.67 -19.42
N PHE C 354 -29.46 25.83 -18.48
CA PHE C 354 -30.79 25.21 -18.48
C PHE C 354 -31.81 26.12 -17.74
N SER C 355 -31.49 26.39 -16.47
CA SER C 355 -32.30 27.27 -15.57
C SER C 355 -32.44 28.73 -16.01
N ALA C 356 -31.33 29.42 -16.30
CA ALA C 356 -31.41 30.87 -16.64
C ALA C 356 -32.33 31.21 -17.79
N PRO C 357 -32.28 30.43 -18.87
CA PRO C 357 -33.21 30.80 -19.93
C PRO C 357 -34.66 30.65 -19.51
N GLN C 358 -34.99 29.62 -18.75
CA GLN C 358 -36.39 29.45 -18.42
C GLN C 358 -36.82 30.48 -17.38
N VAL C 359 -35.92 30.87 -16.49
CA VAL C 359 -36.26 31.86 -15.49
C VAL C 359 -36.60 33.19 -16.17
N MET C 360 -35.80 33.58 -17.18
CA MET C 360 -36.04 34.83 -17.92
C MET C 360 -37.37 34.67 -18.66
N ALA C 361 -37.57 33.50 -19.25
CA ALA C 361 -38.77 33.34 -20.08
C ALA C 361 -40.02 33.41 -19.23
N PHE C 362 -39.96 32.75 -18.07
CA PHE C 362 -40.99 32.84 -17.01
C PHE C 362 -41.27 34.31 -16.60
N ALA C 363 -40.22 35.10 -16.42
CA ALA C 363 -40.40 36.48 -16.01
C ALA C 363 -41.20 37.25 -17.10
N PHE C 364 -40.86 37.03 -18.37
CA PHE C 364 -41.56 37.75 -19.42
C PHE C 364 -42.99 37.22 -19.59
N GLU C 365 -43.29 35.99 -19.11
CA GLU C 365 -44.69 35.51 -19.19
C GLU C 365 -45.53 36.19 -18.12
N LEU C 366 -44.93 36.34 -16.94
CA LEU C 366 -45.60 36.97 -15.80
C LEU C 366 -45.93 38.37 -16.21
N LEU C 367 -45.04 38.96 -16.99
CA LEU C 367 -45.19 40.34 -17.47
C LEU C 367 -46.33 40.47 -18.49
N GLU C 368 -46.25 39.72 -19.59
CA GLU C 368 -47.35 39.67 -20.56
C GLU C 368 -48.69 39.39 -19.88
N LYS C 369 -48.70 38.51 -18.88
CA LYS C 369 -49.96 38.14 -18.20
C LYS C 369 -50.31 39.18 -17.09
N GLY C 370 -49.47 40.20 -16.94
CA GLY C 370 -49.71 41.30 -16.00
C GLY C 370 -49.59 40.98 -14.52
N ILE C 371 -49.00 39.82 -14.17
CA ILE C 371 -48.71 39.45 -12.78
C ILE C 371 -47.47 40.22 -12.35
N LEU C 372 -46.53 40.42 -13.28
CA LEU C 372 -45.53 41.48 -13.09
C LEU C 372 -45.88 42.67 -14.00
N LYS C 373 -45.39 43.84 -13.59
CA LYS C 373 -45.69 45.12 -14.24
C LYS C 373 -44.46 45.73 -14.85
N ASP C 374 -44.65 46.73 -15.69
CA ASP C 374 -43.52 47.49 -16.24
C ASP C 374 -42.73 48.17 -15.13
N SER C 375 -43.41 48.43 -14.01
CA SER C 375 -42.78 49.06 -12.87
C SER C 375 -41.70 48.14 -12.28
N ASP C 376 -41.89 46.83 -12.40
CA ASP C 376 -40.86 45.86 -11.99
C ASP C 376 -39.58 45.84 -12.88
N PHE C 377 -39.65 46.48 -14.05
CA PHE C 377 -38.51 46.53 -14.99
C PHE C 377 -38.13 47.97 -15.39
N PRO C 378 -37.65 48.77 -14.44
CA PRO C 378 -37.29 50.11 -14.87
C PRO C 378 -36.18 50.07 -15.91
N GLY C 379 -36.24 50.93 -16.94
CA GLY C 379 -35.25 50.89 -18.00
C GLY C 379 -35.34 49.70 -18.97
N LEU C 380 -36.50 49.05 -19.04
CA LEU C 380 -36.64 47.88 -19.92
C LEU C 380 -36.64 48.33 -21.36
N PRO C 381 -35.74 47.81 -22.21
CA PRO C 381 -35.76 48.23 -23.64
C PRO C 381 -36.97 47.69 -24.37
N GLU C 382 -37.20 48.11 -25.60
CA GLU C 382 -38.39 47.67 -26.34
C GLU C 382 -38.18 46.33 -27.03
N GLY C 383 -36.99 46.10 -27.54
CA GLY C 383 -36.74 44.86 -28.27
C GLY C 383 -36.70 43.57 -27.43
N ASN C 384 -37.28 42.50 -27.96
CA ASN C 384 -37.22 41.18 -27.36
C ASN C 384 -35.80 40.72 -26.99
N GLU C 385 -34.86 40.78 -27.94
CA GLU C 385 -33.47 40.36 -27.69
C GLU C 385 -32.85 41.23 -26.63
N GLU C 386 -32.98 42.54 -26.84
CA GLU C 386 -32.50 43.52 -25.88
C GLU C 386 -33.06 43.29 -24.43
N ARG C 387 -34.33 42.93 -24.28
CA ARG C 387 -34.89 42.68 -22.98
C ARG C 387 -34.19 41.51 -22.27
N PHE C 388 -33.87 40.46 -23.06
CA PHE C 388 -33.11 39.35 -22.54
C PHE C 388 -31.75 39.80 -22.01
N PHE C 389 -31.00 40.59 -22.78
CA PHE C 389 -29.70 41.04 -22.27
C PHE C 389 -29.84 41.89 -20.98
N TYR C 390 -30.94 42.63 -20.89
CA TYR C 390 -31.23 43.57 -19.80
C TYR C 390 -31.54 42.76 -18.51
N LEU C 391 -32.34 41.71 -18.65
CA LEU C 391 -32.75 40.90 -17.48
C LEU C 391 -31.58 40.04 -16.97
N LEU C 392 -30.76 39.56 -17.88
CA LEU C 392 -29.56 38.81 -17.50
C LEU C 392 -28.72 39.62 -16.52
N ASP C 393 -28.47 40.87 -16.92
CA ASP C 393 -27.73 41.77 -16.06
C ASP C 393 -28.44 42.01 -14.72
N LYS C 394 -29.77 42.10 -14.71
CA LYS C 394 -30.48 42.38 -13.45
C LYS C 394 -30.24 41.18 -12.50
N ILE C 395 -30.44 39.98 -13.02
CA ILE C 395 -30.28 38.74 -12.27
C ILE C 395 -28.90 38.55 -11.62
N VAL C 396 -27.84 38.74 -12.39
CA VAL C 396 -26.51 38.49 -11.88
C VAL C 396 -26.09 39.55 -10.89
N ASN C 397 -26.70 40.72 -10.90
CA ASN C 397 -26.37 41.70 -9.86
C ASN C 397 -27.38 41.66 -8.68
N ARG C 398 -28.33 40.72 -8.72
CA ARG C 398 -29.45 40.68 -7.78
C ARG C 398 -30.00 42.09 -7.57
N ASP C 399 -30.32 42.73 -8.68
CA ASP C 399 -30.77 44.10 -8.75
C ASP C 399 -32.26 44.12 -9.03
N GLY C 400 -33.06 44.75 -8.16
CA GLY C 400 -34.50 44.87 -8.42
C GLY C 400 -35.22 43.53 -8.55
N ILE C 401 -36.04 43.38 -9.58
CA ILE C 401 -36.70 42.07 -9.84
C ILE C 401 -35.65 40.91 -9.95
N GLY C 402 -34.44 41.29 -10.34
CA GLY C 402 -33.32 40.39 -10.48
C GLY C 402 -33.01 39.65 -9.19
N ASP C 403 -33.30 40.29 -8.06
CA ASP C 403 -32.98 39.70 -6.75
C ASP C 403 -33.92 38.56 -6.47
N ILE C 404 -35.18 38.71 -6.85
CA ILE C 404 -36.18 37.65 -6.73
C ILE C 404 -35.87 36.48 -7.71
N LEU C 405 -35.56 36.79 -8.94
CA LEU C 405 -35.41 35.81 -10.02
C LEU C 405 -34.13 35.04 -9.85
N ALA C 406 -33.17 35.63 -9.15
CA ALA C 406 -31.92 34.96 -8.92
C ALA C 406 -32.11 33.73 -7.99
N ASN C 407 -33.34 33.50 -7.53
CA ASN C 407 -33.62 32.40 -6.64
C ASN C 407 -34.20 31.24 -7.43
N GLY C 408 -34.44 31.43 -8.75
CA GLY C 408 -34.97 30.36 -9.60
C GLY C 408 -36.48 30.47 -9.69
N THR C 409 -37.14 29.72 -10.58
CA THR C 409 -38.60 29.92 -10.75
C THR C 409 -39.49 29.51 -9.55
N TYR C 410 -39.08 28.47 -8.80
CA TYR C 410 -39.94 27.93 -7.76
C TYR C 410 -40.04 28.97 -6.64
N TRP C 411 -38.90 29.46 -6.18
CA TRP C 411 -38.86 30.49 -5.15
C TRP C 411 -39.34 31.87 -5.64
N ALA C 412 -39.11 32.23 -6.89
CA ALA C 412 -39.55 33.53 -7.35
C ALA C 412 -41.07 33.55 -7.39
N ALA C 413 -41.66 32.45 -7.84
CA ALA C 413 -43.12 32.37 -7.94
C ALA C 413 -43.75 32.49 -6.58
N GLN C 414 -43.09 31.87 -5.61
CA GLN C 414 -43.51 31.89 -4.23
C GLN C 414 -43.55 33.31 -3.69
N GLU C 415 -42.47 34.01 -3.96
CA GLU C 415 -42.32 35.37 -3.48
C GLU C 415 -43.22 36.35 -4.21
N ILE C 416 -43.34 36.18 -5.51
CA ILE C 416 -44.10 37.10 -6.32
C ILE C 416 -45.60 36.93 -6.07
N GLY C 417 -46.02 35.72 -5.75
CA GLY C 417 -47.43 35.45 -5.50
C GLY C 417 -48.39 35.83 -6.61
N ASN C 418 -49.66 36.04 -6.27
CA ASN C 418 -50.62 36.63 -7.22
C ASN C 418 -50.77 35.88 -8.54
N GLY C 419 -50.74 34.55 -8.48
CA GLY C 419 -50.84 33.73 -9.67
C GLY C 419 -49.54 33.22 -10.25
N ALA C 420 -48.41 33.70 -9.74
CA ALA C 420 -47.10 33.33 -10.29
C ALA C 420 -46.85 31.81 -10.31
N GLU C 421 -47.34 31.10 -9.27
CA GLU C 421 -47.03 29.67 -9.07
C GLU C 421 -47.44 28.84 -10.26
N ASP C 422 -48.60 29.16 -10.81
CA ASP C 422 -49.09 28.53 -12.02
C ASP C 422 -48.13 28.57 -13.22
N TYR C 423 -47.32 29.63 -13.32
CA TYR C 423 -46.41 29.76 -14.47
C TYR C 423 -45.07 29.07 -14.24
N ALA C 424 -44.84 28.67 -12.99
CA ALA C 424 -43.66 27.91 -12.65
C ALA C 424 -44.10 26.42 -12.71
N HIS C 425 -44.41 26.00 -13.94
CA HIS C 425 -45.01 24.71 -14.26
C HIS C 425 -43.99 23.63 -14.69
N ASN C 426 -42.68 23.88 -14.55
CA ASN C 426 -41.66 22.97 -15.08
C ASN C 426 -40.59 22.56 -14.08
N ASN C 427 -40.95 22.53 -12.82
CA ASN C 427 -40.01 22.16 -11.76
C ASN C 427 -40.30 20.77 -11.25
N ILE C 428 -39.24 20.10 -10.78
CA ILE C 428 -39.35 18.91 -9.92
C ILE C 428 -38.37 19.19 -8.78
N LYS C 429 -38.85 19.09 -7.55
CA LYS C 429 -38.02 19.38 -6.37
C LYS C 429 -37.40 20.79 -6.43
N LYS C 430 -38.18 21.73 -6.94
CA LYS C 430 -37.77 23.13 -7.12
C LYS C 430 -36.61 23.37 -8.14
N HIS C 431 -36.41 22.45 -9.07
CA HIS C 431 -35.32 22.52 -10.05
C HIS C 431 -35.93 22.47 -11.45
N GLU C 432 -35.61 23.44 -12.32
CA GLU C 432 -36.15 23.43 -13.70
C GLU C 432 -35.77 22.21 -14.53
N GLN C 433 -36.76 21.58 -15.15
CA GLN C 433 -36.55 20.48 -16.08
C GLN C 433 -36.30 20.97 -17.51
N LEU C 434 -35.91 20.06 -18.39
CA LEU C 434 -35.81 20.28 -19.85
C LEU C 434 -37.16 20.74 -20.42
N PRO C 435 -37.16 21.64 -21.43
CA PRO C 435 -38.48 22.12 -21.89
C PRO C 435 -39.20 21.10 -22.80
N LEU C 436 -39.80 20.09 -22.18
CA LEU C 436 -40.44 19.00 -22.88
C LEU C 436 -41.85 18.72 -22.36
N LYS C 437 -42.82 18.73 -23.26
CA LYS C 437 -44.23 18.53 -22.93
C LYS C 437 -44.77 17.62 -24.01
N LEU C 438 -44.87 16.33 -23.73
CA LEU C 438 -45.20 15.39 -24.79
C LEU C 438 -46.67 14.96 -24.70
N SER C 439 -47.17 14.24 -25.69
CA SER C 439 -48.57 13.82 -25.67
C SER C 439 -48.79 12.58 -24.80
N MET C 440 -48.07 11.49 -25.08
CA MET C 440 -48.38 10.23 -24.40
C MET C 440 -47.42 9.89 -23.25
N LEU C 441 -47.96 9.53 -22.07
CA LEU C 441 -47.14 9.08 -20.92
C LEU C 441 -46.03 8.11 -21.32
N ASN C 442 -44.82 8.36 -20.84
CA ASN C 442 -43.70 7.46 -21.07
C ASN C 442 -43.24 6.92 -19.73
N PRO C 443 -43.56 5.65 -19.43
CA PRO C 443 -43.31 4.92 -18.18
C PRO C 443 -41.84 4.84 -17.80
N ILE C 444 -40.94 4.63 -18.75
CA ILE C 444 -39.52 4.71 -18.41
C ILE C 444 -39.14 6.14 -17.98
N TYR C 445 -39.54 7.14 -18.78
CA TYR C 445 -39.20 8.52 -18.43
C TYR C 445 -39.95 8.99 -17.16
N TYR C 446 -41.19 8.57 -16.97
CA TYR C 446 -41.90 8.87 -15.73
C TYR C 446 -41.05 8.53 -14.48
N LEU C 447 -40.55 7.29 -14.41
CA LEU C 447 -39.76 6.86 -13.24
C LEU C 447 -38.49 7.69 -13.06
N MET C 448 -37.85 8.05 -14.17
CA MET C 448 -36.56 8.74 -14.12
C MET C 448 -36.72 10.18 -13.61
N TYR C 449 -37.77 10.84 -14.09
CA TYR C 449 -38.08 12.17 -13.60
C TYR C 449 -38.34 12.15 -12.08
N CYS C 450 -39.08 11.14 -11.62
CA CYS C 450 -39.52 11.10 -10.20
C CYS C 450 -38.37 10.92 -9.22
N THR C 451 -37.36 10.17 -9.62
CA THR C 451 -36.49 9.57 -8.62
C THR C 451 -35.05 10.03 -8.74
N GLY C 452 -34.65 10.52 -9.92
CA GLY C 452 -33.26 10.89 -10.15
C GLY C 452 -32.74 11.90 -9.15
N GLU C 453 -31.55 11.66 -8.61
CA GLU C 453 -31.03 12.58 -7.59
C GLU C 453 -30.32 13.80 -8.20
N LYS C 454 -29.92 13.71 -9.46
CA LYS C 454 -29.40 14.86 -10.15
C LYS C 454 -30.57 15.79 -10.50
N ILE C 455 -31.77 15.24 -10.56
CA ILE C 455 -32.98 15.96 -10.94
C ILE C 455 -32.87 16.52 -12.36
N ASN C 456 -32.24 15.73 -13.25
CA ASN C 456 -32.04 16.18 -14.64
C ASN C 456 -32.11 14.96 -15.55
N ILE C 457 -33.21 14.81 -16.28
CA ILE C 457 -33.38 13.71 -17.21
C ILE C 457 -32.17 13.37 -18.14
N THR C 458 -31.46 14.36 -18.68
CA THR C 458 -30.30 14.06 -19.55
C THR C 458 -29.11 13.48 -18.78
N GLN C 459 -29.23 13.38 -17.46
CA GLN C 459 -28.10 12.83 -16.70
C GLN C 459 -28.53 11.57 -15.92
N ILE C 460 -29.59 10.93 -16.39
CA ILE C 460 -29.93 9.61 -15.93
C ILE C 460 -30.18 8.64 -17.12
N GLU C 461 -30.60 9.18 -18.26
CA GLU C 461 -30.94 8.38 -19.44
C GLU C 461 -29.68 7.88 -20.14
N GLY C 462 -29.87 7.00 -21.14
CA GLY C 462 -28.76 6.60 -21.99
C GLY C 462 -28.79 5.21 -22.62
N GLN C 463 -28.62 4.16 -21.82
CA GLN C 463 -28.26 2.84 -22.35
C GLN C 463 -29.37 2.13 -23.16
N PHE C 464 -30.62 2.46 -22.85
CA PHE C 464 -31.77 1.92 -23.56
C PHE C 464 -32.33 2.96 -24.55
N PRO C 465 -32.62 2.56 -25.78
CA PRO C 465 -33.19 3.40 -26.85
C PRO C 465 -34.44 4.21 -26.39
N GLN C 466 -34.52 5.49 -26.73
CA GLN C 466 -35.64 6.34 -26.29
C GLN C 466 -36.95 6.04 -27.03
N ALA C 467 -36.86 5.22 -28.06
CA ALA C 467 -37.98 4.93 -28.97
C ALA C 467 -37.86 3.52 -29.55
N PRO C 468 -38.98 2.93 -30.03
CA PRO C 468 -38.84 1.64 -30.68
C PRO C 468 -38.66 1.77 -32.20
N TYR C 469 -38.10 0.75 -32.85
CA TYR C 469 -37.96 0.78 -34.32
C TYR C 469 -39.30 0.39 -34.94
N PRO C 470 -39.66 0.99 -36.11
CA PRO C 470 -40.88 0.62 -36.85
C PRO C 470 -40.78 -0.79 -37.42
N LYS C 471 -39.60 -1.21 -37.86
CA LYS C 471 -39.46 -2.55 -38.44
C LYS C 471 -38.68 -3.50 -37.51
N LEU C 472 -39.11 -4.73 -37.42
CA LEU C 472 -38.45 -5.75 -36.59
C LEU C 472 -37.00 -6.04 -37.01
N GLU C 473 -36.77 -6.09 -38.32
CA GLU C 473 -35.45 -6.32 -38.88
C GLU C 473 -34.45 -5.36 -38.26
N GLN C 474 -34.85 -4.08 -38.15
CA GLN C 474 -34.06 -3.05 -37.49
C GLN C 474 -33.77 -3.41 -36.04
N ARG C 475 -34.82 -3.81 -35.31
CA ARG C 475 -34.66 -4.24 -33.91
C ARG C 475 -33.68 -5.40 -33.76
N GLU C 476 -33.78 -6.39 -34.66
CA GLU C 476 -32.94 -7.58 -34.61
C GLU C 476 -31.46 -7.24 -34.94
N ALA C 477 -31.25 -6.32 -35.88
CA ALA C 477 -29.90 -5.90 -36.18
C ALA C 477 -29.28 -5.20 -34.97
N PHE C 478 -30.07 -4.36 -34.29
CA PHE C 478 -29.52 -3.62 -33.17
C PHE C 478 -28.98 -4.52 -32.04
N VAL C 479 -29.78 -5.51 -31.61
CA VAL C 479 -29.46 -6.24 -30.39
C VAL C 479 -28.44 -7.34 -30.61
N GLU C 480 -28.14 -7.58 -31.89
CA GLU C 480 -27.20 -8.60 -32.30
C GLU C 480 -25.82 -8.50 -31.62
N ASP C 481 -25.24 -7.31 -31.65
CA ASP C 481 -23.94 -7.05 -30.99
C ASP C 481 -24.08 -6.04 -29.87
N TRP C 482 -25.28 -5.96 -29.31
CA TRP C 482 -25.50 -5.19 -28.09
C TRP C 482 -24.89 -5.87 -26.85
N ILE C 483 -23.56 -5.88 -26.74
CA ILE C 483 -22.87 -6.59 -25.66
C ILE C 483 -22.92 -5.85 -24.33
N GLN C 484 -23.38 -4.60 -24.33
CA GLN C 484 -23.37 -3.84 -23.10
C GLN C 484 -24.50 -4.25 -22.12
N VAL C 485 -25.55 -4.89 -22.60
CA VAL C 485 -26.69 -5.20 -21.72
C VAL C 485 -26.25 -6.07 -20.50
N PRO C 486 -26.80 -5.84 -19.28
CA PRO C 486 -26.32 -6.72 -18.22
C PRO C 486 -26.93 -8.13 -18.31
N ASP C 487 -27.96 -8.30 -19.14
CA ASP C 487 -28.75 -9.53 -19.29
C ASP C 487 -29.41 -9.57 -20.69
N GLU C 488 -29.76 -10.76 -21.17
CA GLU C 488 -30.35 -10.93 -22.49
C GLU C 488 -31.72 -10.30 -22.57
N LYS C 489 -32.38 -10.25 -21.42
CA LYS C 489 -33.79 -9.88 -21.31
C LYS C 489 -34.04 -8.49 -21.87
N PHE C 490 -33.02 -7.64 -21.79
CA PHE C 490 -33.06 -6.29 -22.37
C PHE C 490 -33.13 -6.37 -23.88
N LYS C 491 -32.52 -7.42 -24.43
CA LYS C 491 -32.55 -7.64 -25.88
C LYS C 491 -33.98 -7.99 -26.29
N LYS C 492 -34.61 -8.87 -25.52
CA LYS C 492 -35.96 -9.30 -25.82
C LYS C 492 -37.00 -8.15 -25.70
N ILE C 493 -36.81 -7.25 -24.73
CA ILE C 493 -37.73 -6.15 -24.55
C ILE C 493 -37.72 -5.26 -25.79
N PHE C 494 -36.52 -4.94 -26.26
CA PHE C 494 -36.39 -4.04 -27.39
C PHE C 494 -37.01 -4.67 -28.62
N LEU C 495 -36.83 -5.98 -28.79
CA LEU C 495 -37.48 -6.66 -29.91
C LEU C 495 -39.00 -6.51 -29.93
N GLU C 496 -39.66 -6.63 -28.78
CA GLU C 496 -41.12 -6.58 -28.75
C GLU C 496 -41.70 -5.17 -28.86
N TRP C 497 -40.91 -4.17 -28.50
CA TRP C 497 -41.43 -2.81 -28.34
C TRP C 497 -41.81 -2.20 -29.67
N GLU C 498 -42.95 -1.52 -29.69
CA GLU C 498 -43.50 -0.96 -30.91
C GLU C 498 -44.04 0.43 -30.74
N PRO C 499 -44.03 1.21 -31.82
CA PRO C 499 -44.64 2.55 -31.81
C PRO C 499 -46.16 2.51 -31.64
N ARG C 500 -46.83 1.67 -32.44
CA ARG C 500 -48.28 1.53 -32.38
C ARG C 500 -48.62 0.07 -32.11
N GLY C 501 -49.69 -0.16 -31.34
CA GLY C 501 -50.17 -1.51 -31.17
C GLY C 501 -50.19 -1.94 -29.73
N GLU C 502 -50.19 -3.24 -29.49
CA GLU C 502 -50.31 -3.80 -28.15
C GLU C 502 -49.00 -3.69 -27.37
N LYS C 503 -47.88 -3.60 -28.07
CA LYS C 503 -46.59 -3.57 -27.42
C LYS C 503 -46.02 -2.14 -27.40
N SER C 504 -46.87 -1.16 -27.68
CA SER C 504 -46.48 0.26 -27.64
C SER C 504 -46.83 0.89 -26.30
N MET C 505 -46.25 2.05 -26.01
CA MET C 505 -46.50 2.74 -24.74
C MET C 505 -47.91 3.33 -24.66
N PRO C 506 -48.43 3.51 -23.42
CA PRO C 506 -47.72 3.33 -22.13
C PRO C 506 -47.79 1.93 -21.55
N ASN C 507 -48.52 1.01 -22.16
CA ASN C 507 -48.72 -0.28 -21.52
C ASN C 507 -47.58 -1.27 -21.75
N PHE C 508 -46.81 -1.07 -22.83
CA PHE C 508 -45.55 -1.78 -23.02
C PHE C 508 -44.42 -0.77 -23.15
N PRO C 509 -43.21 -1.08 -22.59
CA PRO C 509 -42.86 -2.19 -21.71
C PRO C 509 -43.69 -2.24 -20.43
N THR C 510 -43.82 -3.43 -19.85
CA THR C 510 -44.56 -3.62 -18.59
C THR C 510 -43.93 -2.87 -17.42
N VAL C 511 -44.60 -2.84 -16.27
CA VAL C 511 -44.09 -2.13 -15.09
C VAL C 511 -42.69 -2.62 -14.69
N ASP C 512 -42.52 -3.94 -14.57
CA ASP C 512 -41.22 -4.52 -14.20
C ASP C 512 -40.13 -4.32 -15.28
N MET C 513 -40.54 -4.33 -16.55
CA MET C 513 -39.57 -3.98 -17.60
C MET C 513 -39.10 -2.57 -17.38
N CYS C 514 -40.03 -1.65 -17.16
CA CYS C 514 -39.64 -0.24 -17.02
C CYS C 514 -38.73 -0.04 -15.80
N CYS C 515 -39.05 -0.69 -14.67
CA CYS C 515 -38.14 -0.63 -13.51
C CYS C 515 -36.74 -1.14 -13.84
N ASP C 516 -36.62 -2.30 -14.49
CA ASP C 516 -35.29 -2.83 -14.81
C ASP C 516 -34.49 -1.89 -15.71
N ILE C 517 -35.14 -1.30 -16.71
CA ILE C 517 -34.46 -0.41 -17.65
C ILE C 517 -33.97 0.82 -16.90
N VAL C 518 -34.83 1.38 -16.06
CA VAL C 518 -34.45 2.58 -15.30
C VAL C 518 -33.33 2.26 -14.32
N ASP C 519 -33.35 1.09 -13.69
CA ASP C 519 -32.27 0.72 -12.80
C ASP C 519 -30.89 0.66 -13.51
N TRP C 520 -30.85 0.05 -14.69
CA TRP C 520 -29.58 -0.08 -15.42
C TRP C 520 -29.05 1.28 -15.90
N GLN C 521 -29.88 2.05 -16.61
CA GLN C 521 -29.47 3.38 -17.06
C GLN C 521 -28.90 4.22 -15.93
N GLU C 522 -29.51 4.14 -14.75
CA GLU C 522 -29.05 4.95 -13.63
C GLU C 522 -27.74 4.45 -13.02
N MET C 523 -27.63 3.15 -12.83
CA MET C 523 -26.40 2.64 -12.26
C MET C 523 -25.18 3.02 -13.12
N MET C 524 -25.28 2.99 -14.46
CA MET C 524 -24.13 3.40 -15.26
C MET C 524 -23.69 4.84 -14.97
N HIS C 525 -24.65 5.76 -14.86
CA HIS C 525 -24.32 7.12 -14.45
C HIS C 525 -23.62 7.16 -13.11
N TYR C 526 -24.02 6.29 -12.18
CA TYR C 526 -23.40 6.39 -10.85
C TYR C 526 -21.99 5.83 -10.87
N ILE C 527 -21.74 4.81 -11.69
CA ILE C 527 -20.37 4.33 -11.89
C ILE C 527 -19.50 5.39 -12.57
N ASP C 528 -19.98 6.00 -13.66
CA ASP C 528 -19.19 7.08 -14.28
C ASP C 528 -18.84 8.20 -13.31
N ASP C 529 -19.80 8.55 -12.44
CA ASP C 529 -19.60 9.70 -11.56
C ASP C 529 -18.69 9.34 -10.39
N ALA C 530 -18.46 8.04 -10.17
CA ALA C 530 -17.49 7.64 -9.15
C ALA C 530 -16.06 7.63 -9.68
N LEU C 531 -15.94 7.06 -10.87
CA LEU C 531 -14.70 6.82 -11.54
C LEU C 531 -14.20 8.08 -12.29
N GLY C 532 -15.07 9.09 -12.48
CA GLY C 532 -14.61 10.30 -13.20
C GLY C 532 -14.70 10.10 -14.72
N GLN C 533 -15.32 9.01 -15.15
CA GLN C 533 -15.37 8.73 -16.59
C GLN C 533 -16.40 9.60 -17.28
N CYS C 534 -16.08 10.17 -18.45
CA CYS C 534 -17.02 11.00 -19.18
C CYS C 534 -18.22 10.17 -19.59
N ALA C 535 -19.42 10.66 -19.29
CA ALA C 535 -20.60 9.86 -19.73
C ALA C 535 -20.71 9.73 -21.29
N GLY C 536 -20.06 10.64 -22.02
CA GLY C 536 -19.96 10.61 -23.51
C GLY C 536 -19.40 9.30 -24.06
N LEU C 537 -18.68 8.53 -23.22
CA LEU C 537 -18.07 7.23 -23.68
C LEU C 537 -18.60 6.11 -22.85
N SER C 538 -19.60 6.41 -22.03
CA SER C 538 -20.15 5.37 -21.17
C SER C 538 -21.70 5.38 -21.05
N SER C 539 -22.24 6.06 -20.03
CA SER C 539 -23.65 5.89 -19.70
C SER C 539 -24.62 6.72 -20.59
N PHE C 540 -24.11 7.68 -21.32
CA PHE C 540 -25.01 8.53 -22.16
C PHE C 540 -25.41 7.92 -23.53
N PRO C 541 -24.44 7.49 -24.37
CA PRO C 541 -24.78 7.04 -25.73
C PRO C 541 -25.14 5.55 -25.76
N LEU C 542 -25.84 5.13 -26.80
CA LEU C 542 -26.09 3.70 -27.03
C LEU C 542 -24.78 3.02 -27.36
N LYS C 543 -24.61 1.79 -26.85
CA LYS C 543 -23.48 0.92 -27.20
C LYS C 543 -22.11 1.58 -27.04
N PRO C 544 -21.77 1.99 -25.79
CA PRO C 544 -20.50 2.62 -25.40
C PRO C 544 -19.29 1.65 -25.20
N PRO C 545 -18.03 2.15 -25.36
CA PRO C 545 -16.81 1.35 -25.11
C PRO C 545 -16.64 0.83 -23.66
N TYR C 546 -17.20 1.55 -22.70
CA TYR C 546 -17.24 1.21 -21.27
C TYR C 546 -18.66 0.76 -20.92
N HIS C 547 -18.77 -0.34 -20.16
CA HIS C 547 -20.07 -0.95 -19.86
C HIS C 547 -19.91 -1.85 -18.62
N ILE C 548 -21.01 -2.42 -18.15
CA ILE C 548 -20.95 -3.12 -16.84
C ILE C 548 -19.99 -4.36 -16.84
N HIS C 549 -19.63 -4.89 -18.03
CA HIS C 549 -18.77 -6.07 -18.11
C HIS C 549 -17.27 -5.75 -18.07
N ASN C 550 -16.82 -4.61 -18.64
CA ASN C 550 -15.36 -4.36 -18.59
C ASN C 550 -14.93 -3.34 -17.49
N TYR C 551 -15.90 -2.63 -16.93
CA TYR C 551 -15.56 -1.70 -15.87
C TYR C 551 -14.88 -2.37 -14.64
N PRO C 552 -15.34 -3.57 -14.26
CA PRO C 552 -14.68 -4.20 -13.08
C PRO C 552 -13.21 -4.47 -13.35
N LYS C 553 -12.89 -4.77 -14.62
CA LYS C 553 -11.52 -5.03 -15.08
C LYS C 553 -10.65 -3.78 -14.99
N PHE C 554 -11.11 -2.64 -15.54
CA PHE C 554 -10.43 -1.40 -15.23
C PHE C 554 -10.24 -1.12 -13.72
N ILE C 555 -11.30 -1.28 -12.96
CA ILE C 555 -11.20 -0.90 -11.54
C ILE C 555 -10.13 -1.82 -10.86
N ALA C 556 -10.18 -3.13 -11.17
CA ALA C 556 -9.19 -4.11 -10.64
C ALA C 556 -7.75 -3.78 -11.09
N ALA C 557 -7.56 -3.55 -12.38
CA ALA C 557 -6.20 -3.31 -12.83
C ALA C 557 -5.67 -1.93 -12.48
N GLY C 558 -6.56 -0.95 -12.32
CA GLY C 558 -6.08 0.37 -12.04
C GLY C 558 -5.88 0.70 -10.57
N ALA C 559 -6.93 0.50 -9.78
CA ALA C 559 -6.92 0.79 -8.36
C ALA C 559 -6.29 -0.34 -7.52
N GLY C 560 -6.20 -1.52 -8.10
CA GLY C 560 -5.69 -2.71 -7.38
C GLY C 560 -6.52 -3.36 -6.29
N ILE C 561 -7.84 -3.24 -6.38
CA ILE C 561 -8.75 -3.80 -5.38
C ILE C 561 -9.52 -4.88 -6.11
N GLU C 562 -10.18 -5.78 -5.37
CA GLU C 562 -10.88 -6.82 -6.10
C GLU C 562 -12.20 -6.25 -6.57
N MET C 563 -12.69 -6.66 -7.76
CA MET C 563 -13.95 -6.11 -8.30
C MET C 563 -14.44 -7.07 -9.32
N ASP C 564 -15.73 -7.31 -9.35
CA ASP C 564 -16.31 -8.10 -10.46
C ASP C 564 -17.68 -7.52 -10.76
N THR C 565 -18.37 -8.05 -11.75
CA THR C 565 -19.60 -7.42 -12.15
C THR C 565 -20.60 -7.31 -10.99
N GLU C 566 -20.89 -8.40 -10.30
CA GLU C 566 -21.83 -8.34 -9.15
C GLU C 566 -21.36 -7.41 -8.06
N LYS C 567 -20.07 -7.35 -7.77
CA LYS C 567 -19.66 -6.46 -6.69
C LYS C 567 -19.76 -4.96 -7.14
N LEU C 568 -19.46 -4.72 -8.40
CA LEU C 568 -19.52 -3.34 -8.91
C LEU C 568 -20.95 -2.81 -8.85
N LYS C 569 -21.88 -3.64 -9.31
CA LYS C 569 -23.29 -3.36 -9.23
C LYS C 569 -23.69 -3.07 -7.79
N LYS C 570 -23.17 -3.89 -6.86
CA LYS C 570 -23.51 -3.68 -5.47
C LYS C 570 -22.97 -2.35 -4.97
N ALA C 571 -21.79 -1.94 -5.47
CA ALA C 571 -21.16 -0.74 -4.92
C ALA C 571 -21.95 0.46 -5.41
N ALA C 572 -22.33 0.44 -6.68
CA ALA C 572 -23.17 1.52 -7.23
C ALA C 572 -24.49 1.66 -6.47
N LYS C 573 -25.08 0.51 -6.10
CA LYS C 573 -26.29 0.46 -5.28
C LYS C 573 -26.01 1.08 -3.95
N ARG C 574 -24.86 0.72 -3.37
CA ARG C 574 -24.43 1.27 -2.10
C ARG C 574 -24.45 2.81 -2.05
N TYR C 575 -23.69 3.54 -2.90
CA TYR C 575 -23.63 4.97 -2.72
C TYR C 575 -24.80 5.64 -3.42
N ARG C 576 -25.47 4.97 -4.35
CA ARG C 576 -26.73 5.52 -4.82
C ARG C 576 -27.77 5.59 -3.69
N THR C 577 -27.78 4.54 -2.86
CA THR C 577 -28.68 4.40 -1.72
C THR C 577 -28.29 5.43 -0.65
N LEU C 578 -26.98 5.61 -0.47
CA LEU C 578 -26.48 6.60 0.48
C LEU C 578 -26.88 8.06 0.06
N VAL C 579 -26.81 8.37 -1.25
CA VAL C 579 -27.32 9.72 -1.67
C VAL C 579 -28.79 9.86 -1.35
N ARG C 580 -29.53 8.77 -1.52
CA ARG C 580 -30.93 8.80 -1.25
C ARG C 580 -31.17 9.06 0.25
N ALA C 581 -30.43 8.33 1.10
CA ALA C 581 -30.51 8.50 2.55
C ALA C 581 -30.15 9.95 2.96
N PHE C 582 -29.24 10.60 2.23
CA PHE C 582 -28.87 11.99 2.53
C PHE C 582 -30.09 12.85 2.28
N ASN C 583 -30.72 12.66 1.13
CA ASN C 583 -31.88 13.48 0.79
C ASN C 583 -33.12 13.20 1.70
N ILE C 584 -33.29 11.94 2.11
CA ILE C 584 -34.34 11.55 3.08
C ILE C 584 -34.10 12.29 4.40
N ARG C 585 -32.84 12.39 4.78
CA ARG C 585 -32.51 13.07 6.02
C ARG C 585 -32.82 14.57 5.96
N ARG C 586 -32.60 15.21 4.83
CA ARG C 586 -32.98 16.63 4.71
C ARG C 586 -34.48 16.85 4.43
N GLY C 587 -35.30 15.82 4.47
CA GLY C 587 -36.74 16.01 4.33
C GLY C 587 -37.50 15.41 3.17
N MET C 588 -36.80 14.92 2.15
CA MET C 588 -37.46 14.41 0.94
C MET C 588 -38.29 13.17 1.17
N ARG C 589 -39.43 13.13 0.47
CA ARG C 589 -40.39 12.04 0.64
C ARG C 589 -41.10 11.76 -0.68
N ARG C 590 -41.87 10.68 -0.71
CA ARG C 590 -42.52 10.26 -1.95
C ARG C 590 -43.32 11.39 -2.61
N VAL C 591 -43.86 12.29 -1.77
CA VAL C 591 -44.64 13.42 -2.25
C VAL C 591 -43.89 14.25 -3.25
N ASP C 592 -42.59 14.44 -2.99
CA ASP C 592 -41.74 15.32 -3.79
C ASP C 592 -41.48 14.65 -5.13
N GLU C 593 -41.63 13.33 -5.17
CA GLU C 593 -41.25 12.60 -6.36
C GLU C 593 -42.40 12.54 -7.33
N GLN C 594 -42.68 13.69 -7.97
CA GLN C 594 -43.74 13.82 -8.95
C GLN C 594 -43.24 14.74 -10.04
N PRO C 595 -43.45 14.36 -11.31
CA PRO C 595 -43.16 15.22 -12.47
C PRO C 595 -44.18 16.35 -12.55
N PRO C 596 -43.93 17.35 -13.39
CA PRO C 596 -44.92 18.42 -13.63
C PRO C 596 -46.31 17.87 -13.95
N ALA C 597 -47.34 18.56 -13.47
CA ALA C 597 -48.71 18.17 -13.76
C ALA C 597 -48.92 17.96 -15.27
N ASN C 598 -48.34 18.85 -16.07
CA ASN C 598 -48.59 18.86 -17.51
C ASN C 598 -47.46 18.23 -18.36
N HIS C 599 -46.61 17.40 -17.75
CA HIS C 599 -45.45 16.86 -18.47
C HIS C 599 -45.94 15.91 -19.56
N TRP C 600 -47.16 15.41 -19.40
CA TRP C 600 -47.80 14.62 -20.44
C TRP C 600 -49.28 14.96 -20.51
N LYS C 601 -49.82 15.03 -21.72
CA LYS C 601 -51.25 15.23 -21.92
C LYS C 601 -52.04 14.05 -21.42
N ASN C 602 -51.62 12.86 -21.86
CA ASN C 602 -52.31 11.61 -21.49
C ASN C 602 -51.67 11.02 -20.23
N ARG C 603 -52.46 10.97 -19.16
CA ARG C 603 -51.98 10.50 -17.87
C ARG C 603 -52.74 9.25 -17.39
N PHE C 604 -52.13 8.51 -16.48
CA PHE C 604 -52.67 7.24 -16.02
C PHE C 604 -52.31 7.05 -14.55
N PRO C 605 -53.02 7.76 -13.68
CA PRO C 605 -52.84 7.79 -12.23
C PRO C 605 -52.62 6.44 -11.56
N GLU C 606 -53.36 5.42 -12.01
CA GLU C 606 -53.21 4.15 -11.33
C GLU C 606 -52.00 3.40 -11.87
N LEU C 607 -51.75 3.52 -13.17
CA LEU C 607 -50.53 2.95 -13.72
C LEU C 607 -49.34 3.62 -13.05
N GLU C 608 -49.40 4.94 -12.94
CA GLU C 608 -48.28 5.74 -12.42
C GLU C 608 -47.97 5.37 -10.98
N LYS C 609 -49.04 5.08 -10.22
CA LYS C 609 -48.93 4.58 -8.85
C LYS C 609 -48.20 3.25 -8.81
N GLU C 610 -48.65 2.33 -9.65
CA GLU C 610 -48.00 1.04 -9.81
C GLU C 610 -46.55 1.14 -10.25
N LEU C 611 -46.30 1.98 -11.26
CA LEU C 611 -44.94 2.30 -11.69
C LEU C 611 -44.02 2.59 -10.51
N LEU C 612 -44.38 3.61 -9.72
CA LEU C 612 -43.51 4.09 -8.63
C LEU C 612 -43.44 3.06 -7.51
N ASP C 613 -44.58 2.49 -7.14
CA ASP C 613 -44.62 1.42 -6.12
C ASP C 613 -43.62 0.28 -6.40
N SER C 614 -43.57 -0.19 -7.65
CA SER C 614 -42.73 -1.32 -8.03
C SER C 614 -41.27 -0.93 -8.02
N TYR C 615 -40.99 0.25 -8.56
CA TYR C 615 -39.64 0.79 -8.55
C TYR C 615 -39.06 0.87 -7.13
N TYR C 616 -39.82 1.44 -6.18
CA TYR C 616 -39.37 1.58 -4.80
C TYR C 616 -38.97 0.22 -4.26
N LYS C 617 -39.86 -0.73 -4.51
CA LYS C 617 -39.65 -2.14 -4.18
C LYS C 617 -38.30 -2.67 -4.65
N LEU C 618 -37.98 -2.43 -5.93
CA LEU C 618 -36.75 -2.95 -6.57
C LEU C 618 -35.50 -2.33 -5.99
N LYS C 619 -35.61 -1.04 -5.63
CA LYS C 619 -34.54 -0.30 -4.96
C LYS C 619 -34.33 -0.83 -3.56
N GLY C 620 -35.35 -1.47 -3.02
CA GLY C 620 -35.36 -1.86 -1.63
C GLY C 620 -35.86 -0.75 -0.71
N TRP C 621 -36.75 0.10 -1.22
CA TRP C 621 -37.30 1.23 -0.45
C TRP C 621 -38.74 0.98 0.05
N ASN C 622 -39.14 1.75 1.08
CA ASN C 622 -40.53 1.85 1.64
C ASN C 622 -41.54 2.15 0.57
N ASP C 623 -42.83 2.09 0.89
CA ASP C 623 -43.77 2.70 -0.04
C ASP C 623 -43.60 4.24 -0.03
N ASP C 624 -42.89 4.78 0.97
CA ASP C 624 -42.64 6.25 1.02
C ASP C 624 -41.29 6.75 0.39
N GLY C 625 -40.54 5.86 -0.24
CA GLY C 625 -39.29 6.27 -0.89
C GLY C 625 -38.07 6.13 -0.01
N ILE C 626 -38.25 5.53 1.17
CA ILE C 626 -37.21 5.49 2.18
C ILE C 626 -36.53 4.11 2.25
N PRO C 627 -35.20 4.07 2.14
CA PRO C 627 -34.47 2.81 2.22
C PRO C 627 -34.74 2.05 3.52
N THR C 628 -35.15 0.79 3.41
CA THR C 628 -35.42 0.04 4.63
C THR C 628 -34.15 -0.33 5.37
N LYS C 629 -34.31 -0.55 6.66
CA LYS C 629 -33.29 -1.11 7.53
C LYS C 629 -32.67 -2.37 6.91
N GLU C 630 -33.50 -3.20 6.28
CA GLU C 630 -33.07 -4.47 5.70
C GLU C 630 -32.12 -4.25 4.52
N THR C 631 -32.58 -3.53 3.49
CA THR C 631 -31.72 -3.11 2.40
C THR C 631 -30.48 -2.35 2.90
N LEU C 632 -30.63 -1.51 3.94
CA LEU C 632 -29.48 -0.72 4.44
C LEU C 632 -28.36 -1.59 5.05
N ASP C 633 -28.75 -2.50 5.93
CA ASP C 633 -27.84 -3.47 6.52
C ASP C 633 -27.12 -4.35 5.47
N ASP C 634 -27.88 -4.92 4.53
CA ASP C 634 -27.28 -5.65 3.37
C ASP C 634 -26.19 -4.89 2.61
N LEU C 635 -26.32 -3.55 2.52
CA LEU C 635 -25.42 -2.71 1.76
C LEU C 635 -24.27 -2.21 2.62
N GLY C 636 -24.15 -2.69 3.85
CA GLY C 636 -23.13 -2.17 4.75
C GLY C 636 -23.45 -0.80 5.32
N LEU C 637 -24.73 -0.44 5.29
CA LEU C 637 -25.08 0.94 5.63
C LEU C 637 -25.89 0.87 6.94
N GLY C 638 -25.52 -0.07 7.80
CA GLY C 638 -26.22 -0.26 9.06
C GLY C 638 -26.25 1.03 9.84
N TYR C 639 -25.14 1.78 9.81
CA TYR C 639 -25.06 3.09 10.47
C TYR C 639 -26.10 4.07 9.96
N VAL C 640 -26.51 3.93 8.70
CA VAL C 640 -27.56 4.81 8.15
C VAL C 640 -28.86 4.40 8.83
N GLY C 641 -29.08 3.10 8.88
CA GLY C 641 -30.31 2.53 9.39
C GLY C 641 -30.58 2.91 10.83
N ASP C 642 -29.56 2.79 11.67
CA ASP C 642 -29.63 3.22 13.05
C ASP C 642 -30.09 4.67 13.14
N GLU C 643 -29.39 5.57 12.46
CA GLU C 643 -29.69 6.99 12.52
C GLU C 643 -31.13 7.21 12.16
N PHE C 644 -31.58 6.52 11.12
CA PHE C 644 -32.96 6.60 10.67
C PHE C 644 -33.96 6.20 11.75
N ILE C 645 -33.62 5.19 12.56
CA ILE C 645 -34.42 4.83 13.70
C ILE C 645 -34.30 5.92 14.78
N LYS C 646 -33.06 6.29 15.12
CA LYS C 646 -32.84 7.32 16.12
C LYS C 646 -33.65 8.59 15.85
N ARG C 647 -33.74 9.03 14.60
CA ARG C 647 -34.51 10.22 14.23
C ARG C 647 -36.00 9.97 14.09
N GLY C 648 -36.40 8.70 14.00
CA GLY C 648 -37.79 8.38 13.71
C GLY C 648 -38.21 8.46 12.24
N ILE C 649 -37.27 8.31 11.32
CA ILE C 649 -37.58 8.22 9.89
C ILE C 649 -38.07 6.80 9.55
N LEU C 650 -37.40 5.81 10.12
CA LEU C 650 -37.79 4.42 10.01
C LEU C 650 -38.38 3.95 11.33
N SER C 651 -39.44 3.15 11.28
CA SER C 651 -40.01 2.59 12.50
C SER C 651 -39.27 1.33 12.87
N ALA C 652 -38.91 1.22 14.14
CA ALA C 652 -38.11 0.12 14.61
C ALA C 652 -38.93 -1.15 14.51
N GLY C 653 -38.73 -1.91 13.44
CA GLY C 653 -39.50 -3.12 13.21
C GLY C 653 -41.01 -2.91 13.20
N MET D 1 42.86 43.11 -56.35
CA MET D 1 41.60 42.47 -56.69
C MET D 1 40.67 43.51 -57.34
N ARG D 2 39.60 43.02 -57.95
CA ARG D 2 38.54 43.86 -58.42
C ARG D 2 37.56 43.95 -57.27
N TYR D 3 36.84 45.07 -57.18
CA TYR D 3 35.83 45.29 -56.16
C TYR D 3 34.49 45.50 -56.83
N ALA D 4 33.43 45.13 -56.14
CA ALA D 4 32.04 45.35 -56.54
C ALA D 4 31.64 44.49 -57.75
N GLU D 5 32.39 44.59 -58.84
CA GLU D 5 32.30 43.64 -59.96
C GLU D 5 33.06 42.40 -59.53
N THR D 6 32.72 41.19 -60.02
CA THR D 6 33.49 39.99 -59.64
C THR D 6 34.71 39.89 -60.51
N GLY D 7 34.62 40.46 -61.71
CA GLY D 7 35.71 40.43 -62.66
C GLY D 7 35.75 39.22 -63.58
N TYR D 8 34.63 38.51 -63.75
CA TYR D 8 34.63 37.28 -64.56
C TYR D 8 33.31 37.17 -65.32
N VAL D 9 33.33 36.64 -66.54
CA VAL D 9 32.06 36.32 -67.20
C VAL D 9 32.10 34.84 -67.58
N LEU D 10 30.94 34.25 -67.82
CA LEU D 10 30.79 32.92 -68.35
C LEU D 10 30.39 33.04 -69.81
N GLU D 11 31.21 32.46 -70.68
CA GLU D 11 30.92 32.34 -72.12
C GLU D 11 30.35 30.96 -72.45
N VAL D 12 29.15 30.90 -73.01
CA VAL D 12 28.51 29.62 -73.20
C VAL D 12 28.06 29.44 -74.63
N ASP D 13 28.66 28.45 -75.29
CA ASP D 13 28.28 28.10 -76.66
C ASP D 13 27.25 27.00 -76.62
N LEU D 14 26.01 27.35 -76.90
CA LEU D 14 24.94 26.38 -76.87
C LEU D 14 25.05 25.32 -77.97
N THR D 15 25.63 25.70 -79.12
CA THR D 15 25.71 24.85 -80.29
C THR D 15 26.62 23.62 -80.03
N LYS D 16 27.67 23.92 -79.29
CA LYS D 16 28.70 23.01 -78.93
C LYS D 16 28.55 22.39 -77.54
N GLY D 17 28.02 23.16 -76.59
CA GLY D 17 27.91 22.74 -75.20
C GLY D 17 29.12 23.15 -74.38
N SER D 18 29.92 24.09 -74.91
CA SER D 18 31.08 24.58 -74.18
C SER D 18 30.71 25.71 -73.19
N ILE D 19 31.28 25.62 -71.99
CA ILE D 19 31.06 26.59 -70.98
C ILE D 19 32.42 27.10 -70.58
N GLU D 20 32.63 28.40 -70.50
CA GLU D 20 33.98 28.83 -70.15
C GLU D 20 33.98 30.08 -69.30
N ARG D 21 34.85 30.13 -68.30
CA ARG D 21 34.94 31.31 -67.45
C ARG D 21 36.05 32.22 -67.93
N VAL D 22 35.82 33.53 -67.95
CA VAL D 22 36.78 34.45 -68.57
C VAL D 22 37.00 35.74 -67.80
N ALA D 23 38.26 36.10 -67.54
CA ALA D 23 38.53 37.32 -66.79
C ALA D 23 38.18 38.54 -67.65
N THR D 24 37.63 39.61 -67.05
CA THR D 24 37.27 40.79 -67.85
C THR D 24 38.35 41.88 -67.86
N ASP D 25 38.20 42.86 -68.74
CA ASP D 25 39.19 43.94 -68.84
C ASP D 25 38.73 45.09 -67.92
N PRO D 26 39.54 45.41 -66.90
CA PRO D 26 39.21 46.43 -65.92
C PRO D 26 39.15 47.81 -66.57
N ARG D 27 39.69 47.95 -67.78
CA ARG D 27 39.62 49.16 -68.57
C ARG D 27 38.20 49.42 -69.08
N ASP D 28 37.49 48.36 -69.45
CA ASP D 28 36.07 48.47 -69.82
C ASP D 28 35.19 48.93 -68.65
N THR D 29 35.58 48.60 -67.42
CA THR D 29 34.80 49.08 -66.28
C THR D 29 35.02 50.59 -66.10
N GLU D 30 36.26 51.01 -66.20
CA GLU D 30 36.60 52.43 -66.13
C GLU D 30 35.82 53.18 -67.18
N LEU D 31 35.66 52.58 -68.35
CA LEU D 31 35.00 53.30 -69.44
C LEU D 31 33.50 53.17 -69.51
N TYR D 32 32.99 51.95 -69.41
CA TYR D 32 31.56 51.70 -69.64
C TYR D 32 30.82 51.30 -68.32
N LEU D 33 31.53 51.29 -67.21
CA LEU D 33 30.94 50.97 -65.89
C LEU D 33 30.45 49.53 -65.71
N GLY D 34 29.33 49.14 -66.33
CA GLY D 34 28.93 47.74 -66.18
C GLY D 34 27.54 47.54 -66.70
N GLY D 35 26.86 46.45 -66.32
CA GLY D 35 25.52 46.22 -66.81
C GLY D 35 25.37 46.59 -68.29
N LEU D 36 24.40 47.45 -68.59
CA LEU D 36 24.01 47.87 -69.96
C LEU D 36 25.21 48.37 -70.73
N GLY D 37 26.08 49.14 -70.07
CA GLY D 37 27.26 49.70 -70.73
C GLY D 37 28.25 48.71 -71.30
N THR D 38 28.64 47.72 -70.50
CA THR D 38 29.48 46.64 -70.99
C THR D 38 28.70 45.63 -71.87
N ASN D 39 27.38 45.51 -71.70
CA ASN D 39 26.63 44.71 -72.68
C ASN D 39 26.74 45.38 -74.05
N ALA D 40 26.69 46.71 -74.08
CA ALA D 40 26.71 47.42 -75.32
C ALA D 40 28.06 47.22 -76.02
N LYS D 41 29.16 47.27 -75.28
CA LYS D 41 30.45 47.09 -75.89
C LYS D 41 30.60 45.71 -76.58
N ILE D 42 30.22 44.65 -75.85
CA ILE D 42 30.20 43.28 -76.35
C ILE D 42 29.31 43.11 -77.56
N LEU D 43 28.12 43.64 -77.52
CA LEU D 43 27.30 43.61 -78.71
C LEU D 43 27.99 44.33 -79.88
N TRP D 44 28.63 45.47 -79.58
CA TRP D 44 29.19 46.32 -80.65
C TRP D 44 30.22 45.55 -81.43
N ASP D 45 31.13 44.92 -80.72
CA ASP D 45 32.19 44.39 -81.51
C ASP D 45 32.11 42.88 -81.64
N ARG D 46 30.98 42.28 -81.29
CA ARG D 46 30.77 40.88 -81.61
C ARG D 46 29.49 40.61 -82.46
N VAL D 47 28.63 41.59 -82.63
CA VAL D 47 27.41 41.32 -83.38
C VAL D 47 27.32 42.34 -84.52
N PRO D 48 27.91 42.03 -85.70
CA PRO D 48 27.79 42.98 -86.84
C PRO D 48 26.37 42.96 -87.45
N PRO D 49 26.07 43.95 -88.31
CA PRO D 49 24.70 44.16 -88.82
C PRO D 49 24.17 43.04 -89.72
N GLU D 50 25.06 42.23 -90.30
CA GLU D 50 24.68 41.04 -91.07
C GLU D 50 23.95 39.97 -90.22
N VAL D 51 24.03 40.07 -88.90
CA VAL D 51 23.42 39.07 -88.02
C VAL D 51 21.91 39.32 -87.90
N GLU D 52 21.12 38.27 -88.04
CA GLU D 52 19.68 38.35 -87.83
C GLU D 52 19.34 38.02 -86.38
N PRO D 53 18.14 38.37 -85.95
CA PRO D 53 17.83 38.01 -84.54
C PRO D 53 17.78 36.51 -84.20
N PHE D 54 17.31 35.65 -85.12
CA PHE D 54 17.22 34.20 -84.85
C PHE D 54 18.33 33.49 -85.57
N SER D 55 19.41 34.23 -85.76
CA SER D 55 20.58 33.65 -86.33
C SER D 55 21.40 33.13 -85.14
N PRO D 56 22.24 32.10 -85.34
CA PRO D 56 22.96 31.51 -84.20
C PRO D 56 24.05 32.44 -83.64
N GLU D 57 24.57 33.31 -84.49
CA GLU D 57 25.54 34.34 -84.11
C GLU D 57 24.97 35.48 -83.22
N ASN D 58 23.66 35.70 -83.20
CA ASN D 58 23.04 36.62 -82.22
C ASN D 58 23.48 36.23 -80.80
N LEU D 59 23.64 37.24 -79.98
CA LEU D 59 24.02 37.02 -78.59
C LEU D 59 22.87 37.32 -77.63
N LEU D 60 22.69 36.42 -76.66
CA LEU D 60 21.77 36.67 -75.55
C LEU D 60 22.62 36.84 -74.30
N ILE D 61 22.59 38.05 -73.71
CA ILE D 61 23.47 38.40 -72.59
C ILE D 61 22.70 38.68 -71.32
N PHE D 62 23.07 38.03 -70.20
CA PHE D 62 22.50 38.32 -68.86
C PHE D 62 23.58 39.07 -68.04
N ALA D 63 23.32 40.27 -67.53
CA ALA D 63 24.36 40.91 -66.73
C ALA D 63 23.84 41.42 -65.40
N ALA D 64 24.62 41.24 -64.34
CA ALA D 64 24.27 41.87 -63.07
C ALA D 64 24.91 43.24 -63.09
N GLY D 65 24.28 44.25 -62.51
CA GLY D 65 24.87 45.58 -62.46
C GLY D 65 26.15 45.71 -61.65
N LEU D 66 26.94 46.75 -61.93
CA LEU D 66 28.19 46.93 -61.19
C LEU D 66 28.09 46.80 -59.63
N LEU D 67 27.04 47.36 -59.04
CA LEU D 67 26.94 47.32 -57.57
C LEU D 67 25.94 46.24 -57.03
N CYS D 68 25.43 45.32 -57.87
CA CYS D 68 24.53 44.29 -57.35
C CYS D 68 25.36 43.42 -56.43
N GLY D 69 24.80 42.99 -55.32
CA GLY D 69 25.54 42.05 -54.49
C GLY D 69 26.30 42.81 -53.41
N THR D 70 26.28 44.15 -53.49
CA THR D 70 26.85 44.99 -52.45
C THR D 70 25.73 45.38 -51.54
N PRO D 71 26.02 46.09 -50.44
CA PRO D 71 24.87 46.42 -49.56
C PRO D 71 23.96 47.57 -50.02
N ALA D 72 24.17 48.16 -51.19
CA ALA D 72 23.34 49.31 -51.63
C ALA D 72 21.88 48.92 -51.81
N THR D 73 21.00 49.62 -51.11
CA THR D 73 19.57 49.42 -51.11
C THR D 73 19.00 49.42 -52.48
N GLY D 74 18.17 48.42 -52.77
CA GLY D 74 17.52 48.33 -54.06
C GLY D 74 18.45 48.08 -55.26
N CYS D 75 19.76 47.85 -55.07
CA CYS D 75 20.64 47.60 -56.19
C CYS D 75 20.65 46.13 -56.61
N ASN D 76 19.70 45.71 -57.42
CA ASN D 76 19.49 44.27 -57.59
C ASN D 76 19.13 43.90 -59.06
N ARG D 77 19.29 44.82 -60.06
CA ARG D 77 18.75 44.55 -61.40
C ARG D 77 19.61 43.69 -62.33
N THR D 78 18.93 42.81 -63.07
CA THR D 78 19.56 42.15 -64.21
C THR D 78 19.27 42.92 -65.50
N ILE D 79 20.29 43.09 -66.36
CA ILE D 79 20.10 43.69 -67.68
C ILE D 79 20.25 42.60 -68.76
N VAL D 80 19.15 42.30 -69.45
CA VAL D 80 19.24 41.31 -70.52
C VAL D 80 19.40 42.05 -71.86
N SER D 81 20.38 41.68 -72.71
CA SER D 81 20.59 42.37 -74.04
C SER D 81 20.73 41.35 -75.20
N THR D 82 20.23 41.71 -76.36
CA THR D 82 20.27 40.89 -77.54
C THR D 82 19.84 41.81 -78.70
N VAL D 83 19.86 41.33 -79.94
CA VAL D 83 19.21 42.05 -81.04
C VAL D 83 17.70 41.64 -81.04
N SER D 84 16.81 42.63 -81.09
CA SER D 84 15.37 42.35 -80.98
C SER D 84 14.79 41.74 -82.24
N PRO D 85 14.02 40.66 -82.09
CA PRO D 85 13.30 40.18 -83.25
C PRO D 85 12.24 41.16 -83.73
N GLN D 86 11.71 42.01 -82.87
CA GLN D 86 10.61 42.83 -83.32
C GLN D 86 11.11 44.11 -84.00
N THR D 87 11.95 44.87 -83.31
CA THR D 87 12.41 46.17 -83.81
C THR D 87 13.59 46.08 -84.80
N LYS D 88 14.31 44.98 -84.75
CA LYS D 88 15.53 44.72 -85.47
C LYS D 88 16.71 45.62 -85.04
N LEU D 89 16.51 46.35 -83.95
CA LEU D 89 17.52 47.16 -83.22
C LEU D 89 17.95 46.41 -81.94
N MET D 90 18.90 46.93 -81.16
CA MET D 90 19.19 46.36 -79.83
C MET D 90 17.95 46.33 -79.00
N ALA D 91 17.74 45.23 -78.28
CA ALA D 91 16.75 45.20 -77.22
C ALA D 91 17.52 45.05 -75.93
N PHE D 92 17.29 45.94 -74.96
CA PHE D 92 17.85 45.69 -73.63
C PHE D 92 16.65 45.69 -72.73
N SER D 93 16.68 44.90 -71.64
CA SER D 93 15.50 44.73 -70.84
C SER D 93 15.86 44.45 -69.36
N MET D 94 15.16 45.07 -68.41
CA MET D 94 15.64 45.00 -67.01
C MET D 94 14.74 44.08 -66.21
N MET D 95 15.36 43.33 -65.26
CA MET D 95 14.65 42.46 -64.37
C MET D 95 15.17 42.67 -62.92
N GLY D 96 14.26 42.95 -62.01
CA GLY D 96 14.53 43.19 -60.60
C GLY D 96 14.56 41.85 -59.83
N GLY D 97 13.97 41.81 -58.64
CA GLY D 97 14.01 40.56 -57.83
C GLY D 97 15.33 40.22 -57.21
N PHE D 98 15.82 38.97 -57.40
CA PHE D 98 16.88 38.41 -56.58
C PHE D 98 17.93 37.74 -57.43
N TRP D 99 17.75 37.71 -58.75
CA TRP D 99 18.67 36.88 -59.60
C TRP D 99 20.04 37.53 -59.79
N ALA D 100 20.10 38.82 -60.11
CA ALA D 100 21.43 39.44 -60.35
C ALA D 100 22.31 39.39 -59.07
N PRO D 101 21.73 39.68 -57.90
CA PRO D 101 22.64 39.49 -56.74
C PRO D 101 23.21 38.06 -56.64
N GLU D 102 22.35 37.07 -56.89
CA GLU D 102 22.75 35.67 -56.76
C GLU D 102 23.90 35.36 -57.72
N LEU D 103 23.85 35.91 -58.94
CA LEU D 103 24.94 35.66 -59.89
C LEU D 103 26.28 36.24 -59.41
N LYS D 104 26.26 37.49 -58.89
CA LYS D 104 27.46 38.08 -58.27
C LYS D 104 27.98 37.19 -57.12
N TYR D 105 27.09 36.73 -56.25
CA TYR D 105 27.51 35.81 -55.17
C TYR D 105 28.01 34.44 -55.64
N ALA D 106 27.67 34.07 -56.87
CA ALA D 106 28.18 32.83 -57.47
C ALA D 106 29.49 33.10 -58.11
N GLY D 107 29.86 34.38 -58.26
CA GLY D 107 31.15 34.79 -58.76
C GLY D 107 31.21 35.32 -60.20
N TYR D 108 30.07 35.73 -60.79
CA TYR D 108 30.07 36.20 -62.19
C TYR D 108 29.35 37.54 -62.40
N ASP D 109 29.80 38.29 -63.41
CA ASP D 109 29.19 39.57 -63.77
C ASP D 109 28.18 39.38 -64.87
N LYS D 110 28.43 38.41 -65.77
CA LYS D 110 27.53 38.14 -66.90
C LYS D 110 27.58 36.68 -67.38
N ILE D 111 26.51 36.26 -68.08
CA ILE D 111 26.55 35.12 -68.98
C ILE D 111 26.27 35.52 -70.44
N ILE D 112 27.08 35.05 -71.36
CA ILE D 112 26.95 35.37 -72.79
C ILE D 112 26.65 34.10 -73.61
N PHE D 113 25.43 33.96 -74.10
CA PHE D 113 25.04 32.79 -74.87
C PHE D 113 25.14 33.08 -76.37
N ARG D 114 25.96 32.31 -77.08
CA ARG D 114 25.93 32.28 -78.52
C ARG D 114 25.51 30.88 -78.99
N GLY D 115 25.22 30.74 -80.28
CA GLY D 115 24.80 29.48 -80.88
C GLY D 115 23.36 29.16 -80.56
N LYS D 116 22.94 27.93 -80.88
CA LYS D 116 21.63 27.38 -80.50
C LYS D 116 21.80 25.93 -79.99
N SER D 117 20.98 25.53 -79.01
CA SER D 117 20.87 24.12 -78.64
C SER D 117 19.76 23.42 -79.47
N PRO D 118 20.08 22.27 -80.09
CA PRO D 118 19.05 21.43 -80.74
C PRO D 118 18.02 20.90 -79.74
N GLU D 119 18.48 20.60 -78.54
CA GLU D 119 17.62 20.09 -77.48
C GLU D 119 17.21 21.26 -76.59
N LEU D 120 16.01 21.22 -76.02
CA LEU D 120 15.67 22.16 -74.97
C LEU D 120 16.58 21.86 -73.76
N VAL D 121 17.34 22.86 -73.33
CA VAL D 121 18.18 22.68 -72.15
C VAL D 121 17.95 23.82 -71.10
N TYR D 122 18.37 23.62 -69.85
CA TYR D 122 18.57 24.79 -69.02
C TYR D 122 20.01 24.82 -68.48
N LEU D 123 20.48 26.01 -68.12
CA LEU D 123 21.82 26.16 -67.56
C LEU D 123 21.67 26.22 -66.04
N TYR D 124 22.58 25.56 -65.34
CA TYR D 124 22.61 25.40 -63.90
C TYR D 124 23.93 25.95 -63.35
N ILE D 125 23.87 26.92 -62.43
CA ILE D 125 25.11 27.45 -61.83
C ILE D 125 25.04 27.32 -60.31
N ASN D 126 26.06 26.72 -59.74
CA ASN D 126 26.28 26.75 -58.32
C ASN D 126 27.74 27.07 -58.08
N ASN D 127 28.03 28.34 -57.79
CA ASN D 127 29.39 28.82 -57.51
C ASN D 127 30.26 28.45 -58.67
N ASP D 128 31.23 27.55 -58.47
CA ASP D 128 32.18 27.16 -59.55
C ASP D 128 31.69 26.03 -60.47
N LYS D 129 30.59 25.40 -60.13
CA LYS D 129 30.08 24.28 -60.90
C LYS D 129 29.09 24.84 -61.89
N VAL D 130 29.27 24.53 -63.16
CA VAL D 130 28.35 25.06 -64.15
C VAL D 130 28.07 23.97 -65.15
N GLU D 131 26.80 23.69 -65.43
CA GLU D 131 26.53 22.68 -66.44
C GLU D 131 25.24 22.92 -67.18
N ILE D 132 25.15 22.28 -68.35
CA ILE D 132 23.95 22.28 -69.17
C ILE D 132 23.14 21.04 -68.85
N ARG D 133 21.84 21.21 -68.62
CA ARG D 133 20.98 20.07 -68.23
C ARG D 133 19.87 19.91 -69.24
N ASP D 134 19.43 18.67 -69.43
CA ASP D 134 18.34 18.43 -70.33
C ASP D 134 17.07 19.02 -69.75
N ALA D 135 16.36 19.83 -70.54
CA ALA D 135 15.12 20.44 -70.06
C ALA D 135 13.91 19.98 -70.86
N SER D 136 14.05 18.90 -71.63
CA SER D 136 12.95 18.44 -72.47
C SER D 136 11.67 18.04 -71.68
N HIS D 137 11.79 17.61 -70.41
CA HIS D 137 10.56 17.41 -69.59
C HIS D 137 9.77 18.69 -69.23
N LEU D 138 10.32 19.88 -69.49
CA LEU D 138 9.64 21.12 -69.08
C LEU D 138 8.99 21.81 -70.26
N LYS D 139 9.14 21.19 -71.44
CA LYS D 139 8.61 21.75 -72.69
C LYS D 139 7.18 22.24 -72.49
N GLY D 140 6.97 23.50 -72.76
CA GLY D 140 5.64 24.08 -72.63
C GLY D 140 5.17 24.50 -71.24
N LYS D 141 5.86 24.11 -70.17
CA LYS D 141 5.48 24.58 -68.81
C LYS D 141 5.63 26.09 -68.63
N GLY D 142 4.78 26.69 -67.77
CA GLY D 142 4.83 28.09 -67.39
C GLY D 142 6.18 28.47 -66.80
N ALA D 143 6.53 29.74 -66.94
CA ALA D 143 7.82 30.19 -66.46
C ALA D 143 8.00 30.01 -64.95
N ILE D 144 6.99 30.33 -64.14
CA ILE D 144 7.12 30.10 -62.70
C ILE D 144 7.01 28.64 -62.32
N GLU D 145 6.03 27.95 -62.89
CA GLU D 145 5.91 26.51 -62.79
C GLU D 145 7.28 25.79 -63.04
N THR D 146 7.96 26.16 -64.12
CA THR D 146 9.27 25.62 -64.48
C THR D 146 10.30 25.86 -63.41
N ALA D 147 10.25 27.04 -62.81
CA ALA D 147 11.18 27.36 -61.73
C ALA D 147 11.01 26.42 -60.51
N GLU D 148 9.77 26.10 -60.13
CA GLU D 148 9.51 25.25 -58.96
C GLU D 148 9.91 23.76 -59.19
N ILE D 149 9.51 23.21 -60.34
CA ILE D 149 9.98 21.89 -60.76
C ILE D 149 11.51 21.81 -60.72
N ILE D 150 12.18 22.81 -61.26
CA ILE D 150 13.62 22.72 -61.33
C ILE D 150 14.25 22.74 -59.93
N LYS D 151 13.78 23.61 -59.06
CA LYS D 151 14.38 23.70 -57.75
C LYS D 151 14.21 22.34 -56.99
N LYS D 152 13.05 21.71 -57.12
CA LYS D 152 12.83 20.38 -56.50
C LYS D 152 13.77 19.36 -57.14
N GLU D 153 13.86 19.28 -58.48
CA GLU D 153 14.82 18.41 -59.15
C GLU D 153 16.22 18.54 -58.64
N LEU D 154 16.70 19.76 -58.40
CA LEU D 154 18.12 19.89 -58.10
C LEU D 154 18.33 19.87 -56.58
N ASN D 155 17.23 19.88 -55.86
CA ASN D 155 17.26 20.13 -54.43
C ASN D 155 17.97 21.43 -54.11
N GLU D 156 17.49 22.53 -54.70
CA GLU D 156 18.15 23.82 -54.52
C GLU D 156 17.12 24.86 -54.17
N PRO D 157 16.59 24.80 -52.94
CA PRO D 157 15.37 25.57 -52.64
C PRO D 157 15.59 27.09 -52.70
N ARG D 158 16.86 27.49 -52.66
CA ARG D 158 17.29 28.87 -52.52
C ARG D 158 17.97 29.40 -53.78
N ALA D 159 17.97 28.59 -54.84
CA ALA D 159 18.39 29.01 -56.17
C ALA D 159 17.40 30.03 -56.78
N GLN D 160 17.90 30.96 -57.57
CA GLN D 160 16.99 31.90 -58.29
C GLN D 160 16.89 31.44 -59.75
N VAL D 161 15.67 31.37 -60.29
CA VAL D 161 15.46 30.89 -61.63
C VAL D 161 14.89 31.97 -62.61
N ALA D 162 15.48 32.04 -63.80
CA ALA D 162 14.94 32.93 -64.83
C ALA D 162 14.50 32.05 -66.01
N ALA D 163 13.22 32.09 -66.36
CA ALA D 163 12.68 31.11 -67.33
C ALA D 163 11.73 31.75 -68.33
N ILE D 164 11.58 31.09 -69.48
CA ILE D 164 10.55 31.44 -70.43
C ILE D 164 9.35 30.48 -70.29
N GLY D 165 8.17 30.95 -70.65
CA GLY D 165 7.03 30.08 -70.86
C GLY D 165 6.87 29.65 -72.29
N LYS D 166 5.66 29.26 -72.68
CA LYS D 166 5.47 28.65 -73.98
C LYS D 166 5.66 29.74 -75.08
N ALA D 167 5.29 30.99 -74.72
CA ALA D 167 5.43 32.09 -75.69
C ALA D 167 6.88 32.25 -76.12
N GLY D 168 7.81 32.16 -75.18
CA GLY D 168 9.24 32.19 -75.50
C GLY D 168 9.65 31.02 -76.38
N GLU D 169 9.25 29.80 -75.94
CA GLU D 169 9.59 28.61 -76.75
C GLU D 169 9.14 28.75 -78.20
N ASN D 170 8.10 29.53 -78.47
CA ASN D 170 7.53 29.65 -79.82
C ASN D 170 7.96 30.95 -80.46
N ARG D 171 9.00 31.55 -79.88
CA ARG D 171 9.58 32.74 -80.44
C ARG D 171 8.54 33.85 -80.68
N VAL D 172 7.62 34.03 -79.75
CA VAL D 172 6.70 35.18 -79.84
C VAL D 172 7.53 36.43 -79.66
N PHE D 173 7.31 37.42 -80.53
CA PHE D 173 8.20 38.56 -80.67
C PHE D 173 8.15 39.46 -79.44
N TYR D 174 7.09 39.37 -78.66
CA TYR D 174 7.04 40.09 -77.39
C TYR D 174 6.97 39.11 -76.18
N ALA D 175 7.77 38.04 -76.27
CA ALA D 175 7.82 37.03 -75.18
C ALA D 175 8.84 37.48 -74.17
N SER D 176 8.49 37.26 -72.90
CA SER D 176 9.27 37.78 -71.79
C SER D 176 10.10 36.68 -71.11
N ILE D 177 10.91 37.10 -70.13
CA ILE D 177 11.67 36.19 -69.26
C ILE D 177 11.28 36.48 -67.82
N GLU D 178 10.93 35.45 -67.04
CA GLU D 178 10.27 35.63 -65.76
C GLU D 178 11.03 34.96 -64.61
N GLN D 179 11.06 35.65 -63.48
CA GLN D 179 11.80 35.17 -62.33
C GLN D 179 11.12 35.66 -61.08
N GLY D 180 10.48 34.78 -60.32
CA GLY D 180 9.69 35.26 -59.15
C GLY D 180 8.78 36.44 -59.47
N ARG D 181 8.96 37.58 -58.80
CA ARG D 181 8.03 38.69 -58.99
C ARG D 181 8.60 39.72 -60.00
N SER D 182 9.45 39.25 -60.91
CA SER D 182 10.25 40.13 -61.74
C SER D 182 10.23 39.62 -63.15
N SER D 183 10.38 40.55 -64.09
CA SER D 183 10.28 40.18 -65.50
C SER D 183 11.14 41.05 -66.42
N ALA D 184 11.88 40.39 -67.34
CA ALA D 184 12.57 41.08 -68.43
C ALA D 184 11.56 41.03 -69.52
N SER D 185 10.81 42.14 -69.67
CA SER D 185 9.53 42.02 -70.35
C SER D 185 9.52 42.29 -71.88
N ARG D 186 10.17 43.39 -72.30
CA ARG D 186 9.95 43.89 -73.70
C ARG D 186 11.05 43.66 -74.68
N GLY D 187 10.69 43.64 -75.96
CA GLY D 187 11.69 43.64 -77.03
C GLY D 187 11.90 42.28 -77.66
N GLY D 188 11.32 41.25 -77.01
CA GLY D 188 11.38 39.88 -77.44
C GLY D 188 12.59 39.10 -77.01
N ILE D 189 13.26 39.53 -75.94
CA ILE D 189 14.39 38.78 -75.39
C ILE D 189 14.01 37.35 -75.05
N GLY D 190 12.75 37.16 -74.69
CA GLY D 190 12.26 35.82 -74.40
C GLY D 190 12.22 34.94 -75.63
N ALA D 191 11.98 35.55 -76.81
CA ALA D 191 12.01 34.83 -78.11
C ALA D 191 13.38 34.38 -78.53
N VAL D 192 14.37 35.23 -78.27
CA VAL D 192 15.74 34.89 -78.61
C VAL D 192 16.22 33.79 -77.70
N MET D 193 15.80 33.84 -76.43
CA MET D 193 16.07 32.77 -75.46
C MET D 193 15.46 31.39 -75.87
N GLY D 194 14.18 31.38 -76.24
CA GLY D 194 13.59 30.19 -76.83
C GLY D 194 14.23 29.79 -78.17
N ASP D 195 14.57 30.75 -79.03
CA ASP D 195 15.28 30.38 -80.27
C ASP D 195 16.51 29.57 -79.92
N LYS D 196 17.21 29.98 -78.88
CA LYS D 196 18.45 29.26 -78.59
C LYS D 196 18.26 27.93 -77.81
N GLY D 197 17.02 27.50 -77.59
CA GLY D 197 16.75 26.28 -76.85
C GLY D 197 17.05 26.39 -75.35
N LEU D 198 17.04 27.60 -74.82
CA LEU D 198 17.30 27.81 -73.41
C LEU D 198 16.00 28.05 -72.69
N LYS D 199 15.55 27.02 -71.97
CA LYS D 199 14.34 27.06 -71.15
C LYS D 199 14.47 27.88 -69.85
N ALA D 200 15.60 27.79 -69.18
CA ALA D 200 15.81 28.55 -67.94
C ALA D 200 17.31 28.68 -67.65
N VAL D 201 17.63 29.64 -66.78
CA VAL D 201 18.94 29.76 -66.15
C VAL D 201 18.77 29.81 -64.60
N VAL D 202 19.34 28.81 -63.93
CA VAL D 202 19.21 28.56 -62.46
C VAL D 202 20.51 28.95 -61.77
N VAL D 203 20.51 29.86 -60.80
CA VAL D 203 21.82 30.21 -60.20
C VAL D 203 21.71 30.13 -58.66
N ARG D 204 22.75 29.58 -58.01
CA ARG D 204 22.83 29.57 -56.56
C ARG D 204 24.21 30.11 -56.25
N GLY D 205 24.34 31.05 -55.31
CA GLY D 205 25.66 31.61 -55.03
C GLY D 205 25.93 31.82 -53.55
N THR D 206 27.08 31.39 -53.05
CA THR D 206 27.39 31.64 -51.65
C THR D 206 28.81 32.14 -51.43
N LYS D 207 29.41 32.79 -52.42
CA LYS D 207 30.71 33.45 -52.23
C LYS D 207 30.55 34.86 -51.63
N ASP D 208 31.67 35.42 -51.19
CA ASP D 208 31.67 36.78 -50.69
C ASP D 208 31.71 37.76 -51.86
N LEU D 209 31.10 38.92 -51.67
CA LEU D 209 31.24 40.00 -52.64
C LEU D 209 31.81 41.25 -51.94
N CYS D 210 32.99 41.67 -52.38
CA CYS D 210 33.78 42.72 -51.73
C CYS D 210 33.55 44.17 -52.22
N VAL D 211 33.77 45.15 -51.33
CA VAL D 211 33.84 46.57 -51.73
C VAL D 211 35.14 47.20 -51.27
N ALA D 212 35.51 48.30 -51.92
CA ALA D 212 36.84 48.86 -51.78
C ALA D 212 37.02 49.68 -50.49
N LYS D 213 36.05 50.51 -50.14
CA LYS D 213 36.20 51.42 -48.98
C LYS D 213 35.04 51.15 -48.03
N PRO D 214 35.19 50.16 -47.13
CA PRO D 214 34.02 49.60 -46.45
C PRO D 214 33.24 50.66 -45.58
N GLU D 215 33.99 51.39 -44.79
CA GLU D 215 33.43 52.34 -43.82
C GLU D 215 32.71 53.45 -44.58
N GLU D 216 33.36 53.87 -45.67
CA GLU D 216 32.81 54.89 -46.58
C GLU D 216 31.54 54.41 -47.29
N TYR D 217 31.57 53.19 -47.80
CA TYR D 217 30.42 52.63 -48.49
C TYR D 217 29.20 52.46 -47.57
N ILE D 218 29.35 51.85 -46.39
CA ILE D 218 28.16 51.60 -45.56
C ILE D 218 27.56 52.92 -45.04
N GLY D 219 28.43 53.90 -44.79
CA GLY D 219 28.03 55.30 -44.60
C GLY D 219 27.07 55.79 -45.66
N LEU D 220 27.42 55.53 -46.92
CA LEU D 220 26.67 56.06 -48.06
C LEU D 220 25.37 55.31 -48.07
N CYS D 221 25.39 54.02 -47.67
CA CYS D 221 24.12 53.25 -47.66
C CYS D 221 23.19 53.70 -46.54
N ASN D 222 23.76 54.00 -45.36
CA ASN D 222 22.96 54.49 -44.23
C ASN D 222 22.34 55.84 -44.54
N GLU D 223 23.09 56.63 -45.30
CA GLU D 223 22.61 57.92 -45.77
C GLU D 223 21.37 57.78 -46.65
N VAL D 224 21.44 56.82 -47.60
CA VAL D 224 20.28 56.51 -48.44
C VAL D 224 19.09 56.05 -47.62
N LEU D 225 19.30 55.11 -46.66
CA LEU D 225 18.15 54.65 -45.88
C LEU D 225 17.51 55.76 -45.07
N ASP D 226 18.34 56.65 -44.55
CA ASP D 226 17.82 57.84 -43.86
C ASP D 226 17.02 58.72 -44.83
N TYR D 227 17.50 58.83 -46.07
CA TYR D 227 16.73 59.61 -47.03
C TYR D 227 15.42 58.94 -47.33
N ILE D 228 15.45 57.62 -47.49
CA ILE D 228 14.22 56.90 -47.82
C ILE D 228 13.20 57.13 -46.74
N LYS D 229 13.65 57.20 -45.50
CA LYS D 229 12.65 57.34 -44.42
C LYS D 229 12.05 58.77 -44.47
N HIS D 230 12.92 59.76 -44.60
CA HIS D 230 12.48 61.14 -44.79
C HIS D 230 11.51 61.34 -45.96
N ARG D 231 11.84 60.76 -47.10
CA ARG D 231 11.09 60.99 -48.32
C ARG D 231 9.69 60.40 -48.22
N GLU D 232 9.58 59.27 -47.53
CA GLU D 232 8.28 58.62 -47.40
C GLU D 232 7.38 59.36 -46.37
N GLU D 233 7.98 60.13 -45.48
CA GLU D 233 7.21 61.02 -44.61
C GLU D 233 6.86 62.31 -45.36
N ASN D 234 7.41 62.48 -46.57
CA ASN D 234 7.19 63.72 -47.34
C ASN D 234 6.91 63.48 -48.80
N PRO D 235 5.69 62.98 -49.07
CA PRO D 235 5.29 62.79 -50.45
C PRO D 235 5.24 64.12 -51.16
N ILE D 236 5.60 64.11 -52.44
CA ILE D 236 5.46 65.29 -53.27
C ILE D 236 4.06 65.83 -53.19
N PRO D 237 3.87 67.07 -52.72
CA PRO D 237 2.52 67.62 -52.65
C PRO D 237 1.72 67.64 -53.94
N ASP D 238 0.44 67.32 -53.82
CA ASP D 238 -0.53 67.36 -54.92
C ASP D 238 -0.25 66.41 -56.08
N VAL D 239 0.57 65.43 -55.81
CA VAL D 239 0.77 64.32 -56.70
C VAL D 239 0.04 63.11 -56.11
N MET D 240 -0.73 62.43 -56.96
CA MET D 240 -1.40 61.18 -56.57
C MET D 240 -0.48 60.13 -55.94
N PRO D 241 -1.02 59.35 -55.00
CA PRO D 241 -0.18 58.37 -54.29
C PRO D 241 0.55 57.39 -55.22
N ILE D 242 0.09 57.09 -56.45
CA ILE D 242 0.85 56.04 -57.19
C ILE D 242 2.24 56.53 -57.53
N LEU D 243 2.37 57.87 -57.65
CA LEU D 243 3.62 58.50 -58.08
C LEU D 243 4.27 59.49 -57.12
N ALA D 244 3.65 59.79 -55.99
CA ALA D 244 4.10 60.89 -55.13
C ALA D 244 5.29 60.46 -54.26
N GLY D 245 5.55 59.14 -54.20
CA GLY D 245 6.58 58.60 -53.32
C GLY D 245 7.64 57.86 -54.10
N LEU D 246 8.45 57.07 -53.39
CA LEU D 246 9.52 56.27 -53.98
C LEU D 246 8.95 54.94 -54.48
N GLY D 247 9.70 54.23 -55.32
CA GLY D 247 9.25 52.89 -55.70
C GLY D 247 8.85 52.88 -57.17
N SER D 248 8.70 51.71 -57.78
CA SER D 248 7.98 51.64 -59.07
C SER D 248 6.58 52.11 -58.81
N PRO D 249 5.83 52.56 -59.84
CA PRO D 249 4.44 53.01 -59.60
C PRO D 249 3.69 52.11 -58.59
N GLN D 250 3.09 52.72 -57.54
CA GLN D 250 2.63 51.93 -56.38
C GLN D 250 1.20 51.46 -56.57
N GLU D 251 0.91 50.86 -57.73
CA GLU D 251 -0.43 50.37 -58.13
C GLU D 251 -0.92 49.19 -57.29
N MET D 252 -0.01 48.40 -56.75
CA MET D 252 -0.45 47.27 -55.90
C MET D 252 -0.99 47.80 -54.52
N LYS D 253 -0.48 48.93 -54.02
CA LYS D 253 -0.91 49.53 -52.75
C LYS D 253 -2.12 50.41 -52.87
N VAL D 254 -2.24 51.11 -53.98
CA VAL D 254 -3.19 52.20 -54.10
C VAL D 254 -4.36 51.88 -55.00
N HIS D 255 -5.59 51.92 -54.47
CA HIS D 255 -6.74 51.47 -55.26
C HIS D 255 -7.33 52.59 -56.14
N ASP D 256 -6.96 53.82 -55.82
CA ASP D 256 -7.42 54.94 -56.60
C ASP D 256 -6.80 54.84 -58.01
N GLU D 257 -7.57 54.42 -59.01
CA GLU D 257 -7.03 54.40 -60.36
C GLU D 257 -7.66 55.41 -61.28
N LYS D 258 -8.16 56.51 -60.72
CA LYS D 258 -8.84 57.53 -61.50
C LYS D 258 -7.97 58.16 -62.60
N TRP D 259 -6.73 58.49 -62.29
CA TRP D 259 -5.83 59.09 -63.24
C TRP D 259 -5.63 58.22 -64.49
N HIS D 260 -5.23 56.95 -64.28
CA HIS D 260 -5.11 56.00 -65.37
C HIS D 260 -6.35 55.82 -66.19
N THR D 261 -7.47 55.51 -65.54
CA THR D 261 -8.67 55.13 -66.29
C THR D 261 -9.30 56.31 -67.03
N GLU D 262 -9.10 57.54 -66.53
CA GLU D 262 -9.77 58.70 -67.20
C GLU D 262 -8.88 59.44 -68.23
N ASN D 263 -7.59 59.15 -68.21
CA ASN D 263 -6.65 59.87 -69.02
C ASN D 263 -6.01 58.96 -70.09
N PHE D 264 -5.84 57.66 -69.79
CA PHE D 264 -5.27 56.72 -70.76
C PHE D 264 -6.35 56.13 -71.68
N ASN D 265 -5.98 55.75 -72.90
CA ASN D 265 -7.00 55.26 -73.83
C ASN D 265 -7.23 53.74 -73.59
N TRP D 266 -8.50 53.35 -73.59
CA TRP D 266 -8.94 51.98 -73.64
C TRP D 266 -8.87 51.30 -75.05
N GLY D 267 -9.13 50.00 -75.09
CA GLY D 267 -9.17 49.23 -76.33
C GLY D 267 -7.80 49.33 -76.95
N ASN D 268 -7.70 49.51 -78.27
CA ASN D 268 -6.37 49.49 -78.90
C ASN D 268 -5.86 50.91 -78.94
N ALA D 269 -5.46 51.37 -77.75
CA ALA D 269 -5.19 52.80 -77.48
C ALA D 269 -6.16 53.70 -78.18
N ARG D 270 -7.44 53.35 -78.11
CA ARG D 270 -8.42 53.92 -78.99
C ARG D 270 -9.43 54.84 -78.32
N THR D 271 -9.71 54.65 -77.04
CA THR D 271 -10.88 55.31 -76.47
C THR D 271 -10.68 56.05 -75.12
N ARG D 272 -10.95 57.36 -75.05
CA ARG D 272 -10.89 58.04 -73.76
C ARG D 272 -12.23 57.92 -73.08
N ARG D 273 -12.23 57.55 -71.80
CA ARG D 273 -13.46 57.57 -71.01
C ARG D 273 -13.25 58.52 -69.80
N LYS D 274 -13.44 59.80 -70.07
CA LYS D 274 -13.08 60.85 -69.14
C LYS D 274 -13.81 60.74 -67.83
N ASP D 275 -15.02 60.18 -67.85
CA ASP D 275 -15.82 60.08 -66.62
C ASP D 275 -15.95 58.67 -66.03
N PHE D 276 -15.00 57.81 -66.38
CA PHE D 276 -15.04 56.42 -66.00
C PHE D 276 -15.08 56.12 -64.48
N TRP D 277 -14.35 56.89 -63.67
CA TRP D 277 -14.10 56.53 -62.27
C TRP D 277 -15.21 57.01 -61.28
N THR D 278 -16.28 56.22 -61.23
CA THR D 278 -17.43 56.49 -60.40
C THR D 278 -17.25 55.97 -58.96
N ASP D 279 -18.24 56.16 -58.12
CA ASP D 279 -18.17 55.53 -56.81
C ASP D 279 -18.32 54.02 -56.98
N GLU D 280 -19.30 53.59 -57.77
CA GLU D 280 -19.61 52.17 -57.94
C GLU D 280 -18.42 51.38 -58.47
N VAL D 281 -17.66 51.95 -59.40
CA VAL D 281 -16.49 51.25 -59.93
C VAL D 281 -15.40 51.19 -58.89
N SER D 282 -15.25 52.28 -58.14
CA SER D 282 -14.14 52.41 -57.21
C SER D 282 -14.25 51.35 -56.12
N HIS D 283 -15.48 51.04 -55.72
CA HIS D 283 -15.68 50.10 -54.64
C HIS D 283 -15.65 48.66 -55.16
N ALA D 284 -16.25 48.42 -56.34
CA ALA D 284 -16.08 47.12 -56.94
C ALA D 284 -14.62 46.80 -57.16
N TRP D 285 -13.84 47.71 -57.74
CA TRP D 285 -12.42 47.36 -57.93
C TRP D 285 -11.66 47.24 -56.59
N GLU D 286 -12.14 47.97 -55.59
CA GLU D 286 -11.44 47.95 -54.30
C GLU D 286 -11.66 46.59 -53.68
N LYS D 287 -12.90 46.13 -53.74
CA LYS D 287 -13.24 44.80 -53.24
C LYS D 287 -12.45 43.69 -53.93
N THR D 288 -12.32 43.78 -55.25
CA THR D 288 -11.56 42.80 -56.03
C THR D 288 -10.09 42.71 -55.61
N MET D 289 -9.46 43.87 -55.60
CA MET D 289 -8.07 43.98 -55.19
C MET D 289 -7.84 43.58 -53.70
N ASP D 290 -8.71 44.04 -52.78
CA ASP D 290 -8.52 43.66 -51.36
C ASP D 290 -8.50 42.14 -51.24
N LYS D 291 -9.38 41.51 -52.01
CA LYS D 291 -9.49 40.06 -52.03
C LYS D 291 -8.32 39.35 -52.69
N ALA D 292 -7.79 39.93 -53.75
CA ALA D 292 -6.83 39.23 -54.58
C ALA D 292 -5.41 39.38 -54.07
N ARG D 293 -5.13 40.52 -53.44
CA ARG D 293 -3.77 40.85 -53.01
C ARG D 293 -3.41 40.02 -51.77
N THR D 294 -2.45 39.11 -51.86
CA THR D 294 -2.08 38.31 -50.72
C THR D 294 -1.08 39.04 -49.81
N ARG D 295 0.02 39.47 -50.41
CA ARG D 295 1.08 40.23 -49.72
C ARG D 295 1.76 41.23 -50.68
N LEU D 296 2.19 42.38 -50.14
CA LEU D 296 3.06 43.35 -50.84
C LEU D 296 4.45 42.90 -50.54
N ILE D 297 5.26 42.72 -51.55
CA ILE D 297 6.59 42.09 -51.38
C ILE D 297 7.71 42.80 -52.12
N SER D 298 8.93 42.77 -51.57
CA SER D 298 10.02 43.55 -52.09
C SER D 298 10.96 42.71 -53.01
N CYS D 299 11.67 43.39 -53.91
CA CYS D 299 12.93 42.82 -54.46
C CYS D 299 14.03 42.73 -53.39
N TYR D 300 15.20 42.22 -53.75
CA TYR D 300 16.31 42.08 -52.80
C TYR D 300 16.79 43.42 -52.23
N ASN D 301 16.91 43.47 -50.90
CA ASN D 301 17.53 44.53 -50.16
C ASN D 301 16.83 45.91 -50.39
N CYS D 302 15.50 45.89 -50.40
CA CYS D 302 14.73 47.08 -50.53
C CYS D 302 13.46 47.09 -49.72
N PRO D 303 13.18 48.25 -49.09
CA PRO D 303 11.97 48.21 -48.26
C PRO D 303 10.71 48.60 -48.94
N MET D 304 10.70 48.95 -50.26
CA MET D 304 9.57 49.68 -50.83
C MET D 304 8.41 48.79 -51.15
N LYS D 305 8.65 47.47 -51.23
CA LYS D 305 7.61 46.46 -51.47
C LYS D 305 6.53 46.84 -52.47
N CYS D 306 6.99 47.10 -53.71
CA CYS D 306 6.09 47.61 -54.78
C CYS D 306 5.24 46.51 -55.37
N GLY D 307 5.73 45.26 -55.28
CA GLY D 307 5.00 44.18 -55.94
C GLY D 307 4.05 43.43 -55.00
N ALA D 308 3.19 42.55 -55.54
CA ALA D 308 2.26 41.77 -54.71
C ALA D 308 2.08 40.33 -55.25
N THR D 309 1.84 39.36 -54.36
CA THR D 309 1.45 38.07 -54.81
C THR D 309 -0.05 38.26 -55.02
N ILE D 310 -0.63 37.54 -56.00
CA ILE D 310 -2.03 37.75 -56.41
C ILE D 310 -2.68 36.38 -56.52
N SER D 311 -3.85 36.19 -55.88
CA SER D 311 -4.52 34.90 -55.88
C SER D 311 -5.99 35.06 -56.29
N MET D 312 -6.34 34.48 -57.42
CA MET D 312 -7.69 34.63 -57.95
C MET D 312 -8.31 33.29 -57.66
N GLU D 313 -9.60 33.22 -57.41
CA GLU D 313 -10.17 31.93 -57.12
C GLU D 313 -9.94 30.97 -58.28
N GLY D 314 -9.38 29.80 -57.99
CA GLY D 314 -9.26 28.72 -58.96
C GLY D 314 -7.98 28.74 -59.77
N LEU D 315 -7.07 29.63 -59.41
CA LEU D 315 -5.91 29.91 -60.23
C LEU D 315 -4.67 29.82 -59.36
N PRO D 316 -3.58 29.30 -59.90
CA PRO D 316 -2.34 29.44 -59.13
C PRO D 316 -2.03 30.94 -58.81
N THR D 317 -1.34 31.11 -57.70
CA THR D 317 -0.76 32.38 -57.34
C THR D 317 0.22 32.86 -58.42
N TYR D 318 0.18 34.16 -58.73
CA TYR D 318 1.32 34.79 -59.39
C TYR D 318 1.63 36.12 -58.72
N MET D 319 2.58 36.83 -59.31
CA MET D 319 3.14 38.03 -58.72
C MET D 319 3.06 39.17 -59.76
N MET D 320 2.75 40.37 -59.30
CA MET D 320 2.47 41.51 -60.19
C MET D 320 3.01 42.82 -59.62
N LYS D 321 3.23 43.79 -60.51
CA LYS D 321 3.60 45.14 -60.09
C LYS D 321 3.32 46.11 -61.28
N CYS D 322 3.14 47.38 -60.94
CA CYS D 322 3.01 48.45 -61.92
C CYS D 322 1.83 48.26 -62.85
N PHE D 323 2.02 48.72 -64.12
CA PHE D 323 0.78 49.06 -64.92
C PHE D 323 0.11 47.85 -65.62
N THR D 324 0.74 46.66 -65.67
CA THR D 324 -0.03 45.53 -66.25
C THR D 324 -1.26 45.17 -65.40
N LYS D 325 -1.28 45.68 -64.14
CA LYS D 325 -2.54 45.76 -63.38
C LYS D 325 -3.76 46.19 -64.22
N LEU D 326 -3.58 47.17 -65.13
CA LEU D 326 -4.65 47.74 -65.90
C LEU D 326 -4.59 47.50 -67.43
N THR D 327 -3.43 47.11 -67.99
CA THR D 327 -3.36 47.02 -69.49
C THR D 327 -4.31 46.03 -70.10
N TYR D 328 -4.51 44.85 -69.49
CA TYR D 328 -5.45 43.84 -70.07
C TYR D 328 -6.86 44.28 -69.86
N THR D 329 -7.16 44.77 -68.65
CA THR D 329 -8.47 45.32 -68.31
C THR D 329 -8.86 46.43 -69.30
N MET D 330 -7.98 47.39 -69.45
CA MET D 330 -8.28 48.51 -70.37
C MET D 330 -8.39 48.14 -71.86
N ALA D 331 -7.53 47.26 -72.33
CA ALA D 331 -7.55 46.89 -73.74
C ALA D 331 -8.85 46.15 -74.07
N ALA D 332 -9.39 45.40 -73.10
CA ALA D 332 -10.62 44.61 -73.35
C ALA D 332 -11.89 45.36 -72.93
N TYR D 333 -11.76 46.62 -72.50
CA TYR D 333 -12.92 47.38 -72.00
C TYR D 333 -13.60 46.59 -70.89
N SER D 334 -12.84 46.11 -69.93
CA SER D 334 -13.39 45.17 -68.94
C SER D 334 -13.20 45.65 -67.51
N ASP D 335 -13.22 44.75 -66.52
CA ASP D 335 -13.04 45.21 -65.14
C ASP D 335 -11.73 44.67 -64.57
N LEU D 336 -11.40 45.07 -63.34
CA LEU D 336 -10.15 44.68 -62.69
C LEU D 336 -10.08 43.16 -62.45
N ASP D 337 -11.22 42.53 -62.15
CA ASP D 337 -11.24 41.07 -61.97
C ASP D 337 -10.74 40.32 -63.23
N PHE D 338 -11.27 40.67 -64.41
CA PHE D 338 -10.79 40.08 -65.68
C PHE D 338 -9.29 40.35 -65.89
N GLY D 339 -8.87 41.59 -65.67
CA GLY D 339 -7.44 41.90 -65.73
C GLY D 339 -6.56 40.91 -65.00
N LEU D 340 -6.91 40.67 -63.74
CA LEU D 340 -6.04 39.95 -62.85
C LEU D 340 -6.02 38.49 -63.25
N ARG D 341 -7.15 38.02 -63.78
CA ARG D 341 -7.27 36.66 -64.19
C ARG D 341 -6.46 36.42 -65.49
N ILE D 342 -6.66 37.22 -66.54
CA ILE D 342 -5.90 36.93 -67.76
C ILE D 342 -4.40 37.18 -67.55
N ALA D 343 -4.03 38.16 -66.73
CA ALA D 343 -2.59 38.37 -66.47
C ALA D 343 -1.86 37.15 -65.86
N GLN D 344 -2.58 36.38 -65.06
CA GLN D 344 -2.00 35.15 -64.52
C GLN D 344 -1.57 34.23 -65.65
N LYS D 345 -2.49 34.03 -66.60
CA LYS D 345 -2.22 33.20 -67.79
C LYS D 345 -1.03 33.75 -68.61
N ALA D 346 -1.05 35.06 -68.87
CA ALA D 346 -0.08 35.71 -69.75
C ALA D 346 1.30 35.77 -69.09
N THR D 347 1.32 35.92 -67.75
CA THR D 347 2.59 35.82 -67.02
C THR D 347 3.19 34.42 -67.13
N GLU D 348 2.34 33.38 -67.01
CA GLU D 348 2.85 32.01 -67.02
C GLU D 348 3.35 31.68 -68.45
N TYR D 349 2.60 32.04 -69.50
CA TYR D 349 3.11 31.97 -70.89
C TYR D 349 4.39 32.81 -71.14
N GLY D 350 4.53 33.87 -70.36
CA GLY D 350 5.69 34.74 -70.45
C GLY D 350 5.55 35.71 -71.63
N LEU D 351 4.58 36.62 -71.52
CA LEU D 351 4.35 37.69 -72.51
C LEU D 351 4.53 39.07 -71.93
N ASP D 352 5.04 39.98 -72.74
CA ASP D 352 5.04 41.40 -72.44
C ASP D 352 3.62 41.93 -72.24
N GLY D 353 3.25 42.27 -70.99
CA GLY D 353 1.97 42.89 -70.71
C GLY D 353 1.70 44.32 -71.27
N PHE D 354 2.65 44.95 -71.95
CA PHE D 354 2.32 46.19 -72.70
C PHE D 354 1.84 45.89 -74.14
N SER D 355 2.61 45.09 -74.88
CA SER D 355 2.25 44.79 -76.27
C SER D 355 1.09 43.82 -76.42
N ALA D 356 1.09 42.70 -75.68
CA ALA D 356 0.02 41.68 -75.88
C ALA D 356 -1.42 42.21 -75.78
N PRO D 357 -1.75 42.97 -74.73
CA PRO D 357 -3.07 43.61 -74.67
C PRO D 357 -3.38 44.41 -75.96
N GLN D 358 -2.48 45.26 -76.42
CA GLN D 358 -2.76 46.04 -77.67
C GLN D 358 -2.79 45.18 -78.96
N VAL D 359 -1.95 44.15 -79.04
CA VAL D 359 -1.99 43.28 -80.22
C VAL D 359 -3.38 42.70 -80.31
N MET D 360 -3.95 42.32 -79.16
CA MET D 360 -5.22 41.62 -79.16
C MET D 360 -6.37 42.58 -79.41
N ALA D 361 -6.26 43.79 -78.87
CA ALA D 361 -7.25 44.86 -79.12
C ALA D 361 -7.19 45.29 -80.60
N PHE D 362 -5.97 45.34 -81.14
CA PHE D 362 -5.74 45.51 -82.57
C PHE D 362 -6.47 44.49 -83.46
N ALA D 363 -6.27 43.21 -83.18
CA ALA D 363 -6.87 42.12 -83.93
C ALA D 363 -8.40 42.24 -84.00
N PHE D 364 -9.02 42.68 -82.90
CA PHE D 364 -10.48 42.71 -82.82
C PHE D 364 -11.09 43.96 -83.52
N GLU D 365 -10.31 45.03 -83.61
CA GLU D 365 -10.76 46.15 -84.42
C GLU D 365 -10.77 45.73 -85.87
N LEU D 366 -9.74 44.99 -86.32
CA LEU D 366 -9.71 44.50 -87.71
C LEU D 366 -10.90 43.57 -88.03
N LEU D 367 -11.24 42.68 -87.12
CA LEU D 367 -12.45 41.87 -87.23
C LEU D 367 -13.70 42.75 -87.34
N GLU D 368 -13.75 43.82 -86.55
CA GLU D 368 -14.91 44.71 -86.50
C GLU D 368 -15.06 45.50 -87.80
N LYS D 369 -13.96 46.10 -88.23
CA LYS D 369 -13.86 46.76 -89.51
C LYS D 369 -14.10 45.78 -90.68
N GLY D 370 -13.56 44.58 -90.58
CA GLY D 370 -13.86 43.57 -91.58
C GLY D 370 -12.62 43.25 -92.35
N ILE D 371 -11.56 44.02 -92.10
CA ILE D 371 -10.25 43.66 -92.63
C ILE D 371 -9.90 42.16 -92.32
N LEU D 372 -10.28 41.64 -91.16
CA LEU D 372 -10.28 40.19 -90.88
C LEU D 372 -11.72 39.65 -90.81
N LYS D 373 -11.87 38.34 -90.91
CA LYS D 373 -13.20 37.74 -90.94
C LYS D 373 -13.37 36.73 -89.82
N ASP D 374 -14.61 36.33 -89.58
CA ASP D 374 -14.88 35.32 -88.56
C ASP D 374 -14.12 34.06 -88.90
N SER D 375 -13.96 33.79 -90.20
CA SER D 375 -13.34 32.56 -90.69
C SER D 375 -11.90 32.44 -90.20
N ASP D 376 -11.20 33.57 -90.08
CA ASP D 376 -9.84 33.56 -89.58
C ASP D 376 -9.78 33.25 -88.08
N PHE D 377 -10.94 33.32 -87.41
CA PHE D 377 -11.04 32.98 -85.99
C PHE D 377 -11.89 31.73 -85.76
N PRO D 378 -11.42 30.55 -86.23
CA PRO D 378 -12.07 29.24 -85.99
C PRO D 378 -12.42 28.97 -84.52
N GLY D 379 -13.70 28.93 -84.17
CA GLY D 379 -14.07 28.60 -82.79
C GLY D 379 -14.21 29.80 -81.87
N LEU D 380 -14.19 30.98 -82.46
CA LEU D 380 -14.32 32.24 -81.73
C LEU D 380 -15.54 32.26 -80.84
N PRO D 381 -15.34 32.21 -79.51
CA PRO D 381 -16.48 32.28 -78.58
C PRO D 381 -17.20 33.60 -78.70
N GLU D 382 -18.37 33.73 -78.07
CA GLU D 382 -19.17 34.94 -78.23
C GLU D 382 -18.67 36.05 -77.34
N GLY D 383 -18.54 35.72 -76.06
CA GLY D 383 -18.19 36.70 -75.05
C GLY D 383 -16.90 37.48 -75.29
N ASN D 384 -16.94 38.75 -74.95
CA ASN D 384 -15.77 39.61 -75.03
C ASN D 384 -14.55 39.09 -74.22
N GLU D 385 -14.73 38.78 -72.94
CA GLU D 385 -13.66 38.16 -72.13
C GLU D 385 -13.12 36.84 -72.68
N GLU D 386 -14.04 35.94 -73.03
CA GLU D 386 -13.72 34.65 -73.64
C GLU D 386 -12.81 34.79 -74.85
N ARG D 387 -13.08 35.84 -75.65
CA ARG D 387 -12.38 36.07 -76.91
C ARG D 387 -10.92 36.45 -76.67
N PHE D 388 -10.68 37.25 -75.65
CA PHE D 388 -9.30 37.54 -75.30
C PHE D 388 -8.58 36.29 -74.85
N PHE D 389 -9.29 35.37 -74.20
CA PHE D 389 -8.62 34.18 -73.65
C PHE D 389 -8.29 33.28 -74.82
N TYR D 390 -9.26 33.18 -75.72
CA TYR D 390 -9.14 32.42 -76.96
C TYR D 390 -7.94 32.89 -77.78
N LEU D 391 -7.85 34.21 -77.95
CA LEU D 391 -6.83 34.80 -78.83
C LEU D 391 -5.45 34.71 -78.16
N LEU D 392 -5.41 34.85 -76.84
CA LEU D 392 -4.18 34.61 -76.10
C LEU D 392 -3.57 33.21 -76.35
N ASP D 393 -4.41 32.19 -76.41
CA ASP D 393 -3.87 30.83 -76.52
C ASP D 393 -3.37 30.64 -77.95
N LYS D 394 -4.03 31.31 -78.89
CA LYS D 394 -3.71 31.12 -80.30
C LYS D 394 -2.37 31.78 -80.64
N ILE D 395 -2.15 32.96 -80.07
CA ILE D 395 -0.87 33.67 -80.20
C ILE D 395 0.34 32.93 -79.60
N VAL D 396 0.16 32.33 -78.43
CA VAL D 396 1.31 31.74 -77.77
C VAL D 396 1.67 30.37 -78.40
N ASN D 397 0.73 29.77 -79.12
CA ASN D 397 1.05 28.54 -79.87
C ASN D 397 1.33 28.85 -81.32
N ARG D 398 1.38 30.14 -81.68
CA ARG D 398 1.41 30.61 -83.08
C ARG D 398 0.46 29.82 -83.99
N ASP D 399 -0.83 29.77 -83.63
CA ASP D 399 -1.83 28.94 -84.32
C ASP D 399 -2.74 29.77 -85.23
N GLY D 400 -2.64 29.50 -86.53
CA GLY D 400 -3.40 30.23 -87.53
C GLY D 400 -3.06 31.71 -87.47
N ILE D 401 -4.04 32.53 -87.14
CA ILE D 401 -3.86 33.96 -87.01
C ILE D 401 -2.83 34.26 -85.92
N GLY D 402 -2.72 33.33 -84.97
CA GLY D 402 -1.82 33.47 -83.84
C GLY D 402 -0.38 33.62 -84.29
N ASP D 403 0.00 32.89 -85.33
CA ASP D 403 1.31 32.99 -85.99
C ASP D 403 1.52 34.46 -86.50
N ILE D 404 0.58 35.00 -87.25
CA ILE D 404 0.72 36.38 -87.66
C ILE D 404 0.64 37.39 -86.47
N LEU D 405 -0.34 37.24 -85.57
CA LEU D 405 -0.42 38.22 -84.42
C LEU D 405 0.78 38.16 -83.47
N ALA D 406 1.38 36.96 -83.33
CA ALA D 406 2.61 36.79 -82.55
C ALA D 406 3.83 37.65 -82.98
N ASN D 407 3.74 38.29 -84.15
CA ASN D 407 4.84 39.09 -84.63
C ASN D 407 4.68 40.54 -84.24
N GLY D 408 3.55 40.87 -83.60
CA GLY D 408 3.27 42.23 -83.10
C GLY D 408 2.53 43.06 -84.15
N THR D 409 1.89 44.17 -83.72
CA THR D 409 0.99 44.95 -84.58
C THR D 409 1.67 45.45 -85.89
N TYR D 410 2.94 45.90 -85.83
CA TYR D 410 3.64 46.41 -87.01
C TYR D 410 3.85 45.33 -88.12
N TRP D 411 4.36 44.15 -87.75
CA TRP D 411 4.56 43.10 -88.72
C TRP D 411 3.25 42.47 -89.08
N ALA D 412 2.37 42.34 -88.08
CA ALA D 412 1.08 41.79 -88.37
C ALA D 412 0.41 42.65 -89.46
N ALA D 413 0.38 43.98 -89.29
CA ALA D 413 -0.42 44.82 -90.20
C ALA D 413 0.11 44.71 -91.64
N GLN D 414 1.42 44.52 -91.73
CA GLN D 414 2.11 44.44 -93.01
C GLN D 414 1.83 43.13 -93.73
N GLU D 415 1.56 42.08 -92.96
CA GLU D 415 1.30 40.75 -93.52
C GLU D 415 -0.16 40.62 -93.89
N ILE D 416 -1.02 41.33 -93.15
CA ILE D 416 -2.46 41.28 -93.37
C ILE D 416 -2.89 42.26 -94.51
N GLY D 417 -2.23 43.39 -94.64
CA GLY D 417 -2.53 44.31 -95.74
C GLY D 417 -3.98 44.77 -95.69
N ASN D 418 -4.55 45.04 -96.86
CA ASN D 418 -5.94 45.50 -96.94
C ASN D 418 -6.27 46.70 -96.03
N GLY D 419 -5.30 47.55 -95.74
CA GLY D 419 -5.49 48.68 -94.82
C GLY D 419 -5.28 48.48 -93.32
N ALA D 420 -4.78 47.31 -92.93
CA ALA D 420 -4.44 47.03 -91.55
C ALA D 420 -3.41 48.03 -91.00
N GLU D 421 -2.50 48.49 -91.86
CA GLU D 421 -1.48 49.45 -91.43
C GLU D 421 -2.09 50.67 -90.69
N ASP D 422 -3.27 51.11 -91.08
CA ASP D 422 -3.91 52.28 -90.42
C ASP D 422 -4.16 52.04 -88.94
N TYR D 423 -4.35 50.78 -88.58
CA TYR D 423 -4.72 50.43 -87.21
C TYR D 423 -3.53 50.13 -86.35
N ALA D 424 -2.34 49.97 -86.93
CA ALA D 424 -1.12 49.86 -86.15
C ALA D 424 -0.60 51.28 -85.87
N HIS D 425 -1.40 52.04 -85.13
CA HIS D 425 -1.24 53.49 -85.05
C HIS D 425 -0.50 53.94 -83.80
N ASN D 426 -0.02 52.95 -83.02
CA ASN D 426 0.66 53.27 -81.81
C ASN D 426 2.07 52.70 -81.64
N ASN D 427 2.85 52.70 -82.71
CA ASN D 427 4.24 52.23 -82.67
C ASN D 427 5.31 53.28 -82.87
N ILE D 428 6.45 53.12 -82.22
CA ILE D 428 7.67 53.81 -82.63
C ILE D 428 8.71 52.72 -82.87
N LYS D 429 9.42 52.84 -84.00
CA LYS D 429 10.36 51.84 -84.47
C LYS D 429 9.81 50.40 -84.30
N LYS D 430 8.50 50.25 -84.60
CA LYS D 430 7.81 48.96 -84.70
C LYS D 430 7.50 48.35 -83.29
N HIS D 431 7.59 49.19 -82.25
CA HIS D 431 7.40 48.80 -80.85
C HIS D 431 6.20 49.60 -80.29
N GLU D 432 5.19 48.89 -79.79
CA GLU D 432 4.00 49.50 -79.20
C GLU D 432 4.30 50.42 -78.00
N GLN D 433 3.72 51.61 -78.06
CA GLN D 433 3.88 52.58 -76.99
C GLN D 433 2.79 52.53 -75.91
N LEU D 434 2.94 53.36 -74.91
CA LEU D 434 1.84 53.41 -73.93
C LEU D 434 0.54 53.94 -74.58
N PRO D 435 -0.65 53.47 -74.11
CA PRO D 435 -1.90 53.89 -74.74
C PRO D 435 -2.35 55.29 -74.27
N LEU D 436 -1.61 56.28 -74.75
CA LEU D 436 -1.85 57.69 -74.43
C LEU D 436 -2.01 58.57 -75.71
N LYS D 437 -3.19 59.17 -75.88
CA LYS D 437 -3.41 60.11 -77.00
C LYS D 437 -3.95 61.44 -76.43
N LEU D 438 -3.05 62.39 -76.32
CA LEU D 438 -3.31 63.60 -75.57
C LEU D 438 -3.60 64.72 -76.54
N SER D 439 -3.86 65.89 -75.98
CA SER D 439 -4.24 67.06 -76.77
C SER D 439 -3.05 67.91 -77.20
N MET D 440 -2.35 68.49 -76.25
CA MET D 440 -1.37 69.50 -76.63
C MET D 440 0.01 68.92 -76.70
N LEU D 441 0.70 69.18 -77.79
CA LEU D 441 2.09 68.76 -77.94
C LEU D 441 2.89 69.14 -76.70
N ASN D 442 3.56 68.14 -76.13
CA ASN D 442 4.52 68.31 -75.06
C ASN D 442 5.94 68.17 -75.55
N PRO D 443 6.69 69.26 -75.53
CA PRO D 443 8.03 69.24 -76.16
C PRO D 443 9.05 68.31 -75.45
N ILE D 444 8.86 68.09 -74.15
CA ILE D 444 9.73 67.26 -73.36
C ILE D 444 9.42 65.83 -73.77
N TYR D 445 8.14 65.48 -73.83
CA TYR D 445 7.79 64.09 -74.20
C TYR D 445 8.07 63.78 -75.67
N TYR D 446 7.94 64.82 -76.50
CA TYR D 446 8.20 64.61 -77.90
C TYR D 446 9.58 64.08 -78.10
N LEU D 447 10.56 64.74 -77.49
CA LEU D 447 11.92 64.28 -77.63
C LEU D 447 12.21 62.88 -77.03
N MET D 448 11.56 62.59 -75.89
CA MET D 448 11.78 61.24 -75.29
C MET D 448 11.20 60.12 -76.16
N TYR D 449 9.92 60.26 -76.57
CA TYR D 449 9.36 59.32 -77.53
C TYR D 449 10.26 59.08 -78.77
N CYS D 450 10.75 60.14 -79.37
CA CYS D 450 11.51 60.01 -80.61
C CYS D 450 12.84 59.31 -80.41
N THR D 451 13.54 59.58 -79.33
CA THR D 451 14.97 59.21 -79.32
C THR D 451 15.34 58.09 -78.33
N GLY D 452 14.38 57.68 -77.52
CA GLY D 452 14.65 56.75 -76.40
C GLY D 452 14.99 55.37 -76.94
N GLU D 453 16.22 54.92 -76.74
CA GLU D 453 16.57 53.56 -77.22
C GLU D 453 15.78 52.37 -76.61
N LYS D 454 15.09 52.53 -75.45
CA LYS D 454 14.33 51.37 -74.84
C LYS D 454 13.01 51.42 -75.61
N ILE D 455 12.72 52.58 -76.23
CA ILE D 455 11.43 52.82 -76.96
C ILE D 455 10.20 52.69 -76.05
N ASN D 456 10.37 53.19 -74.83
CA ASN D 456 9.32 53.06 -73.86
C ASN D 456 9.36 54.31 -72.99
N ILE D 457 8.29 55.07 -73.06
CA ILE D 457 8.27 56.37 -72.33
C ILE D 457 8.42 56.18 -70.80
N THR D 458 8.05 55.01 -70.21
CA THR D 458 8.11 54.92 -68.74
C THR D 458 9.56 54.63 -68.30
N GLN D 459 10.43 54.33 -69.25
CA GLN D 459 11.81 54.06 -68.89
C GLN D 459 12.82 55.10 -69.40
N ILE D 460 12.38 56.36 -69.46
CA ILE D 460 13.29 57.45 -69.83
C ILE D 460 12.85 58.74 -69.04
N GLU D 461 11.57 58.89 -68.75
CA GLU D 461 11.09 59.98 -67.87
C GLU D 461 11.49 59.89 -66.37
N GLY D 462 11.39 61.00 -65.63
CA GLY D 462 11.25 60.89 -64.18
C GLY D 462 11.75 61.99 -63.24
N GLN D 463 13.00 62.44 -63.42
CA GLN D 463 13.54 63.42 -62.52
C GLN D 463 12.88 64.82 -62.57
N PHE D 464 12.20 65.18 -63.65
CA PHE D 464 11.65 66.56 -63.81
C PHE D 464 10.13 66.37 -63.80
N PRO D 465 9.38 67.13 -62.97
CA PRO D 465 7.94 66.86 -62.93
C PRO D 465 7.19 66.80 -64.28
N GLN D 466 6.15 65.96 -64.29
CA GLN D 466 5.29 65.80 -65.46
C GLN D 466 4.45 67.03 -65.76
N ALA D 467 4.07 67.79 -64.73
CA ALA D 467 3.26 69.00 -64.95
C ALA D 467 3.70 70.10 -64.02
N PRO D 468 3.38 71.34 -64.35
CA PRO D 468 3.75 72.49 -63.53
C PRO D 468 2.76 72.63 -62.38
N TYR D 469 3.17 73.23 -61.27
CA TYR D 469 2.26 73.75 -60.28
C TYR D 469 1.66 75.09 -60.71
N PRO D 470 0.37 75.27 -60.46
CA PRO D 470 -0.44 76.48 -60.64
C PRO D 470 0.06 77.63 -59.80
N LYS D 471 0.56 77.42 -58.60
CA LYS D 471 1.00 78.56 -57.78
C LYS D 471 2.50 78.61 -57.60
N LEU D 472 3.06 79.81 -57.69
CA LEU D 472 4.49 80.04 -57.44
C LEU D 472 4.95 79.52 -56.08
N GLU D 473 4.08 79.68 -55.08
CA GLU D 473 4.36 79.19 -53.73
C GLU D 473 4.71 77.65 -53.75
N GLN D 474 3.85 76.88 -54.41
CA GLN D 474 4.06 75.43 -54.56
C GLN D 474 5.37 75.10 -55.27
N ARG D 475 5.76 75.92 -56.25
CA ARG D 475 7.00 75.72 -56.99
C ARG D 475 8.23 76.04 -56.18
N GLU D 476 8.17 77.17 -55.49
CA GLU D 476 9.21 77.51 -54.51
C GLU D 476 9.37 76.49 -53.34
N ALA D 477 8.27 75.90 -52.91
CA ALA D 477 8.33 74.91 -51.85
C ALA D 477 9.07 73.71 -52.42
N PHE D 478 8.73 73.34 -53.65
CA PHE D 478 9.33 72.17 -54.27
C PHE D 478 10.84 72.29 -54.48
N VAL D 479 11.34 73.44 -54.95
CA VAL D 479 12.73 73.46 -55.47
C VAL D 479 13.71 73.66 -54.33
N GLU D 480 13.11 74.11 -53.26
CA GLU D 480 13.81 74.46 -52.03
C GLU D 480 14.81 73.35 -51.57
N ASP D 481 14.34 72.11 -51.43
CA ASP D 481 15.22 71.00 -51.02
C ASP D 481 15.48 69.97 -52.16
N TRP D 482 15.50 70.46 -53.40
CA TRP D 482 15.69 69.63 -54.59
C TRP D 482 17.17 69.49 -54.84
N ILE D 483 17.80 68.74 -53.97
CA ILE D 483 19.26 68.56 -54.02
C ILE D 483 19.74 67.74 -55.23
N GLN D 484 18.84 66.97 -55.86
CA GLN D 484 19.24 66.05 -56.97
C GLN D 484 19.54 66.80 -58.32
N VAL D 485 19.08 68.04 -58.46
CA VAL D 485 19.37 68.72 -59.75
C VAL D 485 20.89 68.81 -60.02
N PRO D 486 21.33 68.52 -61.26
CA PRO D 486 22.75 68.70 -61.59
C PRO D 486 23.17 70.16 -61.52
N ASP D 487 22.19 71.05 -61.61
CA ASP D 487 22.49 72.47 -61.81
C ASP D 487 21.30 73.31 -61.40
N GLU D 488 21.59 74.49 -60.85
CA GLU D 488 20.52 75.41 -60.42
C GLU D 488 19.49 75.78 -61.50
N LYS D 489 19.88 75.79 -62.78
CA LYS D 489 18.92 76.17 -63.83
C LYS D 489 17.64 75.33 -63.89
N PHE D 490 17.67 74.06 -63.43
CA PHE D 490 16.47 73.21 -63.43
C PHE D 490 15.47 73.66 -62.37
N LYS D 491 15.94 74.26 -61.27
CA LYS D 491 15.01 74.95 -60.31
C LYS D 491 14.38 76.19 -60.97
N LYS D 492 15.23 77.06 -61.47
CA LYS D 492 14.74 78.22 -62.26
C LYS D 492 13.72 77.82 -63.36
N ILE D 493 13.96 76.71 -64.06
CA ILE D 493 13.04 76.37 -65.13
C ILE D 493 11.70 76.06 -64.51
N PHE D 494 11.70 75.19 -63.46
CA PHE D 494 10.46 74.72 -62.84
C PHE D 494 9.68 75.89 -62.15
N LEU D 495 10.41 76.80 -61.53
CA LEU D 495 9.78 78.01 -60.98
C LEU D 495 9.05 78.89 -62.01
N GLU D 496 9.47 78.85 -63.27
CA GLU D 496 8.91 79.74 -64.31
C GLU D 496 7.74 79.10 -65.04
N TRP D 497 7.73 77.78 -65.06
CA TRP D 497 6.79 77.04 -65.89
C TRP D 497 5.39 77.16 -65.29
N GLU D 498 4.40 77.36 -66.14
CA GLU D 498 3.02 77.47 -65.67
C GLU D 498 2.11 76.60 -66.47
N PRO D 499 0.94 76.31 -65.93
CA PRO D 499 -0.08 75.48 -66.61
C PRO D 499 -0.74 76.14 -67.78
N ARG D 500 -0.87 77.48 -67.67
CA ARG D 500 -1.39 78.35 -68.73
C ARG D 500 -0.62 79.69 -68.88
N GLY D 501 -0.66 80.26 -70.08
CA GLY D 501 -0.10 81.59 -70.31
C GLY D 501 1.18 81.55 -71.13
N GLU D 502 1.95 82.63 -71.03
CA GLU D 502 3.14 82.79 -71.88
C GLU D 502 4.19 81.74 -71.53
N LYS D 503 4.20 81.29 -70.28
CA LYS D 503 5.14 80.25 -69.91
C LYS D 503 4.48 78.88 -69.78
N SER D 504 3.57 78.56 -70.70
CA SER D 504 3.03 77.19 -70.74
C SER D 504 3.50 76.48 -72.04
N MET D 505 3.28 75.16 -72.15
CA MET D 505 3.63 74.37 -73.31
C MET D 505 2.66 74.68 -74.40
N PRO D 506 3.07 74.52 -75.67
CA PRO D 506 4.32 73.87 -76.06
C PRO D 506 5.54 74.78 -76.16
N ASN D 507 5.34 76.09 -76.03
CA ASN D 507 6.41 77.04 -76.30
C ASN D 507 7.34 77.27 -75.10
N PHE D 508 6.88 76.95 -73.87
CA PHE D 508 7.74 76.96 -72.68
C PHE D 508 7.55 75.62 -71.96
N PRO D 509 8.63 75.03 -71.37
CA PRO D 509 10.04 75.42 -71.40
C PRO D 509 10.60 75.58 -72.84
N THR D 510 11.65 76.38 -72.99
CA THR D 510 12.17 76.72 -74.33
C THR D 510 12.78 75.48 -74.95
N VAL D 511 13.23 75.58 -76.19
CA VAL D 511 13.82 74.43 -76.85
C VAL D 511 15.07 73.95 -76.10
N ASP D 512 15.97 74.89 -75.82
CA ASP D 512 17.20 74.55 -75.12
C ASP D 512 16.89 73.97 -73.75
N MET D 513 15.98 74.60 -72.99
CA MET D 513 15.55 73.99 -71.70
C MET D 513 15.08 72.54 -71.83
N CYS D 514 14.21 72.26 -72.80
CA CYS D 514 13.70 70.89 -73.01
C CYS D 514 14.82 69.87 -73.28
N CYS D 515 15.79 70.22 -74.10
CA CYS D 515 16.92 69.33 -74.41
C CYS D 515 17.74 69.00 -73.15
N ASP D 516 17.91 70.00 -72.30
CA ASP D 516 18.63 69.85 -71.03
C ASP D 516 17.90 68.92 -70.06
N ILE D 517 16.57 69.04 -70.01
CA ILE D 517 15.72 68.25 -69.16
C ILE D 517 15.77 66.81 -69.68
N VAL D 518 15.73 66.60 -70.99
CA VAL D 518 15.59 65.23 -71.47
C VAL D 518 16.95 64.54 -71.32
N ASP D 519 17.98 65.30 -71.63
CA ASP D 519 19.30 64.79 -71.35
C ASP D 519 19.44 64.30 -69.89
N TRP D 520 19.00 65.08 -68.90
CA TRP D 520 19.18 64.70 -67.51
C TRP D 520 18.36 63.49 -67.17
N GLN D 521 17.07 63.47 -67.52
CA GLN D 521 16.23 62.36 -67.18
C GLN D 521 16.84 61.07 -67.73
N GLU D 522 17.24 61.13 -69.00
CA GLU D 522 17.76 59.93 -69.66
C GLU D 522 19.09 59.48 -69.08
N MET D 523 19.96 60.46 -68.84
CA MET D 523 21.25 60.10 -68.29
C MET D 523 21.09 59.26 -66.96
N MET D 524 20.15 59.64 -66.08
CA MET D 524 20.02 58.93 -64.79
C MET D 524 19.56 57.49 -65.00
N HIS D 525 18.67 57.25 -65.95
CA HIS D 525 18.40 55.85 -66.30
C HIS D 525 19.60 55.07 -66.78
N TYR D 526 20.44 55.67 -67.62
CA TYR D 526 21.59 54.95 -68.14
C TYR D 526 22.52 54.60 -66.99
N ILE D 527 22.52 55.43 -65.95
CA ILE D 527 23.44 55.15 -64.82
C ILE D 527 22.81 54.00 -64.02
N ASP D 528 21.50 54.08 -63.75
CA ASP D 528 20.78 53.01 -63.04
C ASP D 528 21.01 51.66 -63.73
N ASP D 529 20.98 51.67 -65.07
CA ASP D 529 21.06 50.42 -65.85
C ASP D 529 22.49 49.92 -66.00
N ALA D 530 23.49 50.73 -65.66
CA ALA D 530 24.85 50.23 -65.62
C ALA D 530 25.17 49.65 -64.23
N LEU D 531 24.70 50.35 -63.21
CA LEU D 531 24.95 49.97 -61.82
C LEU D 531 24.12 48.79 -61.32
N GLY D 532 22.98 48.50 -61.96
CA GLY D 532 22.01 47.57 -61.40
C GLY D 532 21.07 48.23 -60.40
N GLN D 533 21.04 49.56 -60.31
CA GLN D 533 20.19 50.20 -59.30
C GLN D 533 18.76 50.16 -59.78
N CYS D 534 17.80 49.81 -58.93
CA CYS D 534 16.39 49.98 -59.34
C CYS D 534 16.04 51.45 -59.55
N ALA D 535 15.39 51.70 -60.66
CA ALA D 535 14.96 53.09 -61.02
C ALA D 535 13.96 53.63 -59.95
N GLY D 536 13.37 52.70 -59.20
CA GLY D 536 12.40 53.04 -58.14
C GLY D 536 13.01 53.92 -57.09
N LEU D 537 14.31 53.87 -57.01
CA LEU D 537 14.97 54.67 -56.02
C LEU D 537 15.91 55.64 -56.62
N SER D 538 15.82 55.80 -57.95
CA SER D 538 16.75 56.69 -58.65
C SER D 538 16.01 57.41 -59.78
N SER D 539 16.10 56.91 -61.00
CA SER D 539 15.75 57.77 -62.14
C SER D 539 14.25 57.91 -62.24
N PHE D 540 13.50 57.06 -61.55
CA PHE D 540 12.05 57.13 -61.90
C PHE D 540 11.22 58.13 -61.05
N PRO D 541 11.34 58.11 -59.70
CA PRO D 541 10.53 59.06 -58.91
C PRO D 541 11.12 60.46 -58.75
N LEU D 542 10.27 61.44 -58.45
CA LEU D 542 10.84 62.73 -58.01
C LEU D 542 11.61 62.61 -56.71
N LYS D 543 12.73 63.34 -56.65
CA LYS D 543 13.56 63.43 -55.47
C LYS D 543 13.97 62.07 -54.86
N PRO D 544 14.74 61.27 -55.65
CA PRO D 544 15.28 59.97 -55.25
C PRO D 544 16.46 60.04 -54.27
N PRO D 545 16.71 58.99 -53.42
CA PRO D 545 17.88 58.96 -52.54
C PRO D 545 19.21 58.84 -53.29
N TYR D 546 19.19 58.22 -54.49
CA TYR D 546 20.40 58.11 -55.34
C TYR D 546 20.32 59.23 -56.40
N HIS D 547 21.42 59.94 -56.62
CA HIS D 547 21.43 61.05 -57.65
C HIS D 547 22.83 61.37 -58.14
N ILE D 548 23.00 62.40 -59.01
CA ILE D 548 24.23 62.57 -59.75
C ILE D 548 25.30 62.99 -58.79
N HIS D 549 24.92 63.50 -57.61
CA HIS D 549 25.97 64.02 -56.69
C HIS D 549 26.51 62.93 -55.70
N ASN D 550 25.67 61.99 -55.27
CA ASN D 550 26.21 60.87 -54.42
C ASN D 550 26.57 59.57 -55.19
N TYR D 551 26.04 59.38 -56.39
CA TYR D 551 26.42 58.20 -57.19
C TYR D 551 27.94 58.14 -57.34
N PRO D 552 28.59 59.26 -57.71
CA PRO D 552 30.03 59.03 -57.82
C PRO D 552 30.72 58.47 -56.57
N LYS D 553 30.29 58.90 -55.39
CA LYS D 553 30.85 58.43 -54.14
C LYS D 553 30.60 56.91 -54.00
N PHE D 554 29.41 56.43 -54.37
CA PHE D 554 29.12 55.01 -54.33
C PHE D 554 30.08 54.24 -55.24
N ILE D 555 30.41 54.82 -56.40
CA ILE D 555 31.19 54.07 -57.41
C ILE D 555 32.64 54.02 -56.95
N ALA D 556 33.15 55.17 -56.47
CA ALA D 556 34.52 55.22 -55.92
C ALA D 556 34.70 54.23 -54.73
N ALA D 557 33.83 54.35 -53.75
CA ALA D 557 33.88 53.52 -52.54
C ALA D 557 33.58 52.05 -52.85
N GLY D 558 32.66 51.85 -53.78
CA GLY D 558 32.30 50.52 -54.23
C GLY D 558 33.38 49.81 -55.03
N ALA D 559 33.68 50.32 -56.21
CA ALA D 559 34.53 49.63 -57.18
C ALA D 559 35.98 50.01 -57.05
N GLY D 560 36.26 50.98 -56.19
CA GLY D 560 37.62 51.46 -55.97
C GLY D 560 38.25 52.17 -57.18
N ILE D 561 37.41 52.70 -58.06
CA ILE D 561 37.97 53.45 -59.18
C ILE D 561 37.64 54.95 -59.01
N GLU D 562 38.46 55.82 -59.60
CA GLU D 562 38.22 57.25 -59.46
C GLU D 562 36.91 57.62 -60.14
N MET D 563 36.06 58.38 -59.45
CA MET D 563 34.82 58.81 -60.07
C MET D 563 34.41 60.12 -59.44
N ASP D 564 34.10 61.10 -60.28
CA ASP D 564 33.43 62.27 -59.79
C ASP D 564 32.23 62.58 -60.69
N THR D 565 31.56 63.69 -60.38
CA THR D 565 30.31 64.02 -61.04
C THR D 565 30.52 64.23 -62.56
N GLU D 566 31.61 64.89 -62.94
CA GLU D 566 31.82 65.16 -64.37
C GLU D 566 32.29 63.89 -65.07
N LYS D 567 33.16 63.11 -64.41
CA LYS D 567 33.58 61.83 -64.99
C LYS D 567 32.40 60.85 -65.13
N LEU D 568 31.49 60.86 -64.16
CA LEU D 568 30.29 60.06 -64.27
C LEU D 568 29.31 60.51 -65.42
N LYS D 569 29.02 61.79 -65.56
CA LYS D 569 28.25 62.26 -66.73
C LYS D 569 28.85 61.77 -68.06
N LYS D 570 30.18 61.88 -68.19
CA LYS D 570 30.82 61.47 -69.43
C LYS D 570 30.78 59.97 -69.63
N ALA D 571 30.84 59.20 -68.54
CA ALA D 571 30.79 57.78 -68.70
C ALA D 571 29.39 57.42 -69.24
N ALA D 572 28.35 58.02 -68.68
CA ALA D 572 26.99 57.69 -69.11
C ALA D 572 26.76 58.18 -70.55
N LYS D 573 27.48 59.22 -70.94
CA LYS D 573 27.37 59.73 -72.30
C LYS D 573 28.08 58.73 -73.23
N ARG D 574 29.23 58.22 -72.79
CA ARG D 574 30.02 57.30 -73.61
C ARG D 574 29.20 56.05 -74.03
N TYR D 575 28.63 55.25 -73.09
CA TYR D 575 27.88 54.08 -73.54
C TYR D 575 26.45 54.39 -74.05
N ARG D 576 25.84 55.49 -73.62
CA ARG D 576 24.55 55.84 -74.25
C ARG D 576 24.86 56.20 -75.72
N THR D 577 26.04 56.77 -75.96
CA THR D 577 26.42 57.11 -77.33
C THR D 577 26.80 55.81 -78.06
N LEU D 578 27.25 54.78 -77.33
CA LEU D 578 27.62 53.51 -77.97
C LEU D 578 26.36 52.75 -78.42
N VAL D 579 25.36 52.71 -77.56
CA VAL D 579 24.08 52.08 -77.87
C VAL D 579 23.53 52.78 -79.14
N ARG D 580 23.57 54.10 -79.13
CA ARG D 580 23.24 54.86 -80.32
C ARG D 580 24.00 54.35 -81.54
N ALA D 581 25.34 54.25 -81.47
CA ALA D 581 26.15 53.86 -82.59
C ALA D 581 25.69 52.52 -83.16
N PHE D 582 25.33 51.61 -82.26
CA PHE D 582 24.91 50.29 -82.61
C PHE D 582 23.61 50.25 -83.40
N ASN D 583 22.65 51.05 -83.01
CA ASN D 583 21.41 51.10 -83.74
C ASN D 583 21.60 51.81 -85.09
N ILE D 584 22.61 52.71 -85.17
CA ILE D 584 22.94 53.38 -86.44
C ILE D 584 23.44 52.31 -87.39
N ARG D 585 24.35 51.47 -86.91
CA ARG D 585 24.97 50.44 -87.73
C ARG D 585 23.95 49.39 -88.18
N ARG D 586 22.90 49.23 -87.39
CA ARG D 586 21.77 48.39 -87.79
C ARG D 586 20.83 49.19 -88.68
N GLY D 587 21.17 50.46 -88.94
CA GLY D 587 20.48 51.22 -89.95
C GLY D 587 19.52 52.31 -89.49
N MET D 588 19.40 52.51 -88.20
CA MET D 588 18.42 53.47 -87.70
C MET D 588 18.82 54.87 -88.19
N ARG D 589 17.85 55.68 -88.60
CA ARG D 589 18.15 57.04 -89.02
C ARG D 589 17.09 58.03 -88.51
N ARG D 590 17.29 59.32 -88.80
CA ARG D 590 16.46 60.34 -88.18
C ARG D 590 14.99 60.11 -88.55
N VAL D 591 14.78 59.53 -89.73
CA VAL D 591 13.43 59.28 -90.23
C VAL D 591 12.62 58.38 -89.31
N ASP D 592 13.33 57.44 -88.66
CA ASP D 592 12.78 56.53 -87.66
C ASP D 592 12.35 57.16 -86.32
N GLU D 593 12.91 58.32 -86.01
CA GLU D 593 12.67 58.98 -84.73
C GLU D 593 11.48 59.89 -84.78
N GLN D 594 10.29 59.29 -84.82
CA GLN D 594 9.03 60.04 -84.93
C GLN D 594 7.91 59.35 -84.15
N PRO D 595 7.12 60.12 -83.42
CA PRO D 595 6.08 59.51 -82.59
C PRO D 595 4.92 59.13 -83.49
N PRO D 596 3.94 58.39 -82.97
CA PRO D 596 2.75 58.14 -83.77
C PRO D 596 2.10 59.43 -84.31
N ALA D 597 1.61 59.35 -85.54
CA ALA D 597 0.98 60.52 -86.16
C ALA D 597 -0.13 61.15 -85.31
N ASN D 598 -0.83 60.31 -84.54
CA ASN D 598 -2.01 60.82 -83.84
C ASN D 598 -1.74 60.97 -82.35
N HIS D 599 -0.47 61.09 -81.98
CA HIS D 599 -0.13 61.09 -80.56
C HIS D 599 -0.52 62.37 -79.79
N TRP D 600 -0.61 63.51 -80.47
CA TRP D 600 -1.22 64.69 -79.90
C TRP D 600 -2.20 65.28 -80.89
N LYS D 601 -3.27 65.90 -80.40
CA LYS D 601 -4.25 66.46 -81.30
C LYS D 601 -3.75 67.74 -81.95
N ASN D 602 -2.91 68.47 -81.22
CA ASN D 602 -2.32 69.74 -81.64
C ASN D 602 -0.86 69.53 -81.95
N ARG D 603 -0.43 69.79 -83.20
CA ARG D 603 0.97 69.58 -83.57
C ARG D 603 1.58 70.84 -84.14
N PHE D 604 2.91 70.90 -84.05
CA PHE D 604 3.67 72.07 -84.50
C PHE D 604 4.96 71.62 -85.22
N PRO D 605 4.86 71.34 -86.52
CA PRO D 605 5.96 70.88 -87.38
C PRO D 605 7.28 71.66 -87.18
N GLU D 606 7.19 72.98 -87.10
CA GLU D 606 8.40 73.78 -87.14
C GLU D 606 9.09 73.73 -85.77
N LEU D 607 8.30 73.81 -84.72
CA LEU D 607 8.77 73.60 -83.34
C LEU D 607 9.37 72.18 -83.14
N GLU D 608 8.73 71.17 -83.72
CA GLU D 608 9.23 69.79 -83.56
C GLU D 608 10.56 69.64 -84.25
N LYS D 609 10.66 70.25 -85.45
CA LYS D 609 11.90 70.21 -86.14
C LYS D 609 13.04 70.86 -85.38
N GLU D 610 12.80 72.05 -84.81
CA GLU D 610 13.84 72.71 -84.01
C GLU D 610 14.16 71.92 -82.69
N LEU D 611 13.18 71.26 -82.15
CA LEU D 611 13.44 70.46 -80.92
C LEU D 611 14.47 69.36 -81.21
N LEU D 612 14.15 68.53 -82.19
CA LEU D 612 15.01 67.41 -82.55
C LEU D 612 16.36 67.90 -83.02
N ASP D 613 16.37 68.97 -83.83
CA ASP D 613 17.61 69.57 -84.33
C ASP D 613 18.51 69.88 -83.17
N SER D 614 17.98 70.64 -82.23
CA SER D 614 18.74 71.04 -81.06
C SER D 614 19.18 69.88 -80.19
N TYR D 615 18.31 68.92 -80.02
CA TYR D 615 18.65 67.79 -79.14
C TYR D 615 19.90 67.04 -79.67
N TYR D 616 19.90 66.74 -80.98
CA TYR D 616 21.03 66.14 -81.66
C TYR D 616 22.33 66.91 -81.43
N LYS D 617 22.30 68.23 -81.71
CA LYS D 617 23.46 69.09 -81.40
C LYS D 617 23.96 68.86 -79.94
N LEU D 618 23.06 68.87 -78.97
CA LEU D 618 23.43 68.58 -77.59
C LEU D 618 24.01 67.19 -77.43
N LYS D 619 23.45 66.21 -78.13
CA LYS D 619 23.97 64.84 -78.04
C LYS D 619 25.34 64.70 -78.68
N GLY D 620 25.69 65.64 -79.55
CA GLY D 620 26.89 65.58 -80.39
C GLY D 620 26.68 64.74 -81.63
N TRP D 621 25.42 64.61 -82.08
CA TRP D 621 25.15 63.85 -83.31
C TRP D 621 24.92 64.77 -84.57
N ASN D 622 24.84 64.14 -85.75
CA ASN D 622 24.36 64.72 -87.03
C ASN D 622 23.01 65.31 -86.91
N ASP D 623 22.58 65.95 -88.00
CA ASP D 623 21.15 66.28 -88.14
C ASP D 623 20.44 65.08 -88.75
N ASP D 624 21.22 64.07 -89.14
CA ASP D 624 20.69 62.70 -89.35
C ASP D 624 20.61 61.79 -88.09
N GLY D 625 21.08 62.27 -86.94
CA GLY D 625 21.03 61.51 -85.67
C GLY D 625 22.24 60.61 -85.39
N ILE D 626 23.28 60.78 -86.18
CA ILE D 626 24.45 59.91 -86.08
C ILE D 626 25.56 60.56 -85.31
N PRO D 627 26.12 59.86 -84.32
CA PRO D 627 27.26 60.49 -83.65
C PRO D 627 28.36 60.89 -84.66
N THR D 628 28.89 62.11 -84.50
CA THR D 628 29.94 62.64 -85.39
C THR D 628 31.31 62.08 -85.02
N LYS D 629 32.22 62.13 -85.98
CA LYS D 629 33.62 61.81 -85.76
C LYS D 629 34.18 62.45 -84.46
N GLU D 630 34.02 63.79 -84.34
CA GLU D 630 34.49 64.59 -83.16
C GLU D 630 34.08 64.10 -81.75
N THR D 631 32.79 63.92 -81.57
CA THR D 631 32.27 63.47 -80.29
C THR D 631 32.65 62.01 -79.99
N LEU D 632 32.60 61.16 -81.02
CA LEU D 632 33.05 59.78 -80.90
C LEU D 632 34.49 59.74 -80.38
N ASP D 633 35.34 60.59 -80.94
CA ASP D 633 36.74 60.68 -80.53
C ASP D 633 36.87 61.13 -79.09
N ASP D 634 36.11 62.17 -78.75
CA ASP D 634 36.22 62.74 -77.43
C ASP D 634 35.86 61.69 -76.40
N LEU D 635 34.96 60.79 -76.75
CA LEU D 635 34.45 59.85 -75.75
C LEU D 635 35.25 58.57 -75.69
N GLY D 636 36.43 58.58 -76.31
CA GLY D 636 37.25 57.38 -76.40
C GLY D 636 36.66 56.29 -77.26
N LEU D 637 35.75 56.68 -78.16
CA LEU D 637 35.10 55.77 -79.08
C LEU D 637 35.65 55.96 -80.51
N GLY D 638 36.95 56.21 -80.60
CA GLY D 638 37.65 56.29 -81.87
C GLY D 638 37.31 55.16 -82.84
N TYR D 639 37.36 53.93 -82.36
CA TYR D 639 37.06 52.78 -83.20
C TYR D 639 35.66 52.81 -83.82
N VAL D 640 34.74 53.54 -83.17
CA VAL D 640 33.39 53.64 -83.66
C VAL D 640 33.40 54.51 -84.93
N GLY D 641 34.00 55.71 -84.81
CA GLY D 641 34.05 56.65 -85.91
C GLY D 641 34.78 56.07 -87.10
N ASP D 642 35.89 55.38 -86.82
CA ASP D 642 36.68 54.68 -87.85
C ASP D 642 35.83 53.66 -88.62
N GLU D 643 35.14 52.81 -87.88
CA GLU D 643 34.29 51.84 -88.53
C GLU D 643 33.12 52.49 -89.28
N PHE D 644 32.58 53.58 -88.71
CA PHE D 644 31.56 54.39 -89.37
C PHE D 644 32.07 54.92 -90.75
N ILE D 645 33.30 55.43 -90.79
CA ILE D 645 33.82 56.00 -92.03
C ILE D 645 34.04 54.89 -93.06
N LYS D 646 34.69 53.81 -92.62
CA LYS D 646 34.93 52.61 -93.41
C LYS D 646 33.65 51.85 -93.82
N ARG D 647 32.50 52.21 -93.26
CA ARG D 647 31.24 51.63 -93.72
C ARG D 647 30.48 52.63 -94.60
N GLY D 648 31.01 53.85 -94.73
CA GLY D 648 30.31 54.93 -95.43
C GLY D 648 29.26 55.66 -94.61
N ILE D 649 29.13 55.32 -93.33
CA ILE D 649 28.15 55.96 -92.43
C ILE D 649 28.48 57.45 -92.17
N LEU D 650 29.75 57.75 -91.94
CA LEU D 650 30.26 59.12 -91.80
C LEU D 650 31.20 59.42 -92.98
N SER D 651 31.14 60.66 -93.48
CA SER D 651 32.10 61.21 -94.45
C SER D 651 33.48 61.29 -93.84
N ALA D 652 34.49 60.96 -94.61
CA ALA D 652 35.87 61.11 -94.18
C ALA D 652 36.27 62.59 -94.20
N LYS E 6 -32.48 -18.11 24.98
CA LYS E 6 -31.35 -17.19 25.06
C LYS E 6 -30.06 -17.88 25.57
N LYS E 7 -30.20 -18.81 26.53
CA LYS E 7 -29.04 -19.47 27.13
C LYS E 7 -29.28 -20.94 27.47
N ARG E 8 -28.20 -21.73 27.61
CA ARG E 8 -28.31 -23.17 27.94
C ARG E 8 -27.49 -23.62 29.16
N ILE E 9 -27.77 -24.81 29.67
CA ILE E 9 -27.05 -25.30 30.84
C ILE E 9 -25.89 -26.24 30.47
N VAL E 10 -24.67 -25.92 30.88
CA VAL E 10 -23.55 -26.80 30.74
C VAL E 10 -23.24 -27.41 32.13
N LYS E 11 -22.99 -28.71 32.14
CA LYS E 11 -22.67 -29.37 33.40
C LYS E 11 -21.19 -29.72 33.42
N THR E 12 -20.56 -29.57 34.59
CA THR E 12 -19.11 -29.69 34.74
C THR E 12 -18.78 -30.74 35.82
N ILE E 13 -18.06 -31.79 35.42
CA ILE E 13 -17.58 -32.80 36.38
C ILE E 13 -16.30 -32.27 37.05
N ASN E 14 -16.40 -31.86 38.30
CA ASN E 14 -15.23 -31.38 39.03
C ASN E 14 -14.47 -32.53 39.70
N ILE E 15 -13.21 -32.68 39.32
CA ILE E 15 -12.45 -33.82 39.68
C ILE E 15 -11.26 -33.39 40.48
N ASP E 16 -11.26 -33.72 41.78
CA ASP E 16 -10.15 -33.25 42.56
C ASP E 16 -9.15 -34.41 42.66
N ALA E 17 -8.23 -34.50 41.73
CA ALA E 17 -7.36 -35.66 41.68
C ALA E 17 -6.49 -35.70 42.94
N ASP E 18 -6.40 -34.57 43.66
CA ASP E 18 -5.56 -34.57 44.85
C ASP E 18 -6.25 -35.32 46.03
N LYS E 19 -7.54 -35.56 45.90
CA LYS E 19 -8.30 -36.22 46.91
C LYS E 19 -8.48 -37.71 46.50
N CYS E 20 -8.08 -38.12 45.29
CA CYS E 20 -8.39 -39.49 44.88
C CYS E 20 -7.48 -40.49 45.54
N ASN E 21 -8.03 -41.63 45.97
CA ASN E 21 -7.20 -42.68 46.66
C ASN E 21 -7.01 -43.90 45.78
N GLY E 22 -7.50 -43.80 44.54
CA GLY E 22 -7.30 -44.86 43.54
C GLY E 22 -8.11 -46.16 43.68
N CYS E 23 -9.23 -46.10 44.40
CA CYS E 23 -9.95 -47.30 44.89
C CYS E 23 -10.71 -47.93 43.74
N ARG E 24 -11.04 -47.09 42.76
CA ARG E 24 -11.77 -47.51 41.58
C ARG E 24 -13.20 -47.89 41.87
N ALA E 25 -13.77 -47.33 42.94
CA ALA E 25 -15.19 -47.59 43.31
C ALA E 25 -16.15 -47.04 42.24
N CYS E 26 -15.72 -45.96 41.63
CA CYS E 26 -16.44 -45.32 40.54
C CYS E 26 -16.60 -46.23 39.32
N GLU E 27 -15.52 -46.94 38.99
CA GLU E 27 -15.60 -47.90 37.89
C GLU E 27 -16.54 -49.01 38.27
N VAL E 28 -16.54 -49.45 39.56
CA VAL E 28 -17.38 -50.54 39.88
C VAL E 28 -18.80 -50.11 39.69
N ILE E 29 -19.16 -48.99 40.33
CA ILE E 29 -20.60 -48.66 40.34
C ILE E 29 -21.11 -48.26 38.92
N CYS E 30 -20.31 -47.52 38.16
CA CYS E 30 -20.79 -47.07 36.82
C CYS E 30 -21.05 -48.29 35.91
N SER E 31 -20.08 -49.19 35.80
CA SER E 31 -20.32 -50.44 35.07
C SER E 31 -21.53 -51.25 35.58
N ALA E 32 -21.75 -51.31 36.90
CA ALA E 32 -22.82 -52.13 37.46
C ALA E 32 -24.14 -51.53 37.08
N PHE E 33 -24.25 -50.23 37.29
CA PHE E 33 -25.46 -49.53 36.89
C PHE E 33 -25.85 -49.73 35.43
N HIS E 34 -24.85 -49.81 34.55
CA HIS E 34 -25.13 -49.87 33.10
C HIS E 34 -25.19 -51.30 32.55
N ALA E 35 -25.16 -52.27 33.46
CA ALA E 35 -25.36 -53.65 33.10
C ALA E 35 -26.83 -53.85 32.71
N MET E 36 -27.17 -54.99 32.11
CA MET E 36 -28.55 -55.22 31.72
C MET E 36 -29.06 -56.58 32.13
N PRO E 37 -30.03 -56.61 33.06
CA PRO E 37 -30.57 -55.42 33.73
C PRO E 37 -29.57 -54.79 34.71
N PRO E 38 -29.85 -53.56 35.16
CA PRO E 38 -28.96 -52.78 36.04
C PRO E 38 -28.54 -53.58 37.26
N TYR E 39 -27.25 -53.51 37.66
CA TYR E 39 -26.65 -54.22 38.79
C TYR E 39 -26.57 -55.75 38.57
N SER E 40 -26.90 -56.24 37.36
CA SER E 40 -26.85 -57.69 37.14
C SER E 40 -25.41 -58.18 37.09
N SER E 41 -24.48 -57.32 36.73
CA SER E 41 -23.07 -57.67 36.76
C SER E 41 -22.29 -56.36 36.85
N ASN E 42 -20.98 -56.44 37.01
CA ASN E 42 -20.13 -55.26 36.86
C ASN E 42 -18.89 -55.70 36.13
N ASN E 43 -18.19 -54.72 35.57
CA ASN E 43 -17.07 -54.95 34.71
C ASN E 43 -16.36 -53.65 34.49
N PRO E 44 -15.28 -53.42 35.24
CA PRO E 44 -14.68 -52.08 35.03
C PRO E 44 -14.28 -51.71 33.57
N ALA E 45 -14.03 -52.68 32.70
CA ALA E 45 -13.76 -52.33 31.27
C ALA E 45 -14.95 -51.67 30.55
N ARG E 46 -16.13 -51.73 31.13
CA ARG E 46 -17.30 -51.10 30.57
C ARG E 46 -17.70 -49.82 31.31
N SER E 47 -16.90 -49.36 32.25
CA SER E 47 -17.14 -48.08 32.93
C SER E 47 -16.94 -46.84 32.00
N ARG E 48 -17.79 -45.84 32.18
CA ARG E 48 -17.64 -44.55 31.46
C ARG E 48 -16.69 -43.67 32.22
N VAL E 49 -16.27 -44.15 33.40
CA VAL E 49 -15.16 -43.45 34.06
C VAL E 49 -14.04 -44.44 34.31
N ARG E 50 -12.80 -44.03 33.97
CA ARG E 50 -11.65 -44.93 34.07
C ARG E 50 -10.54 -44.20 34.77
N VAL E 51 -9.92 -44.80 35.79
CA VAL E 51 -8.96 -44.04 36.62
C VAL E 51 -7.53 -44.30 36.18
N VAL E 52 -6.82 -43.25 35.77
CA VAL E 52 -5.40 -43.41 35.53
C VAL E 52 -4.69 -43.61 36.85
N ARG E 53 -4.11 -44.78 37.10
CA ARG E 53 -3.63 -45.13 38.43
C ARG E 53 -2.22 -45.69 38.44
N ASP E 54 -1.30 -44.94 39.04
CA ASP E 54 0.08 -45.41 39.17
C ASP E 54 0.67 -44.89 40.44
N PRO E 55 0.54 -45.68 41.53
CA PRO E 55 1.00 -45.24 42.84
C PRO E 55 2.45 -44.84 42.79
N LEU E 56 3.26 -45.49 41.96
CA LEU E 56 4.71 -45.16 41.98
C LEU E 56 5.02 -43.84 41.30
N ARG E 57 4.07 -43.32 40.52
CA ARG E 57 4.27 -41.95 40.02
C ARG E 57 3.45 -40.96 40.81
N ASP E 58 2.84 -41.43 41.93
CA ASP E 58 1.77 -40.67 42.58
C ASP E 58 0.72 -40.07 41.59
N ILE E 59 0.34 -40.78 40.53
CA ILE E 59 -0.76 -40.36 39.66
C ILE E 59 -2.12 -41.07 39.89
N TYR E 60 -3.18 -40.31 40.15
CA TYR E 60 -4.54 -40.87 40.40
C TYR E 60 -5.43 -39.84 39.75
N VAL E 61 -5.84 -40.14 38.51
CA VAL E 61 -6.62 -39.20 37.67
C VAL E 61 -7.90 -39.86 37.11
N PRO E 62 -9.06 -39.59 37.72
CA PRO E 62 -10.31 -40.11 37.14
C PRO E 62 -10.55 -39.48 35.76
N LEU E 63 -10.78 -40.27 34.73
CA LEU E 63 -11.05 -39.75 33.37
C LEU E 63 -12.43 -40.16 32.88
N TYR E 64 -13.19 -39.20 32.39
CA TYR E 64 -14.55 -39.50 31.94
C TYR E 64 -14.63 -39.70 30.46
N ALA E 65 -15.42 -40.66 29.99
CA ALA E 65 -15.55 -40.92 28.58
C ALA E 65 -16.18 -39.71 27.84
N GLY E 66 -15.52 -39.32 26.74
CA GLY E 66 -15.95 -38.14 25.98
C GLY E 66 -16.46 -38.47 24.61
N GLU E 67 -15.85 -37.89 23.59
CA GLU E 67 -16.38 -37.97 22.24
C GLU E 67 -15.76 -39.10 21.46
N TYR E 68 -16.55 -39.65 20.56
CA TYR E 68 -16.13 -40.67 19.65
C TYR E 68 -15.25 -40.08 18.54
N THR E 69 -14.11 -40.71 18.18
CA THR E 69 -13.38 -40.31 16.96
C THR E 69 -13.06 -41.54 16.13
N GLU E 70 -13.22 -41.43 14.82
CA GLU E 70 -13.00 -42.58 13.94
C GLU E 70 -11.53 -42.78 13.60
N SER E 71 -10.64 -41.90 14.04
CA SER E 71 -9.24 -42.01 13.69
C SER E 71 -8.36 -41.40 14.75
N GLU E 72 -7.13 -41.92 14.84
CA GLU E 72 -6.10 -41.47 15.78
C GLU E 72 -5.56 -40.11 15.39
N CYS E 73 -4.85 -39.45 16.30
CA CYS E 73 -4.18 -38.23 15.94
C CYS E 73 -2.91 -38.53 15.10
N ILE E 74 -2.46 -37.60 14.28
CA ILE E 74 -1.19 -37.78 13.55
C ILE E 74 -0.02 -37.90 14.56
N GLY E 75 -0.07 -37.15 15.65
CA GLY E 75 0.90 -37.23 16.72
C GLY E 75 0.18 -37.28 18.08
N ARG E 76 0.65 -38.12 18.99
CA ARG E 76 0.00 -38.33 20.33
C ARG E 76 0.74 -37.49 21.37
N ASP E 77 0.07 -36.78 22.26
CA ASP E 77 0.82 -35.88 23.15
C ASP E 77 1.20 -36.64 24.46
N LYS E 78 2.32 -36.25 25.09
CA LYS E 78 2.76 -36.85 26.34
C LYS E 78 3.39 -35.76 27.19
N PHE E 79 2.79 -35.50 28.35
CA PHE E 79 3.17 -34.39 29.22
C PHE E 79 4.11 -34.75 30.38
N ILE E 80 5.04 -33.84 30.66
CA ILE E 80 5.66 -33.74 31.99
C ILE E 80 5.11 -32.44 32.58
N ILE E 81 4.50 -32.56 33.76
CA ILE E 81 3.92 -31.45 34.49
C ILE E 81 4.22 -31.56 35.98
N ASP E 82 4.88 -30.56 36.56
CA ASP E 82 5.30 -30.58 37.97
C ASP E 82 6.01 -31.87 38.34
N GLY E 83 6.87 -32.33 37.43
CA GLY E 83 7.74 -33.46 37.71
C GLY E 83 7.09 -34.80 37.51
N LYS E 84 5.83 -34.85 37.14
CA LYS E 84 5.20 -36.10 36.91
C LYS E 84 5.27 -36.36 35.40
N GLU E 85 5.86 -37.48 35.00
CA GLU E 85 5.71 -37.96 33.63
C GLU E 85 4.41 -38.74 33.38
N TYR E 86 3.44 -38.09 32.77
CA TYR E 86 2.15 -38.74 32.48
C TYR E 86 2.24 -39.67 31.27
N ASP E 87 1.18 -40.45 31.03
CA ASP E 87 1.16 -41.37 29.91
C ASP E 87 0.84 -40.63 28.64
N GLU E 88 1.25 -41.25 27.53
CA GLU E 88 0.88 -40.81 26.20
C GLU E 88 -0.66 -40.74 26.12
N CYS E 89 -1.24 -39.65 25.61
CA CYS E 89 -2.72 -39.54 25.52
C CYS E 89 -3.34 -39.58 26.91
N GLY E 90 -2.53 -39.27 27.91
CA GLY E 90 -2.94 -39.53 29.27
C GLY E 90 -4.22 -38.86 29.75
N PHE E 91 -4.54 -37.69 29.20
CA PHE E 91 -5.74 -36.96 29.61
C PHE E 91 -6.90 -36.98 28.64
N CYS E 92 -6.74 -37.74 27.56
CA CYS E 92 -7.72 -37.73 26.49
C CYS E 92 -8.98 -38.46 26.86
N ARG E 93 -10.13 -37.88 26.56
CA ARG E 93 -11.37 -38.61 26.81
C ARG E 93 -11.97 -39.42 25.68
N ALA E 94 -11.32 -39.44 24.51
CA ALA E 94 -11.99 -39.94 23.32
C ALA E 94 -12.06 -41.45 23.30
N SER E 95 -13.15 -41.92 22.71
CA SER E 95 -13.29 -43.31 22.36
C SER E 95 -12.62 -43.42 20.98
N CYS E 96 -11.38 -43.93 20.95
CA CYS E 96 -10.45 -43.71 19.87
C CYS E 96 -9.94 -45.08 19.36
N PRO E 97 -9.69 -45.25 18.06
CA PRO E 97 -9.14 -46.57 17.68
C PRO E 97 -7.79 -46.95 18.29
N SER E 98 -7.09 -46.02 18.91
CA SER E 98 -5.74 -46.30 19.41
C SER E 98 -5.68 -47.13 20.76
N ARG E 99 -6.77 -47.26 21.49
CA ARG E 99 -6.72 -47.95 22.79
C ARG E 99 -8.08 -48.50 23.16
N ASP E 100 -8.16 -49.29 24.25
CA ASP E 100 -9.41 -49.93 24.68
C ASP E 100 -10.29 -49.11 25.63
N LEU E 101 -9.71 -48.13 26.33
CA LEU E 101 -10.52 -47.20 27.16
C LEU E 101 -11.78 -46.68 26.49
N PHE E 102 -12.88 -46.72 27.24
CA PHE E 102 -14.17 -46.14 26.80
C PHE E 102 -14.70 -46.82 25.53
N ARG E 103 -14.41 -48.12 25.42
CA ARG E 103 -14.92 -49.01 24.37
C ARG E 103 -15.34 -50.35 24.97
N GLU E 104 -16.48 -50.90 24.57
CA GLU E 104 -16.87 -52.20 25.09
C GLU E 104 -15.81 -53.27 24.86
N PRO E 105 -15.47 -54.04 25.91
CA PRO E 105 -14.35 -54.98 25.91
C PRO E 105 -14.59 -56.08 24.93
N ASP E 106 -15.86 -56.37 24.62
CA ASP E 106 -16.13 -57.44 23.64
C ASP E 106 -16.36 -56.92 22.21
N SER E 107 -17.26 -55.95 22.04
CA SER E 107 -17.59 -55.43 20.68
C SER E 107 -16.65 -54.34 20.21
N GLY E 108 -16.11 -53.57 21.13
CA GLY E 108 -15.34 -52.38 20.77
C GLY E 108 -16.17 -51.15 20.47
N LEU E 109 -17.49 -51.23 20.61
CA LEU E 109 -18.29 -50.01 20.44
C LEU E 109 -18.04 -48.93 21.52
N PRO E 110 -18.18 -47.64 21.16
CA PRO E 110 -17.80 -46.49 21.99
C PRO E 110 -18.71 -46.33 23.19
N LEU E 111 -18.13 -45.95 24.32
CA LEU E 111 -18.95 -45.64 25.47
C LEU E 111 -18.89 -44.14 25.75
N LYS E 112 -19.99 -43.53 26.22
CA LYS E 112 -19.96 -42.13 26.59
C LYS E 112 -20.63 -41.83 27.92
N CYS E 113 -19.99 -41.06 28.79
CA CYS E 113 -20.66 -40.71 30.06
C CYS E 113 -21.83 -39.81 29.74
N ASP E 114 -22.99 -40.11 30.31
CA ASP E 114 -24.15 -39.25 30.11
C ASP E 114 -24.67 -38.70 31.47
N LEU E 115 -23.75 -38.60 32.43
CA LEU E 115 -24.09 -38.13 33.77
C LEU E 115 -25.26 -38.92 34.35
N CYS E 116 -25.25 -40.24 34.21
CA CYS E 116 -26.34 -41.11 34.71
C CYS E 116 -27.68 -40.50 34.47
N ASP E 117 -27.83 -39.99 33.26
CA ASP E 117 -29.06 -39.37 32.80
C ASP E 117 -30.31 -40.07 33.29
N GLY E 118 -31.26 -39.29 33.80
CA GLY E 118 -32.46 -39.87 34.39
C GLY E 118 -32.35 -40.36 35.83
N GLU E 119 -31.14 -40.49 36.38
CA GLU E 119 -31.02 -40.87 37.80
C GLU E 119 -30.98 -39.65 38.71
N PRO E 120 -31.34 -39.83 40.00
CA PRO E 120 -31.34 -38.65 40.87
C PRO E 120 -29.95 -38.03 41.00
N GLU E 121 -28.89 -38.83 41.00
CA GLU E 121 -27.51 -38.31 41.10
C GLU E 121 -26.49 -39.27 40.42
N PRO E 122 -25.40 -38.71 39.87
CA PRO E 122 -24.30 -39.51 39.34
C PRO E 122 -23.86 -40.58 40.33
N LEU E 123 -23.83 -41.85 39.91
CA LEU E 123 -23.51 -42.97 40.83
C LEU E 123 -22.05 -42.99 41.22
N CYS E 124 -21.16 -42.59 40.30
CA CYS E 124 -19.72 -42.50 40.63
C CYS E 124 -19.51 -41.41 41.72
N VAL E 125 -20.15 -40.24 41.59
CA VAL E 125 -20.10 -39.26 42.66
C VAL E 125 -20.66 -39.80 44.02
N LYS E 126 -21.82 -40.47 44.02
CA LYS E 126 -22.37 -41.11 45.24
C LYS E 126 -21.42 -42.08 45.94
N TRP E 127 -20.66 -42.86 45.17
CA TRP E 127 -19.90 -43.96 45.77
C TRP E 127 -18.50 -43.47 46.08
N CYS E 128 -18.13 -42.26 45.62
CA CYS E 128 -16.84 -41.66 46.02
C CYS E 128 -17.00 -41.11 47.43
N LEU E 129 -16.89 -41.99 48.43
CA LEU E 129 -17.12 -41.57 49.80
C LEU E 129 -16.10 -40.49 50.21
N VAL E 130 -14.93 -40.43 49.58
CA VAL E 130 -13.98 -39.39 49.97
C VAL E 130 -14.29 -38.02 49.26
N GLY E 131 -15.25 -37.98 48.33
CA GLY E 131 -15.71 -36.70 47.80
C GLY E 131 -14.75 -36.05 46.80
N ALA E 132 -14.12 -36.85 45.97
CA ALA E 132 -13.18 -36.38 44.95
C ALA E 132 -13.93 -35.78 43.72
N LEU E 133 -15.22 -36.05 43.64
CA LEU E 133 -15.98 -35.87 42.44
C LEU E 133 -17.26 -35.14 42.76
N SER E 134 -17.60 -34.19 41.89
CA SER E 134 -18.87 -33.56 42.01
C SER E 134 -19.25 -32.98 40.67
N VAL E 135 -20.55 -32.83 40.46
CA VAL E 135 -20.99 -32.20 39.25
C VAL E 135 -21.77 -30.93 39.57
N THR E 136 -21.50 -29.89 38.79
CA THR E 136 -22.19 -28.63 38.96
C THR E 136 -22.61 -28.07 37.60
N GLU E 137 -23.43 -27.03 37.68
CA GLU E 137 -24.08 -26.40 36.56
C GLU E 137 -23.91 -24.88 36.56
N ARG E 138 -24.03 -24.36 35.33
CA ARG E 138 -24.23 -22.95 35.07
C ARG E 138 -24.89 -22.74 33.71
N GLU E 139 -25.54 -21.59 33.57
CA GLU E 139 -26.15 -21.13 32.32
C GLU E 139 -25.13 -20.45 31.46
N VAL E 140 -25.19 -20.70 30.16
CA VAL E 140 -24.28 -20.06 29.21
C VAL E 140 -25.06 -19.54 27.99
N GLU E 141 -24.55 -18.50 27.33
CA GLU E 141 -25.26 -17.95 26.17
C GLU E 141 -24.91 -18.71 24.90
N GLU E 142 -25.88 -19.44 24.33
CA GLU E 142 -25.69 -20.12 23.06
C GLU E 142 -25.44 -19.03 21.99
N PRO E 143 -24.98 -19.45 20.80
CA PRO E 143 -24.47 -18.61 19.69
C PRO E 143 -25.42 -17.52 19.13
N ASP E 144 -24.90 -16.65 18.25
CA ASP E 144 -25.66 -15.55 17.62
C ASP E 144 -26.62 -16.02 16.53
N LYS E 148 -24.06 -15.52 11.68
CA LYS E 148 -23.18 -16.68 11.66
C LYS E 148 -23.15 -17.42 10.29
N ARG E 149 -23.92 -16.96 9.31
CA ARG E 149 -23.86 -17.53 7.93
C ARG E 149 -22.79 -16.83 7.10
N THR E 150 -22.33 -15.70 7.62
CA THR E 150 -21.10 -15.14 7.13
C THR E 150 -19.96 -16.18 7.34
N GLU E 151 -19.98 -16.94 8.45
CA GLU E 151 -18.87 -17.84 8.76
C GLU E 151 -18.76 -18.93 7.72
N MET E 152 -19.90 -19.37 7.20
CA MET E 152 -19.96 -20.46 6.23
C MET E 152 -19.23 -20.11 4.94
N GLU E 153 -19.54 -18.92 4.45
CA GLU E 153 -18.94 -18.36 3.24
C GLU E 153 -17.43 -18.13 3.40
N ILE E 154 -17.03 -17.59 4.56
CA ILE E 154 -15.61 -17.35 4.81
C ILE E 154 -14.89 -18.70 4.88
N GLY E 155 -15.57 -19.70 5.39
CA GLY E 155 -14.99 -21.01 5.52
C GLY E 155 -14.82 -21.71 4.17
N LEU E 156 -15.84 -21.65 3.33
CA LEU E 156 -15.65 -22.16 1.97
C LEU E 156 -14.56 -21.39 1.17
N GLU E 157 -14.50 -20.05 1.32
CA GLU E 157 -13.44 -19.30 0.63
C GLU E 157 -12.08 -19.79 1.08
N SER E 158 -12.02 -20.19 2.33
CA SER E 158 -10.77 -20.61 2.94
C SER E 158 -10.32 -21.95 2.34
N LEU E 159 -11.27 -22.86 2.12
CA LEU E 159 -11.01 -24.21 1.62
C LEU E 159 -10.69 -24.15 0.10
N ILE E 160 -11.24 -23.14 -0.55
CA ILE E 160 -10.94 -22.94 -1.97
C ILE E 160 -9.50 -22.45 -2.10
N SER E 161 -9.11 -21.53 -1.22
CA SER E 161 -7.74 -21.03 -1.17
C SER E 161 -6.72 -22.10 -0.84
N ARG E 162 -6.98 -22.95 0.19
CA ARG E 162 -6.04 -24.01 0.54
C ARG E 162 -6.02 -25.15 -0.50
N PHE E 163 -7.16 -25.49 -1.14
CA PHE E 163 -7.19 -26.72 -1.96
C PHE E 163 -7.60 -26.53 -3.43
N GLY E 164 -8.13 -25.34 -3.74
CA GLY E 164 -8.52 -24.94 -5.08
C GLY E 164 -9.99 -25.16 -5.43
N ALA E 165 -10.55 -24.24 -6.21
CA ALA E 165 -11.96 -24.30 -6.60
C ALA E 165 -12.40 -25.64 -7.20
N ASP E 166 -11.57 -26.24 -8.07
CA ASP E 166 -12.03 -27.48 -8.75
C ASP E 166 -12.05 -28.67 -7.80
N VAL E 167 -11.06 -28.74 -6.91
CA VAL E 167 -11.04 -29.80 -5.90
C VAL E 167 -12.24 -29.68 -4.91
N VAL E 168 -12.53 -28.45 -4.44
CA VAL E 168 -13.68 -28.20 -3.55
C VAL E 168 -15.03 -28.49 -4.22
N ALA E 169 -15.21 -28.02 -5.45
CA ALA E 169 -16.47 -28.27 -6.18
C ALA E 169 -16.77 -29.76 -6.39
N ASP E 170 -15.82 -30.53 -6.90
CA ASP E 170 -16.03 -31.96 -7.14
C ASP E 170 -16.25 -32.72 -5.83
N THR E 171 -15.62 -32.23 -4.77
CA THR E 171 -15.76 -32.86 -3.47
C THR E 171 -17.16 -32.64 -2.90
N VAL E 172 -17.67 -31.41 -2.96
CA VAL E 172 -19.00 -31.12 -2.41
C VAL E 172 -20.06 -32.00 -3.12
N GLU E 173 -19.80 -32.35 -4.38
CA GLU E 173 -20.68 -33.28 -5.10
C GLU E 173 -20.36 -34.77 -4.79
N GLN E 174 -20.65 -35.19 -3.56
CA GLN E 174 -20.42 -36.56 -3.12
C GLN E 174 -20.56 -36.60 -1.61
N LYS F 7 4.23 -53.99 11.23
CA LYS F 7 4.49 -52.96 12.23
C LYS F 7 4.33 -51.53 11.62
N ARG F 8 3.67 -50.60 12.32
CA ARG F 8 3.57 -49.20 11.86
C ARG F 8 4.23 -48.23 12.79
N ILE F 9 4.46 -47.01 12.29
CA ILE F 9 5.08 -45.96 13.16
C ILE F 9 4.09 -45.06 13.93
N VAL F 10 4.27 -44.86 15.23
CA VAL F 10 3.49 -43.82 15.89
C VAL F 10 4.40 -42.74 16.45
N LYS F 11 3.91 -41.49 16.33
CA LYS F 11 4.67 -40.33 16.74
C LYS F 11 4.09 -39.76 17.99
N THR F 12 4.97 -39.32 18.86
CA THR F 12 4.60 -38.75 20.14
C THR F 12 5.17 -37.39 20.27
N ILE F 13 4.30 -36.45 20.63
CA ILE F 13 4.71 -35.06 20.90
C ILE F 13 4.97 -34.96 22.39
N ASN F 14 6.23 -34.79 22.77
CA ASN F 14 6.64 -34.80 24.13
C ASN F 14 6.68 -33.38 24.58
N ILE F 15 6.01 -33.08 25.69
CA ILE F 15 5.84 -31.69 26.11
C ILE F 15 6.27 -31.62 27.54
N ASP F 16 7.44 -31.04 27.74
CA ASP F 16 7.87 -30.81 29.06
C ASP F 16 7.31 -29.47 29.58
N ALA F 17 6.08 -29.46 30.10
CA ALA F 17 5.49 -28.21 30.59
C ALA F 17 6.31 -27.50 31.70
N ASP F 18 7.29 -28.20 32.29
CA ASP F 18 8.15 -27.62 33.33
C ASP F 18 9.25 -26.72 32.73
N LYS F 19 9.51 -26.91 31.46
CA LYS F 19 10.50 -26.08 30.75
C LYS F 19 9.87 -24.90 29.95
N CYS F 20 8.55 -24.84 29.89
CA CYS F 20 7.85 -23.84 29.13
C CYS F 20 7.93 -22.48 29.80
N ASN F 21 8.08 -21.41 29.00
CA ASN F 21 8.22 -20.06 29.57
C ASN F 21 7.11 -19.15 29.06
N GLY F 22 6.17 -19.74 28.34
CA GLY F 22 4.96 -19.03 28.05
C GLY F 22 5.15 -18.02 26.92
N CYS F 23 6.32 -18.02 26.27
CA CYS F 23 6.59 -17.05 25.18
C CYS F 23 5.60 -17.16 24.04
N ARG F 24 5.06 -18.34 23.75
CA ARG F 24 4.11 -18.46 22.63
C ARG F 24 4.72 -18.34 21.22
N ALA F 25 6.06 -18.32 21.10
CA ALA F 25 6.72 -18.46 19.80
C ALA F 25 6.15 -19.59 18.93
N CYS F 26 5.66 -20.66 19.57
CA CYS F 26 5.18 -21.84 18.90
C CYS F 26 3.87 -21.50 18.22
N GLU F 27 3.05 -20.71 18.86
CA GLU F 27 1.82 -20.22 18.19
C GLU F 27 2.18 -19.28 17.02
N VAL F 28 3.27 -18.51 17.17
CA VAL F 28 3.63 -17.54 16.14
C VAL F 28 4.04 -18.28 14.88
N ILE F 29 4.94 -19.24 15.00
CA ILE F 29 5.48 -19.92 13.81
C ILE F 29 4.46 -20.86 13.18
N CYS F 30 3.68 -21.58 14.00
CA CYS F 30 2.72 -22.52 13.37
C CYS F 30 1.74 -21.71 12.50
N SER F 31 1.16 -20.65 13.05
CA SER F 31 0.22 -19.80 12.28
C SER F 31 0.81 -19.13 11.07
N ALA F 32 2.07 -18.66 11.16
CA ALA F 32 2.79 -18.06 10.09
C ALA F 32 2.89 -19.06 8.94
N PHE F 33 3.33 -20.27 9.24
CA PHE F 33 3.60 -21.27 8.19
C PHE F 33 2.30 -21.65 7.47
N HIS F 34 1.20 -21.69 8.23
CA HIS F 34 -0.11 -22.03 7.66
C HIS F 34 -0.92 -20.86 7.10
N ALA F 35 -0.33 -19.66 7.11
CA ALA F 35 -0.92 -18.56 6.30
C ALA F 35 -0.95 -18.92 4.79
N MET F 36 -1.76 -18.24 3.98
CA MET F 36 -1.77 -18.50 2.53
C MET F 36 -1.51 -17.22 1.71
N PRO F 37 -0.35 -17.06 1.05
CA PRO F 37 0.75 -18.04 1.01
C PRO F 37 1.48 -18.17 2.38
N PRO F 38 2.27 -19.24 2.55
CA PRO F 38 2.98 -19.48 3.81
C PRO F 38 3.72 -18.21 4.22
N TYR F 39 3.67 -17.85 5.51
CA TYR F 39 4.38 -16.71 6.11
C TYR F 39 3.93 -15.30 5.70
N SER F 40 2.84 -15.17 4.95
CA SER F 40 2.41 -13.84 4.49
C SER F 40 1.71 -13.10 5.64
N SER F 41 1.41 -13.84 6.71
CA SER F 41 0.84 -13.24 7.89
C SER F 41 1.00 -14.25 9.05
N ASN F 42 0.52 -13.87 10.21
CA ASN F 42 0.42 -14.80 11.33
C ASN F 42 -0.69 -14.29 12.23
N ASN F 43 -1.09 -15.15 13.14
CA ASN F 43 -2.32 -15.04 13.90
C ASN F 43 -2.37 -16.21 14.91
N PRO F 44 -1.91 -16.00 16.14
CA PRO F 44 -2.01 -17.08 17.15
C PRO F 44 -3.35 -17.83 17.22
N ALA F 45 -4.45 -17.17 16.92
CA ALA F 45 -5.72 -17.90 16.99
C ALA F 45 -5.89 -18.96 15.89
N ARG F 46 -5.01 -18.97 14.88
CA ARG F 46 -5.04 -20.00 13.84
C ARG F 46 -3.99 -21.07 14.07
N SER F 47 -3.29 -20.96 15.20
CA SER F 47 -2.29 -21.98 15.58
C SER F 47 -2.86 -23.34 15.88
N ARG F 48 -2.18 -24.43 15.44
CA ARG F 48 -2.61 -25.75 15.83
C ARG F 48 -2.01 -26.17 17.20
N VAL F 49 -1.09 -25.36 17.74
CA VAL F 49 -0.59 -25.52 19.10
C VAL F 49 -1.02 -24.23 19.85
N ARG F 50 -1.63 -24.40 21.01
CA ARG F 50 -2.19 -23.29 21.77
C ARG F 50 -1.78 -23.49 23.23
N VAL F 51 -1.16 -22.48 23.81
CA VAL F 51 -0.62 -22.57 25.14
C VAL F 51 -1.58 -22.09 26.21
N VAL F 52 -1.95 -22.99 27.14
CA VAL F 52 -2.64 -22.55 28.32
C VAL F 52 -1.63 -21.78 29.16
N ARG F 53 -1.87 -20.50 29.42
CA ARG F 53 -0.84 -19.70 30.08
C ARG F 53 -1.42 -18.83 31.18
N ASP F 54 -1.19 -19.17 32.44
CA ASP F 54 -1.58 -18.28 33.55
C ASP F 54 -0.45 -18.11 34.54
N PRO F 55 0.34 -17.02 34.38
CA PRO F 55 1.48 -16.89 35.28
C PRO F 55 1.08 -16.94 36.75
N LEU F 56 -0.12 -16.47 37.10
CA LEU F 56 -0.53 -16.43 38.53
C LEU F 56 -0.91 -17.78 39.14
N ARG F 57 -1.21 -18.77 38.30
CA ARG F 57 -1.44 -20.15 38.72
C ARG F 57 -0.19 -20.98 38.44
N ASP F 58 0.79 -20.34 37.83
CA ASP F 58 2.01 -21.03 37.35
C ASP F 58 1.69 -22.20 36.37
N ILE F 59 0.63 -22.00 35.60
CA ILE F 59 0.24 -22.94 34.57
C ILE F 59 0.74 -22.50 33.15
N TYR F 60 1.57 -23.37 32.54
CA TYR F 60 2.13 -23.17 31.17
C TYR F 60 2.08 -24.46 30.42
N VAL F 61 0.99 -24.66 29.68
CA VAL F 61 0.78 -25.95 29.09
C VAL F 61 0.49 -25.88 27.57
N PRO F 62 1.48 -26.22 26.72
CA PRO F 62 1.21 -26.30 25.27
C PRO F 62 0.23 -27.42 24.93
N LEU F 63 -0.91 -27.09 24.31
CA LEU F 63 -1.88 -28.07 23.83
C LEU F 63 -1.90 -28.16 22.31
N TYR F 64 -1.72 -29.37 21.79
CA TYR F 64 -1.80 -29.58 20.35
C TYR F 64 -3.19 -29.97 19.85
N ALA F 65 -3.64 -29.40 18.74
CA ALA F 65 -4.98 -29.70 18.19
C ALA F 65 -5.04 -31.16 17.75
N GLY F 66 -6.20 -31.80 17.93
CA GLY F 66 -6.37 -33.23 17.78
C GLY F 66 -7.59 -33.53 16.96
N GLU F 67 -8.45 -34.39 17.46
CA GLU F 67 -9.51 -34.82 16.55
CA GLU F 67 -9.62 -34.92 16.75
C GLU F 67 -10.77 -33.96 16.59
N TYR F 68 -11.37 -33.85 15.40
CA TYR F 68 -12.60 -33.07 15.23
C TYR F 68 -13.75 -33.80 15.93
N THR F 69 -14.63 -33.05 16.62
CA THR F 69 -15.86 -33.62 17.05
C THR F 69 -16.94 -32.64 16.68
N GLU F 70 -18.06 -33.14 16.16
CA GLU F 70 -19.14 -32.24 15.85
C GLU F 70 -20.09 -32.01 17.01
N SER F 71 -19.95 -32.77 18.10
CA SER F 71 -20.72 -32.57 19.30
C SER F 71 -19.90 -32.33 20.54
N GLU F 72 -20.42 -31.46 21.40
CA GLU F 72 -19.99 -31.30 22.76
C GLU F 72 -20.32 -32.53 23.57
N CYS F 73 -19.50 -32.80 24.56
CA CYS F 73 -19.82 -33.87 25.58
C CYS F 73 -20.94 -33.46 26.53
N ILE F 74 -21.61 -34.45 27.14
CA ILE F 74 -22.75 -34.12 28.00
C ILE F 74 -22.25 -33.40 29.24
N GLY F 75 -21.05 -33.77 29.68
CA GLY F 75 -20.46 -33.18 30.85
C GLY F 75 -19.07 -32.77 30.49
N ARG F 76 -18.67 -31.59 30.92
CA ARG F 76 -17.30 -31.12 30.78
C ARG F 76 -16.52 -31.39 32.02
N ASP F 77 -15.21 -31.59 31.87
CA ASP F 77 -14.41 -31.95 33.04
C ASP F 77 -13.48 -30.82 33.44
N LYS F 78 -13.15 -30.77 34.73
CA LYS F 78 -12.29 -29.75 35.31
C LYS F 78 -11.52 -30.34 36.49
N PHE F 79 -10.20 -30.26 36.47
CA PHE F 79 -9.28 -30.98 37.37
C PHE F 79 -8.61 -30.06 38.39
N ILE F 80 -8.43 -30.52 39.59
CA ILE F 80 -7.39 -29.96 40.44
C ILE F 80 -6.28 -30.97 40.50
N ILE F 81 -5.05 -30.63 40.12
CA ILE F 81 -3.99 -31.65 40.19
C ILE F 81 -2.82 -31.01 40.79
N ASP F 82 -2.32 -31.59 41.87
CA ASP F 82 -1.12 -31.08 42.53
C ASP F 82 -1.28 -29.59 42.93
N GLY F 83 -2.46 -29.24 43.43
CA GLY F 83 -2.73 -27.92 44.00
C GLY F 83 -3.16 -26.93 42.94
N LYS F 84 -3.01 -27.29 41.66
CA LYS F 84 -3.36 -26.36 40.59
C LYS F 84 -4.81 -26.54 40.11
N GLU F 85 -5.58 -25.44 40.01
CA GLU F 85 -6.93 -25.53 39.44
C GLU F 85 -6.92 -25.26 37.92
N TYR F 86 -7.03 -26.32 37.14
CA TYR F 86 -6.94 -26.19 35.68
C TYR F 86 -8.28 -25.70 35.16
N ASP F 87 -8.34 -25.29 33.87
CA ASP F 87 -9.60 -24.79 33.32
C ASP F 87 -10.48 -25.94 32.97
N GLU F 88 -11.77 -25.71 32.88
CA GLU F 88 -12.66 -26.70 32.29
C GLU F 88 -12.18 -27.15 30.89
N CYS F 89 -12.23 -28.46 30.65
CA CYS F 89 -11.73 -29.08 29.42
C CYS F 89 -10.30 -28.69 29.15
N GLY F 90 -9.54 -28.37 30.17
CA GLY F 90 -8.25 -27.80 29.93
C GLY F 90 -7.20 -28.60 29.26
N PHE F 91 -7.37 -29.93 29.15
CA PHE F 91 -6.40 -30.74 28.48
C PHE F 91 -6.94 -31.32 27.16
N CYS F 92 -8.15 -30.96 26.77
CA CYS F 92 -8.81 -31.57 25.60
C CYS F 92 -8.14 -31.11 24.31
N ARG F 93 -7.81 -32.00 23.38
CA ARG F 93 -7.27 -31.61 22.06
C ARG F 93 -8.35 -31.36 21.01
N ALA F 94 -9.62 -31.52 21.35
CA ALA F 94 -10.62 -31.70 20.34
C ALA F 94 -10.93 -30.37 19.68
N SER F 95 -11.29 -30.41 18.38
CA SER F 95 -11.83 -29.25 17.66
C SER F 95 -13.34 -29.37 17.86
N CYS F 96 -13.85 -28.63 18.84
CA CYS F 96 -15.12 -28.91 19.47
C CYS F 96 -15.88 -27.58 19.44
N PRO F 97 -17.21 -27.61 19.25
CA PRO F 97 -18.09 -26.46 19.16
C PRO F 97 -18.25 -25.69 20.46
N SER F 98 -17.83 -26.23 21.60
CA SER F 98 -17.93 -25.49 22.84
C SER F 98 -16.87 -24.37 23.00
N ARG F 99 -15.86 -24.34 22.16
CA ARG F 99 -14.85 -23.28 22.32
C ARG F 99 -14.16 -22.88 21.00
N ASP F 100 -13.41 -21.78 21.05
CA ASP F 100 -12.75 -21.24 19.85
C ASP F 100 -11.40 -21.97 19.55
N LEU F 101 -10.78 -22.59 20.57
CA LEU F 101 -9.48 -23.24 20.44
C LEU F 101 -9.48 -24.13 19.24
N PHE F 102 -8.41 -24.15 18.47
CA PHE F 102 -8.38 -25.16 17.39
C PHE F 102 -9.54 -25.05 16.39
N ARG F 103 -10.10 -23.84 16.26
CA ARG F 103 -11.00 -23.52 15.18
C ARG F 103 -10.64 -22.16 14.54
N GLU F 104 -10.86 -22.04 13.23
CA GLU F 104 -10.57 -20.76 12.59
C GLU F 104 -11.44 -19.72 13.23
N PRO F 105 -10.81 -18.65 13.72
CA PRO F 105 -11.50 -17.50 14.35
C PRO F 105 -12.58 -16.83 13.51
N ASP F 106 -12.54 -16.93 12.19
CA ASP F 106 -13.60 -16.27 11.44
C ASP F 106 -14.60 -17.21 10.82
N SER F 107 -14.29 -18.49 10.76
CA SER F 107 -15.20 -19.43 10.11
C SER F 107 -15.61 -20.59 10.99
N GLY F 108 -14.90 -20.83 12.09
CA GLY F 108 -15.13 -22.04 12.90
C GLY F 108 -14.64 -23.36 12.28
N LEU F 109 -14.03 -23.31 11.09
CA LEU F 109 -13.40 -24.52 10.51
C LEU F 109 -12.42 -25.23 11.43
N PRO F 110 -12.37 -26.56 11.34
CA PRO F 110 -11.54 -27.27 12.32
C PRO F 110 -10.05 -27.12 12.01
N LEU F 111 -9.20 -27.12 13.02
CA LEU F 111 -7.75 -27.14 12.82
C LEU F 111 -7.23 -28.41 13.45
N LYS F 112 -6.10 -28.95 12.98
CA LYS F 112 -5.59 -30.26 13.47
C LYS F 112 -4.10 -30.20 13.17
N CYS F 113 -3.28 -30.48 14.15
CA CYS F 113 -1.82 -30.61 13.93
C CYS F 113 -1.44 -31.76 13.02
N ASP F 114 -0.62 -31.53 11.99
CA ASP F 114 -0.18 -32.69 11.20
C ASP F 114 1.32 -32.83 11.23
N LEU F 115 1.94 -32.19 12.22
CA LEU F 115 3.36 -32.29 12.45
C LEU F 115 4.14 -31.70 11.28
N CYS F 116 3.63 -30.59 10.74
CA CYS F 116 4.23 -29.92 9.59
C CYS F 116 4.54 -30.93 8.51
N ASP F 117 3.51 -31.65 8.11
CA ASP F 117 3.68 -32.75 7.18
C ASP F 117 4.31 -32.28 5.86
N GLY F 118 5.40 -32.95 5.47
CA GLY F 118 6.06 -32.65 4.21
C GLY F 118 7.25 -31.73 4.40
N GLU F 119 7.37 -31.13 5.58
CA GLU F 119 8.46 -30.17 5.83
C GLU F 119 9.55 -30.93 6.52
N PRO F 120 10.79 -30.42 6.49
CA PRO F 120 11.91 -31.10 7.12
C PRO F 120 11.66 -31.38 8.61
N GLU F 121 11.05 -30.46 9.35
CA GLU F 121 10.83 -30.70 10.80
C GLU F 121 9.73 -29.83 11.41
N PRO F 122 9.08 -30.33 12.46
CA PRO F 122 8.03 -29.59 13.19
C PRO F 122 8.52 -28.19 13.56
N LEU F 123 7.84 -27.13 13.10
CA LEU F 123 8.29 -25.75 13.30
C LEU F 123 8.18 -25.23 14.77
N CYS F 124 7.06 -25.47 15.44
CA CYS F 124 7.00 -25.11 16.90
C CYS F 124 8.25 -25.64 17.59
N VAL F 125 8.56 -26.92 17.39
CA VAL F 125 9.78 -27.47 18.06
C VAL F 125 11.05 -26.71 17.69
N LYS F 126 11.14 -26.28 16.43
CA LYS F 126 12.35 -25.62 15.97
C LYS F 126 12.46 -24.25 16.58
N TRP F 127 11.32 -23.57 16.76
CA TRP F 127 11.37 -22.22 17.35
C TRP F 127 11.35 -22.32 18.87
N CYS F 128 11.14 -23.50 19.42
CA CYS F 128 11.15 -23.51 20.91
C CYS F 128 12.56 -23.70 21.37
N LEU F 129 13.28 -22.63 21.58
CA LEU F 129 14.73 -22.70 21.84
C LEU F 129 15.09 -23.16 23.24
N VAL F 130 14.14 -23.16 24.16
CA VAL F 130 14.45 -23.71 25.49
C VAL F 130 14.32 -25.24 25.45
N GLY F 131 13.71 -25.76 24.39
CA GLY F 131 13.54 -27.19 24.23
C GLY F 131 12.51 -27.80 25.16
N ALA F 132 11.33 -27.21 25.24
CA ALA F 132 10.18 -27.81 25.95
C ALA F 132 9.48 -28.86 25.08
N LEU F 133 9.71 -28.83 23.76
CA LEU F 133 8.92 -29.68 22.83
C LEU F 133 9.86 -30.56 22.08
N SER F 134 9.44 -31.79 21.80
CA SER F 134 10.17 -32.71 20.92
C SER F 134 9.21 -33.71 20.32
N VAL F 135 9.58 -34.35 19.21
CA VAL F 135 8.71 -35.41 18.72
C VAL F 135 9.62 -36.58 18.43
N THR F 136 9.25 -37.71 19.02
CA THR F 136 9.88 -39.00 18.82
C THR F 136 8.94 -39.97 18.11
N GLU F 137 9.49 -41.12 17.68
CA GLU F 137 8.78 -42.14 16.89
C GLU F 137 9.08 -43.53 17.44
N ARG F 138 8.16 -44.47 17.23
CA ARG F 138 8.42 -45.86 17.62
C ARG F 138 7.57 -46.74 16.78
N GLU F 139 8.00 -47.98 16.53
CA GLU F 139 7.18 -48.92 15.80
C GLU F 139 6.23 -49.64 16.76
N VAL F 140 4.98 -49.85 16.34
CA VAL F 140 4.08 -50.69 17.12
C VAL F 140 3.55 -51.81 16.21
N GLU F 141 3.07 -52.90 16.82
CA GLU F 141 2.56 -54.04 16.07
C GLU F 141 1.07 -53.84 15.69
N GLU F 142 0.30 -53.24 16.59
CA GLU F 142 -1.09 -52.84 16.28
C GLU F 142 -1.26 -52.15 14.94
N PRO F 143 -2.10 -52.73 14.08
CA PRO F 143 -2.52 -52.14 12.82
C PRO F 143 -3.26 -50.81 13.04
N ASP F 144 -3.15 -49.84 12.13
CA ASP F 144 -3.95 -48.60 12.24
C ASP F 144 -5.38 -48.84 11.77
N GLU F 145 -6.35 -48.76 12.69
CA GLU F 145 -7.79 -48.90 12.37
C GLU F 145 -8.50 -47.54 12.10
N SER F 146 -7.72 -46.49 11.88
CA SER F 146 -8.32 -45.16 11.66
C SER F 146 -8.99 -45.10 10.31
N VAL F 147 -10.15 -44.45 10.24
CA VAL F 147 -10.72 -44.07 8.98
C VAL F 147 -10.04 -42.77 8.63
N LYS F 148 -9.22 -42.77 7.59
CA LYS F 148 -8.41 -41.59 7.34
C LYS F 148 -9.13 -40.64 6.37
N ARG F 149 -9.85 -39.67 6.91
CA ARG F 149 -10.48 -38.63 6.11
C ARG F 149 -9.49 -37.52 5.91
N THR F 150 -9.52 -36.90 4.71
CA THR F 150 -8.68 -35.74 4.42
C THR F 150 -9.17 -34.46 5.16
N GLU F 151 -8.25 -33.53 5.40
CA GLU F 151 -8.58 -32.19 5.92
C GLU F 151 -9.69 -31.51 5.11
N MET F 152 -9.52 -31.58 3.80
CA MET F 152 -10.53 -31.07 2.92
C MET F 152 -11.90 -31.69 3.17
N GLU F 153 -11.91 -33.01 3.27
CA GLU F 153 -13.16 -33.69 3.50
C GLU F 153 -13.72 -33.35 4.90
N ILE F 154 -12.85 -33.27 5.91
CA ILE F 154 -13.29 -32.96 7.29
C ILE F 154 -13.85 -31.51 7.32
N GLY F 155 -13.17 -30.57 6.66
CA GLY F 155 -13.65 -29.18 6.61
C GLY F 155 -15.05 -29.03 6.05
N LEU F 156 -15.27 -29.65 4.90
CA LEU F 156 -16.56 -29.53 4.22
C LEU F 156 -17.68 -30.17 5.01
N GLU F 157 -17.42 -31.41 5.43
CA GLU F 157 -18.37 -32.19 6.24
C GLU F 157 -18.76 -31.40 7.49
N SER F 158 -17.82 -30.68 8.10
CA SER F 158 -18.22 -29.86 9.24
C SER F 158 -19.17 -28.70 8.83
N LEU F 159 -18.94 -28.06 7.66
CA LEU F 159 -19.82 -27.00 7.21
C LEU F 159 -21.18 -27.59 6.92
N ILE F 160 -21.20 -28.72 6.24
CA ILE F 160 -22.47 -29.34 5.93
C ILE F 160 -23.27 -29.65 7.23
N SER F 161 -22.62 -30.09 8.31
CA SER F 161 -23.34 -30.36 9.56
C SER F 161 -23.90 -29.06 10.14
N ARG F 162 -23.05 -28.05 10.21
CA ARG F 162 -23.48 -26.78 10.74
C ARG F 162 -24.51 -26.10 9.84
N PHE F 163 -24.41 -26.19 8.51
CA PHE F 163 -25.25 -25.32 7.67
C PHE F 163 -26.24 -26.03 6.73
N GLY F 164 -26.06 -27.31 6.45
CA GLY F 164 -26.95 -27.98 5.50
C GLY F 164 -26.31 -28.29 4.17
N ALA F 165 -26.53 -29.51 3.66
CA ALA F 165 -25.93 -29.97 2.41
C ALA F 165 -26.31 -29.11 1.20
N ASP F 166 -27.59 -28.77 1.09
CA ASP F 166 -28.09 -27.91 0.00
C ASP F 166 -27.58 -26.47 0.08
N VAL F 167 -27.62 -25.86 1.26
CA VAL F 167 -27.00 -24.56 1.51
C VAL F 167 -25.54 -24.53 1.11
N VAL F 168 -24.76 -25.52 1.61
CA VAL F 168 -23.34 -25.52 1.32
C VAL F 168 -23.10 -25.68 -0.20
N ALA F 169 -23.81 -26.62 -0.83
CA ALA F 169 -23.61 -26.96 -2.25
C ALA F 169 -23.92 -25.77 -3.15
N ASP F 170 -24.96 -25.05 -2.77
CA ASP F 170 -25.43 -23.90 -3.50
C ASP F 170 -24.45 -22.74 -3.41
N THR F 171 -24.02 -22.45 -2.19
CA THR F 171 -22.99 -21.45 -1.96
C THR F 171 -21.73 -21.82 -2.75
N VAL F 172 -21.43 -23.11 -2.88
CA VAL F 172 -20.19 -23.50 -3.56
C VAL F 172 -20.31 -23.27 -5.07
N GLU F 173 -21.48 -23.57 -5.64
CA GLU F 173 -21.72 -23.39 -7.05
C GLU F 173 -21.62 -21.89 -7.37
N GLN F 174 -22.15 -21.06 -6.47
CA GLN F 174 -22.13 -19.60 -6.60
C GLN F 174 -20.74 -19.02 -6.40
N LEU F 175 -19.79 -19.84 -5.98
CA LEU F 175 -18.43 -19.35 -5.77
C LEU F 175 -17.47 -19.87 -6.83
N THR F 176 -17.94 -20.76 -7.71
CA THR F 176 -17.08 -21.38 -8.73
C THR F 176 -17.68 -21.42 -10.14
N LYS G 7 23.35 6.32 -50.09
CA LYS G 7 22.20 7.02 -49.52
C LYS G 7 21.95 6.61 -48.03
N ARG G 8 21.09 7.35 -47.31
CA ARG G 8 20.65 6.97 -45.95
C ARG G 8 19.24 7.47 -45.62
N ILE G 9 18.60 6.82 -44.65
CA ILE G 9 17.19 7.05 -44.37
C ILE G 9 16.89 8.24 -43.42
N VAL G 10 15.97 9.10 -43.82
CA VAL G 10 15.56 10.21 -42.95
C VAL G 10 14.12 10.03 -42.60
N LYS G 11 13.81 10.24 -41.31
CA LYS G 11 12.47 10.14 -40.74
C LYS G 11 11.90 11.51 -40.33
N THR G 12 10.63 11.69 -40.63
CA THR G 12 9.96 12.95 -40.40
C THR G 12 8.68 12.76 -39.68
N ILE G 13 8.45 13.63 -38.70
CA ILE G 13 7.21 13.63 -37.93
C ILE G 13 6.31 14.68 -38.58
N ASN G 14 5.22 14.26 -39.20
CA ASN G 14 4.33 15.24 -39.81
C ASN G 14 3.19 15.60 -38.86
N ILE G 15 3.11 16.90 -38.59
CA ILE G 15 2.25 17.41 -37.54
C ILE G 15 1.28 18.39 -38.20
N ASP G 16 0.05 17.92 -38.41
CA ASP G 16 -0.96 18.80 -38.92
C ASP G 16 -1.65 19.45 -37.73
N ALA G 17 -1.10 20.58 -37.29
CA ALA G 17 -1.70 21.36 -36.19
C ALA G 17 -3.16 21.77 -36.43
N ASP G 18 -3.62 21.78 -37.69
CA ASP G 18 -5.00 22.15 -37.97
C ASP G 18 -5.96 21.06 -37.61
N LYS G 19 -5.46 19.82 -37.46
CA LYS G 19 -6.30 18.72 -36.99
C LYS G 19 -6.20 18.47 -35.46
N CYS G 20 -5.36 19.23 -34.77
CA CYS G 20 -5.16 18.92 -33.40
C CYS G 20 -6.33 19.43 -32.55
N ASN G 21 -6.77 18.62 -31.58
CA ASN G 21 -7.90 19.09 -30.77
C ASN G 21 -7.46 19.37 -29.33
N GLY G 22 -6.14 19.37 -29.06
CA GLY G 22 -5.73 19.75 -27.70
C GLY G 22 -5.95 18.67 -26.64
N CYS G 23 -6.23 17.41 -27.04
CA CYS G 23 -6.64 16.42 -26.03
C CYS G 23 -5.48 16.03 -25.13
N ARG G 24 -4.26 16.18 -25.63
CA ARG G 24 -3.05 15.75 -24.94
C ARG G 24 -2.90 14.19 -24.69
N ALA G 25 -3.77 13.34 -25.23
CA ALA G 25 -3.55 11.88 -25.18
C ALA G 25 -2.12 11.44 -25.61
N CYS G 26 -1.48 12.22 -26.46
CA CYS G 26 -0.10 11.93 -26.90
C CYS G 26 0.91 12.00 -25.77
N GLU G 27 0.74 13.01 -24.92
CA GLU G 27 1.47 13.22 -23.69
C GLU G 27 1.19 12.09 -22.63
N VAL G 28 -0.07 11.64 -22.54
CA VAL G 28 -0.43 10.55 -21.68
C VAL G 28 0.28 9.27 -22.11
N ILE G 29 0.13 8.86 -23.38
CA ILE G 29 0.81 7.62 -23.79
C ILE G 29 2.36 7.72 -23.81
N CYS G 30 2.95 8.80 -24.32
CA CYS G 30 4.43 8.84 -24.30
C CYS G 30 4.94 8.65 -22.87
N SER G 31 4.40 9.41 -21.94
CA SER G 31 4.93 9.39 -20.60
C SER G 31 4.64 8.01 -19.95
N ALA G 32 3.50 7.38 -20.23
CA ALA G 32 3.17 6.05 -19.67
C ALA G 32 4.15 5.03 -20.19
N PHE G 33 4.40 5.05 -21.50
CA PHE G 33 5.33 4.07 -22.08
C PHE G 33 6.72 4.21 -21.45
N HIS G 34 7.12 5.44 -21.13
CA HIS G 34 8.48 5.66 -20.57
C HIS G 34 8.53 5.59 -19.05
N ALA G 35 7.41 5.26 -18.43
CA ALA G 35 7.48 4.94 -17.00
C ALA G 35 8.36 3.66 -16.77
N MET G 36 8.85 3.49 -15.53
CA MET G 36 9.71 2.33 -15.19
C MET G 36 9.09 1.58 -13.99
N PRO G 37 8.56 0.37 -14.23
CA PRO G 37 8.44 -0.33 -15.53
C PRO G 37 7.41 0.34 -16.44
N PRO G 38 7.34 -0.05 -17.72
CA PRO G 38 6.46 0.61 -18.70
C PRO G 38 5.00 0.52 -18.32
N TYR G 39 4.32 1.66 -18.43
CA TYR G 39 2.90 1.83 -18.10
C TYR G 39 2.53 1.80 -16.60
N SER G 40 3.53 1.82 -15.72
CA SER G 40 3.27 1.72 -14.29
C SER G 40 2.76 3.06 -13.75
N SER G 41 2.94 4.13 -14.54
CA SER G 41 2.43 5.44 -14.18
C SER G 41 2.42 6.22 -15.46
N ASN G 42 2.02 7.46 -15.30
CA ASN G 42 2.12 8.43 -16.38
C ASN G 42 2.18 9.79 -15.71
N ASN G 43 2.59 10.76 -16.50
CA ASN G 43 2.90 12.11 -16.07
C ASN G 43 3.26 12.97 -17.31
N PRO G 44 2.30 13.74 -17.86
CA PRO G 44 2.53 14.59 -19.05
C PRO G 44 3.80 15.44 -18.97
N ALA G 45 4.26 15.78 -17.76
CA ALA G 45 5.51 16.51 -17.63
C ALA G 45 6.71 15.71 -18.07
N ARG G 46 6.59 14.37 -18.08
CA ARG G 46 7.63 13.51 -18.61
C ARG G 46 7.53 13.14 -20.10
N SER G 47 6.49 13.59 -20.76
CA SER G 47 6.42 13.41 -22.23
C SER G 47 7.47 14.07 -23.13
N ARG G 48 7.81 13.33 -24.20
CA ARG G 48 8.75 13.77 -25.18
C ARG G 48 7.98 14.54 -26.26
N VAL G 49 6.63 14.50 -26.20
CA VAL G 49 5.78 15.39 -26.95
C VAL G 49 4.94 16.25 -25.97
N ARG G 50 4.96 17.58 -26.24
CA ARG G 50 4.27 18.54 -25.41
C ARG G 50 3.45 19.49 -26.28
N VAL G 51 2.15 19.55 -26.00
CA VAL G 51 1.27 20.27 -26.85
C VAL G 51 1.16 21.73 -26.33
N VAL G 52 1.50 22.67 -27.16
CA VAL G 52 1.31 24.11 -26.86
C VAL G 52 -0.18 24.30 -27.04
N ARG G 53 -0.88 24.78 -26.03
CA ARG G 53 -2.32 24.69 -26.08
C ARG G 53 -2.96 25.91 -25.47
N ASP G 54 -3.47 26.79 -26.32
CA ASP G 54 -4.20 27.96 -25.83
C ASP G 54 -5.44 28.18 -26.66
N PRO G 55 -6.56 27.66 -26.20
CA PRO G 55 -7.88 27.80 -26.84
C PRO G 55 -8.23 29.25 -27.15
N LEU G 56 -7.77 30.19 -26.34
CA LEU G 56 -8.17 31.57 -26.55
C LEU G 56 -7.45 32.15 -27.71
N ARG G 57 -6.27 31.61 -28.02
CA ARG G 57 -5.52 32.09 -29.17
C ARG G 57 -5.72 31.14 -30.36
N ASP G 58 -6.50 30.07 -30.18
CA ASP G 58 -6.62 28.94 -31.15
C ASP G 58 -5.29 28.38 -31.52
N ILE G 59 -4.39 28.35 -30.55
CA ILE G 59 -3.10 27.74 -30.80
C ILE G 59 -3.06 26.28 -30.20
N TYR G 60 -2.89 25.27 -31.07
CA TYR G 60 -2.74 23.86 -30.69
C TYR G 60 -1.61 23.25 -31.46
N VAL G 61 -0.43 23.28 -30.87
CA VAL G 61 0.79 22.90 -31.59
C VAL G 61 1.61 21.78 -30.83
N PRO G 62 1.52 20.54 -31.32
CA PRO G 62 2.36 19.45 -30.78
C PRO G 62 3.85 19.67 -31.15
N LEU G 63 4.65 19.84 -30.11
CA LEU G 63 6.10 20.05 -30.24
C LEU G 63 6.88 18.77 -29.79
N TYR G 64 7.85 18.27 -30.57
CA TYR G 64 8.57 17.05 -30.18
C TYR G 64 9.93 17.43 -29.62
N ALA G 65 10.28 16.86 -28.48
CA ALA G 65 11.63 16.98 -27.90
C ALA G 65 12.76 16.65 -28.88
N GLY G 66 13.74 17.56 -28.88
CA GLY G 66 14.82 17.60 -29.83
C GLY G 66 16.18 17.52 -29.23
N GLU G 67 17.11 18.34 -29.66
CA GLU G 67 18.46 18.14 -29.21
CA GLU G 67 18.51 18.25 -29.24
C GLU G 67 18.77 18.90 -27.90
N TYR G 68 19.72 18.37 -27.16
CA TYR G 68 20.07 18.91 -25.85
C TYR G 68 20.92 20.16 -26.07
N THR G 69 20.67 21.22 -25.32
CA THR G 69 21.69 22.25 -25.27
C THR G 69 21.98 22.61 -23.81
N GLU G 70 23.25 22.84 -23.50
CA GLU G 70 23.60 23.15 -22.11
C GLU G 70 23.41 24.63 -21.81
N SER G 71 23.33 25.42 -22.88
CA SER G 71 23.19 26.85 -22.76
C SER G 71 21.97 27.41 -23.47
N GLU G 72 21.40 28.49 -22.91
CA GLU G 72 20.36 29.26 -23.55
C GLU G 72 20.97 30.17 -24.63
N CYS G 73 20.15 30.58 -25.58
CA CYS G 73 20.54 31.59 -26.59
C CYS G 73 20.65 32.98 -26.01
N ILE G 74 21.53 33.78 -26.61
CA ILE G 74 21.71 35.18 -26.21
C ILE G 74 20.45 36.00 -26.31
N GLY G 75 19.66 35.73 -27.33
CA GLY G 75 18.32 36.22 -27.30
C GLY G 75 17.35 35.13 -27.69
N ARG G 76 16.13 35.27 -27.20
CA ARG G 76 15.05 34.37 -27.54
C ARG G 76 14.18 35.01 -28.60
N ASP G 77 13.45 34.19 -29.33
CA ASP G 77 12.70 34.70 -30.44
C ASP G 77 11.22 34.52 -30.08
N LYS G 78 10.36 35.32 -30.68
CA LYS G 78 8.94 35.29 -30.37
C LYS G 78 8.25 35.78 -31.60
N PHE G 79 7.39 34.96 -32.16
CA PHE G 79 6.79 35.19 -33.47
C PHE G 79 5.34 35.65 -33.40
N ILE G 80 4.98 36.51 -34.35
CA ILE G 80 3.57 36.71 -34.72
C ILE G 80 3.46 36.12 -36.14
N ILE G 81 2.54 35.20 -36.36
CA ILE G 81 2.42 34.65 -37.66
C ILE G 81 0.94 34.45 -37.91
N ASP G 82 0.47 34.98 -39.04
CA ASP G 82 -0.92 34.90 -39.44
C ASP G 82 -1.88 35.41 -38.36
N GLY G 83 -1.47 36.49 -37.68
CA GLY G 83 -2.36 37.14 -36.72
C GLY G 83 -2.31 36.45 -35.35
N LYS G 84 -1.57 35.36 -35.24
CA LYS G 84 -1.37 34.66 -33.95
C LYS G 84 -0.09 35.08 -33.21
N GLU G 85 -0.20 35.43 -31.92
CA GLU G 85 0.99 35.74 -31.14
C GLU G 85 1.48 34.50 -30.36
N TYR G 86 2.52 33.85 -30.88
CA TYR G 86 3.05 32.62 -30.28
C TYR G 86 3.90 32.92 -29.10
N ASP G 87 4.32 31.86 -28.37
CA ASP G 87 5.01 32.09 -27.12
C ASP G 87 6.44 32.29 -27.43
N GLU G 88 7.18 32.92 -26.52
CA GLU G 88 8.61 32.98 -26.60
C GLU G 88 9.16 31.59 -26.77
N CYS G 89 10.19 31.46 -27.64
CA CYS G 89 10.80 30.19 -28.01
C CYS G 89 9.75 29.13 -28.27
N GLY G 90 8.60 29.51 -28.76
CA GLY G 90 7.47 28.59 -28.81
C GLY G 90 7.47 27.46 -29.84
N PHE G 91 8.50 27.36 -30.67
CA PHE G 91 8.61 26.25 -31.62
C PHE G 91 9.89 25.51 -31.39
N CYS G 92 10.69 25.93 -30.42
CA CYS G 92 12.02 25.33 -30.21
C CYS G 92 11.87 23.88 -29.61
N ARG G 93 12.61 22.93 -30.16
CA ARG G 93 12.62 21.53 -29.68
C ARG G 93 13.59 21.26 -28.55
N ALA G 94 14.42 22.22 -28.25
CA ALA G 94 15.59 22.05 -27.45
C ALA G 94 15.24 21.69 -26.00
N SER G 95 16.02 20.74 -25.45
CA SER G 95 16.09 20.51 -24.04
C SER G 95 17.05 21.57 -23.47
N CYS G 96 16.49 22.62 -22.87
CA CYS G 96 17.21 23.85 -22.68
C CYS G 96 16.99 24.36 -21.27
N PRO G 97 18.02 24.94 -20.66
CA PRO G 97 17.89 25.42 -19.27
C PRO G 97 16.92 26.59 -19.06
N SER G 98 16.45 27.25 -20.11
CA SER G 98 15.55 28.38 -19.93
C SER G 98 14.17 27.92 -19.51
N ARG G 99 13.87 26.63 -19.67
CA ARG G 99 12.49 26.17 -19.43
C ARG G 99 12.35 24.64 -19.04
N ASP G 100 11.18 24.20 -18.58
CA ASP G 100 10.99 22.83 -18.02
C ASP G 100 10.58 21.80 -19.09
N LEU G 101 10.00 22.29 -20.18
CA LEU G 101 9.69 21.45 -21.33
C LEU G 101 10.82 20.51 -21.69
N PHE G 102 10.48 19.26 -22.02
CA PHE G 102 11.51 18.30 -22.45
C PHE G 102 12.65 18.12 -21.39
N ARG G 103 12.36 18.43 -20.13
CA ARG G 103 13.26 18.05 -19.04
CA ARG G 103 13.25 18.04 -19.03
C ARG G 103 12.41 17.42 -17.93
N GLU G 104 12.96 16.41 -17.24
CA GLU G 104 12.23 15.71 -16.15
C GLU G 104 11.89 16.75 -15.05
N PRO G 105 10.60 16.82 -14.67
CA PRO G 105 10.13 17.82 -13.71
C PRO G 105 10.84 17.74 -12.35
N ASP G 106 11.37 16.57 -11.98
CA ASP G 106 12.02 16.44 -10.65
C ASP G 106 13.55 16.38 -10.62
N SER G 107 14.21 16.27 -11.77
CA SER G 107 15.69 16.31 -11.84
C SER G 107 16.25 17.30 -12.87
N GLY G 108 15.46 17.67 -13.87
CA GLY G 108 15.94 18.56 -14.91
C GLY G 108 16.66 17.79 -16.01
N LEU G 109 16.79 16.47 -15.84
CA LEU G 109 17.34 15.62 -16.92
C LEU G 109 16.72 15.83 -18.30
N PRO G 110 17.55 15.89 -19.36
CA PRO G 110 17.11 16.04 -20.75
C PRO G 110 16.25 14.89 -21.25
N LEU G 111 15.10 15.20 -21.83
CA LEU G 111 14.32 14.19 -22.53
C LEU G 111 14.50 14.37 -24.04
N LYS G 112 14.44 13.27 -24.79
CA LYS G 112 14.56 13.36 -26.26
C LYS G 112 13.68 12.31 -26.92
N CYS G 113 12.87 12.65 -27.92
CA CYS G 113 12.02 11.65 -28.57
C CYS G 113 12.92 10.75 -29.39
N ASP G 114 12.70 9.44 -29.32
CA ASP G 114 13.45 8.57 -30.23
C ASP G 114 12.52 7.73 -31.07
N LEU G 115 11.30 8.20 -31.26
CA LEU G 115 10.37 7.51 -32.14
C LEU G 115 10.03 6.13 -31.60
N CYS G 116 9.93 6.03 -30.27
CA CYS G 116 9.56 4.77 -29.58
C CYS G 116 10.39 3.63 -30.14
N ASP G 117 11.69 3.79 -30.15
CA ASP G 117 12.57 2.80 -30.70
C ASP G 117 12.43 1.43 -30.02
N GLY G 118 12.45 0.35 -30.79
CA GLY G 118 12.24 -0.99 -30.26
C GLY G 118 10.76 -1.28 -30.25
N GLU G 119 9.93 -0.26 -30.42
CA GLU G 119 8.50 -0.50 -30.51
C GLU G 119 8.09 -0.63 -31.96
N PRO G 120 7.03 -1.41 -32.21
CA PRO G 120 6.46 -1.60 -33.55
C PRO G 120 6.10 -0.24 -34.19
N GLU G 121 5.63 0.72 -33.40
CA GLU G 121 5.24 2.02 -33.93
C GLU G 121 5.12 3.16 -32.88
N PRO G 122 5.26 4.40 -33.32
CA PRO G 122 5.21 5.54 -32.40
C PRO G 122 3.90 5.54 -31.66
N LEU G 123 3.88 5.57 -30.33
CA LEU G 123 2.62 5.44 -29.56
C LEU G 123 1.74 6.72 -29.64
N CYS G 124 2.36 7.87 -29.55
CA CYS G 124 1.59 9.12 -29.75
C CYS G 124 0.78 9.12 -31.10
N VAL G 125 1.43 8.69 -32.18
CA VAL G 125 0.74 8.55 -33.47
C VAL G 125 -0.41 7.56 -33.31
N LYS G 126 -0.12 6.41 -32.70
CA LYS G 126 -1.15 5.40 -32.43
C LYS G 126 -2.36 5.93 -31.68
N TRP G 127 -2.13 6.69 -30.60
CA TRP G 127 -3.22 7.22 -29.75
C TRP G 127 -3.88 8.48 -30.29
N CYS G 128 -3.37 9.03 -31.38
CA CYS G 128 -4.02 10.24 -31.87
C CYS G 128 -5.07 9.78 -32.86
N LEU G 129 -6.26 9.55 -32.37
CA LEU G 129 -7.25 8.96 -33.25
C LEU G 129 -7.77 9.91 -34.34
N VAL G 130 -7.70 11.23 -34.18
CA VAL G 130 -8.11 12.12 -35.29
C VAL G 130 -7.00 12.20 -36.34
N GLY G 131 -5.84 11.59 -36.05
CA GLY G 131 -4.72 11.52 -36.99
C GLY G 131 -4.08 12.85 -37.37
N ALA G 132 -3.77 13.65 -36.37
CA ALA G 132 -3.01 14.87 -36.57
C ALA G 132 -1.52 14.52 -36.72
N LEU G 133 -1.13 13.31 -36.34
CA LEU G 133 0.29 12.94 -36.30
C LEU G 133 0.61 11.83 -37.29
N SER G 134 1.80 11.89 -37.91
CA SER G 134 2.30 10.75 -38.68
C SER G 134 3.82 10.77 -38.83
N VAL G 135 4.43 9.60 -38.99
CA VAL G 135 5.87 9.58 -39.29
C VAL G 135 6.13 8.83 -40.59
N THR G 136 6.88 9.49 -41.47
CA THR G 136 7.27 8.92 -42.75
C THR G 136 8.80 8.95 -42.92
N GLU G 137 9.27 8.40 -44.02
CA GLU G 137 10.68 8.23 -44.17
C GLU G 137 11.12 8.34 -45.63
N ARG G 138 12.40 8.63 -45.84
CA ARG G 138 12.86 8.85 -47.18
C ARG G 138 14.36 8.71 -47.25
N GLU G 139 14.87 8.26 -48.40
CA GLU G 139 16.31 8.17 -48.60
C GLU G 139 16.84 9.56 -48.92
N VAL G 140 18.00 9.90 -48.37
CA VAL G 140 18.65 11.15 -48.70
C VAL G 140 20.11 10.80 -48.99
N GLU G 141 20.80 11.69 -49.71
CA GLU G 141 22.14 11.34 -50.15
C GLU G 141 23.21 11.92 -49.25
N GLU G 142 22.88 12.97 -48.50
CA GLU G 142 23.78 13.55 -47.50
C GLU G 142 24.14 12.57 -46.38
N PRO G 143 25.44 12.40 -46.10
CA PRO G 143 25.89 11.51 -45.03
C PRO G 143 25.52 12.01 -43.64
N ASP G 144 25.40 11.08 -42.68
CA ASP G 144 25.11 11.44 -41.31
C ASP G 144 26.41 11.74 -40.58
N GLU G 145 26.77 13.02 -40.54
CA GLU G 145 27.91 13.49 -39.73
C GLU G 145 27.55 13.72 -38.26
N SER G 146 26.43 13.19 -37.79
CA SER G 146 26.11 13.32 -36.37
C SER G 146 27.06 12.52 -35.50
N VAL G 147 27.49 13.16 -34.42
CA VAL G 147 28.17 12.51 -33.31
C VAL G 147 27.12 11.89 -32.43
N LYS G 148 26.82 10.61 -32.60
CA LYS G 148 25.74 10.02 -31.80
C LYS G 148 26.22 9.69 -30.39
N ARG G 149 25.59 10.31 -29.39
CA ARG G 149 25.84 10.03 -27.99
C ARG G 149 24.63 9.34 -27.38
N THR G 150 24.86 8.52 -26.35
CA THR G 150 23.78 7.81 -25.69
C THR G 150 23.10 8.70 -24.64
N GLU G 151 21.78 8.56 -24.53
CA GLU G 151 20.94 9.32 -23.59
C GLU G 151 21.50 9.23 -22.17
N MET G 152 22.02 8.05 -21.83
CA MET G 152 22.81 7.84 -20.62
C MET G 152 23.95 8.86 -20.46
N GLU G 153 24.81 8.86 -21.45
CA GLU G 153 25.96 9.73 -21.55
C GLU G 153 25.52 11.20 -21.51
N ILE G 154 24.43 11.51 -22.23
CA ILE G 154 23.91 12.88 -22.30
C ILE G 154 23.40 13.30 -20.93
N GLY G 155 22.64 12.40 -20.33
CA GLY G 155 22.12 12.57 -18.98
C GLY G 155 23.21 12.97 -18.04
N LEU G 156 24.29 12.20 -18.04
CA LEU G 156 25.35 12.42 -17.08
C LEU G 156 26.13 13.67 -17.40
N GLU G 157 26.35 13.90 -18.69
CA GLU G 157 27.09 15.08 -19.14
C GLU G 157 26.42 16.33 -18.65
N SER G 158 25.09 16.35 -18.72
CA SER G 158 24.34 17.52 -18.31
C SER G 158 24.44 17.74 -16.80
N LEU G 159 24.61 16.65 -16.06
CA LEU G 159 24.81 16.71 -14.61
C LEU G 159 26.18 17.22 -14.27
N ILE G 160 27.20 16.69 -14.93
CA ILE G 160 28.55 17.22 -14.78
C ILE G 160 28.54 18.72 -15.03
N SER G 161 28.07 19.08 -16.21
CA SER G 161 27.85 20.47 -16.58
C SER G 161 27.19 21.27 -15.46
N ARG G 162 26.13 20.72 -14.88
CA ARG G 162 25.29 21.49 -13.96
C ARG G 162 25.83 21.54 -12.53
N PHE G 163 26.53 20.49 -12.10
CA PHE G 163 26.94 20.40 -10.69
C PHE G 163 28.42 20.07 -10.47
N GLY G 164 29.12 19.58 -11.50
CA GLY G 164 30.56 19.35 -11.38
C GLY G 164 30.97 17.89 -11.27
N ALA G 165 32.00 17.52 -12.02
CA ALA G 165 32.42 16.12 -12.17
C ALA G 165 32.80 15.43 -10.83
N ASP G 166 33.12 16.24 -9.81
CA ASP G 166 33.52 15.69 -8.51
C ASP G 166 32.30 15.33 -7.64
N VAL G 167 31.41 16.30 -7.47
CA VAL G 167 30.12 16.09 -6.80
C VAL G 167 29.39 14.86 -7.32
N VAL G 168 29.27 14.81 -8.65
CA VAL G 168 28.59 13.72 -9.36
C VAL G 168 29.27 12.38 -9.12
N ALA G 169 30.60 12.34 -9.20
CA ALA G 169 31.34 11.10 -9.10
C ALA G 169 31.15 10.47 -7.72
N ASP G 170 31.37 11.29 -6.70
CA ASP G 170 31.28 10.87 -5.31
C ASP G 170 29.89 10.31 -5.02
N THR G 171 28.91 10.85 -5.71
CA THR G 171 27.52 10.49 -5.47
C THR G 171 27.17 9.14 -6.10
N VAL G 172 27.72 8.88 -7.29
CA VAL G 172 27.53 7.57 -7.93
C VAL G 172 28.03 6.43 -7.03
N GLU G 173 29.26 6.55 -6.53
CA GLU G 173 29.81 5.59 -5.57
C GLU G 173 28.81 5.40 -4.43
N GLN G 174 28.42 6.52 -3.80
CA GLN G 174 27.44 6.52 -2.72
C GLN G 174 26.10 5.92 -3.15
N LEU G 175 26.16 4.85 -3.94
CA LEU G 175 24.98 4.15 -4.46
C LEU G 175 25.42 3.18 -5.55
N LYS H 6 17.53 36.65 -6.47
CA LYS H 6 18.36 37.20 -7.53
C LYS H 6 17.62 37.26 -8.88
N LYS H 7 17.90 38.31 -9.67
CA LYS H 7 17.24 38.52 -10.97
C LYS H 7 18.18 38.99 -12.10
N ARG H 8 18.16 38.26 -13.22
CA ARG H 8 18.96 38.56 -14.41
C ARG H 8 18.12 39.05 -15.59
N ILE H 9 18.79 39.48 -16.66
CA ILE H 9 18.09 40.04 -17.82
C ILE H 9 17.99 39.07 -19.01
N VAL H 10 16.76 38.89 -19.50
CA VAL H 10 16.54 38.10 -20.69
C VAL H 10 16.18 39.00 -21.91
N LYS H 11 16.80 38.73 -23.06
CA LYS H 11 16.47 39.47 -24.26
C LYS H 11 15.65 38.64 -25.25
N THR H 12 14.69 39.31 -25.88
CA THR H 12 13.79 38.67 -26.80
C THR H 12 13.79 39.39 -28.16
N ILE H 13 14.01 38.61 -29.21
CA ILE H 13 13.88 39.08 -30.57
C ILE H 13 12.42 38.90 -30.97
N ASN H 14 11.66 39.99 -31.08
CA ASN H 14 10.27 39.90 -31.55
C ASN H 14 10.18 40.02 -33.05
N ILE H 15 9.53 39.05 -33.69
CA ILE H 15 9.54 38.94 -35.14
C ILE H 15 8.10 38.88 -35.56
N ASP H 16 7.64 39.93 -36.24
CA ASP H 16 6.28 40.01 -36.74
C ASP H 16 6.31 39.59 -38.21
N ALA H 17 6.15 38.32 -38.44
CA ALA H 17 6.27 37.73 -39.76
C ALA H 17 5.13 38.23 -40.69
N ASP H 18 4.06 38.76 -40.11
CA ASP H 18 3.07 39.32 -40.99
C ASP H 18 3.50 40.67 -41.59
N LYS H 19 4.62 41.23 -41.17
CA LYS H 19 5.07 42.52 -41.64
C LYS H 19 6.24 42.25 -42.55
N CYS H 20 6.81 41.04 -42.50
CA CYS H 20 7.98 40.77 -43.37
C CYS H 20 7.69 40.84 -44.88
N ASN H 21 8.55 41.51 -45.65
CA ASN H 21 8.28 41.59 -47.11
C ASN H 21 9.22 40.69 -47.91
N GLY H 22 10.04 39.90 -47.19
CA GLY H 22 11.00 39.00 -47.81
C GLY H 22 12.24 39.61 -48.45
N CYS H 23 12.53 40.88 -48.18
CA CYS H 23 13.63 41.54 -48.88
C CYS H 23 15.05 41.06 -48.61
N ARG H 24 15.30 40.47 -47.43
CA ARG H 24 16.60 39.90 -47.01
C ARG H 24 17.64 40.98 -46.75
N ALA H 25 17.20 42.21 -46.54
CA ALA H 25 18.13 43.30 -46.08
C ALA H 25 18.84 42.90 -44.79
N CYS H 26 18.09 42.25 -43.88
CA CYS H 26 18.69 41.69 -42.65
C CYS H 26 19.85 40.81 -42.94
N GLU H 27 19.73 39.92 -43.92
CA GLU H 27 20.90 39.06 -44.21
C GLU H 27 22.05 39.84 -44.78
N VAL H 28 21.77 40.89 -45.60
CA VAL H 28 22.87 41.66 -46.15
C VAL H 28 23.65 42.35 -45.06
N ILE H 29 22.95 43.04 -44.16
CA ILE H 29 23.64 43.87 -43.16
C ILE H 29 24.28 43.01 -42.03
N CYS H 30 23.62 41.91 -41.63
CA CYS H 30 24.28 41.04 -40.61
C CYS H 30 25.57 40.46 -41.16
N SER H 31 25.51 39.83 -42.33
CA SER H 31 26.76 39.31 -42.91
C SER H 31 27.80 40.44 -43.19
N ALA H 32 27.38 41.60 -43.72
CA ALA H 32 28.32 42.70 -44.01
C ALA H 32 29.03 43.15 -42.74
N PHE H 33 28.26 43.35 -41.68
CA PHE H 33 28.86 43.77 -40.44
C PHE H 33 29.87 42.75 -39.89
N HIS H 34 29.65 41.46 -40.14
CA HIS H 34 30.55 40.43 -39.60
C HIS H 34 31.66 39.99 -40.56
N ALA H 35 31.83 40.73 -41.66
CA ALA H 35 32.95 40.47 -42.54
C ALA H 35 34.18 40.96 -41.83
N MET H 36 35.37 40.53 -42.25
CA MET H 36 36.58 41.07 -41.62
C MET H 36 37.52 41.72 -42.63
N PRO H 37 37.77 43.03 -42.46
CA PRO H 37 37.14 43.94 -41.50
C PRO H 37 35.67 44.18 -41.77
N PRO H 38 34.94 44.80 -40.82
CA PRO H 38 33.49 45.00 -40.97
C PRO H 38 33.16 45.70 -42.26
N TYR H 39 32.08 45.26 -42.91
CA TYR H 39 31.55 45.86 -44.14
C TYR H 39 32.47 45.75 -45.37
N SER H 40 33.57 45.00 -45.21
CA SER H 40 34.55 44.77 -46.28
C SER H 40 33.93 43.92 -47.39
N SER H 41 32.95 43.08 -47.04
CA SER H 41 32.18 42.32 -48.02
C SER H 41 30.86 41.99 -47.41
N ASN H 42 30.02 41.26 -48.13
CA ASN H 42 28.80 40.74 -47.56
C ASN H 42 28.48 39.39 -48.21
N ASN H 43 27.60 38.61 -47.59
CA ASN H 43 27.37 37.21 -48.04
C ASN H 43 26.30 36.61 -47.17
N PRO H 44 25.08 36.50 -47.70
CA PRO H 44 23.92 36.04 -46.95
C PRO H 44 24.09 34.63 -46.29
N ALA H 45 24.90 33.75 -46.89
CA ALA H 45 25.18 32.44 -46.24
C ALA H 45 25.87 32.65 -44.93
N ARG H 46 26.47 33.81 -44.71
CA ARG H 46 27.14 34.04 -43.46
C ARG H 46 26.29 34.84 -42.49
N SER H 47 25.03 35.11 -42.83
CA SER H 47 24.16 35.87 -41.89
C SER H 47 23.67 34.99 -40.70
N ARG H 48 23.66 35.58 -39.50
CA ARG H 48 23.12 34.94 -38.29
C ARG H 48 21.62 35.04 -38.30
N VAL H 49 21.05 35.84 -39.22
CA VAL H 49 19.59 35.76 -39.44
C VAL H 49 19.30 35.31 -40.90
N ARG H 50 18.38 34.35 -41.09
CA ARG H 50 18.11 33.74 -42.42
C ARG H 50 16.61 33.64 -42.63
N VAL H 51 16.12 34.10 -43.78
CA VAL H 51 14.66 34.25 -43.98
C VAL H 51 14.13 33.09 -44.79
N VAL H 52 13.11 32.41 -44.26
CA VAL H 52 12.38 31.34 -44.94
C VAL H 52 11.46 32.10 -45.85
N ARG H 53 11.66 31.96 -47.15
CA ARG H 53 11.02 32.85 -48.10
C ARG H 53 10.39 32.06 -49.22
N ASP H 54 9.07 31.98 -49.26
CA ASP H 54 8.42 31.32 -50.39
C ASP H 54 7.10 31.96 -50.70
N PRO H 55 7.11 32.85 -51.71
CA PRO H 55 5.98 33.70 -52.05
C PRO H 55 4.79 32.87 -52.41
N LEU H 56 5.03 31.68 -52.95
CA LEU H 56 3.92 30.83 -53.42
C LEU H 56 3.21 30.08 -52.26
N ARG H 57 3.87 29.99 -51.13
CA ARG H 57 3.20 29.50 -49.92
C ARG H 57 2.84 30.66 -48.98
N ASP H 58 3.21 31.89 -49.36
CA ASP H 58 3.06 33.12 -48.53
C ASP H 58 3.78 32.94 -47.16
N ILE H 59 4.98 32.38 -47.18
CA ILE H 59 5.75 32.18 -46.00
C ILE H 59 6.93 33.10 -46.06
N TYR H 60 7.06 33.96 -45.02
CA TYR H 60 8.17 34.87 -44.82
C TYR H 60 8.42 34.93 -43.33
N VAL H 61 9.48 34.24 -42.94
CA VAL H 61 9.82 33.97 -41.55
C VAL H 61 11.30 34.18 -41.31
N PRO H 62 11.66 35.31 -40.71
CA PRO H 62 13.06 35.50 -40.35
C PRO H 62 13.46 34.51 -39.18
N LEU H 63 14.56 33.76 -39.32
CA LEU H 63 14.99 32.81 -38.33
C LEU H 63 16.38 33.18 -37.82
N TYR H 64 16.54 33.26 -36.49
CA TYR H 64 17.84 33.67 -35.98
C TYR H 64 18.69 32.46 -35.59
N ALA H 65 20.00 32.54 -35.80
CA ALA H 65 20.92 31.49 -35.41
C ALA H 65 20.80 31.21 -33.89
N GLY H 66 20.60 29.95 -33.51
CA GLY H 66 20.55 29.61 -32.10
C GLY H 66 21.72 28.77 -31.62
N GLU H 67 21.40 27.67 -30.96
CA GLU H 67 22.46 26.85 -30.37
C GLU H 67 22.97 25.77 -31.32
N TYR H 68 24.26 25.53 -31.22
CA TYR H 68 24.90 24.40 -31.86
C TYR H 68 24.47 23.00 -31.29
N THR H 69 24.23 22.05 -32.20
CA THR H 69 24.08 20.66 -31.79
C THR H 69 24.99 19.77 -32.61
N GLU H 70 25.57 18.78 -31.97
CA GLU H 70 26.55 17.93 -32.64
C GLU H 70 25.86 16.85 -33.46
N SER H 71 24.56 16.72 -33.31
CA SER H 71 23.88 15.64 -34.01
C SER H 71 22.46 16.06 -34.38
N GLU H 72 21.94 15.46 -35.46
CA GLU H 72 20.57 15.69 -35.91
C GLU H 72 19.61 14.99 -35.01
N CYS H 73 18.34 15.39 -35.13
CA CYS H 73 17.26 14.74 -34.44
C CYS H 73 16.98 13.33 -35.02
N ILE H 74 16.38 12.47 -34.23
CA ILE H 74 16.10 11.11 -34.68
C ILE H 74 14.94 11.21 -35.65
N GLY H 75 13.99 12.09 -35.32
CA GLY H 75 12.99 12.57 -36.28
C GLY H 75 12.99 14.10 -36.43
N ARG H 76 12.68 14.55 -37.66
CA ARG H 76 12.67 15.94 -38.11
C ARG H 76 11.22 16.37 -38.14
N ASP H 77 10.88 17.50 -37.58
CA ASP H 77 9.45 17.76 -37.55
C ASP H 77 9.04 18.58 -38.82
N LYS H 78 7.77 18.58 -39.16
CA LYS H 78 7.24 19.28 -40.29
C LYS H 78 5.80 19.63 -40.02
N PHE H 79 5.53 20.93 -39.90
CA PHE H 79 4.17 21.44 -39.57
C PHE H 79 3.28 21.84 -40.75
N ILE H 80 2.00 21.58 -40.56
CA ILE H 80 0.95 22.30 -41.25
C ILE H 80 0.24 23.16 -40.20
N ILE H 81 0.16 24.48 -40.44
CA ILE H 81 -0.49 25.37 -39.46
C ILE H 81 -1.27 26.47 -40.18
N ASP H 82 -2.57 26.59 -39.91
CA ASP H 82 -3.42 27.58 -40.59
C ASP H 82 -3.28 27.46 -42.09
N GLY H 83 -3.30 26.22 -42.57
CA GLY H 83 -3.26 25.92 -43.98
C GLY H 83 -1.93 26.03 -44.67
N LYS H 84 -0.87 26.45 -43.99
CA LYS H 84 0.42 26.58 -44.63
C LYS H 84 1.28 25.37 -44.33
N GLU H 85 1.89 24.79 -45.36
CA GLU H 85 2.76 23.62 -45.15
C GLU H 85 4.19 24.10 -45.06
N TYR H 86 4.75 24.09 -43.86
CA TYR H 86 6.11 24.60 -43.72
C TYR H 86 7.15 23.56 -44.06
N ASP H 87 8.40 24.01 -44.18
CA ASP H 87 9.54 23.17 -44.39
C ASP H 87 9.75 22.23 -43.21
N GLU H 88 10.38 21.10 -43.51
CA GLU H 88 10.95 20.21 -42.49
C GLU H 88 11.99 20.97 -41.69
N CYS H 89 11.89 20.89 -40.36
CA CYS H 89 12.80 21.60 -39.47
C CYS H 89 12.66 23.11 -39.70
N GLY H 90 11.49 23.51 -40.22
CA GLY H 90 11.26 24.90 -40.65
C GLY H 90 11.43 26.02 -39.63
N PHE H 91 11.22 25.73 -38.34
CA PHE H 91 11.40 26.78 -37.34
C PHE H 91 12.63 26.64 -36.47
N CYS H 92 13.53 25.72 -36.82
CA CYS H 92 14.63 25.40 -35.92
C CYS H 92 15.77 26.39 -36.02
N ARG H 93 16.35 26.74 -34.87
CA ARG H 93 17.41 27.70 -34.86
C ARG H 93 18.78 27.14 -34.85
N ALA H 94 18.87 25.81 -34.79
CA ALA H 94 20.13 25.20 -34.48
C ALA H 94 21.10 25.21 -35.64
N SER H 95 22.36 25.40 -35.29
CA SER H 95 23.47 25.16 -36.15
C SER H 95 23.72 23.65 -36.11
N CYS H 96 23.10 22.90 -37.03
CA CYS H 96 22.98 21.43 -37.01
C CYS H 96 23.62 20.78 -38.27
N PRO H 97 24.17 19.56 -38.15
CA PRO H 97 24.78 18.87 -39.30
C PRO H 97 23.81 18.56 -40.43
N SER H 98 22.51 18.56 -40.20
CA SER H 98 21.55 18.28 -41.25
C SER H 98 21.47 19.35 -42.40
N ARG H 99 21.96 20.56 -42.20
CA ARG H 99 21.75 21.60 -43.22
C ARG H 99 22.83 22.70 -43.24
N ASP H 100 22.81 23.62 -44.22
CA ASP H 100 23.86 24.65 -44.28
C ASP H 100 23.53 25.90 -43.46
N LEU H 101 22.25 26.16 -43.17
CA LEU H 101 21.91 27.32 -42.33
C LEU H 101 22.74 27.50 -41.06
N PHE H 102 23.14 28.73 -40.80
CA PHE H 102 23.83 29.09 -39.56
C PHE H 102 25.17 28.36 -39.43
N ARG H 103 25.78 28.06 -40.57
CA ARG H 103 27.14 27.53 -40.68
C ARG H 103 27.89 28.20 -41.82
N GLU H 104 29.21 28.45 -41.64
CA GLU H 104 29.98 29.13 -42.68
C GLU H 104 29.91 28.31 -43.95
N PRO H 105 29.66 28.98 -45.09
CA PRO H 105 29.52 28.29 -46.38
C PRO H 105 30.81 27.65 -46.78
N ASP H 106 31.94 28.13 -46.28
CA ASP H 106 33.15 27.47 -46.63
C ASP H 106 33.62 26.43 -45.56
N SER H 107 33.72 26.86 -44.31
CA SER H 107 34.38 26.07 -43.29
C SER H 107 33.43 25.14 -42.55
N GLY H 108 32.13 25.39 -42.63
CA GLY H 108 31.15 24.58 -41.91
C GLY H 108 30.96 24.94 -40.43
N LEU H 109 31.85 25.78 -39.92
CA LEU H 109 31.79 26.27 -38.54
C LEU H 109 30.48 27.03 -38.22
N PRO H 110 29.97 26.81 -37.00
CA PRO H 110 28.68 27.30 -36.48
C PRO H 110 28.67 28.81 -36.37
N LEU H 111 27.50 29.40 -36.61
CA LEU H 111 27.27 30.82 -36.42
C LEU H 111 26.16 31.04 -35.38
N LYS H 112 26.34 32.04 -34.54
CA LYS H 112 25.36 32.38 -33.53
C LYS H 112 25.06 33.88 -33.50
N CYS H 113 23.80 34.26 -33.41
CA CYS H 113 23.46 35.67 -33.23
C CYS H 113 23.82 36.13 -31.81
N ASP H 114 24.70 37.11 -31.72
CA ASP H 114 25.01 37.67 -30.42
C ASP H 114 24.30 39.02 -30.19
N LEU H 115 23.18 39.28 -30.87
CA LEU H 115 22.49 40.58 -30.74
C LEU H 115 23.43 41.76 -30.95
N CYS H 116 24.33 41.59 -31.92
CA CYS H 116 25.33 42.61 -32.22
C CYS H 116 25.99 43.15 -30.96
N ASP H 117 26.50 42.26 -30.14
CA ASP H 117 27.08 42.61 -28.86
C ASP H 117 28.14 43.69 -29.03
N GLY H 118 27.96 44.82 -28.35
CA GLY H 118 28.90 45.93 -28.41
C GLY H 118 28.46 47.10 -29.30
N GLU H 119 27.65 46.81 -30.31
CA GLU H 119 27.08 47.84 -31.18
C GLU H 119 25.94 48.57 -30.48
N PRO H 120 25.60 49.77 -30.97
CA PRO H 120 24.52 50.54 -30.37
C PRO H 120 23.18 49.83 -30.48
N GLU H 121 23.02 48.97 -31.47
CA GLU H 121 21.74 48.31 -31.73
C GLU H 121 21.91 47.18 -32.75
N PRO H 122 21.10 46.12 -32.66
CA PRO H 122 21.09 45.10 -33.72
C PRO H 122 21.01 45.75 -35.11
N LEU H 123 21.83 45.33 -36.04
CA LEU H 123 21.84 45.94 -37.38
C LEU H 123 20.65 45.48 -38.24
N CYS H 124 20.23 44.23 -38.07
CA CYS H 124 19.06 43.73 -38.80
C CYS H 124 17.82 44.60 -38.48
N VAL H 125 17.57 44.79 -37.19
CA VAL H 125 16.52 45.70 -36.74
C VAL H 125 16.60 47.12 -37.37
N LYS H 126 17.79 47.71 -37.36
CA LYS H 126 18.03 49.00 -37.96
C LYS H 126 17.70 49.01 -39.45
N TRP H 127 17.99 47.93 -40.16
CA TRP H 127 17.83 47.92 -41.62
C TRP H 127 16.47 47.40 -42.07
N CYS H 128 15.68 46.91 -41.12
CA CYS H 128 14.30 46.50 -41.46
C CYS H 128 13.40 47.73 -41.36
N LEU H 129 13.29 48.46 -42.48
CA LEU H 129 12.65 49.77 -42.39
C LEU H 129 11.16 49.59 -42.22
N VAL H 130 10.61 48.44 -42.59
CA VAL H 130 9.19 48.21 -42.33
C VAL H 130 8.90 47.85 -40.88
N GLY H 131 9.93 47.70 -40.06
CA GLY H 131 9.74 47.39 -38.65
C GLY H 131 9.15 46.02 -38.28
N ALA H 132 9.66 44.94 -38.86
CA ALA H 132 9.16 43.62 -38.61
C ALA H 132 9.91 43.08 -37.41
N LEU H 133 11.01 43.73 -37.05
CA LEU H 133 11.92 43.25 -36.05
C LEU H 133 12.12 44.23 -34.87
N SER H 134 12.23 43.73 -33.64
CA SER H 134 12.59 44.57 -32.50
C SER H 134 13.17 43.67 -31.47
N VAL H 135 14.08 44.16 -30.63
CA VAL H 135 14.51 43.44 -29.43
C VAL H 135 14.01 44.15 -28.15
N THR H 136 13.62 43.40 -27.12
CA THR H 136 13.20 44.00 -25.84
C THR H 136 13.80 43.25 -24.64
N GLU H 137 13.83 43.89 -23.47
CA GLU H 137 14.37 43.27 -22.24
C GLU H 137 13.33 43.08 -21.16
N ARG H 138 13.62 42.13 -20.27
CA ARG H 138 12.88 41.96 -19.05
C ARG H 138 13.75 41.24 -18.01
N GLU H 139 13.51 41.51 -16.72
CA GLU H 139 14.28 40.88 -15.66
C GLU H 139 13.66 39.55 -15.37
N VAL H 140 14.44 38.57 -14.92
CA VAL H 140 13.86 37.26 -14.57
C VAL H 140 14.46 36.66 -13.31
N GLU H 141 13.74 35.72 -12.70
CA GLU H 141 14.09 35.13 -11.40
C GLU H 141 15.09 33.98 -11.52
N THR H 150 21.06 18.27 -5.15
CA THR H 150 19.74 18.88 -4.98
C THR H 150 18.72 18.09 -5.81
N GLU H 151 18.60 18.43 -7.08
CA GLU H 151 17.83 17.63 -8.05
C GLU H 151 18.71 16.56 -8.67
N MET H 152 20.03 16.72 -8.53
CA MET H 152 20.96 15.78 -9.13
C MET H 152 20.87 14.46 -8.45
N GLU H 153 20.49 14.51 -7.18
CA GLU H 153 20.34 13.26 -6.49
C GLU H 153 19.26 12.48 -7.22
N ILE H 154 18.10 13.11 -7.40
CA ILE H 154 16.96 12.44 -8.01
C ILE H 154 17.34 11.92 -9.40
N GLY H 155 17.98 12.80 -10.18
CA GLY H 155 18.50 12.46 -11.49
C GLY H 155 19.40 11.23 -11.53
N LEU H 156 20.41 11.16 -10.67
CA LEU H 156 21.33 9.99 -10.66
C LEU H 156 20.58 8.69 -10.36
N GLU H 157 19.63 8.76 -9.44
CA GLU H 157 18.75 7.61 -9.20
C GLU H 157 18.00 7.21 -10.49
N SER H 158 17.49 8.19 -11.22
CA SER H 158 16.72 7.88 -12.41
C SER H 158 17.59 7.12 -13.41
N LEU H 159 18.89 7.40 -13.35
CA LEU H 159 19.83 6.99 -14.39
C LEU H 159 20.24 5.56 -14.10
N ILE H 160 20.40 5.25 -12.83
CA ILE H 160 20.61 3.88 -12.40
C ILE H 160 19.44 3.02 -12.87
N SER H 161 18.24 3.39 -12.44
CA SER H 161 17.03 2.65 -12.72
C SER H 161 16.74 2.30 -14.19
N ARG H 162 17.28 3.05 -15.16
CA ARG H 162 16.97 2.73 -16.56
C ARG H 162 18.12 2.00 -17.29
N PHE H 163 19.33 2.17 -16.79
CA PHE H 163 20.53 1.68 -17.47
C PHE H 163 21.41 0.85 -16.54
N GLY H 164 20.95 0.61 -15.31
CA GLY H 164 21.71 -0.17 -14.35
C GLY H 164 22.84 0.58 -13.68
N ALA H 165 23.12 0.28 -12.41
CA ALA H 165 24.15 0.97 -11.64
C ALA H 165 25.55 0.69 -12.16
N ASP H 166 25.74 -0.47 -12.82
CA ASP H 166 27.05 -0.83 -13.34
C ASP H 166 27.40 0.10 -14.49
N VAL H 167 26.43 0.28 -15.38
CA VAL H 167 26.55 1.21 -16.49
C VAL H 167 26.93 2.61 -16.01
N VAL H 168 26.16 3.18 -15.08
CA VAL H 168 26.36 4.56 -14.61
C VAL H 168 27.81 4.79 -14.16
N ALA H 169 28.31 3.92 -13.31
CA ALA H 169 29.66 4.06 -12.80
C ALA H 169 30.69 4.17 -13.94
N ASP H 170 30.68 3.21 -14.86
CA ASP H 170 31.70 3.16 -15.89
C ASP H 170 31.77 4.47 -16.67
N THR H 171 30.63 5.10 -16.90
CA THR H 171 30.59 6.35 -17.66
C THR H 171 31.20 7.51 -16.84
N VAL H 172 31.21 7.36 -15.51
CA VAL H 172 31.85 8.32 -14.62
C VAL H 172 33.31 8.61 -15.05
N GLU H 173 34.01 7.56 -15.49
CA GLU H 173 35.35 7.69 -16.07
C GLU H 173 35.38 8.67 -17.22
N GLN H 174 34.66 8.32 -18.29
CA GLN H 174 34.51 9.17 -19.45
C GLN H 174 33.71 10.44 -19.12
FE1 SF4 I . -7.72 -51.99 52.06
FE2 SF4 I . -10.25 -50.81 52.70
FE3 SF4 I . -8.10 -50.57 54.45
FE4 SF4 I . -9.17 -53.08 53.99
S1 SF4 I . -10.20 -51.25 54.91
S2 SF4 I . -7.02 -52.63 54.17
S3 SF4 I . -9.75 -52.78 51.78
S4 SF4 I . -8.31 -49.75 52.38
N1 MTE J . -8.73 -59.21 55.66
C2 MTE J . -8.93 -60.54 55.74
N2 MTE J . -10.03 -61.16 55.09
N3 MTE J . -8.19 -61.38 56.56
C4 MTE J . -7.10 -60.90 57.25
O4 MTE J . -6.45 -61.73 57.99
N5 MTE J . -5.74 -58.88 57.86
C6 MTE J . -5.91 -57.38 58.04
C7 MTE J . -6.36 -56.64 56.78
N8 MTE J . -7.44 -57.34 56.14
C9 MTE J . -6.84 -59.48 57.14
C10 MTE J . -7.61 -58.72 56.34
C1' MTE J . -4.58 -56.52 58.54
S1' MTE J . -4.23 -56.62 60.32
C2' MTE J . -3.94 -55.89 57.77
S2' MTE J . -2.47 -55.13 58.29
C3' MTE J . -4.23 -55.89 56.21
O3' MTE J . -5.32 -56.70 55.87
C4' MTE J . -3.11 -56.51 55.42
O4' MTE J . -3.22 -56.12 54.04
P MTE J . -2.46 -56.99 52.96
O1P MTE J . -0.92 -56.63 53.07
O2P MTE J . -2.97 -56.69 51.55
O3P MTE J . -2.65 -58.36 53.28
N1 MTE K . 4.85 -58.39 55.88
C2 MTE K . 5.07 -57.69 54.76
N2 MTE K . 6.24 -58.01 54.00
N3 MTE K . 4.25 -56.60 54.40
C4 MTE K . 3.17 -56.40 55.26
O4 MTE K . 2.42 -55.51 54.94
N5 MTE K . 1.88 -57.02 57.39
C6 MTE K . 1.99 -57.52 58.82
C7 MTE K . 2.52 -58.92 58.76
N8 MTE K . 3.65 -59.05 57.91
C9 MTE K . 2.97 -57.20 56.51
C10 MTE K . 3.80 -58.19 56.75
C1' MTE K . 0.63 -57.34 59.52
S1' MTE K . 0.11 -55.77 60.34
C2' MTE K . -0.18 -58.35 59.38
S2' MTE K . -1.78 -58.39 59.97
C3' MTE K . 0.30 -59.73 58.70
O3' MTE K . 1.54 -59.66 58.04
C4' MTE K . -0.76 -60.41 57.85
O4' MTE K . -0.38 -61.71 57.42
P MTE K . -0.82 -62.42 56.09
O1P MTE K . -0.09 -63.79 55.97
O2P MTE K . -0.46 -61.52 54.88
O3P MTE K . -2.33 -62.76 56.15
W W L . -2.13 -56.00 60.54
MG MG M . -1.57 -60.01 54.04
X UNL N . -2.54 -56.06 62.92
C1 PGE O . 20.48 -52.92 72.97
O1 PGE O . 20.47 -51.60 72.42
C2 PGE O . 19.98 -52.79 74.41
O2 PGE O . 19.15 -51.62 74.49
C3 PGE O . 18.80 -51.30 75.85
C4 PGE O . 17.65 -50.28 75.90
O4 PGE O . 15.65 -46.42 77.43
C6 PGE O . 16.86 -47.16 77.57
C5 PGE O . 16.58 -48.59 77.12
O3 PGE O . 17.76 -49.38 77.02
H1 PGE O . 19.84 -53.59 72.40
H12 PGE O . 21.50 -53.33 72.97
HO1 PGE O . 20.78 -51.63 71.50
H2 PGE O . 19.41 -53.67 74.68
H22 PGE O . 20.82 -52.70 75.09
H3 PGE O . 18.51 -52.21 76.37
H32 PGE O . 19.67 -50.89 76.36
H4 PGE O . 17.62 -49.71 74.98
H42 PGE O . 16.70 -50.82 75.98
HO4 PGE O . 15.79 -45.50 77.70
H6 PGE O . 17.20 -47.16 78.61
H62 PGE O . 17.64 -46.72 76.95
H5 PGE O . 16.07 -48.56 76.15
H52 PGE O . 15.89 -49.06 77.83
C1 PGE P . -6.46 -48.68 74.04
O1 PGE P . -6.95 -47.71 73.05
C2 PGE P . -6.79 -50.15 73.69
O2 PGE P . -7.90 -50.70 74.47
C3 PGE P . -8.78 -51.27 73.50
C4 PGE P . -10.09 -51.59 74.16
O4 PGE P . -13.54 -50.36 74.26
C6 PGE P . -13.00 -50.16 75.59
C5 PGE P . -11.47 -50.10 75.52
O3 PGE P . -11.01 -50.48 74.18
H1 PGE P . -5.38 -48.57 74.14
H12 PGE P . -6.91 -48.44 75.01
HO1 PGE P . -6.71 -46.81 73.34
H2 PGE P . -7.03 -50.21 72.63
H22 PGE P . -5.90 -50.76 73.85
H3 PGE P . -8.93 -50.57 72.68
H32 PGE P . -8.34 -52.18 73.09
H4 PGE P . -10.55 -52.42 73.63
H42 PGE P . -9.90 -51.91 75.18
HO4 PGE P . -14.49 -50.40 74.30
H6 PGE P . -13.31 -50.99 76.23
H62 PGE P . -13.39 -49.24 76.02
H5 PGE P . -11.04 -50.77 76.26
H52 PGE P . -11.14 -49.09 75.74
N1A 4KX Q . -6.39 -56.41 89.26
O1A 4KX Q . -1.27 -57.32 81.99
P1A 4KX Q . -0.95 -55.84 82.05
C1B 4KX Q . -2.83 -55.87 68.57
C1D 4KX Q . -1.94 -55.22 86.88
S1P 4KX Q . -1.84 -57.19 69.25
C2A 4KX Q . -5.29 -55.78 89.69
O2A 4KX Q . 0.49 -55.59 81.80
P2A 4KX Q . -2.08 -53.51 80.72
C2B 4KX Q . -2.22 -55.01 67.57
C2D 4KX Q . -0.78 -56.06 86.34
O2D 4KX Q . -0.26 -56.98 87.29
C2P 4KX Q . -2.86 -57.66 70.68
N3A 4KX Q . -4.15 -55.52 89.05
O3A 4KX Q . -1.94 -55.06 81.10
C3B 4KX Q . -3.18 -54.05 66.90
C3D 4KX Q . 0.23 -54.96 86.03
O3D 4KX Q . 0.84 -54.43 87.22
P3D 4KX Q . 2.37 -54.09 87.49
C3P 4KX Q . -2.94 -56.59 71.76
C4A 4KX Q . -4.19 -55.99 87.79
O4A 4KX Q . -3.05 -52.86 81.59
C4B 4KX Q . -2.71 -53.69 65.50
C4D 4KX Q . -0.66 -53.85 85.45
O4D 4KX Q . -1.95 -54.05 86.08
N4P 4KX Q . -3.88 -57.01 72.79
O57 4KX Q . -4.01 -55.73 68.86
O5A 4KX Q . -0.62 -52.90 80.67
C5B 4KX Q . -1.25 -53.27 65.44
C5D 4KX Q . -0.81 -53.90 83.95
O5D 4KX Q . -1.34 -55.20 83.54
C5M 4KX Q . -5.25 -56.69 87.19
C5P 4KX Q . -3.50 -57.85 73.76
O5P 4KX Q . -2.37 -58.34 73.80
C6A 4KX Q . -6.40 -56.91 87.98
N6A 4KX Q . -7.48 -57.56 87.55
O6A 4KX Q . -2.88 -53.84 79.36
C6B 4KX Q . -0.39 -54.45 65.92
C6P 4KX Q . -4.51 -58.14 74.86
N7A 4KX Q . -4.95 -57.01 85.87
O7A 4KX Q . 3.24 -55.14 86.87
C7B 4KX Q . -0.94 -55.12 67.16
C7P 4KX Q . -5.54 -57.05 75.01
C8A 4KX Q . -3.75 -56.50 85.70
O8A 4KX Q . 2.52 -54.01 89.03
N8P 4KX Q . -4.92 -55.74 75.24
N9A 4KX Q . -3.23 -55.87 86.80
O9A 4KX Q . 2.58 -52.69 86.94
C9P 4KX Q . -4.67 -55.33 76.48
O9P 4KX Q . -4.71 -56.11 77.43
CAP 4KX Q . -4.30 -53.87 76.67
OAP 4KX Q . -4.56 -53.08 75.49
CBP 4KX Q . -2.78 -53.89 76.94
CCP 4KX Q . -2.43 -54.62 78.23
CDP 4KX Q . -2.31 -52.43 77.05
CEP 4KX Q . -2.05 -54.60 75.80
FE1 SF4 R . 11.64 -10.03 27.21
FE2 SF4 R . 13.14 -11.45 25.44
FE3 SF4 R . 14.24 -10.60 27.78
FE4 SF4 R . 13.72 -8.73 25.91
S1 SF4 R . 15.20 -10.55 25.67
S2 SF4 R . 13.18 -8.67 28.16
S3 SF4 R . 11.85 -9.62 24.92
S4 SF4 R . 12.51 -12.13 27.55
N1 MTE S . 13.44 -2.27 24.67
C2 MTE S . 13.36 -1.07 24.05
N2 MTE S . 12.95 -1.05 22.68
N3 MTE S . 13.67 0.12 24.71
C4 MTE S . 14.05 0.02 26.02
O4 MTE S . 14.35 1.04 26.62
N5 MTE S . 14.52 -1.46 28.06
C6 MTE S . 15.16 -2.73 28.39
C7 MTE S . 14.28 -3.89 27.96
N8 MTE S . 13.88 -3.73 26.55
C9 MTE S . 14.12 -1.33 26.68
C10 MTE S . 13.81 -2.40 25.99
C1' MTE S . 15.53 -2.94 29.90
S1' MTE S . 17.12 -2.25 30.42
C2' MTE S . 14.59 -3.64 30.68
S2' MTE S . 14.92 -3.92 32.38
C3' MTE S . 13.27 -4.15 30.11
O3' MTE S . 13.14 -3.86 28.74
C4' MTE S . 12.11 -3.57 30.86
O4' MTE S . 11.00 -4.32 30.49
P MTE S . 9.55 -3.82 30.70
O1P MTE S . 9.18 -3.72 32.22
O2P MTE S . 8.50 -4.70 30.04
O3P MTE S . 9.50 -2.49 29.95
N1 MTE T . 9.59 0.25 37.67
C2 MTE T . 8.65 -0.73 37.75
N2 MTE T . 7.44 -0.47 38.44
N3 MTE T . 8.81 -2.02 37.19
C4 MTE T . 9.98 -2.23 36.49
O4 MTE T . 10.27 -3.27 35.92
N5 MTE T . 12.11 -1.54 35.67
C6 MTE T . 13.31 -0.82 35.88
C7 MTE T . 12.93 0.65 35.96
N8 MTE T . 11.79 0.94 36.79
C9 MTE T . 10.96 -1.18 36.40
C10 MTE T . 10.76 -0.03 36.94
C1' MTE T . 14.37 -0.98 34.79
S1' MTE T . 15.54 -2.28 34.94
C2' MTE T . 14.43 -0.07 33.73
S2' MTE T . 15.68 -0.19 32.47
C3' MTE T . 13.43 1.08 33.63
O3' MTE T . 12.51 1.10 34.67
C4' MTE T . 12.72 1.10 32.27
O4' MTE T . 12.26 2.36 31.82
P MTE T . 10.84 2.60 31.18
O1P MTE T . 9.78 1.63 31.74
O2P MTE T . 10.89 2.43 29.67
O3P MTE T . 10.38 4.05 31.46
W W U . 16.72 -2.36 32.87
X UNL V . 18.71 -2.01 32.99
MG MG W . 9.66 -0.55 30.71
N1A 4KX X . 44.46 6.12 35.11
O1A 4KX X . 36.09 5.94 38.07
P1A 4KX X . 36.42 4.64 38.83
C1B 4KX X . 24.71 -0.25 34.24
C1D 4KX X . 41.31 5.55 39.18
S1P 4KX X . 24.64 1.47 34.59
C2A 4KX X . 44.71 5.91 36.41
O2A 4KX X . 35.58 4.59 40.06
P2A 4KX X . 36.11 1.78 38.04
C2B 4KX X . 23.68 -1.09 34.80
C2D 4KX X . 40.25 6.41 39.90
O2D 4KX X . 40.78 7.67 40.29
C2P 4KX X . 26.18 2.16 33.92
N3A 4KX X . 43.84 5.79 37.43
O3A 4KX X . 36.08 3.38 37.91
C3B 4KX X . 23.67 -2.50 34.28
C3D 4KX X . 39.89 5.49 41.07
O3D 4KX X . 40.81 5.49 42.17
P3D 4KX X . 40.54 5.63 43.79
C3P 4KX X . 27.45 1.77 34.66
C4A 4KX X . 42.58 5.91 37.00
O4A 4KX X . 37.49 1.27 37.78
C4B 4KX X . 22.36 -3.20 34.54
C4D 4KX X . 39.95 4.10 40.44
O4D 4KX X . 40.91 4.19 39.36
N4P 4KX X . 28.64 2.25 33.95
O57 4KX X . 25.61 -0.74 33.57
O5A 4KX X . 35.71 1.36 39.49
C5B 4KX X . 21.88 -2.99 35.96
C5D 4KX X . 38.64 3.58 39.91
O5D 4KX X . 38.02 4.60 39.09
C5M 4KX X . 42.17 6.13 35.69
C5P 4KX X . 29.13 3.48 34.12
O5P 4KX X . 28.61 4.30 34.87
C6A 4KX X . 43.17 6.23 34.71
N6A 4KX X . 42.93 6.42 33.41
O6A 4KX X . 34.99 1.20 36.97
C6B 4KX X . 21.75 -1.53 36.35
C6P 4KX X . 30.37 3.82 33.33
N7A 4KX X . 40.78 6.21 35.62
O7A 4KX X . 39.40 6.57 44.09
C7B 4KX X . 22.81 -0.67 35.72
C7P 4KX X . 31.01 2.59 32.69
C8A 4KX X . 40.40 6.01 36.86
O8A 4KX X . 41.88 6.12 44.35
N8P 4KX X . 31.39 1.59 33.68
N9A 4KX X . 41.43 5.82 37.75
O9A 4KX X . 40.32 4.21 44.33
C9P 4KX X . 32.66 1.38 34.04
O9P 4KX X . 33.60 2.06 33.64
CAP 4KX X . 32.91 0.22 35.01
OAP 4KX X . 32.18 -0.93 34.63
CBP 4KX X . 32.70 0.50 36.52
CCP 4KX X . 33.61 1.61 37.04
CDP 4KX X . 33.00 -0.79 37.29
CEP 4KX X . 31.24 0.92 36.77
FE1 SF4 Y . -15.14 15.63 -23.47
FE2 SF4 Y . -14.59 13.21 -24.86
FE3 SF4 Y . -16.68 14.76 -25.52
FE4 SF4 Y . -16.76 13.50 -23.10
S1 SF4 Y . -16.74 12.45 -25.13
S2 SF4 Y . -17.38 15.70 -23.53
S3 SF4 Y . -14.61 13.54 -22.57
S4 SF4 Y . -14.45 15.37 -25.70
N1 MTE Z . -19.83 12.72 -17.46
C2 MTE Z . -20.23 12.27 -16.25
N2 MTE Z . -19.32 11.45 -15.56
N3 MTE Z . -21.43 12.60 -15.62
C4 MTE Z . -22.26 13.38 -16.37
O4 MTE Z . -23.35 13.69 -15.96
N5 MTE Z . -22.69 14.71 -18.45
C6 MTE Z . -22.56 14.69 -19.89
C7 MTE Z . -21.09 14.85 -20.22
N8 MTE Z . -20.27 13.95 -19.44
C9 MTE Z . -21.82 13.89 -17.68
C10 MTE Z . -20.69 13.54 -18.17
C1' MTE Z . -23.26 15.63 -20.65
S1' MTE Z . -24.98 15.56 -21.17
C2' MTE Z . -22.46 16.82 -21.06
S2' MTE Z . -23.30 18.02 -21.94
C3' MTE Z . -21.02 17.14 -20.79
O3' MTE Z . -20.58 16.12 -19.92
C4' MTE Z . -20.86 18.58 -20.24
O4' MTE Z . -19.49 18.82 -19.96
P MTE Z . -19.12 19.75 -18.78
O1P MTE Z . -17.60 19.71 -18.69
O2P MTE Z . -19.75 21.13 -19.14
O3P MTE Z . -19.53 19.28 -17.35
N1 MTE AA . -24.58 25.65 -18.02
C2 MTE AA . -23.39 26.24 -18.34
N2 MTE AA . -23.09 27.55 -17.80
N3 MTE AA . -22.50 25.62 -19.23
C4 MTE AA . -22.79 24.35 -19.76
O4 MTE AA . -21.98 23.77 -20.53
N5 MTE AA . -24.45 22.48 -19.90
C6 MTE AA . -25.85 22.11 -19.92
C7 MTE AA . -26.45 22.42 -18.55
N8 MTE AA . -26.13 23.77 -18.09
C9 MTE AA . -24.08 23.76 -19.37
C10 MTE AA . -24.89 24.38 -18.51
C1' MTE AA . -25.97 20.59 -20.15
S1' MTE AA . -26.02 20.17 -21.81
C2' MTE AA . -25.96 19.69 -19.16
S2' MTE AA . -26.05 17.99 -19.52
C3' MTE AA . -25.93 20.18 -17.68
O3' MTE AA . -25.80 21.58 -17.60
C4' MTE AA . -24.95 19.39 -16.83
O4' MTE AA . -25.08 19.74 -15.48
P MTE AA . -23.89 19.68 -14.48
O1P MTE AA . -23.32 18.27 -14.24
O2P MTE AA . -22.73 20.52 -15.10
O3P MTE AA . -24.37 20.23 -13.09
MG MG BA . -21.01 20.08 -16.24
X UNL CA . -27.76 16.90 -22.58
W W DA . -25.70 17.74 -21.93
N1A 4KX EA . -50.58 4.58 -29.80
N1A 4KX EA . -40.26 16.25 -43.29
O1A 4KX EA . -45.83 11.72 -26.87
O1A 4KX EA . -39.52 14.16 -34.92
P1A 4KX EA . -45.63 12.11 -28.34
P1A 4KX EA . -40.07 12.81 -34.47
C1B 4KX EA . -32.73 14.58 -24.46
C1B 4KX EA . -32.66 14.62 -24.34
C1D 4KX EA . -49.53 9.62 -30.18
C1D 4KX EA . -42.46 13.34 -39.65
S1P 4KX EA . -33.96 15.14 -23.30
S1P 4KX EA . -34.03 15.23 -23.39
C2A 4KX EA . -51.17 5.56 -30.48
C2A 4KX EA . -41.51 16.19 -42.83
O2A 4KX EA . -45.49 13.58 -28.49
O2A 4KX EA . -41.05 13.02 -33.38
P2A 4KX EA . -43.46 11.62 -30.23
P2A 4KX EA . -38.69 10.96 -32.70
C2B 4KX EA . -31.72 15.55 -25.00
C2B 4KX EA . -31.67 15.59 -24.91
C2D 4KX EA . -49.81 10.74 -29.17
C2D 4KX EA . -42.63 11.85 -39.36
O2D 4KX EA . -51.14 10.66 -28.73
O2D 4KX EA . -43.64 11.28 -40.19
C2P 4KX EA . -35.08 13.72 -23.20
C2P 4KX EA . -35.12 13.77 -23.28
N3A 4KX EA . -50.86 6.86 -30.51
N3A 4KX EA . -42.02 15.39 -41.90
O3A 4KX EA . -44.35 11.38 -28.92
O3A 4KX EA . -38.85 11.92 -33.97
C3B 4KX EA . -30.65 14.94 -25.88
C3B 4KX EA . -30.69 15.01 -25.88
C3D 4KX EA . -49.57 11.96 -30.07
C3D 4KX EA . -43.03 11.85 -37.88
O3D 4KX EA . -50.69 12.19 -30.94
O3D 4KX EA . -44.44 12.07 -37.67
P3D 4KX EA . -51.48 13.55 -31.14
P3D 4KX EA . -45.29 11.97 -36.29
C3P 4KX EA . -35.89 13.55 -24.47
C3P 4KX EA . -35.74 13.47 -24.63
C4A 4KX EA . -49.80 7.13 -29.75
C4A 4KX EA . -41.08 14.59 -41.37
O4A 4KX EA . -43.91 10.68 -31.30
O4A 4KX EA . -39.66 9.85 -32.72
C4B 4KX EA . -29.44 15.85 -25.99
C4B 4KX EA . -29.46 15.90 -26.04
C4D 4KX EA . -48.43 11.52 -30.99
C4D 4KX EA . -42.33 13.10 -37.34
O4D 4KX EA . -48.46 10.07 -30.99
O4D 4KX EA . -42.47 14.04 -38.42
N4P 4KX EA . -36.64 12.29 -24.51
N4P 4KX EA . -36.65 12.33 -24.62
O57 4KX EA . -32.69 13.42 -24.83
O57 4KX EA . -32.50 13.44 -24.53
O5A 4KX EA . -43.64 13.08 -30.73
O5A 4KX EA . -37.28 10.47 -32.59
C5B 4KX EA . -29.83 17.28 -26.31
C5B 4KX EA . -29.85 17.35 -26.27
C5D 4KX EA . -47.07 12.00 -30.57
C5D 4KX EA . -40.88 12.94 -36.99
O5D 4KX EA . -46.82 11.50 -29.24
O5D 4KX EA . -40.74 12.15 -35.78
C5M 4KX EA . -49.10 6.22 -28.97
C5M 4KX EA . -39.75 14.54 -41.73
C5P 4KX EA . -37.92 12.20 -24.14
C5P 4KX EA . -37.72 12.25 -23.82
O5P 4KX EA . -38.58 13.16 -23.76
O5P 4KX EA . -38.01 13.13 -23.01
C6A 4KX EA . -49.52 4.88 -29.01
C6A 4KX EA . -39.33 15.42 -42.76
N6A 4KX EA . -48.97 3.91 -28.29
N6A 4KX EA . -38.09 15.45 -43.26
O6A 4KX EA . -41.95 11.40 -29.74
O6A 4KX EA . -38.90 11.98 -31.57
C6B 4KX EA . -30.74 17.86 -25.24
C6B 4KX EA . -30.68 17.90 -25.14
C6P 4KX EA . -38.53 10.81 -24.22
C6P 4KX EA . -38.54 10.99 -23.95
N7A 4KX EA . -48.05 6.86 -28.31
N7A 4KX EA . -39.06 13.62 -40.96
O7A 4KX EA . -51.33 14.41 -29.92
O7A 4KX EA . -44.50 12.53 -35.15
C7B 4KX EA . -31.73 16.86 -24.72
C7B 4KX EA . -31.66 16.90 -24.59
C7P 4KX EA . -37.80 9.91 -25.19
C7P 4KX EA . -38.04 10.08 -25.05
C8A 4KX EA . -48.14 8.10 -28.69
C8A 4KX EA . -39.99 13.14 -40.16
O8A 4KX EA . -52.95 13.16 -31.42
O8A 4KX EA . -45.60 10.48 -36.10
N8P 4KX EA . -37.94 10.36 -26.57
N8P 4KX EA . -38.39 10.57 -26.37
N9A 4KX EA . -49.17 8.34 -29.56
N9A 4KX EA . -41.23 13.68 -40.36
O9A 4KX EA . -50.86 14.16 -32.41
O9A 4KX EA . -46.60 12.73 -36.53
C9P 4KX EA . -39.12 10.37 -27.20
C9P 4KX EA . -39.64 10.51 -26.85
O9P 4KX EA . -40.16 9.97 -26.69
O9P 4KX EA . -40.53 9.89 -26.28
CAP 4KX EA . -39.13 10.90 -28.63
CAP 4KX EA . -39.93 11.29 -28.11
OAP 4KX EA . -37.80 10.98 -29.12
OAP 4KX EA . -41.33 11.40 -28.30
CBP 4KX EA . -39.86 12.25 -28.81
CBP 4KX EA . -39.29 10.85 -29.45
CCP 4KX EA . -41.38 12.12 -28.64
CCP 4KX EA . -39.90 11.69 -30.57
CDP 4KX EA . -39.60 12.79 -30.23
CDP 4KX EA . -39.58 9.37 -29.74
CEP 4KX EA . -39.34 13.27 -27.79
CEP 4KX EA . -37.76 11.06 -29.43
X UNL FA . 5.92 52.36 -65.63
FE1 SF4 GA . 11.80 46.29 -56.10
FE2 SF4 GA . 12.38 48.20 -54.23
FE3 SF4 GA . 10.11 48.41 -55.69
FE4 SF4 GA . 12.50 48.71 -57.02
S1 SF4 GA . 11.71 50.07 -55.41
S2 SF4 GA . 10.69 47.61 -57.78
S3 SF4 GA . 13.78 47.24 -55.68
S4 SF4 GA . 10.59 46.74 -54.18
N1 MTE HA . 15.19 49.86 -62.68
C2 MTE HA . 16.10 50.03 -63.68
N2 MTE HA . 17.47 50.15 -63.30
N3 MTE HA . 15.77 50.21 -65.01
C4 MTE HA . 14.43 50.21 -65.31
O4 MTE HA . 14.08 50.38 -66.49
N5 MTE HA . 12.01 49.96 -64.57
C6 MTE HA . 11.14 50.31 -63.44
C7 MTE HA . 11.53 49.52 -62.19
N8 MTE HA . 12.98 49.61 -61.89
C9 MTE HA . 13.43 49.97 -64.25
C10 MTE HA . 13.84 49.77 -63.00
C1' MTE HA . 9.64 49.90 -63.53
S1' MTE HA . 8.71 51.11 -64.34
C2' MTE HA . 9.05 48.78 -63.07
S2' MTE HA . 7.29 48.47 -63.36
C3' MTE HA . 9.93 47.72 -62.41
O3' MTE HA . 11.26 48.16 -62.42
C4' MTE HA . 9.90 46.41 -63.12
O4' MTE HA . 10.41 45.38 -62.26
P MTE HA . 10.76 44.05 -63.05
O1P MTE HA . 11.47 43.16 -62.04
O2P MTE HA . 9.49 43.45 -63.72
O3P MTE HA . 11.64 44.33 -64.18
N1 MTE IA . 5.35 42.43 -68.82
C2 MTE IA . 5.26 41.41 -67.90
N2 MTE IA . 4.99 40.10 -68.32
N3 MTE IA . 5.38 41.58 -66.53
C4 MTE IA . 5.60 42.86 -66.10
O4 MTE IA . 5.71 42.99 -64.89
N5 MTE IA . 5.90 45.29 -66.74
C6 MTE IA . 5.40 46.40 -67.62
C7 MTE IA . 5.96 46.14 -69.01
N8 MTE IA . 5.63 44.81 -69.41
C9 MTE IA . 5.68 43.96 -67.10
C10 MTE IA . 5.56 43.73 -68.39
C1' MTE IA . 5.90 47.73 -67.06
S1' MTE IA . 4.94 48.68 -65.86
C2' MTE IA . 7.20 48.14 -67.53
S2' MTE IA . 7.96 49.56 -66.88
C3' MTE IA . 8.02 47.28 -68.61
O3' MTE IA . 7.39 46.07 -69.01
C4' MTE IA . 9.52 47.13 -68.36
O4' MTE IA . 10.11 46.58 -69.53
P MTE IA . 11.38 45.62 -69.40
O1P MTE IA . 12.53 46.44 -68.76
O2P MTE IA . 11.22 44.50 -68.32
O3P MTE IA . 11.66 45.13 -70.82
W W JA . 6.60 50.16 -64.97
MG MG KA . 11.49 44.43 -66.25
C1 PGE LA . 43.20 55.49 -51.28
O1 PGE LA . 42.55 56.43 -50.42
C2 PGE LA . 42.52 55.45 -52.64
O2 PGE LA . 42.35 54.07 -52.97
C3 PGE LA . 42.30 53.79 -54.36
C4 PGE LA . 42.36 52.28 -54.57
O4 PGE LA . 41.72 49.39 -51.18
C6 PGE LA . 41.39 49.68 -52.53
C5 PGE LA . 41.49 51.18 -52.66
O3 PGE LA . 41.23 51.61 -54.01
H1 PGE LA . 44.25 55.79 -51.40
H12 PGE LA . 43.19 54.51 -50.82
HO1 PGE LA . 42.99 56.45 -49.56
H2 PGE LA . 41.56 55.95 -52.60
H22 PGE LA . 43.14 55.94 -53.39
H3 PGE LA . 41.37 54.19 -54.78
H32 PGE LA . 43.14 54.28 -54.86
H4 PGE LA . 42.41 52.06 -55.64
H42 PGE LA . 43.28 51.90 -54.11
HO4 PGE LA . 41.68 48.43 -51.03
H6 PGE LA . 40.39 49.33 -52.78
H62 PGE LA . 42.10 49.19 -53.20
H5 PGE LA . 42.48 51.52 -52.36
H52 PGE LA . 40.76 51.65 -51.99
O1 PG4 MA . 5.13 68.32 -59.04
C1 PG4 MA . 4.16 69.07 -59.82
C2 PG4 MA . 3.31 68.07 -60.58
O2 PG4 MA . 3.89 66.74 -60.42
C3 PG4 MA . 3.67 65.90 -61.55
C4 PG4 MA . 2.19 65.85 -61.90
O3 PG4 MA . 1.89 64.66 -62.61
C5 PG4 MA . 0.49 64.55 -62.81
C6 PG4 MA . -0.01 63.13 -62.48
O4 PG4 MA . 0.04 62.78 -61.09
C7 PG4 MA . -0.78 63.53 -60.20
C8 PG4 MA . -2.28 63.30 -60.40
O5 PG4 MA . -3.07 64.22 -59.61
HO1 PG4 MA . 5.69 68.92 -58.55
H11 PG4 MA . 4.69 69.73 -60.52
H12 PG4 MA . 3.55 69.68 -59.16
H21 PG4 MA . 2.29 68.09 -60.19
H22 PG4 MA . 3.28 68.34 -61.64
H31 PG4 MA . 4.23 66.29 -62.40
H32 PG4 MA . 4.04 64.89 -61.33
H41 PG4 MA . 1.59 65.89 -60.98
H42 PG4 MA . 1.92 66.72 -62.51
H51 PG4 MA . -0.03 65.28 -62.18
H52 PG4 MA . 0.25 64.79 -63.85
H61 PG4 MA . -1.04 63.03 -62.81
H62 PG4 MA . 0.59 62.42 -63.03
H71 PG4 MA . -0.52 63.29 -59.17
H72 PG4 MA . -0.57 64.60 -60.34
H81 PG4 MA . -2.53 63.42 -61.46
H82 PG4 MA . -2.53 62.27 -60.12
HO5 PG4 MA . -4.01 64.06 -59.75
N1A 4KX NA . -3.05 76.66 -73.06
O1A 4KX NA . -2.72 67.74 -73.52
P1A 4KX NA . -3.93 67.57 -72.58
C1B 4KX NA . 3.45 57.19 -67.12
C1D 4KX NA . -5.61 72.19 -73.38
S1P 4KX NA . 3.12 57.23 -68.86
C2A 4KX NA . -4.33 76.40 -73.32
O2A 4KX NA . -4.78 66.37 -72.87
P2A 4KX NA . -3.65 67.32 -69.65
C2B 4KX NA . 2.95 56.04 -66.38
C2D 4KX NA . -5.55 71.11 -74.44
O2D 4KX NA . -5.61 71.63 -75.76
C2P 4KX NA . 3.49 58.97 -69.30
N3A 4KX NA . -4.94 75.22 -73.40
O3A 4KX NA . -3.20 67.48 -71.17
C3B 4KX NA . 3.19 56.11 -64.89
C3D 4KX NA . -6.75 70.26 -74.01
O3D 4KX NA . -8.00 70.85 -74.41
P3D 4KX NA . -9.16 70.14 -75.17
C3P 4KX NA . 2.41 59.94 -68.86
C4A 4KX NA . -4.08 74.21 -73.19
O4A 4KX NA . -3.53 68.56 -68.87
C4B 4KX NA . 3.14 54.76 -64.20
C4D 4KX NA . -6.70 70.32 -72.48
O4D 4KX NA . -5.93 71.51 -72.17
N4P 4KX NA . 2.82 61.31 -69.10
O57 4KX NA . 4.04 58.10 -66.55
O5A 4KX NA . -5.03 66.66 -69.61
C5B 4KX NA . 2.12 53.81 -64.75
C5D 4KX NA . -6.06 69.12 -71.82
O5D 4KX NA . -4.70 69.01 -72.31
C5M 4KX NA . -2.72 74.33 -72.92
C5P 4KX NA . 2.61 61.88 -70.29
O5P 4KX NA . 2.17 61.23 -71.23
C6A 4KX NA . -2.20 75.64 -72.83
N6A 4KX NA . -0.93 75.91 -72.53
O6A 4KX NA . -2.52 66.38 -69.05
C6B 4KX NA . 2.08 53.69 -66.27
C6P 4KX NA . 2.89 63.38 -70.41
N7A 4KX NA . -2.14 73.09 -72.76
O7A 4KX NA . -8.57 69.40 -76.35
C7B 4KX NA . 2.39 54.98 -66.96
C7P 4KX NA . 3.05 64.09 -69.04
C8A 4KX NA . -3.14 72.25 -72.93
O8A 4KX NA . -10.07 71.32 -75.58
N8P 4KX NA . 1.84 64.03 -68.24
N9A 4KX NA . -4.34 72.87 -73.19
O9A 4KX NA . -9.87 69.27 -74.14
C9P 4KX NA . 0.81 64.85 -68.48
O9P 4KX NA . 0.83 65.68 -69.38
CAP 4KX NA . -0.42 64.73 -67.59
OAP 4KX NA . -0.16 63.91 -66.45
CBP 4KX NA . -1.68 64.24 -68.37
CCP 4KX NA . -2.02 65.15 -69.54
CDP 4KX NA . -2.87 64.26 -67.42
CEP 4KX NA . -1.46 62.82 -68.92
FE1 SF4 OA . -12.96 -43.08 41.98
FE2 SF4 OA . -13.26 -41.58 44.18
FE3 SF4 OA . -10.95 -41.89 43.00
FE4 SF4 OA . -11.99 -43.95 44.43
S1 SF4 OA . -11.30 -42.05 45.34
S2 SF4 OA . -10.93 -44.02 42.31
S3 SF4 OA . -14.19 -43.70 43.89
S4 SF4 OA . -12.73 -40.83 42.02
FE1 SF4 PA . -20.42 -41.47 36.53
FE2 SF4 PA . -20.91 -40.84 33.95
FE3 SF4 PA . -22.83 -41.90 35.63
FE4 SF4 PA . -20.90 -43.53 34.75
S1 SF4 PA . -22.34 -42.28 33.37
S2 SF4 PA . -21.64 -43.35 36.94
S3 SF4 PA . -19.16 -42.19 34.74
S4 SF4 PA . -21.88 -39.88 35.82
FE1 SF4 QA . -6.70 -40.93 20.22
FE2 SF4 QA . -6.95 -39.02 22.06
FE3 SF4 QA . -5.64 -38.39 19.73
FE4 SF4 QA . -4.61 -40.08 21.64
S1 SF4 QA . -5.07 -37.84 21.93
S2 SF4 QA . -4.63 -40.48 19.39
S3 SF4 QA . -6.39 -41.24 22.49
S4 SF4 QA . -7.75 -38.88 19.85
FE1 SF4 RA . 8.47 -23.48 23.89
FE2 SF4 RA . 5.92 -22.58 23.04
FE3 SF4 RA . 7.69 -20.79 24.31
FE4 SF4 RA . 6.44 -22.88 25.74
S1 SF4 RA . 5.55 -21.00 24.70
S2 SF4 RA . 8.52 -22.30 25.86
S3 SF4 RA . 6.51 -24.53 24.15
S4 SF4 RA . 7.91 -21.94 22.36
FE1 SF4 SA . 3.70 -28.09 12.71
FE2 SF4 SA . 1.83 -26.50 13.90
FE3 SF4 SA . 3.79 -27.64 15.51
FE4 SF4 SA . 1.87 -29.22 14.55
S1 SF4 SA . 1.58 -27.48 15.92
S2 SF4 SA . 4.06 -29.59 14.39
S3 SF4 SA . 1.50 -28.24 12.42
S4 SF4 SA . 3.96 -26.05 13.90
FE1 SF4 TA . -15.61 -32.65 25.51
FE2 SF4 TA . -15.59 -30.52 23.76
FE3 SF4 TA . -13.20 -31.77 24.66
FE4 SF4 TA . -14.70 -30.30 26.42
S1 SF4 TA . -13.80 -29.50 24.44
S2 SF4 TA . -13.75 -32.33 26.82
S3 SF4 TA . -16.79 -30.75 25.80
S4 SF4 TA . -14.78 -32.66 23.37
FE1 SF4 UA . -3.45 14.28 -31.48
FE2 SF4 UA . -3.30 16.92 -30.77
FE3 SF4 UA . -2.01 14.96 -29.23
FE4 SF4 UA . -4.71 15.09 -29.17
S1 SF4 UA . -3.26 16.71 -28.44
S2 SF4 UA . -3.43 13.18 -29.48
S3 SF4 UA . -5.16 15.82 -31.34
S4 SF4 UA . -1.56 15.61 -31.43
FE1 SF4 VA . 8.58 10.18 -29.58
FE2 SF4 VA . 7.21 9.68 -27.21
FE3 SF4 VA . 7.38 7.64 -29.00
FE4 SF4 VA . 5.94 9.94 -29.66
S1 SF4 VA . 5.55 8.42 -27.94
S2 SF4 VA . 7.39 8.87 -30.98
S3 SF4 VA . 7.12 11.55 -28.57
S4 SF4 VA . 9.12 8.55 -27.99
FE1 SF4 WA . 15.49 27.13 -27.73
FE2 SF4 WA . 14.80 29.42 -26.55
FE3 SF4 WA . 17.26 29.11 -27.58
FE4 SF4 WA . 16.59 27.66 -25.35
S1 SF4 WA . 16.74 30.01 -25.58
S2 SF4 WA . 17.67 26.88 -27.08
S3 SF4 WA . 14.39 27.25 -25.72
S4 SF4 WA . 15.30 29.22 -28.77
FE1 SF4 XA . 14.42 40.96 -43.04
FE2 SF4 XA . 12.68 42.94 -42.42
FE3 SF4 XA . 11.77 40.63 -43.46
FE4 SF4 XA . 13.20 42.43 -45.08
S1 SF4 XA . 11.20 42.81 -44.15
S2 SF4 XA . 13.47 40.11 -44.84
S3 SF4 XA . 14.66 43.20 -43.55
S4 SF4 XA . 12.78 40.85 -41.40
FE1 SF4 YA . 23.16 39.55 -36.94
FE2 SF4 YA . 21.93 38.95 -34.56
FE3 SF4 YA . 20.88 40.74 -36.23
FE4 SF4 YA . 23.14 41.45 -35.04
S1 SF4 YA . 21.16 41.04 -33.93
S2 SF4 YA . 22.67 41.76 -37.25
S3 SF4 YA . 24.17 39.38 -34.86
S4 SF4 YA . 21.18 38.50 -36.68
FE1 SF4 ZA . 16.72 18.65 -35.05
FE2 SF4 ZA . 18.70 19.58 -36.70
FE3 SF4 ZA . 16.89 21.26 -35.67
FE4 SF4 ZA . 16.17 19.61 -37.55
S1 SF4 ZA . 17.71 21.32 -37.81
S2 SF4 ZA . 14.99 20.03 -35.74
S3 SF4 ZA . 17.39 17.74 -37.08
S4 SF4 ZA . 18.37 19.94 -34.42
#